data_8XA1
#
_entry.id   8XA1
#
_cell.length_a   1.00
_cell.length_b   1.00
_cell.length_c   1.00
_cell.angle_alpha   90.00
_cell.angle_beta   90.00
_cell.angle_gamma   90.00
#
_symmetry.space_group_name_H-M   'P 1'
#
loop_
_entity.id
_entity.type
_entity.pdbx_description
1 polymer 'Major capsid protein'
2 polymer 'major capsid protein'
3 polymer Tri2A
4 polymer Tri2B
5 polymer Tri1
#
loop_
_entity_poly.entity_id
_entity_poly.type
_entity_poly.pdbx_seq_one_letter_code
_entity_poly.pdbx_strand_id
1 'polypeptide(L)'
;PAGIIPTGNVLSTIEVCAHRCIFDFFKQIRSDDNSLYSAQFDILLGTYCNTLNFVRFLELGLSVACICTKFPELAYVRDG
VIQFEVQQPMIARDGPHPVDQPVHNYMVKRIHKRSLSAAFAIASEALSLLSNTYVDGTEIDSSLRIRAIQQMARNLRTVL
DSFERGTADQLLGVLLEKAPPLSLLSPINKFQPEGHLNRVARAALLSDLKRRVCADMFFMTRHAREPRLISAYLSDMVSC
TQPSVMVSRITHTNTRGRQVDGVLVTTATLKRQLLQGILQIDDTAADVPVTVLNGANLVTALVMGKAVRSLDDVGRHLLD
MQEEQLENARVPADLVIVGDKLVFLEALERRVYQATRVAYPLIGNIDITFIMPMGVFQANSMDRYTRHAGDFSTVSEQDP
RQFPPQGIFFYNKDGILTQLTLRDAMGTICHSSLLDVEATLVALRQQHLDRQCYFGVYVAEGTEDTLDVQMGRFMETWAD
MMPHHPHWVNEHLTILQFIAPSNPRLRFELNPAFDFFVAPGDVDLPGPQRPPEAMPTVNATLRIINGNIPVPLCPISFRD
CRGTQLGLGRHTMTPATIKAVKDTFEDRAYPTIFYMLEAVIHGNERNFCALLRLLTQCIRGYWEQSHRVAFVNNFHMLMY
ITTYLGNGELPEVCINIYRDLLQHVRALRQTITDFTIQGEGHNGETSEALNNILTDDTFIAPILWDCDALIYRDEAARDR
LPAIRVSGRNGYQALHFVDMAGHNFQRRDNVLIHGRPVRGDTGQAIPITPHHDREWGILSKIYYYIVIPAFSRGSCCTMG
VRYDRLYPALQAVIVPEIPADEEAPTTPEDPRHPLHAHQLVPNSLNVYFHNAHLTVDGDALLTLQELMGDMAERTTAILV
SSAPDAGAATATTRNMRIYDGALYHGLIMMAYQAYDETIATGTFFYPVPVNPLFACPEHLASLRGMTNARRVLAKMVPPI
PPFLGANHHATIRQPVAYHVTHSKSDFNTLTYSLLGGYFKFTPISLTHQLRTGFHPGIAFTVVRQDRFATEQLLYAERAS
ESYFVGQIQVHHHDAIGGVNFTLTQPRAHVDLGVGYTAVCATAALRCPLTDMGNTAQNLFFSRGGVPMLHDNVTESLRRI
TASGGRLNPTEPLPIFGGLRPATSAGIARGQASVCEFVAMPVSTDLQYFRTACNPRGRASGMLYMGDRDADIEAIMFDHT
QSDVAYTDRATLNPWASQKHSYGDRLYNGTYNLTGASPIYSPCFKFFTPAEVNTNCNTLDRLLMEAKAVASQSSTDTEYQ
FKRPPGSTEMTQDPCGLFQEAYPPLCSSDAAMLRTAHAGETGADEVHLAQYLIRDASPLRGCLPL
;
A
2 'polypeptide(L)'
;IPAGIIPTGNVLSTIEVCIFFRFLELGLSVACICTKFPELAYVRDGVIQFEVQQPMIARDGPHPVDQPVHNYMVKRIHKR
SLSAAFAIASEALSLLSNTYVDGTEIDSSLRIRAIQQMARNLRTVSDSFERGTADQLLGVLLEKAPPLSLLSPINKFQPE
GHLNRVARAALLSDLKRRVCADMFFMTRHAREPRLISAYLSDMVSCTQPSVMVSRITHTNTRGRQVDGVLVTTATLKRQL
LQGILQIDDTAADVPVTYGEMVLQGTNLVTALVMGKAVRNARVPADLVIVGDKLVFLEALERRVYQATRVAYPLIGNIDI
TFIMPMGVFQANSMDRYTRHAGDFSTVSEQDPRQFPPQGIFFYNKDGILTQLTLRDAMGTICHSSLLDVEATLVALRQQH
LDRQCYFGVYVAEGTEDTLDVQMGRFMETWADMMPHHPHWVNEHLTILQFIAPSNPRLRFELNPAFDFFVAPGDVDLPGP
QRPPEAMPTVNATLRIINGNIPVPLCPISFRDCRGTQLGLGRHTMTPATIKAVKDTFEDRAYPTIFYMLEAVIHGNERNF
CALLRLLTQCIRGYWEQSHRVAFVNNFHMLMYITTYLGNGELPEVCINIYRDLLQHVRALRQTITDFTIQGEGHNGETSE
ALNNILTDDTFIAPILWDCDALIYRDEAARDRLPAIRVSGRNGYQALHFVDMAGHNFQRRDNVLIHGRPVRGDTGQAIPI
TPHHDREWGILSKIYYYIVIPAFSRGSCCTMGVRYDRLYPALQAVIVPEIPADEEAPTTPEDPRHPLHAHQLVPNSLNVY
FHNAHLTVDGDALLTLQELMGDMAERTTAILVSSAPDAGAATATTRNMRIYDGALYHGLIMMAYQAYDETIATGTFFYPV
PVNPLFACPEHLASLRGMTNARRVLAKMVPPIPPFLGANHHATIRQPVAYHVTHSKSDFNTLTYSLLGGYFKFTPISLTH
QLRTGFHPGIAFTVVRQDRFATEQLLYAERASESYFVGQIQVHHHDAIGGVNFTLTQPRAHVDLGVGYTAVCATAALRCP
LTDMGNTAQNLFFSRGGVPMLHDNVTESLRRITASGGRLNPTEPLPIFGGLRPATSAGIARGQASVCEFVAMPVSTDLQY
FRTACNPRGRASGMLYMGDRDADIEAIMFDHTQSDVAYTDRATLNPWASQKHSYGDRLYNGTYNLTGASPIYSPCFKFFT
PAEVNTNCNTLDRLLMEAKAVASQSSTDTEYQFKRPPGSTEMTQDPCGLFQEAYPPLCSSDAAMLRTAHAGETGADEVHL
AQYLIRDASPLRGCLPL
;
C
3 'polypeptide(L)'
;AMPFEIEVLLPGELSPAETSALQKCEGKIITFSTLRHRASLVDIALSSYYINGAPPDTLSLLEAYRMRFAAVITRVIPGK
LLAHAIGVGTPTPGLFIQNTSPVDLCNGDYICLLPPVFGSADSIRLDSVGLEIVFPLTIPQTLMREIIAKVVARAVEDLN
PDPDLNVLYYNGARLSLVADVQQLASDAAIRTLVLNLMFSINEGCLLILALIPRLLALGYVNALLQMQSVTREAAQLIHP
EAPMLMRRLPIYETISSWISTSSRLGDTLGTRAILRVCVFDGPSTVHPGDRTAVIQV
;
G,I
4 'polypeptide(L)'
;AMPFEIEVLLPGEISPAETSALQKCEGKIITFSTLRHRASLVDIALSSYYINGAPPDTLSLLEAYRMRFAAVITRVIPGK
LLAHAIGVGTPTPGLFIQNTSPVDLCNGDYICLLPPVFGSADEIRLDSVGLEIVFPLTIPQTLMREIIAKVVARAVERTA
AGRTPGELPGADVICYNGRRYELETNLQHRDGSDAAIRTLVLNLMFSINEGTTLILTLITRLLVQGAHDGYVNLLIQTAN
CVRETGQPMPRIQDGHRRFPIYEAISSWISTSSRLGDTLGTRAILRVCVFDGPSTVHPGDRTAVIQV
;
P,R
5 'polypeptide(L)'
;AAAAAAAAAAAAAAAAAAAAAAAAAAAAAAAAAAAAAIVINRMNNIQINPTSIGNPQTIRLPLNNFKSTTQLIQQVSLTD
FFRPDIEHAGSTVLILRHPTDLPHLARHRAPPGRQTERLAEAWGQLLEASESGCARAYVTSLSFIAACRAEEYTDKQAAE
ANRTAIVSAYGCSRMGARLIRFSECLRAMVQCHVFPHRFISFFGSLLEYTIQDNLCNITAVAKGPQEAARTDKTSTRRVT
ANIPACVFWDVDKDLHLSADGLKHVFLVFVYTQRRQREGVRLHLALSQLNEQCFGRGIGFLLGARICMYAAYTLIGTIPS
ESVRYTRRMERFGGYNVPTIWLEGVVWGGTNTWNECY
;
Y,d
#
# COMPACT_ATOMS: atom_id res chain seq x y z
N PRO A 1 39.63 -3.19 -62.27
CA PRO A 1 39.86 -3.86 -60.98
C PRO A 1 40.32 -5.29 -61.16
N ALA A 2 40.57 -5.97 -60.05
CA ALA A 2 40.93 -7.38 -59.96
C ALA A 2 42.21 -7.61 -60.77
N GLY A 3 42.16 -8.57 -61.70
CA GLY A 3 43.29 -8.90 -62.54
C GLY A 3 43.81 -10.30 -62.30
N ILE A 4 43.33 -11.22 -63.14
CA ILE A 4 43.77 -12.62 -63.22
C ILE A 4 43.90 -12.86 -64.72
N ILE A 5 44.11 -14.10 -65.13
CA ILE A 5 43.91 -14.50 -66.53
C ILE A 5 42.47 -14.15 -66.90
N PRO A 6 42.24 -13.46 -68.02
CA PRO A 6 40.90 -12.93 -68.31
C PRO A 6 39.80 -13.96 -68.50
N THR A 7 38.63 -13.66 -67.96
CA THR A 7 37.45 -14.49 -68.16
C THR A 7 37.03 -14.47 -69.61
N GLY A 8 37.08 -13.30 -70.23
CA GLY A 8 36.80 -13.17 -71.64
C GLY A 8 37.69 -12.15 -72.31
N ASN A 9 38.38 -12.55 -73.38
CA ASN A 9 39.20 -11.63 -74.15
C ASN A 9 39.03 -11.93 -75.63
N VAL A 10 37.77 -12.10 -76.06
CA VAL A 10 37.48 -12.32 -77.47
C VAL A 10 37.73 -11.03 -78.25
N LEU A 11 38.48 -11.16 -79.34
CA LEU A 11 38.92 -10.04 -80.14
C LEU A 11 37.75 -9.40 -80.88
N SER A 12 37.38 -8.19 -80.47
CA SER A 12 36.49 -7.37 -81.29
C SER A 12 36.94 -5.92 -81.40
N THR A 13 37.34 -5.33 -80.25
CA THR A 13 37.90 -3.98 -80.12
C THR A 13 37.04 -2.90 -80.78
N ILE A 14 35.85 -2.66 -80.24
CA ILE A 14 34.90 -1.74 -80.89
C ILE A 14 34.96 -0.41 -80.14
N GLU A 15 36.11 -0.14 -79.51
CA GLU A 15 36.41 1.09 -78.75
C GLU A 15 35.46 1.43 -77.59
N VAL A 16 34.55 0.51 -77.25
CA VAL A 16 33.51 0.62 -76.22
C VAL A 16 32.73 1.91 -76.51
N CYS A 17 33.19 3.05 -75.96
CA CYS A 17 32.64 4.40 -76.05
C CYS A 17 31.11 4.47 -76.11
N ALA A 18 30.57 4.54 -77.33
CA ALA A 18 29.14 4.66 -77.53
C ALA A 18 28.40 3.35 -77.29
N HIS A 19 29.13 2.23 -77.24
CA HIS A 19 28.51 0.94 -76.94
C HIS A 19 28.35 0.78 -75.44
N ARG A 20 27.53 1.63 -74.83
CA ARG A 20 27.38 1.67 -73.37
C ARG A 20 26.32 0.67 -72.93
N CYS A 21 26.25 0.45 -71.61
CA CYS A 21 25.17 -0.26 -70.92
C CYS A 21 25.06 -1.74 -71.28
N ILE A 22 25.94 -2.25 -72.13
CA ILE A 22 25.94 -3.69 -72.44
C ILE A 22 26.91 -4.37 -71.48
N PHE A 23 27.95 -3.65 -71.07
CA PHE A 23 28.87 -4.19 -70.10
C PHE A 23 28.23 -3.79 -68.77
N ASP A 24 28.40 -4.58 -67.71
CA ASP A 24 27.63 -4.34 -66.49
C ASP A 24 28.00 -3.02 -65.79
N PHE A 25 29.30 -2.77 -65.59
CA PHE A 25 29.75 -1.54 -64.96
C PHE A 25 31.23 -1.36 -65.24
N PHE A 26 31.59 -0.25 -65.89
CA PHE A 26 32.99 -0.02 -66.19
C PHE A 26 33.26 1.47 -66.23
N LYS A 27 34.53 1.82 -66.03
CA LYS A 27 35.09 3.15 -66.23
C LYS A 27 35.51 3.27 -67.69
N GLN A 28 36.37 4.24 -68.01
CA GLN A 28 36.98 4.15 -69.33
C GLN A 28 38.48 3.86 -69.25
N ILE A 29 39.24 4.78 -68.62
CA ILE A 29 40.60 4.68 -68.08
C ILE A 29 41.52 3.71 -68.85
N ARG A 30 41.74 4.02 -70.15
CA ARG A 30 42.48 3.31 -71.19
C ARG A 30 42.81 1.85 -70.89
N SER A 31 43.93 1.60 -70.23
CA SER A 31 44.15 0.31 -69.59
C SER A 31 44.72 0.46 -68.19
N ASP A 32 45.37 1.60 -67.90
CA ASP A 32 46.00 1.83 -66.60
C ASP A 32 46.24 3.33 -66.40
N ASP A 33 45.60 3.92 -65.40
CA ASP A 33 46.08 5.23 -64.94
C ASP A 33 46.56 5.20 -63.50
N ASN A 34 45.68 4.88 -62.54
CA ASN A 34 45.99 5.05 -61.11
C ASN A 34 44.97 4.51 -60.10
N SER A 35 45.38 4.50 -58.83
CA SER A 35 44.52 4.60 -57.65
C SER A 35 43.67 3.34 -57.42
N LEU A 36 44.20 2.19 -57.84
CA LEU A 36 43.53 0.93 -57.53
C LEU A 36 44.51 -0.10 -57.01
N TYR A 37 44.76 -0.11 -55.69
CA TYR A 37 45.57 -1.17 -55.12
C TYR A 37 45.06 -1.54 -53.72
N SER A 38 43.98 -0.89 -53.28
CA SER A 38 43.52 -1.03 -51.90
C SER A 38 42.85 -2.39 -51.64
N ALA A 39 42.57 -2.68 -50.37
CA ALA A 39 42.14 -4.03 -50.00
C ALA A 39 41.16 -4.06 -48.84
N GLN A 40 40.71 -5.27 -48.49
CA GLN A 40 39.66 -5.48 -47.49
C GLN A 40 39.84 -6.93 -47.02
N PHE A 41 38.77 -7.54 -46.49
CA PHE A 41 38.61 -8.92 -46.02
C PHE A 41 39.18 -9.12 -44.62
N ASP A 42 38.46 -9.88 -43.81
CA ASP A 42 38.78 -10.15 -42.41
C ASP A 42 37.83 -11.26 -41.94
N ILE A 43 38.03 -11.70 -40.70
CA ILE A 43 37.08 -12.59 -40.04
C ILE A 43 36.76 -12.01 -38.68
N LEU A 44 35.48 -12.01 -38.30
CA LEU A 44 35.08 -11.57 -36.98
C LEU A 44 34.89 -12.84 -36.15
N LEU A 45 34.46 -12.72 -34.90
CA LEU A 45 34.39 -13.89 -34.03
C LEU A 45 33.15 -14.74 -34.30
N GLY A 46 31.95 -14.19 -34.12
CA GLY A 46 30.71 -14.92 -34.30
C GLY A 46 30.46 -15.84 -33.13
N THR A 47 31.06 -17.04 -33.20
CA THR A 47 31.50 -17.96 -32.14
C THR A 47 30.55 -17.98 -30.93
N TYR A 48 29.31 -18.42 -31.13
CA TYR A 48 28.36 -18.45 -30.03
C TYR A 48 27.76 -19.85 -29.85
N CYS A 49 28.46 -20.86 -30.38
CA CYS A 49 28.07 -22.25 -30.12
C CYS A 49 29.30 -23.14 -30.06
N ASN A 50 29.85 -23.34 -28.86
CA ASN A 50 30.99 -24.25 -28.73
C ASN A 50 30.54 -25.63 -28.28
N THR A 51 29.96 -25.73 -27.08
CA THR A 51 29.60 -26.99 -26.44
C THR A 51 28.83 -26.70 -25.17
N LEU A 52 28.23 -27.75 -24.62
CA LEU A 52 27.60 -27.70 -23.30
C LEU A 52 28.03 -28.94 -22.52
N ASN A 53 27.41 -29.20 -21.37
CA ASN A 53 27.72 -30.42 -20.63
C ASN A 53 26.54 -31.39 -20.67
N PHE A 54 26.69 -32.51 -19.97
CA PHE A 54 25.63 -33.51 -19.86
C PHE A 54 25.51 -33.82 -18.36
N VAL A 55 24.43 -33.37 -17.74
CA VAL A 55 24.19 -33.72 -16.34
C VAL A 55 23.83 -35.19 -16.30
N ARG A 56 24.50 -35.93 -15.40
CA ARG A 56 24.67 -37.36 -15.54
C ARG A 56 23.66 -38.12 -14.69
N PHE A 57 22.45 -38.32 -15.22
CA PHE A 57 21.27 -38.88 -14.53
C PHE A 57 21.15 -38.43 -13.07
N LEU A 58 21.14 -39.37 -12.13
CA LEU A 58 21.15 -38.99 -10.71
C LEU A 58 22.57 -38.62 -10.28
N GLU A 59 23.47 -39.61 -10.24
CA GLU A 59 24.87 -39.51 -9.82
C GLU A 59 25.09 -38.67 -8.56
N LEU A 60 24.86 -37.36 -8.66
CA LEU A 60 24.90 -36.46 -7.50
C LEU A 60 23.96 -36.93 -6.41
N GLY A 61 22.78 -37.44 -6.79
CA GLY A 61 22.00 -38.23 -5.87
C GLY A 61 21.31 -37.53 -4.73
N LEU A 62 20.17 -36.86 -4.99
CA LEU A 62 19.28 -36.30 -3.97
C LEU A 62 19.04 -37.23 -2.79
N SER A 63 18.92 -38.51 -3.03
CA SER A 63 19.36 -39.49 -2.05
C SER A 63 20.00 -40.67 -2.74
N VAL A 64 20.36 -40.53 -4.02
CA VAL A 64 20.41 -41.57 -5.03
C VAL A 64 19.18 -42.43 -4.77
N ALA A 65 18.00 -41.81 -4.93
CA ALA A 65 16.75 -42.45 -4.58
C ALA A 65 16.44 -43.66 -5.41
N CYS A 66 16.40 -43.50 -6.74
CA CYS A 66 15.60 -44.28 -7.70
C CYS A 66 15.48 -45.76 -7.39
N ILE A 67 14.25 -46.20 -7.15
CA ILE A 67 14.01 -47.41 -6.38
C ILE A 67 13.43 -48.48 -7.30
N CYS A 68 12.28 -48.19 -7.90
CA CYS A 68 11.63 -49.14 -8.79
C CYS A 68 12.46 -49.31 -10.05
N THR A 69 12.77 -50.56 -10.37
CA THR A 69 13.74 -50.89 -11.41
C THR A 69 13.01 -50.96 -12.75
N LYS A 70 13.58 -51.55 -13.80
CA LYS A 70 13.10 -51.40 -15.16
C LYS A 70 11.79 -52.15 -15.40
N PHE A 71 10.69 -51.61 -14.86
CA PHE A 71 9.35 -52.11 -15.17
C PHE A 71 8.53 -50.99 -15.80
N PRO A 72 8.69 -50.74 -17.09
CA PRO A 72 8.09 -49.53 -17.68
C PRO A 72 6.62 -49.66 -18.00
N GLU A 73 6.12 -50.88 -18.23
CA GLU A 73 4.75 -51.09 -18.65
C GLU A 73 3.80 -50.82 -17.48
N LEU A 74 3.32 -49.58 -17.37
CA LEU A 74 2.50 -49.19 -16.24
C LEU A 74 1.32 -48.35 -16.69
N ALA A 75 1.35 -47.87 -17.94
CA ALA A 75 0.31 -46.99 -18.45
C ALA A 75 -1.01 -47.73 -18.62
N TYR A 76 -0.97 -48.89 -19.29
CA TYR A 76 -2.18 -49.67 -19.45
C TYR A 76 -2.49 -50.41 -18.15
N VAL A 77 -1.44 -50.77 -17.41
CA VAL A 77 -1.56 -51.63 -16.23
C VAL A 77 -2.33 -50.90 -15.12
N ARG A 78 -3.35 -51.57 -14.59
CA ARG A 78 -4.28 -50.94 -13.65
C ARG A 78 -3.63 -50.70 -12.29
N ASP A 79 -3.24 -51.78 -11.61
CA ASP A 79 -2.65 -51.66 -10.27
C ASP A 79 -1.85 -52.90 -9.88
N GLY A 80 -0.58 -52.69 -9.55
CA GLY A 80 0.17 -53.71 -8.85
C GLY A 80 0.27 -53.40 -7.36
N VAL A 81 0.45 -54.45 -6.57
CA VAL A 81 0.44 -54.32 -5.11
C VAL A 81 1.73 -54.91 -4.57
N ILE A 82 2.47 -54.10 -3.80
CA ILE A 82 3.65 -54.56 -3.10
C ILE A 82 3.22 -55.13 -1.75
N GLN A 83 4.03 -56.02 -1.19
CA GLN A 83 3.80 -56.55 0.13
C GLN A 83 5.10 -56.59 0.91
N PHE A 84 5.10 -55.94 2.07
CA PHE A 84 6.19 -56.04 3.05
C PHE A 84 5.60 -56.82 4.23
N GLU A 85 5.95 -58.11 4.31
CA GLU A 85 5.41 -58.97 5.35
C GLU A 85 6.07 -58.61 6.67
N VAL A 86 5.48 -57.64 7.38
CA VAL A 86 5.94 -57.25 8.71
C VAL A 86 4.73 -57.28 9.64
N GLN A 87 4.98 -57.32 10.94
CA GLN A 87 3.91 -57.33 11.92
C GLN A 87 4.18 -56.19 12.90
N GLN A 88 3.41 -56.15 13.98
CA GLN A 88 3.57 -55.18 15.04
C GLN A 88 3.74 -55.92 16.37
N PRO A 89 4.61 -55.42 17.27
CA PRO A 89 4.94 -56.20 18.48
C PRO A 89 3.80 -56.26 19.50
N MET A 90 3.93 -57.20 20.45
CA MET A 90 2.95 -57.41 21.50
C MET A 90 3.67 -57.41 22.83
N ILE A 91 3.76 -56.23 23.45
CA ILE A 91 4.52 -56.03 24.69
C ILE A 91 3.76 -56.71 25.83
N ALA A 92 4.48 -56.96 26.92
CA ALA A 92 3.87 -57.76 27.98
C ALA A 92 4.35 -57.36 29.37
N ARG A 93 3.41 -56.92 30.20
CA ARG A 93 3.62 -56.79 31.64
C ARG A 93 2.28 -56.91 32.33
N ASP A 94 2.29 -57.43 33.56
CA ASP A 94 1.05 -57.71 34.26
C ASP A 94 0.72 -56.60 35.25
N GLY A 95 -0.52 -56.61 35.74
CA GLY A 95 -1.00 -55.58 36.63
C GLY A 95 -2.43 -55.21 36.33
N PRO A 96 -2.90 -54.09 36.87
CA PRO A 96 -4.27 -53.65 36.59
C PRO A 96 -4.43 -53.00 35.22
N HIS A 97 -4.13 -53.76 34.17
CA HIS A 97 -4.30 -53.36 32.78
C HIS A 97 -4.61 -54.61 31.97
N PRO A 98 -5.42 -54.52 30.91
CA PRO A 98 -6.02 -55.74 30.33
C PRO A 98 -5.03 -56.64 29.60
N VAL A 99 -5.47 -57.88 29.37
CA VAL A 99 -4.71 -58.88 28.63
C VAL A 99 -4.61 -58.39 27.19
N ASP A 100 -3.42 -58.49 26.62
CA ASP A 100 -3.15 -57.94 25.30
C ASP A 100 -3.93 -58.69 24.21
N GLN A 101 -4.20 -57.98 23.12
CA GLN A 101 -4.86 -58.53 21.95
C GLN A 101 -3.99 -58.27 20.73
N PRO A 102 -3.95 -59.20 19.77
CA PRO A 102 -3.02 -59.07 18.66
C PRO A 102 -3.38 -57.96 17.69
N VAL A 103 -2.35 -57.32 17.17
CA VAL A 103 -2.49 -56.34 16.10
C VAL A 103 -1.39 -56.58 15.07
N HIS A 104 -1.79 -56.61 13.80
CA HIS A 104 -0.86 -56.65 12.67
C HIS A 104 -1.37 -55.64 11.65
N ASN A 105 -0.67 -54.51 11.52
CA ASN A 105 -1.16 -53.42 10.70
C ASN A 105 -0.67 -53.59 9.27
N TYR A 106 -1.60 -53.43 8.33
CA TYR A 106 -1.36 -53.59 6.91
C TYR A 106 -1.64 -52.29 6.16
N MET A 107 -1.06 -51.19 6.62
CA MET A 107 -1.29 -49.88 6.04
C MET A 107 -0.80 -49.83 4.59
N VAL A 108 -1.44 -48.99 3.79
CA VAL A 108 -1.15 -48.90 2.37
C VAL A 108 -0.88 -47.45 2.02
N LYS A 109 -0.12 -47.26 0.95
CA LYS A 109 0.10 -45.94 0.37
C LYS A 109 -0.26 -46.01 -1.10
N ARG A 110 -0.50 -44.85 -1.70
CA ARG A 110 -1.15 -44.77 -2.98
C ARG A 110 -0.16 -44.53 -4.12
N ILE A 111 -0.60 -44.86 -5.32
CA ILE A 111 0.21 -44.66 -6.52
C ILE A 111 -0.10 -43.27 -7.09
N HIS A 112 0.95 -42.48 -7.32
CA HIS A 112 0.83 -41.18 -7.96
C HIS A 112 1.43 -41.27 -9.35
N LYS A 113 0.58 -41.58 -10.33
CA LYS A 113 1.02 -41.68 -11.71
C LYS A 113 1.31 -40.30 -12.28
N ARG A 114 2.37 -40.20 -13.07
CA ARG A 114 2.79 -38.92 -13.63
C ARG A 114 3.39 -39.20 -15.01
N SER A 115 3.39 -38.18 -15.87
CA SER A 115 4.00 -38.29 -17.19
C SER A 115 4.87 -37.07 -17.46
N LEU A 116 5.90 -37.26 -18.28
CA LEU A 116 6.82 -36.21 -18.68
C LEU A 116 6.88 -36.14 -20.20
N SER A 117 6.85 -34.91 -20.72
CA SER A 117 6.76 -34.67 -22.16
C SER A 117 7.76 -33.61 -22.58
N ALA A 118 8.24 -33.75 -23.82
CA ALA A 118 9.08 -32.72 -24.43
C ALA A 118 8.79 -32.61 -25.92
N ALA A 119 9.06 -31.43 -26.45
CA ALA A 119 8.89 -31.13 -27.87
C ALA A 119 10.24 -31.22 -28.58
N PHE A 120 10.18 -31.71 -29.83
CA PHE A 120 11.40 -31.95 -30.61
C PHE A 120 11.05 -31.60 -32.05
N ALA A 121 11.35 -30.37 -32.44
CA ALA A 121 10.90 -29.83 -33.72
C ALA A 121 11.99 -30.00 -34.78
N ILE A 122 11.61 -30.60 -35.92
CA ILE A 122 12.50 -30.78 -37.05
C ILE A 122 11.91 -30.04 -38.24
N ALA A 123 12.74 -29.20 -38.88
CA ALA A 123 12.29 -28.35 -39.97
C ALA A 123 11.94 -29.16 -41.21
N SER A 124 10.95 -28.65 -41.96
CA SER A 124 10.48 -29.34 -43.16
C SER A 124 11.53 -29.32 -44.26
N GLU A 125 12.34 -28.26 -44.32
CA GLU A 125 13.43 -28.23 -45.27
C GLU A 125 14.46 -29.29 -44.94
N ALA A 126 14.71 -29.52 -43.65
CA ALA A 126 15.59 -30.62 -43.24
C ALA A 126 14.98 -31.97 -43.58
N LEU A 127 13.66 -32.07 -43.50
CA LEU A 127 12.98 -33.30 -43.91
C LEU A 127 13.16 -33.54 -45.41
N SER A 128 13.04 -32.48 -46.21
CA SER A 128 13.24 -32.60 -47.65
C SER A 128 14.69 -32.94 -47.97
N LEU A 129 15.63 -32.39 -47.19
CA LEU A 129 17.03 -32.72 -47.37
C LEU A 129 17.32 -34.18 -47.03
N LEU A 130 16.71 -34.69 -45.96
CA LEU A 130 16.98 -36.05 -45.52
C LEU A 130 16.17 -37.09 -46.27
N SER A 131 15.32 -36.67 -47.21
CA SER A 131 14.54 -37.60 -48.04
C SER A 131 15.19 -37.80 -49.40
N ASN A 132 16.52 -37.84 -49.44
CA ASN A 132 17.27 -38.04 -50.67
C ASN A 132 16.96 -39.38 -51.31
N THR A 133 17.30 -40.48 -50.62
CA THR A 133 17.14 -41.85 -51.10
C THR A 133 17.78 -42.07 -52.47
N TYR A 134 19.03 -41.62 -52.59
CA TYR A 134 19.91 -41.86 -53.75
C TYR A 134 19.35 -41.27 -55.03
N VAL A 135 18.71 -40.11 -54.93
CA VAL A 135 18.35 -39.31 -56.10
C VAL A 135 19.36 -38.19 -56.33
N ASP A 136 19.97 -37.66 -55.27
CA ASP A 136 20.94 -36.59 -55.35
C ASP A 136 22.29 -37.10 -54.86
N GLY A 137 23.23 -36.20 -54.58
CA GLY A 137 24.60 -36.64 -54.34
C GLY A 137 25.64 -35.73 -54.93
N THR A 138 25.25 -34.51 -55.31
CA THR A 138 26.19 -33.50 -55.75
C THR A 138 27.04 -32.99 -54.57
N GLU A 139 27.89 -32.01 -54.87
CA GLU A 139 28.80 -31.52 -53.84
C GLU A 139 28.13 -30.58 -52.85
N ILE A 140 27.13 -29.80 -53.31
CA ILE A 140 26.62 -28.73 -52.47
C ILE A 140 25.67 -29.24 -51.38
N ASP A 141 24.92 -30.31 -51.64
CA ASP A 141 23.97 -30.77 -50.63
C ASP A 141 24.60 -31.70 -49.60
N SER A 142 25.83 -32.16 -49.84
CA SER A 142 26.47 -33.07 -48.91
C SER A 142 26.78 -32.38 -47.59
N SER A 143 27.38 -31.19 -47.66
CA SER A 143 27.65 -30.43 -46.45
C SER A 143 26.37 -29.95 -45.78
N LEU A 144 25.33 -29.67 -46.56
CA LEU A 144 24.04 -29.33 -45.98
C LEU A 144 23.44 -30.51 -45.21
N ARG A 145 23.59 -31.72 -45.77
CA ARG A 145 23.15 -32.94 -45.08
C ARG A 145 23.93 -33.13 -43.79
N ILE A 146 25.24 -32.87 -43.84
CA ILE A 146 26.09 -32.97 -42.66
C ILE A 146 25.67 -31.96 -41.59
N ARG A 147 25.39 -30.71 -42.00
CA ARG A 147 24.94 -29.69 -41.06
C ARG A 147 23.62 -30.05 -40.42
N ALA A 148 22.67 -30.52 -41.24
CA ALA A 148 21.37 -30.92 -40.73
C ALA A 148 21.48 -32.13 -39.81
N ILE A 149 22.43 -33.02 -40.06
CA ILE A 149 22.46 -34.22 -39.25
C ILE A 149 23.19 -33.98 -37.92
N GLN A 150 24.16 -33.04 -37.87
CA GLN A 150 24.61 -32.62 -36.55
C GLN A 150 23.56 -31.80 -35.81
N GLN A 151 22.71 -31.06 -36.53
CA GLN A 151 21.58 -30.41 -35.88
C GLN A 151 20.65 -31.44 -35.24
N MET A 152 20.34 -32.50 -35.98
CA MET A 152 19.49 -33.58 -35.47
C MET A 152 20.14 -34.26 -34.27
N ALA A 153 21.43 -34.57 -34.35
CA ALA A 153 22.10 -35.28 -33.26
C ALA A 153 22.19 -34.43 -32.01
N ARG A 154 22.56 -33.15 -32.16
CA ARG A 154 22.67 -32.27 -30.99
C ARG A 154 21.32 -32.04 -30.33
N ASN A 155 20.28 -31.83 -31.15
CA ASN A 155 18.96 -31.64 -30.58
C ASN A 155 18.43 -32.93 -29.93
N LEU A 156 18.80 -34.08 -30.49
CA LEU A 156 18.45 -35.36 -29.88
C LEU A 156 19.12 -35.53 -28.52
N ARG A 157 20.39 -35.13 -28.42
CA ARG A 157 21.07 -35.20 -27.12
C ARG A 157 20.42 -34.27 -26.10
N THR A 158 20.04 -33.06 -26.52
CA THR A 158 19.40 -32.14 -25.58
C THR A 158 18.04 -32.65 -25.12
N VAL A 159 17.24 -33.21 -26.03
CA VAL A 159 15.93 -33.70 -25.61
C VAL A 159 16.07 -34.98 -24.78
N LEU A 160 17.15 -35.74 -24.97
CA LEU A 160 17.44 -36.84 -24.04
C LEU A 160 17.81 -36.31 -22.66
N ASP A 161 18.54 -35.19 -22.63
CA ASP A 161 18.94 -34.63 -21.33
C ASP A 161 17.76 -34.01 -20.60
N SER A 162 16.74 -33.57 -21.33
CA SER A 162 15.65 -32.80 -20.74
C SER A 162 14.85 -33.63 -19.74
N PHE A 163 14.58 -34.90 -20.06
CA PHE A 163 13.86 -35.76 -19.12
C PHE A 163 14.68 -36.07 -17.88
N GLU A 164 15.97 -36.32 -18.02
CA GLU A 164 16.75 -36.65 -16.84
C GLU A 164 17.05 -35.42 -15.99
N ARG A 165 16.98 -34.21 -16.54
CA ARG A 165 17.04 -33.06 -15.65
C ARG A 165 15.67 -32.75 -15.04
N GLY A 166 14.57 -33.01 -15.75
CA GLY A 166 13.26 -32.84 -15.16
C GLY A 166 12.93 -33.87 -14.11
N THR A 167 13.63 -35.01 -14.12
CA THR A 167 13.51 -36.01 -13.07
C THR A 167 13.83 -35.42 -11.71
N ALA A 168 14.95 -34.69 -11.61
CA ALA A 168 15.32 -34.08 -10.35
C ALA A 168 14.34 -32.98 -9.96
N ASP A 169 13.79 -32.28 -10.96
CA ASP A 169 12.81 -31.23 -10.69
C ASP A 169 11.57 -31.81 -10.03
N GLN A 170 11.04 -32.90 -10.59
CA GLN A 170 9.86 -33.51 -9.99
C GLN A 170 10.18 -34.21 -8.69
N LEU A 171 11.44 -34.65 -8.49
CA LEU A 171 11.79 -35.19 -7.17
C LEU A 171 11.83 -34.10 -6.09
N LEU A 172 12.37 -32.92 -6.40
CA LEU A 172 12.28 -31.81 -5.46
C LEU A 172 10.84 -31.40 -5.21
N GLY A 173 10.03 -31.41 -6.25
CA GLY A 173 8.60 -31.16 -6.13
C GLY A 173 7.89 -32.16 -5.24
N VAL A 174 8.21 -33.44 -5.34
CA VAL A 174 7.46 -34.40 -4.53
C VAL A 174 8.00 -34.43 -3.11
N LEU A 175 9.31 -34.22 -2.91
CA LEU A 175 9.82 -34.20 -1.54
C LEU A 175 9.46 -32.91 -0.81
N LEU A 176 9.11 -31.85 -1.53
CA LEU A 176 8.72 -30.64 -0.82
C LEU A 176 7.29 -30.75 -0.27
N GLU A 177 6.33 -31.16 -1.11
CA GLU A 177 4.96 -31.34 -0.64
C GLU A 177 4.70 -32.69 0.04
N LYS A 178 5.73 -33.40 0.49
CA LYS A 178 5.54 -34.48 1.44
C LYS A 178 6.20 -34.19 2.77
N ALA A 179 6.91 -33.09 2.88
CA ALA A 179 7.69 -32.80 4.06
C ALA A 179 6.92 -31.90 5.01
N PRO A 180 6.60 -32.35 6.21
CA PRO A 180 6.01 -31.48 7.21
C PRO A 180 7.03 -30.49 7.76
N PRO A 181 6.59 -29.40 8.36
CA PRO A 181 7.54 -28.44 8.94
C PRO A 181 8.31 -29.02 10.12
N LEU A 182 9.52 -28.51 10.29
CA LEU A 182 10.34 -28.87 11.44
C LEU A 182 9.69 -28.40 12.73
N SER A 183 9.12 -27.19 12.71
CA SER A 183 8.45 -26.65 13.88
C SER A 183 7.19 -27.44 14.25
N LEU A 184 6.64 -28.21 13.30
CA LEU A 184 5.54 -29.11 13.60
C LEU A 184 6.05 -30.47 14.07
N LEU A 185 7.10 -30.99 13.43
CA LEU A 185 7.49 -32.37 13.64
C LEU A 185 8.36 -32.54 14.89
N SER A 186 9.17 -31.55 15.22
CA SER A 186 10.03 -31.66 16.40
C SER A 186 9.28 -31.80 17.72
N PRO A 187 8.20 -31.06 18.03
CA PRO A 187 7.51 -31.35 19.28
C PRO A 187 6.65 -32.61 19.26
N ILE A 188 6.15 -33.04 18.10
CA ILE A 188 5.18 -34.14 18.09
C ILE A 188 5.87 -35.48 18.39
N ASN A 189 7.18 -35.58 18.12
CA ASN A 189 7.87 -36.79 18.52
C ASN A 189 8.13 -36.81 20.02
N LYS A 190 8.54 -35.68 20.59
CA LYS A 190 8.93 -35.66 21.99
C LYS A 190 7.73 -35.64 22.93
N PHE A 191 6.58 -35.13 22.48
CA PHE A 191 5.44 -35.05 23.38
C PHE A 191 4.45 -36.20 23.19
N GLN A 192 4.45 -36.83 22.03
CA GLN A 192 3.58 -37.97 21.79
C GLN A 192 4.41 -39.24 21.78
N PRO A 193 4.31 -40.08 22.80
CA PRO A 193 5.00 -41.38 22.72
C PRO A 193 4.14 -42.46 22.09
N GLU A 194 2.82 -42.37 22.21
CA GLU A 194 1.96 -43.47 21.79
C GLU A 194 0.80 -43.06 20.90
N GLY A 195 0.36 -41.81 20.93
CA GLY A 195 -0.73 -41.36 20.10
C GLY A 195 -2.09 -41.49 20.76
N HIS A 196 -3.09 -40.90 20.10
CA HIS A 196 -4.47 -40.78 20.57
C HIS A 196 -4.53 -40.16 21.96
N LEU A 197 -3.87 -39.00 22.10
CA LEU A 197 -3.72 -38.36 23.39
C LEU A 197 -5.05 -37.75 23.85
N ASN A 198 -5.11 -37.44 25.14
CA ASN A 198 -6.28 -36.81 25.72
C ASN A 198 -6.28 -35.33 25.32
N ARG A 199 -7.42 -34.67 25.54
CA ARG A 199 -7.63 -33.31 25.07
C ARG A 199 -6.69 -32.31 25.74
N VAL A 200 -6.33 -32.55 27.01
CA VAL A 200 -5.40 -31.66 27.70
C VAL A 200 -4.00 -31.75 27.09
N ALA A 201 -3.60 -32.93 26.64
CA ALA A 201 -2.33 -33.07 25.94
C ALA A 201 -2.36 -32.32 24.62
N ARG A 202 -3.50 -32.34 23.93
CA ARG A 202 -3.66 -31.55 22.70
C ARG A 202 -3.57 -30.06 22.99
N ALA A 203 -4.11 -29.61 24.13
CA ALA A 203 -4.07 -28.19 24.46
C ALA A 203 -2.65 -27.72 24.77
N ALA A 204 -1.95 -28.49 25.62
CA ALA A 204 -0.56 -28.16 25.93
C ALA A 204 0.33 -28.25 24.70
N LEU A 205 0.08 -29.26 23.86
CA LEU A 205 0.81 -29.39 22.60
C LEU A 205 0.54 -28.21 21.68
N LEU A 206 -0.70 -27.70 21.68
CA LEU A 206 -1.05 -26.55 20.87
C LEU A 206 -0.28 -25.31 21.32
N SER A 207 -0.17 -25.12 22.63
CA SER A 207 0.65 -24.03 23.15
C SER A 207 2.11 -24.19 22.75
N ASP A 208 2.62 -25.43 22.80
CA ASP A 208 3.99 -25.70 22.39
C ASP A 208 4.21 -25.41 20.91
N LEU A 209 3.25 -25.79 20.06
CA LEU A 209 3.35 -25.49 18.64
C LEU A 209 3.33 -23.99 18.39
N LYS A 210 2.49 -23.26 19.12
CA LYS A 210 2.42 -21.82 18.97
C LYS A 210 3.74 -21.15 19.32
N ARG A 211 4.35 -21.57 20.43
CA ARG A 211 5.63 -21.02 20.83
C ARG A 211 6.73 -21.41 19.84
N ARG A 212 6.70 -22.66 19.35
CA ARG A 212 7.75 -23.13 18.45
C ARG A 212 7.70 -22.44 17.10
N VAL A 213 6.49 -22.15 16.61
CA VAL A 213 6.38 -21.38 15.37
C VAL A 213 6.79 -19.94 15.59
N CYS A 214 6.34 -19.33 16.70
CA CYS A 214 6.57 -17.90 16.91
C CYS A 214 8.03 -17.58 17.15
N ALA A 215 8.75 -18.42 17.89
CA ALA A 215 10.10 -18.07 18.30
C ALA A 215 11.12 -18.31 17.20
N ASP A 216 11.30 -19.56 16.79
CA ASP A 216 12.38 -19.96 15.89
C ASP A 216 11.79 -20.40 14.56
N MET A 217 11.63 -19.45 13.65
CA MET A 217 11.14 -19.88 12.35
C MET A 217 11.99 -19.37 11.20
N PHE A 218 12.50 -18.13 11.29
CA PHE A 218 13.60 -17.68 10.43
C PHE A 218 14.88 -17.62 11.26
N PHE A 219 15.48 -18.79 11.53
CA PHE A 219 16.53 -18.82 12.53
C PHE A 219 17.83 -18.23 12.03
N MET A 220 18.32 -18.70 10.87
CA MET A 220 19.67 -18.36 10.43
C MET A 220 19.82 -16.92 9.98
N THR A 221 18.72 -16.18 9.82
CA THR A 221 18.82 -14.74 9.62
C THR A 221 18.78 -13.97 10.93
N ARG A 222 18.42 -14.61 12.04
CA ARG A 222 18.41 -13.91 13.32
C ARG A 222 19.71 -14.12 14.08
N HIS A 223 20.02 -15.36 14.41
CA HIS A 223 21.20 -15.68 15.22
C HIS A 223 22.35 -16.15 14.35
N ALA A 224 22.73 -15.32 13.38
CA ALA A 224 23.87 -15.66 12.53
C ALA A 224 25.18 -15.50 13.28
N ARG A 225 25.25 -14.56 14.22
CA ARG A 225 26.47 -14.36 14.99
C ARG A 225 26.73 -15.49 15.97
N GLU A 226 25.69 -16.22 16.38
CA GLU A 226 25.88 -17.33 17.30
C GLU A 226 25.77 -18.62 16.50
N PRO A 227 26.87 -19.36 16.30
CA PRO A 227 26.85 -20.45 15.30
C PRO A 227 26.46 -21.81 15.84
N ARG A 228 26.46 -22.02 17.16
CA ARG A 228 26.40 -23.39 17.67
C ARG A 228 24.99 -23.95 17.67
N LEU A 229 23.97 -23.09 17.81
CA LEU A 229 22.62 -23.61 17.92
C LEU A 229 22.08 -24.09 16.58
N ILE A 230 22.68 -23.63 15.48
CA ILE A 230 22.41 -24.22 14.16
C ILE A 230 22.77 -25.69 14.18
N SER A 231 23.99 -26.00 14.62
CA SER A 231 24.43 -27.38 14.74
C SER A 231 23.57 -28.15 15.73
N ALA A 232 23.16 -27.49 16.81
CA ALA A 232 22.34 -28.13 17.83
C ALA A 232 20.99 -28.57 17.27
N TYR A 233 20.25 -27.67 16.63
CA TYR A 233 18.92 -28.06 16.19
C TYR A 233 18.93 -28.80 14.86
N LEU A 234 20.00 -28.69 14.07
CA LEU A 234 20.17 -29.65 12.98
C LEU A 234 20.41 -31.07 13.48
N SER A 235 21.24 -31.22 14.53
CA SER A 235 21.42 -32.53 15.13
C SER A 235 20.14 -33.03 15.79
N ASP A 236 19.32 -32.10 16.28
CA ASP A 236 18.00 -32.46 16.76
C ASP A 236 17.12 -33.01 15.65
N MET A 237 17.02 -32.28 14.53
CA MET A 237 16.04 -32.64 13.51
C MET A 237 16.48 -33.86 12.73
N VAL A 238 17.79 -34.08 12.58
CA VAL A 238 18.23 -35.27 11.86
C VAL A 238 17.97 -36.52 12.70
N SER A 239 18.03 -36.41 14.02
CA SER A 239 17.58 -37.47 14.92
C SER A 239 16.15 -37.23 15.40
N CYS A 240 15.24 -36.96 14.47
CA CYS A 240 13.86 -36.68 14.84
C CYS A 240 12.84 -37.33 13.93
N THR A 241 13.23 -37.81 12.76
CA THR A 241 12.29 -38.17 11.71
C THR A 241 12.05 -39.66 11.56
N GLN A 242 12.73 -40.50 12.36
CA GLN A 242 12.87 -41.97 12.43
C GLN A 242 13.22 -42.63 11.09
N PRO A 243 13.98 -43.73 11.10
CA PRO A 243 14.35 -44.37 9.84
C PRO A 243 13.22 -45.17 9.20
N SER A 244 13.55 -45.88 8.13
CA SER A 244 12.59 -46.68 7.40
C SER A 244 13.10 -48.11 7.31
N VAL A 245 12.49 -48.90 6.40
CA VAL A 245 12.91 -50.29 6.21
C VAL A 245 14.36 -50.35 5.75
N MET A 246 15.05 -51.41 6.18
CA MET A 246 16.49 -51.53 6.08
C MET A 246 16.93 -52.20 4.76
N VAL A 247 16.09 -52.12 3.73
CA VAL A 247 16.38 -52.79 2.48
C VAL A 247 17.57 -52.12 1.78
N SER A 248 18.61 -52.91 1.55
CA SER A 248 19.81 -52.44 0.87
C SER A 248 20.49 -53.66 0.26
N ARG A 249 20.28 -53.89 -1.04
CA ARG A 249 21.03 -54.90 -1.77
C ARG A 249 22.48 -54.46 -1.92
N ILE A 250 22.70 -53.34 -2.60
CA ILE A 250 23.98 -52.66 -2.64
C ILE A 250 23.75 -51.19 -2.30
N THR A 251 24.51 -50.68 -1.33
CA THR A 251 24.28 -49.37 -0.75
C THR A 251 25.34 -48.38 -1.18
N HIS A 252 25.32 -47.20 -0.58
CA HIS A 252 26.21 -46.11 -0.94
C HIS A 252 27.11 -45.80 0.24
N THR A 253 28.42 -45.85 0.02
CA THR A 253 29.38 -45.75 1.10
C THR A 253 30.38 -44.63 0.81
N ASN A 254 31.16 -44.30 1.84
CA ASN A 254 32.22 -43.31 1.75
C ASN A 254 33.50 -43.96 1.22
N THR A 255 34.63 -43.28 1.35
CA THR A 255 35.91 -43.89 1.00
C THR A 255 36.25 -45.03 1.97
N ARG A 256 35.92 -44.85 3.24
CA ARG A 256 36.24 -45.86 4.25
C ARG A 256 35.34 -47.09 4.10
N GLY A 257 34.14 -46.92 3.55
CA GLY A 257 33.18 -47.99 3.44
C GLY A 257 31.98 -47.86 4.36
N ARG A 258 31.90 -46.80 5.17
CA ARG A 258 30.73 -46.58 6.00
C ARG A 258 29.58 -46.07 5.16
N GLN A 259 28.41 -46.67 5.33
CA GLN A 259 27.26 -46.34 4.49
C GLN A 259 26.69 -44.98 4.85
N VAL A 260 26.25 -44.25 3.83
CA VAL A 260 25.72 -42.90 4.03
C VAL A 260 24.30 -43.02 4.58
N ASP A 261 23.87 -41.99 5.33
CA ASP A 261 22.58 -42.06 5.98
C ASP A 261 21.71 -40.86 5.62
N GLY A 262 22.31 -39.69 5.42
CA GLY A 262 21.56 -38.45 5.36
C GLY A 262 21.88 -37.59 4.15
N VAL A 263 20.94 -36.69 3.85
CA VAL A 263 21.09 -35.69 2.79
C VAL A 263 20.49 -34.39 3.30
N LEU A 264 21.24 -33.30 3.19
CA LEU A 264 20.67 -31.98 3.39
C LEU A 264 20.83 -31.19 2.11
N VAL A 265 19.76 -30.53 1.67
CA VAL A 265 19.79 -29.74 0.43
C VAL A 265 19.49 -28.28 0.77
N THR A 266 20.32 -27.39 0.23
CA THR A 266 20.23 -25.96 0.55
C THR A 266 20.31 -25.14 -0.74
N THR A 267 20.41 -23.83 -0.56
CA THR A 267 20.87 -22.94 -1.61
C THR A 267 22.36 -22.72 -1.43
N ALA A 268 22.95 -21.94 -2.34
CA ALA A 268 24.41 -21.77 -2.34
C ALA A 268 24.88 -20.96 -1.15
N THR A 269 24.10 -19.95 -0.75
CA THR A 269 24.45 -19.13 0.40
C THR A 269 24.44 -19.94 1.67
N LEU A 270 23.39 -20.74 1.87
CA LEU A 270 23.34 -21.63 3.01
C LEU A 270 24.41 -22.71 2.93
N LYS A 271 24.75 -23.17 1.73
CA LYS A 271 25.79 -24.19 1.57
C LYS A 271 27.14 -23.66 2.04
N ARG A 272 27.52 -22.49 1.56
CA ARG A 272 28.80 -21.94 1.99
C ARG A 272 28.75 -21.49 3.46
N GLN A 273 27.57 -21.09 3.94
CA GLN A 273 27.44 -20.73 5.35
C GLN A 273 27.65 -21.92 6.27
N LEU A 274 27.09 -23.08 5.88
CA LEU A 274 27.29 -24.27 6.70
C LEU A 274 28.69 -24.84 6.54
N LEU A 275 29.33 -24.63 5.38
CA LEU A 275 30.67 -25.15 5.22
C LEU A 275 31.74 -24.31 5.93
N GLN A 276 31.58 -22.98 5.97
CA GLN A 276 32.71 -22.16 6.38
C GLN A 276 32.96 -22.21 7.88
N GLY A 277 31.90 -22.28 8.70
CA GLY A 277 32.11 -22.24 10.13
C GLY A 277 31.19 -23.09 10.99
N ILE A 278 30.29 -23.83 10.36
CA ILE A 278 29.27 -24.56 11.13
C ILE A 278 29.68 -26.01 11.33
N LEU A 279 29.85 -26.74 10.25
CA LEU A 279 30.13 -28.16 10.32
C LEU A 279 31.52 -28.47 9.78
N GLN A 280 31.96 -29.70 10.00
CA GLN A 280 33.29 -30.14 9.62
C GLN A 280 33.21 -31.16 8.50
N ILE A 281 34.09 -31.02 7.51
CA ILE A 281 34.05 -31.87 6.33
C ILE A 281 34.58 -33.25 6.70
N ASP A 282 34.08 -34.28 6.00
CA ASP A 282 34.52 -35.65 6.20
C ASP A 282 35.29 -36.20 5.01
N ASP A 283 34.68 -36.15 3.81
CA ASP A 283 35.32 -36.69 2.63
C ASP A 283 34.79 -35.97 1.39
N THR A 284 35.53 -36.09 0.30
CA THR A 284 35.19 -35.48 -0.97
C THR A 284 34.69 -36.50 -2.00
N ALA A 285 35.17 -37.73 -1.95
CA ALA A 285 34.71 -38.79 -2.82
C ALA A 285 33.95 -39.84 -2.02
N ALA A 286 32.94 -40.43 -2.66
CA ALA A 286 32.17 -41.50 -2.07
C ALA A 286 31.99 -42.60 -3.11
N ASP A 287 31.39 -43.70 -2.68
CA ASP A 287 31.18 -44.86 -3.54
C ASP A 287 29.69 -45.01 -3.83
N VAL A 288 29.34 -44.95 -5.12
CA VAL A 288 27.95 -45.06 -5.54
C VAL A 288 27.87 -46.06 -6.69
N PRO A 289 26.97 -47.04 -6.64
CA PRO A 289 26.84 -47.99 -7.75
C PRO A 289 26.31 -47.35 -9.01
N VAL A 290 26.67 -47.94 -10.14
CA VAL A 290 26.26 -47.45 -11.46
C VAL A 290 25.16 -48.28 -12.08
N THR A 291 24.95 -49.51 -11.65
CA THR A 291 23.95 -50.38 -12.25
C THR A 291 22.57 -50.14 -11.63
N VAL A 292 20.46 -48.60 -23.26
CA VAL A 292 20.13 -47.54 -24.20
C VAL A 292 19.65 -48.13 -25.52
N LEU A 293 19.54 -49.46 -25.57
CA LEU A 293 19.05 -50.12 -26.77
C LEU A 293 17.56 -49.87 -26.97
N ASN A 294 16.81 -49.71 -25.88
CA ASN A 294 15.40 -49.38 -25.97
C ASN A 294 15.16 -47.99 -26.52
N GLY A 295 16.05 -47.03 -26.20
CA GLY A 295 15.96 -45.72 -26.79
C GLY A 295 16.35 -45.65 -28.25
N ALA A 296 17.14 -46.62 -28.73
CA ALA A 296 17.53 -46.68 -30.14
C ALA A 296 16.35 -46.95 -31.07
N ASN A 297 15.28 -47.57 -30.55
CA ASN A 297 14.04 -47.68 -31.32
C ASN A 297 13.41 -46.31 -31.55
N LEU A 298 13.63 -45.36 -30.64
CA LEU A 298 13.26 -43.98 -30.88
C LEU A 298 14.23 -43.27 -31.82
N VAL A 299 15.35 -43.91 -32.15
CA VAL A 299 16.31 -43.31 -33.08
C VAL A 299 15.93 -43.60 -34.52
N THR A 300 15.50 -44.82 -34.83
CA THR A 300 15.22 -45.23 -36.20
C THR A 300 13.73 -45.19 -36.52
N ALA A 301 12.91 -45.92 -35.77
CA ALA A 301 11.50 -46.09 -36.09
C ALA A 301 10.71 -44.79 -35.96
N LEU A 302 11.14 -43.87 -35.09
CA LEU A 302 10.53 -42.56 -35.03
C LEU A 302 10.75 -41.78 -36.33
N VAL A 303 11.90 -42.00 -36.98
CA VAL A 303 12.12 -41.44 -38.30
C VAL A 303 11.26 -42.16 -39.35
N MET A 304 10.82 -43.38 -39.06
CA MET A 304 10.00 -44.13 -40.02
C MET A 304 8.57 -43.60 -40.08
N GLY A 305 8.13 -42.91 -39.04
CA GLY A 305 6.74 -42.47 -38.97
C GLY A 305 6.41 -41.32 -39.89
N LYS A 306 7.41 -40.60 -40.40
CA LYS A 306 7.19 -39.49 -41.32
C LYS A 306 7.68 -39.80 -42.72
N ALA A 307 8.84 -40.41 -42.86
CA ALA A 307 9.42 -40.70 -44.16
C ALA A 307 10.24 -41.98 -44.06
N VAL A 308 11.11 -42.21 -45.04
CA VAL A 308 11.89 -43.44 -45.12
C VAL A 308 13.30 -43.20 -44.57
N ARG A 309 13.44 -42.19 -43.72
CA ARG A 309 14.72 -41.85 -43.12
C ARG A 309 15.07 -42.69 -41.91
N SER A 310 14.40 -43.84 -41.72
CA SER A 310 14.74 -44.73 -40.62
C SER A 310 16.10 -45.38 -40.84
N LEU A 311 16.37 -45.84 -42.06
CA LEU A 311 17.62 -46.52 -42.37
C LEU A 311 18.82 -45.59 -42.35
N ASP A 312 18.61 -44.31 -42.63
CA ASP A 312 19.69 -43.33 -42.55
C ASP A 312 20.00 -42.95 -41.11
N ASP A 313 18.98 -42.69 -40.30
CA ASP A 313 19.20 -42.31 -38.90
C ASP A 313 19.67 -43.49 -38.07
N VAL A 314 19.33 -44.71 -38.48
CA VAL A 314 19.83 -45.89 -37.78
C VAL A 314 21.32 -46.06 -38.03
N GLY A 315 21.75 -45.95 -39.28
CA GLY A 315 23.15 -46.09 -39.61
C GLY A 315 24.02 -44.90 -39.30
N ARG A 316 23.42 -43.74 -39.05
CA ARG A 316 24.20 -42.55 -38.75
C ARG A 316 24.36 -42.30 -37.25
N HIS A 317 23.78 -43.14 -36.40
CA HIS A 317 23.95 -42.96 -34.96
C HIS A 317 25.40 -43.19 -34.55
N LEU A 318 26.04 -44.21 -35.11
CA LEU A 318 27.47 -44.38 -34.93
C LEU A 318 28.26 -43.31 -35.68
N LEU A 319 27.70 -42.79 -36.78
CA LEU A 319 28.32 -41.68 -37.48
C LEU A 319 28.16 -40.36 -36.74
N ASP A 320 27.24 -40.29 -35.79
CA ASP A 320 27.12 -39.14 -34.90
C ASP A 320 27.95 -39.29 -33.62
N MET A 321 28.58 -40.45 -33.42
CA MET A 321 29.41 -40.65 -32.24
C MET A 321 30.75 -39.94 -32.36
N GLN A 322 31.23 -39.72 -33.59
CA GLN A 322 32.53 -39.11 -33.82
C GLN A 322 32.46 -37.66 -34.29
N GLU A 323 31.33 -37.21 -34.81
CA GLU A 323 31.20 -35.85 -35.32
C GLU A 323 30.48 -34.92 -34.36
N GLU A 324 29.46 -35.40 -33.65
CA GLU A 324 28.72 -34.55 -32.73
C GLU A 324 29.43 -34.35 -31.41
N GLN A 325 30.41 -35.18 -31.09
CA GLN A 325 31.12 -35.05 -29.82
C GLN A 325 32.20 -33.98 -29.90
N LEU A 326 33.22 -34.22 -30.73
CA LEU A 326 34.34 -33.31 -30.87
C LEU A 326 35.07 -33.62 -32.16
N GLU A 327 36.11 -32.84 -32.44
CA GLU A 327 36.93 -33.04 -33.63
C GLU A 327 38.36 -32.54 -33.39
N ASN A 328 30.68 -50.54 -8.09
CA ASN A 328 30.39 -49.14 -7.80
C ASN A 328 31.31 -48.21 -8.56
N ALA A 329 31.31 -46.95 -8.18
CA ALA A 329 32.17 -45.95 -8.81
C ALA A 329 32.39 -44.80 -7.83
N ARG A 330 33.46 -44.04 -8.09
CA ARG A 330 33.81 -42.88 -7.28
C ARG A 330 33.00 -41.68 -7.72
N VAL A 331 32.38 -41.01 -6.76
CA VAL A 331 31.50 -39.87 -7.02
C VAL A 331 32.00 -38.70 -6.19
N PRO A 332 32.30 -37.56 -6.79
CA PRO A 332 32.71 -36.37 -6.02
C PRO A 332 31.49 -35.64 -5.45
N ALA A 333 31.33 -35.73 -4.13
CA ALA A 333 30.25 -35.03 -3.44
C ALA A 333 30.65 -34.81 -2.00
N ASP A 334 30.11 -33.74 -1.41
CA ASP A 334 30.50 -33.34 -0.06
C ASP A 334 29.90 -34.27 0.97
N LEU A 335 30.74 -34.88 1.79
CA LEU A 335 30.33 -35.68 2.92
C LEU A 335 30.59 -34.90 4.21
N VAL A 336 29.56 -34.78 5.03
CA VAL A 336 29.66 -34.01 6.26
C VAL A 336 28.96 -34.84 7.34
N ILE A 337 29.08 -34.42 8.59
CA ILE A 337 28.44 -35.11 9.69
C ILE A 337 27.72 -34.10 10.57
N VAL A 338 26.49 -34.45 10.94
CA VAL A 338 25.76 -33.75 11.99
C VAL A 338 25.21 -34.81 12.94
N GLY A 339 25.31 -34.55 14.24
CA GLY A 339 24.89 -35.51 15.22
C GLY A 339 25.78 -36.75 15.26
N ASP A 340 25.25 -37.86 14.74
CA ASP A 340 25.94 -39.13 14.82
C ASP A 340 25.99 -39.90 13.50
N LYS A 341 25.39 -39.39 12.43
CA LYS A 341 25.28 -40.12 11.18
C LYS A 341 25.94 -39.34 10.05
N LEU A 342 26.54 -40.08 9.12
CA LEU A 342 27.15 -39.47 7.93
C LEU A 342 26.06 -38.96 7.00
N VAL A 343 26.15 -37.68 6.61
CA VAL A 343 25.09 -37.01 5.87
C VAL A 343 25.68 -36.28 4.67
N PHE A 344 24.82 -36.04 3.68
CA PHE A 344 25.16 -35.30 2.48
C PHE A 344 24.76 -33.85 2.69
N LEU A 345 25.50 -32.92 2.08
CA LEU A 345 25.08 -31.51 2.10
C LEU A 345 25.50 -30.86 0.79
N GLU A 346 24.51 -30.48 -0.02
CA GLU A 346 24.77 -29.86 -1.32
C GLU A 346 23.73 -28.78 -1.59
N ALA A 347 23.96 -28.05 -2.67
CA ALA A 347 23.06 -27.02 -3.17
C ALA A 347 22.92 -27.22 -4.67
N LEU A 348 21.69 -27.15 -5.17
CA LEU A 348 21.44 -27.37 -6.59
C LEU A 348 21.26 -26.02 -7.25
N GLU A 349 22.37 -25.44 -7.71
CA GLU A 349 22.33 -24.17 -8.41
C GLU A 349 23.09 -24.23 -9.73
N ARG A 350 24.21 -24.96 -9.73
CA ARG A 350 25.14 -24.90 -10.86
C ARG A 350 24.85 -25.95 -11.91
N ARG A 351 24.90 -27.23 -11.56
CA ARG A 351 24.78 -28.28 -12.56
C ARG A 351 23.33 -28.56 -12.93
N VAL A 352 22.37 -28.07 -12.16
CA VAL A 352 20.97 -28.02 -12.56
C VAL A 352 20.42 -26.64 -12.26
N TYR A 353 19.25 -26.36 -12.83
CA TYR A 353 18.55 -25.08 -12.71
C TYR A 353 19.39 -23.90 -13.18
N GLN A 354 20.15 -24.10 -14.25
CA GLN A 354 21.03 -23.06 -14.78
C GLN A 354 20.73 -22.88 -16.26
N ALA A 355 20.54 -21.63 -16.66
CA ALA A 355 20.17 -21.22 -18.03
C ALA A 355 18.92 -21.97 -18.51
N THR A 356 17.95 -22.11 -17.61
CA THR A 356 16.70 -22.76 -17.94
C THR A 356 15.55 -21.90 -17.43
N ARG A 357 14.41 -22.00 -18.12
CA ARG A 357 13.28 -21.15 -17.79
C ARG A 357 12.47 -21.65 -16.60
N VAL A 358 12.66 -22.89 -16.19
CA VAL A 358 11.95 -23.39 -15.02
C VAL A 358 12.62 -22.85 -13.76
N ALA A 359 11.81 -22.43 -12.81
CA ALA A 359 12.33 -21.82 -11.60
C ALA A 359 12.78 -22.89 -10.61
N TYR A 360 13.55 -22.47 -9.64
CA TYR A 360 14.05 -23.34 -8.58
C TYR A 360 13.00 -23.46 -7.48
N PRO A 361 12.71 -24.65 -6.97
CA PRO A 361 11.91 -24.75 -5.75
C PRO A 361 12.66 -24.28 -4.52
N LEU A 362 11.97 -24.26 -3.38
CA LEU A 362 12.47 -23.74 -2.10
C LEU A 362 12.83 -22.27 -2.20
N ILE A 363 12.22 -21.53 -3.11
CA ILE A 363 12.36 -20.09 -3.22
C ILE A 363 10.95 -19.55 -3.00
N GLY A 364 10.17 -20.23 -2.17
CA GLY A 364 8.78 -19.92 -1.98
C GLY A 364 8.56 -18.64 -1.18
N ASN A 365 7.33 -18.49 -0.73
CA ASN A 365 6.91 -17.29 -0.02
C ASN A 365 6.11 -17.66 1.22
N ILE A 366 6.18 -16.79 2.22
CA ILE A 366 5.48 -16.95 3.47
C ILE A 366 4.50 -15.80 3.63
N ASP A 367 3.26 -16.12 3.96
CA ASP A 367 2.21 -15.13 4.14
C ASP A 367 1.98 -14.90 5.63
N ILE A 368 2.08 -13.65 6.05
CA ILE A 368 2.05 -13.30 7.47
C ILE A 368 0.92 -12.28 7.68
N THR A 369 0.12 -12.52 8.72
CA THR A 369 -0.94 -11.62 9.13
C THR A 369 -0.41 -10.71 10.24
N PHE A 370 -0.45 -9.41 10.00
CA PHE A 370 -0.07 -8.44 11.01
C PHE A 370 -1.31 -7.76 11.57
N ILE A 371 -1.31 -7.53 12.87
CA ILE A 371 -2.39 -6.87 13.57
C ILE A 371 -1.82 -5.67 14.30
N MET A 372 -2.62 -4.60 14.43
CA MET A 372 -2.45 -3.34 15.24
C MET A 372 -3.73 -2.70 15.78
N PRO A 373 -3.75 -2.37 17.07
CA PRO A 373 -4.73 -1.40 17.56
C PRO A 373 -4.45 -0.03 16.97
N MET A 374 -5.50 0.77 16.83
CA MET A 374 -5.41 2.06 16.17
C MET A 374 -5.65 3.24 17.09
N GLY A 375 -6.78 3.28 17.80
CA GLY A 375 -7.09 4.42 18.64
C GLY A 375 -7.54 4.04 20.03
N VAL A 376 -6.92 3.00 20.59
CA VAL A 376 -7.31 2.50 21.90
C VAL A 376 -6.88 3.49 22.98
N PHE A 377 -7.67 3.56 24.05
CA PHE A 377 -7.37 4.43 25.18
C PHE A 377 -7.47 3.63 26.46
N GLN A 378 -6.56 3.89 27.39
CA GLN A 378 -6.54 3.19 28.67
C GLN A 378 -7.65 3.73 29.55
N ALA A 379 -8.64 2.89 29.85
CA ALA A 379 -9.78 3.34 30.64
C ALA A 379 -9.41 3.59 32.09
N ASN A 380 -8.60 2.71 32.67
CA ASN A 380 -8.24 2.83 34.08
C ASN A 380 -7.23 3.95 34.28
N SER A 381 -7.37 4.67 35.39
CA SER A 381 -6.48 5.78 35.67
C SER A 381 -5.10 5.30 36.11
N MET A 382 -5.00 4.08 36.65
CA MET A 382 -3.71 3.53 37.03
C MET A 382 -2.84 3.23 35.82
N ASP A 383 -3.46 2.88 34.70
CA ASP A 383 -2.70 2.55 33.50
C ASP A 383 -2.09 3.77 32.82
N ARG A 384 -2.47 4.98 33.23
CA ARG A 384 -1.89 6.21 32.71
C ARG A 384 -0.88 6.72 33.74
N TYR A 385 0.33 6.19 33.70
CA TYR A 385 1.36 6.50 34.67
C TYR A 385 2.66 6.83 33.95
N THR A 386 3.45 7.71 34.56
CA THR A 386 4.73 8.12 34.01
C THR A 386 5.88 7.35 34.67
N ARG A 387 6.93 7.11 33.89
CA ARG A 387 8.10 6.40 34.40
C ARG A 387 8.95 7.30 35.30
N HIS A 388 9.16 8.55 34.90
CA HIS A 388 9.87 9.51 35.73
C HIS A 388 9.15 10.85 35.62
N ALA A 389 9.67 11.85 36.35
CA ALA A 389 8.99 13.13 36.42
C ALA A 389 9.27 13.98 35.18
N GLY A 390 10.53 14.38 34.99
CA GLY A 390 10.86 15.26 33.90
C GLY A 390 11.29 14.55 32.63
N ASP A 391 10.44 13.67 32.12
CA ASP A 391 10.79 12.93 30.89
C ASP A 391 10.51 13.75 29.65
N PHE A 392 9.23 14.01 29.37
CA PHE A 392 8.78 14.66 28.14
C PHE A 392 8.04 15.93 28.54
N SER A 393 8.80 17.02 28.67
CA SER A 393 8.24 18.31 29.05
C SER A 393 7.99 19.15 27.81
N THR A 394 6.94 19.96 27.87
CA THR A 394 6.56 20.84 26.77
C THR A 394 6.72 22.28 27.21
N VAL A 395 6.41 23.19 26.28
CA VAL A 395 6.47 24.63 26.57
C VAL A 395 5.12 25.18 26.98
N SER A 396 4.03 24.51 26.68
CA SER A 396 2.71 24.99 27.03
C SER A 396 2.38 24.64 28.48
N GLU A 397 1.29 25.22 28.98
CA GLU A 397 0.84 24.94 30.34
C GLU A 397 0.33 23.52 30.48
N GLN A 398 -0.38 23.01 29.47
CA GLN A 398 -1.03 21.71 29.54
C GLN A 398 -0.27 20.71 28.68
N ASP A 399 -0.16 19.49 29.18
CA ASP A 399 0.60 18.45 28.51
C ASP A 399 -0.17 17.93 27.31
N PRO A 400 0.38 18.00 26.10
CA PRO A 400 -0.30 17.41 24.94
C PRO A 400 0.00 15.93 24.76
N ARG A 401 -0.04 15.18 25.84
CA ARG A 401 0.04 13.73 25.80
C ARG A 401 -1.06 13.06 26.61
N GLN A 402 -1.81 13.84 27.39
CA GLN A 402 -2.97 13.33 28.11
C GLN A 402 -4.14 13.09 27.16
N PHE A 403 -4.08 13.65 25.95
CA PHE A 403 -5.11 13.44 24.95
C PHE A 403 -5.06 12.00 24.43
N PRO A 404 -6.19 11.46 23.98
CA PRO A 404 -6.18 10.13 23.38
C PRO A 404 -5.44 10.14 22.06
N PRO A 405 -4.80 9.04 21.69
CA PRO A 405 -4.08 9.00 20.41
C PRO A 405 -5.02 8.79 19.25
N GLN A 406 -4.65 9.37 18.11
CA GLN A 406 -5.47 9.29 16.90
C GLN A 406 -4.69 8.71 15.73
N GLY A 407 -3.59 8.02 15.98
CA GLY A 407 -2.78 7.47 14.91
C GLY A 407 -1.79 6.46 15.44
N ILE A 408 -1.29 5.63 14.52
CA ILE A 408 -0.29 4.63 14.84
C ILE A 408 0.84 4.76 13.83
N PHE A 409 2.07 4.47 14.26
CA PHE A 409 3.26 4.64 13.46
C PHE A 409 4.02 3.31 13.37
N PHE A 410 4.60 3.04 12.21
CA PHE A 410 5.57 1.95 12.06
C PHE A 410 6.49 2.25 10.88
N TYR A 411 7.18 1.23 10.41
CA TYR A 411 8.21 1.37 9.40
C TYR A 411 7.82 0.75 8.07
N ASN A 412 8.45 1.25 7.02
CA ASN A 412 8.30 0.70 5.67
C ASN A 412 9.26 -0.47 5.50
N LYS A 413 9.45 -0.91 4.26
CA LYS A 413 10.48 -1.89 3.96
C LYS A 413 11.87 -1.33 4.25
N ASP A 414 12.08 -0.06 3.93
CA ASP A 414 13.36 0.58 4.18
C ASP A 414 13.50 1.11 5.60
N GLY A 415 12.47 0.96 6.42
CA GLY A 415 12.50 1.47 7.77
C GLY A 415 12.06 2.91 7.91
N ILE A 416 11.51 3.51 6.85
CA ILE A 416 11.03 4.88 6.93
C ILE A 416 9.74 4.91 7.74
N LEU A 417 9.64 5.90 8.63
CA LEU A 417 8.48 6.03 9.51
C LEU A 417 7.22 6.31 8.71
N THR A 418 6.10 5.74 9.17
CA THR A 418 4.83 5.80 8.47
C THR A 418 3.86 6.69 9.23
N GLN A 419 2.74 6.98 8.57
CA GLN A 419 1.67 7.78 9.14
C GLN A 419 0.34 7.08 8.92
N LEU A 420 -0.42 6.90 10.00
CA LEU A 420 -1.77 6.38 9.91
C LEU A 420 -2.73 7.31 10.64
N THR A 421 -3.97 7.33 10.16
CA THR A 421 -5.00 8.19 10.72
C THR A 421 -6.37 7.60 10.39
N LEU A 422 -7.41 8.32 10.77
CA LEU A 422 -8.76 7.86 10.48
C LEU A 422 -9.29 8.46 9.19
N ARG A 423 -8.58 9.43 8.61
CA ARG A 423 -8.78 9.77 7.22
C ARG A 423 -8.45 8.60 6.31
N ASP A 424 -7.56 7.70 6.76
CA ASP A 424 -7.46 6.39 6.13
C ASP A 424 -8.72 5.57 6.38
N ALA A 425 -9.35 5.72 7.55
CA ALA A 425 -10.53 4.94 7.87
C ALA A 425 -11.81 5.47 7.22
N MET A 426 -11.73 6.55 6.45
CA MET A 426 -12.79 6.91 5.50
C MET A 426 -13.25 5.77 4.62
N GLY A 427 -12.33 4.94 4.15
CA GLY A 427 -12.65 3.92 3.16
C GLY A 427 -13.47 2.77 3.71
N THR A 428 -13.59 2.65 5.04
CA THR A 428 -14.34 1.55 5.62
C THR A 428 -15.57 2.02 6.38
N ILE A 429 -15.41 2.86 7.41
CA ILE A 429 -16.53 3.13 8.30
C ILE A 429 -17.49 4.15 7.73
N CYS A 430 -17.06 4.98 6.78
CA CYS A 430 -17.98 5.94 6.18
C CYS A 430 -18.83 5.33 5.07
N HIS A 431 -18.60 4.06 4.74
CA HIS A 431 -19.36 3.39 3.69
C HIS A 431 -20.81 3.20 4.14
N SER A 432 -21.70 3.11 3.15
CA SER A 432 -23.13 3.06 3.42
C SER A 432 -23.62 1.70 3.91
N SER A 433 -22.73 0.71 4.04
CA SER A 433 -23.13 -0.61 4.49
C SER A 433 -23.24 -0.72 6.01
N LEU A 434 -23.23 0.40 6.74
CA LEU A 434 -23.39 0.34 8.18
C LEU A 434 -24.85 0.21 8.59
N LEU A 435 -25.78 0.31 7.65
CA LEU A 435 -27.19 0.20 7.95
C LEU A 435 -27.76 -1.02 7.26
N ASP A 436 -27.05 -2.15 7.33
CA ASP A 436 -27.45 -3.39 6.68
C ASP A 436 -28.07 -4.32 7.73
N VAL A 437 -28.93 -3.76 8.58
CA VAL A 437 -29.46 -4.47 9.73
C VAL A 437 -30.82 -5.09 9.43
N GLU A 438 -31.14 -5.27 8.14
CA GLU A 438 -32.32 -6.06 7.77
C GLU A 438 -32.18 -7.50 8.23
N ALA A 439 -31.07 -8.13 7.85
CA ALA A 439 -30.85 -9.53 8.17
C ALA A 439 -30.66 -9.74 9.65
N THR A 440 -30.09 -8.76 10.34
CA THR A 440 -29.90 -8.87 11.79
C THR A 440 -31.22 -8.94 12.52
N LEU A 441 -32.16 -8.05 12.21
CA LEU A 441 -33.47 -8.09 12.86
C LEU A 441 -34.26 -9.33 12.45
N VAL A 442 -34.29 -9.65 11.15
CA VAL A 442 -35.16 -10.74 10.73
C VAL A 442 -34.55 -12.08 11.11
N ALA A 443 -33.24 -12.12 11.39
CA ALA A 443 -32.61 -13.36 11.81
C ALA A 443 -32.50 -13.47 13.32
N LEU A 444 -32.62 -12.34 14.04
CA LEU A 444 -32.84 -12.41 15.48
C LEU A 444 -34.29 -12.74 15.82
N ARG A 445 -35.21 -12.59 14.87
CA ARG A 445 -36.61 -12.87 15.16
C ARG A 445 -36.97 -14.35 15.34
N GLN A 446 -36.11 -15.30 14.96
CA GLN A 446 -36.42 -16.72 15.17
C GLN A 446 -35.70 -17.31 16.38
N GLN A 447 -35.46 -16.50 17.41
CA GLN A 447 -35.01 -17.02 18.68
C GLN A 447 -36.17 -16.89 19.68
N HIS A 448 -36.01 -17.48 20.84
CA HIS A 448 -37.08 -17.50 21.83
C HIS A 448 -37.13 -16.17 22.57
N LEU A 449 -38.29 -15.55 22.58
CA LEU A 449 -38.49 -14.26 23.23
C LEU A 449 -39.16 -14.47 24.57
N ASP A 450 -38.54 -13.97 25.62
CA ASP A 450 -39.11 -14.03 26.96
C ASP A 450 -40.14 -12.92 27.14
N ARG A 451 -41.12 -13.19 28.00
CA ARG A 451 -42.15 -12.20 28.31
C ARG A 451 -41.54 -11.11 29.16
N GLN A 452 -41.30 -9.95 28.55
CA GLN A 452 -40.61 -8.85 29.21
C GLN A 452 -41.50 -7.63 29.31
N CYS A 453 -41.15 -6.77 30.27
CA CYS A 453 -41.89 -5.53 30.47
C CYS A 453 -41.60 -4.55 29.33
N TYR A 454 -42.49 -3.57 29.18
CA TYR A 454 -42.44 -2.61 28.09
C TYR A 454 -42.37 -1.19 28.60
N PHE A 455 -41.59 -0.94 29.66
CA PHE A 455 -41.58 0.39 30.26
C PHE A 455 -40.80 1.38 29.40
N GLY A 456 -39.64 0.98 28.90
CA GLY A 456 -38.78 1.87 28.15
C GLY A 456 -38.80 1.72 26.65
N VAL A 457 -39.77 1.00 26.09
CA VAL A 457 -39.78 0.73 24.66
C VAL A 457 -41.14 1.05 24.07
N TYR A 458 -42.02 1.64 24.88
CA TYR A 458 -43.41 1.86 24.49
C TYR A 458 -43.74 3.34 24.52
N VAL A 459 -44.50 3.79 23.52
CA VAL A 459 -44.88 5.19 23.39
C VAL A 459 -46.40 5.26 23.32
N ALA A 460 -47.00 6.11 24.16
CA ALA A 460 -48.43 6.33 24.19
C ALA A 460 -48.75 7.73 23.62
N GLU A 461 -50.04 8.06 23.62
CA GLU A 461 -50.50 9.35 23.14
C GLU A 461 -51.12 10.15 24.26
N GLY A 462 -51.28 11.46 24.01
CA GLY A 462 -52.00 12.31 24.95
C GLY A 462 -53.47 11.95 24.97
N THR A 463 -54.06 11.95 26.16
CA THR A 463 -55.42 11.46 26.36
C THR A 463 -56.37 12.56 26.83
N GLU A 464 -56.18 13.79 26.34
CA GLU A 464 -57.10 14.93 26.50
C GLU A 464 -57.32 15.27 27.98
N ASP A 465 -56.24 15.63 28.65
CA ASP A 465 -56.31 15.85 30.09
C ASP A 465 -55.53 17.11 30.46
N THR A 466 -55.34 17.30 31.76
CA THR A 466 -54.64 18.45 32.31
C THR A 466 -53.23 18.10 32.78
N LEU A 467 -52.68 17.00 32.28
CA LEU A 467 -51.31 16.50 32.47
C LEU A 467 -51.03 16.01 33.90
N ASP A 468 -51.97 16.15 34.81
CA ASP A 468 -51.78 15.69 36.18
C ASP A 468 -52.46 14.36 36.45
N VAL A 469 -53.69 14.19 35.95
CA VAL A 469 -54.39 12.92 36.10
C VAL A 469 -53.77 11.86 35.22
N GLN A 470 -53.17 12.26 34.09
CA GLN A 470 -52.38 11.33 33.28
C GLN A 470 -51.16 10.85 34.05
N MET A 471 -50.50 11.76 34.78
CA MET A 471 -49.40 11.35 35.63
C MET A 471 -49.86 10.46 36.77
N GLY A 472 -51.03 10.73 37.35
CA GLY A 472 -51.55 9.90 38.42
C GLY A 472 -51.85 8.48 37.95
N ARG A 473 -52.50 8.34 36.79
CA ARG A 473 -52.78 7.00 36.28
C ARG A 473 -51.51 6.31 35.80
N PHE A 474 -50.51 7.07 35.33
CA PHE A 474 -49.24 6.46 34.95
C PHE A 474 -48.52 5.91 36.17
N MET A 475 -48.50 6.67 37.27
CA MET A 475 -47.77 6.18 38.45
C MET A 475 -48.54 5.08 39.16
N GLU A 476 -49.87 5.07 39.05
CA GLU A 476 -50.62 3.95 39.62
C GLU A 476 -50.46 2.70 38.77
N THR A 477 -50.35 2.83 37.45
CA THR A 477 -50.02 1.68 36.62
C THR A 477 -48.58 1.25 36.87
N TRP A 478 -47.69 2.20 37.13
CA TRP A 478 -46.27 1.98 37.33
C TRP A 478 -45.97 1.26 38.64
N ALA A 479 -46.92 1.20 39.57
CA ALA A 479 -46.70 0.55 40.84
C ALA A 479 -46.57 -0.96 40.70
N ASP A 480 -47.03 -1.55 39.60
CA ASP A 480 -46.97 -3.00 39.45
C ASP A 480 -46.60 -3.48 38.05
N MET A 481 -46.33 -2.59 37.10
CA MET A 481 -46.06 -3.05 35.74
C MET A 481 -44.61 -3.48 35.53
N MET A 482 -43.73 -3.21 36.50
CA MET A 482 -42.33 -3.60 36.41
C MET A 482 -42.11 -4.78 37.34
N PRO A 483 -42.02 -6.01 36.83
CA PRO A 483 -41.91 -7.16 37.74
C PRO A 483 -40.49 -7.63 38.00
N HIS A 484 -39.50 -7.04 37.35
CA HIS A 484 -38.13 -7.53 37.49
C HIS A 484 -37.17 -6.35 37.33
N HIS A 485 -35.90 -6.66 37.06
CA HIS A 485 -34.88 -5.63 36.89
C HIS A 485 -34.72 -5.33 35.41
N PRO A 486 -34.86 -4.07 34.99
CA PRO A 486 -34.67 -3.75 33.56
C PRO A 486 -33.23 -3.93 33.13
N HIS A 487 -33.07 -4.32 31.87
CA HIS A 487 -31.76 -4.59 31.32
C HIS A 487 -31.08 -3.34 30.76
N TRP A 488 -31.75 -2.19 30.78
CA TRP A 488 -31.17 -0.97 30.27
C TRP A 488 -30.84 0.02 31.37
N VAL A 489 -30.97 -0.38 32.64
CA VAL A 489 -30.74 0.52 33.75
C VAL A 489 -29.49 0.18 34.55
N ASN A 490 -28.93 -1.02 34.39
CA ASN A 490 -27.69 -1.39 35.08
C ASN A 490 -26.48 -0.95 34.26
N GLU A 491 -26.37 0.36 34.10
CA GLU A 491 -25.29 0.99 33.36
C GLU A 491 -24.03 1.19 34.19
N HIS A 492 -24.12 1.02 35.50
CA HIS A 492 -22.97 1.18 36.40
C HIS A 492 -22.00 0.02 36.32
N LEU A 493 -22.34 -1.07 35.63
CA LEU A 493 -21.47 -2.24 35.55
C LEU A 493 -20.22 -1.93 34.75
N THR A 494 -19.09 -2.46 35.19
CA THR A 494 -17.80 -2.15 34.57
C THR A 494 -17.59 -3.01 33.33
N ILE A 495 -16.38 -2.92 32.77
CA ILE A 495 -16.09 -3.57 31.50
C ILE A 495 -16.05 -5.08 31.65
N LEU A 496 -15.37 -5.56 32.70
CA LEU A 496 -15.24 -6.99 32.93
C LEU A 496 -16.58 -7.60 33.28
N GLN A 497 -17.42 -6.86 34.01
CA GLN A 497 -18.79 -7.31 34.26
C GLN A 497 -19.61 -7.35 32.98
N PHE A 498 -19.34 -6.43 32.05
CA PHE A 498 -20.07 -6.41 30.79
C PHE A 498 -19.68 -7.59 29.90
N ILE A 499 -18.38 -7.83 29.75
CA ILE A 499 -17.89 -8.79 28.76
C ILE A 499 -18.03 -10.22 29.24
N ALA A 500 -18.50 -10.40 30.47
CA ALA A 500 -18.77 -11.73 30.99
C ALA A 500 -19.94 -12.37 30.24
N PRO A 501 -19.89 -13.68 29.99
CA PRO A 501 -20.98 -14.32 29.21
C PRO A 501 -22.28 -14.43 29.98
N SER A 502 -22.29 -14.20 31.29
CA SER A 502 -23.53 -14.25 32.05
C SER A 502 -24.40 -13.02 31.82
N ASN A 503 -23.83 -11.94 31.31
CA ASN A 503 -24.60 -10.71 31.11
C ASN A 503 -25.50 -10.88 29.88
N PRO A 504 -26.81 -10.71 30.00
CA PRO A 504 -27.71 -11.11 28.91
C PRO A 504 -27.75 -10.14 27.74
N ARG A 505 -27.23 -8.93 27.86
CA ARG A 505 -27.38 -7.93 26.81
C ARG A 505 -26.28 -8.00 25.76
N LEU A 506 -25.64 -9.16 25.57
CA LEU A 506 -24.56 -9.26 24.60
C LEU A 506 -25.03 -9.87 23.30
N ARG A 507 -26.07 -10.69 23.33
CA ARG A 507 -26.69 -11.15 22.10
C ARG A 507 -27.54 -10.08 21.43
N PHE A 508 -27.73 -8.94 22.08
CA PHE A 508 -28.46 -7.83 21.50
C PHE A 508 -27.59 -6.59 21.29
N GLU A 509 -26.27 -6.74 21.41
CA GLU A 509 -25.33 -5.67 21.10
C GLU A 509 -24.54 -6.11 19.88
N LEU A 510 -24.90 -5.59 18.71
CA LEU A 510 -24.37 -6.10 17.46
C LEU A 510 -23.61 -5.05 16.68
N ASN A 511 -24.14 -3.82 16.64
CA ASN A 511 -23.61 -2.73 15.84
C ASN A 511 -23.48 -1.47 16.69
N PRO A 512 -22.43 -0.68 16.46
CA PRO A 512 -22.28 0.56 17.27
C PRO A 512 -23.33 1.62 17.01
N ALA A 513 -24.05 1.57 15.90
CA ALA A 513 -25.04 2.59 15.58
C ALA A 513 -26.45 2.18 16.00
N PHE A 514 -26.61 1.04 16.67
CA PHE A 514 -27.91 0.48 16.91
C PHE A 514 -28.02 -0.07 18.32
N ASP A 515 -29.24 -0.07 18.83
CA ASP A 515 -29.59 -0.73 20.09
C ASP A 515 -30.76 -1.66 19.82
N PHE A 516 -30.58 -2.93 20.17
CA PHE A 516 -31.54 -3.98 19.86
C PHE A 516 -32.24 -4.38 21.14
N PHE A 517 -33.57 -4.46 21.08
CA PHE A 517 -34.38 -4.61 22.28
C PHE A 517 -35.61 -5.44 21.99
N VAL A 518 -36.21 -5.94 23.06
CA VAL A 518 -37.53 -6.54 22.97
C VAL A 518 -38.54 -5.43 22.76
N ALA A 519 -39.61 -5.74 22.04
CA ALA A 519 -40.57 -4.74 21.61
C ALA A 519 -41.92 -5.40 21.38
N PRO A 520 -43.00 -4.64 21.47
CA PRO A 520 -44.31 -5.16 21.06
C PRO A 520 -44.34 -5.49 19.58
N GLY A 521 -44.99 -6.60 19.25
CA GLY A 521 -45.11 -7.03 17.87
C GLY A 521 -46.43 -6.61 17.27
N ASP A 522 -46.38 -6.18 16.00
CA ASP A 522 -47.52 -5.72 15.22
C ASP A 522 -48.24 -4.56 15.90
N VAL A 523 -47.48 -3.66 16.52
CA VAL A 523 -48.03 -2.55 17.26
C VAL A 523 -47.49 -1.27 16.65
N ASP A 524 -48.41 -0.38 16.23
CA ASP A 524 -48.01 0.91 15.70
C ASP A 524 -47.48 1.78 16.82
N LEU A 525 -46.44 2.56 16.51
CA LEU A 525 -45.92 3.53 17.44
C LEU A 525 -46.34 4.92 16.99
N PRO A 526 -47.03 5.69 17.83
CA PRO A 526 -47.45 5.40 19.20
C PRO A 526 -48.70 4.53 19.28
N GLY A 527 -48.83 3.74 20.34
CA GLY A 527 -50.01 2.94 20.57
C GLY A 527 -50.80 3.50 21.73
N PRO A 528 -51.92 2.83 22.08
CA PRO A 528 -52.76 3.33 23.16
C PRO A 528 -52.09 3.21 24.52
N GLN A 529 -52.65 3.93 25.50
CA GLN A 529 -52.07 3.97 26.84
C GLN A 529 -52.10 2.59 27.51
N ARG A 530 -53.14 1.81 27.24
CA ARG A 530 -53.11 0.40 27.62
C ARG A 530 -52.28 -0.34 26.59
N PRO A 531 -51.19 -0.99 26.99
CA PRO A 531 -50.35 -1.71 26.02
C PRO A 531 -51.00 -3.04 25.64
N PRO A 532 -51.16 -3.30 24.34
CA PRO A 532 -51.75 -4.57 23.92
C PRO A 532 -50.83 -5.74 24.19
N GLU A 533 -51.44 -6.90 24.46
CA GLU A 533 -50.70 -8.10 24.78
C GLU A 533 -50.50 -8.94 23.51
N ALA A 534 -49.25 -9.25 23.20
CA ALA A 534 -48.93 -10.02 22.02
C ALA A 534 -47.60 -10.73 22.25
N MET A 535 -47.21 -11.54 21.28
CA MET A 535 -45.91 -12.19 21.30
C MET A 535 -44.84 -11.13 21.13
N PRO A 536 -43.86 -11.03 22.03
CA PRO A 536 -42.81 -10.01 21.89
C PRO A 536 -41.90 -10.32 20.72
N THR A 537 -41.38 -9.25 20.11
CA THR A 537 -40.44 -9.36 19.00
C THR A 537 -39.20 -8.54 19.32
N VAL A 538 -38.33 -8.41 18.33
CA VAL A 538 -37.10 -7.64 18.49
C VAL A 538 -37.15 -6.44 17.55
N ASN A 539 -36.76 -5.28 18.06
CA ASN A 539 -36.70 -4.07 17.27
C ASN A 539 -35.48 -3.27 17.67
N ALA A 540 -35.01 -2.45 16.74
CA ALA A 540 -33.79 -1.67 16.94
C ALA A 540 -34.11 -0.18 16.90
N THR A 541 -33.28 0.58 17.62
CA THR A 541 -33.28 2.03 17.53
C THR A 541 -31.88 2.47 17.10
N LEU A 542 -31.81 3.64 16.49
CA LEU A 542 -30.55 4.16 15.99
C LEU A 542 -29.86 4.94 17.10
N ARG A 543 -28.53 4.87 17.12
CA ARG A 543 -27.73 5.57 18.12
C ARG A 543 -27.33 6.91 17.53
N ILE A 544 -28.15 7.92 17.78
CA ILE A 544 -27.86 9.26 17.27
C ILE A 544 -26.69 9.88 18.02
N ILE A 545 -26.85 10.02 19.34
CA ILE A 545 -25.77 10.49 20.19
C ILE A 545 -24.74 9.37 20.29
N ASN A 546 -23.46 9.71 20.11
CA ASN A 546 -22.42 8.70 20.25
C ASN A 546 -22.21 8.30 21.70
N GLY A 547 -22.72 9.09 22.64
CA GLY A 547 -22.81 8.73 24.03
C GLY A 547 -23.96 7.82 24.38
N ASN A 548 -24.82 7.46 23.42
CA ASN A 548 -25.82 6.44 23.67
C ASN A 548 -25.19 5.05 23.80
N ILE A 549 -23.96 4.90 23.34
CA ILE A 549 -23.16 3.70 23.60
C ILE A 549 -23.02 3.54 25.11
N PRO A 550 -23.21 2.34 25.66
CA PRO A 550 -23.13 2.16 27.12
C PRO A 550 -21.75 2.50 27.67
N VAL A 551 -21.77 3.16 28.83
CA VAL A 551 -20.57 3.70 29.47
C VAL A 551 -19.50 2.67 29.86
N PRO A 552 -19.76 1.35 30.00
CA PRO A 552 -18.62 0.42 29.95
C PRO A 552 -17.87 0.48 28.63
N LEU A 553 -18.56 0.67 27.51
CA LEU A 553 -17.89 0.72 26.22
C LEU A 553 -17.35 2.10 25.88
N CYS A 554 -17.92 3.15 26.43
CA CYS A 554 -17.40 4.52 26.29
C CYS A 554 -17.19 5.06 27.70
N PRO A 555 -15.96 4.94 28.20
CA PRO A 555 -15.73 5.13 29.65
C PRO A 555 -15.83 6.58 30.08
N ILE A 556 -15.94 6.73 31.40
CA ILE A 556 -16.05 8.05 32.01
C ILE A 556 -14.73 8.83 31.85
N SER A 557 -13.60 8.14 31.97
CA SER A 557 -12.31 8.82 31.89
C SER A 557 -11.96 9.17 30.46
N PHE A 558 -12.39 8.36 29.50
CA PHE A 558 -12.17 8.68 28.10
C PHE A 558 -12.93 9.93 27.71
N ARG A 559 -14.17 10.06 28.17
CA ARG A 559 -14.94 11.27 27.90
C ARG A 559 -14.35 12.46 28.62
N ASP A 560 -13.82 12.25 29.83
CA ASP A 560 -13.16 13.33 30.56
C ASP A 560 -11.92 13.82 29.82
N CYS A 561 -11.12 12.89 29.31
CA CYS A 561 -9.91 13.25 28.56
C CYS A 561 -10.26 13.91 27.24
N ARG A 562 -11.34 13.45 26.59
CA ARG A 562 -11.78 14.07 25.35
C ARG A 562 -12.23 15.50 25.60
N GLY A 563 -13.02 15.72 26.66
CA GLY A 563 -13.42 17.07 27.03
C GLY A 563 -12.26 17.96 27.43
N THR A 564 -11.23 17.37 28.04
CA THR A 564 -10.00 18.11 28.29
C THR A 564 -9.34 18.53 26.98
N GLN A 565 -9.39 17.65 25.97
CA GLN A 565 -8.81 17.97 24.67
C GLN A 565 -9.58 19.09 23.97
N LEU A 566 -10.91 19.10 24.11
CA LEU A 566 -11.71 20.17 23.52
C LEU A 566 -11.41 21.51 24.16
N GLY A 567 -11.43 21.56 25.48
CA GLY A 567 -11.14 22.80 26.16
C GLY A 567 -9.65 23.03 26.26
N LEU A 568 -9.00 23.31 25.12
CA LEU A 568 -7.55 23.47 25.13
C LEU A 568 -7.18 24.86 25.63
N GLY A 569 -7.59 25.90 24.90
CA GLY A 569 -7.26 27.26 25.28
C GLY A 569 -8.41 28.20 25.10
N ARG A 570 -9.62 27.68 25.25
CA ARG A 570 -10.83 28.44 24.98
C ARG A 570 -11.30 29.17 26.23
N HIS A 571 -12.45 29.82 26.12
CA HIS A 571 -12.95 30.66 27.20
C HIS A 571 -13.46 29.81 28.35
N THR A 572 -13.08 30.18 29.57
CA THR A 572 -13.42 29.40 30.75
C THR A 572 -13.98 30.29 31.86
N MET A 573 -14.17 29.70 33.04
CA MET A 573 -14.73 30.39 34.19
C MET A 573 -13.62 30.88 35.12
N THR A 574 -13.71 32.14 35.50
CA THR A 574 -13.06 32.60 36.71
C THR A 574 -13.69 31.89 37.90
N PRO A 575 -12.94 31.58 38.95
CA PRO A 575 -13.53 30.84 40.08
C PRO A 575 -14.59 31.60 40.86
N ALA A 576 -14.66 32.93 40.72
CA ALA A 576 -15.66 33.72 41.44
C ALA A 576 -17.08 33.39 40.97
N THR A 577 -17.28 33.36 39.64
CA THR A 577 -18.61 33.06 39.13
C THR A 577 -19.01 31.62 39.40
N ILE A 578 -18.05 30.70 39.38
CA ILE A 578 -18.43 29.31 39.58
C ILE A 578 -18.71 29.05 41.05
N LYS A 579 -18.00 29.72 41.97
CA LYS A 579 -18.31 29.52 43.38
C LYS A 579 -19.63 30.19 43.75
N ALA A 580 -19.96 31.31 43.09
CA ALA A 580 -21.27 31.90 43.30
C ALA A 580 -22.38 31.02 42.76
N VAL A 581 -22.17 30.39 41.59
CA VAL A 581 -23.30 29.67 41.01
C VAL A 581 -23.45 28.30 41.66
N LYS A 582 -22.37 27.78 42.25
CA LYS A 582 -22.51 26.59 43.10
C LYS A 582 -23.08 26.94 44.45
N ASP A 583 -22.88 28.18 44.91
CA ASP A 583 -23.57 28.61 46.12
C ASP A 583 -25.07 28.70 45.89
N THR A 584 -25.48 29.18 44.71
CA THR A 584 -26.91 29.29 44.43
C THR A 584 -27.52 28.01 43.84
N PHE A 585 -26.71 27.04 43.39
CA PHE A 585 -27.28 25.77 42.94
C PHE A 585 -27.28 24.71 44.04
N GLU A 586 -26.86 25.07 45.24
CA GLU A 586 -27.11 24.14 46.35
C GLU A 586 -28.40 24.56 47.04
N ASP A 587 -28.80 25.80 46.83
CA ASP A 587 -29.65 26.53 47.76
C ASP A 587 -31.07 25.97 47.78
N ARG A 588 -31.37 25.18 48.82
CA ARG A 588 -32.72 24.68 49.05
C ARG A 588 -33.64 25.72 49.67
N ALA A 589 -33.09 26.84 50.15
CA ALA A 589 -33.89 27.93 50.70
C ALA A 589 -34.35 28.91 49.65
N TYR A 590 -34.44 28.47 48.40
CA TYR A 590 -34.90 29.32 47.31
C TYR A 590 -36.41 29.46 47.38
N PRO A 591 -36.93 30.68 47.51
CA PRO A 591 -38.39 30.85 47.55
C PRO A 591 -39.02 30.54 46.21
N THR A 592 -40.30 30.18 46.27
CA THR A 592 -41.08 29.90 45.08
C THR A 592 -41.62 31.15 44.42
N ILE A 593 -41.30 32.33 44.98
CA ILE A 593 -41.69 33.61 44.40
C ILE A 593 -41.09 33.75 43.01
N PHE A 594 -39.80 33.42 42.87
CA PHE A 594 -39.10 33.50 41.60
C PHE A 594 -39.77 32.61 40.55
N TYR A 595 -40.22 31.43 40.96
CA TYR A 595 -40.91 30.53 40.05
C TYR A 595 -42.29 31.08 39.67
N MET A 596 -42.98 31.75 40.60
CA MET A 596 -44.27 32.34 40.28
C MET A 596 -44.12 33.47 39.25
N LEU A 597 -43.13 34.34 39.45
CA LEU A 597 -42.88 35.39 38.46
C LEU A 597 -42.40 34.83 37.13
N GLU A 598 -41.59 33.77 37.15
CA GLU A 598 -41.18 33.15 35.89
C GLU A 598 -42.36 32.50 35.18
N ALA A 599 -43.32 31.97 35.94
CA ALA A 599 -44.51 31.38 35.34
C ALA A 599 -45.41 32.46 34.74
N VAL A 600 -45.58 33.58 35.44
CA VAL A 600 -46.53 34.57 34.93
C VAL A 600 -45.90 35.40 33.80
N ILE A 601 -44.59 35.61 33.82
CA ILE A 601 -43.94 36.28 32.69
C ILE A 601 -43.93 35.35 31.48
N HIS A 602 -43.62 34.06 31.72
CA HIS A 602 -43.61 32.95 30.75
C HIS A 602 -42.90 33.29 29.45
N GLY A 603 -41.76 33.98 29.58
CA GLY A 603 -40.92 34.30 28.45
C GLY A 603 -41.51 35.27 27.44
N ASN A 604 -42.14 36.34 27.91
CA ASN A 604 -42.62 37.40 27.03
C ASN A 604 -41.84 38.67 27.30
N GLU A 605 -41.27 39.24 26.23
CA GLU A 605 -40.54 40.50 26.37
C GLU A 605 -41.49 41.64 26.70
N ARG A 606 -42.75 41.57 26.23
CA ARG A 606 -43.73 42.56 26.63
C ARG A 606 -44.08 42.43 28.11
N ASN A 607 -44.05 41.22 28.65
CA ASN A 607 -44.22 41.06 30.09
C ASN A 607 -43.05 41.66 30.86
N PHE A 608 -41.83 41.47 30.35
CA PHE A 608 -40.66 41.91 31.09
C PHE A 608 -40.48 43.42 31.00
N CYS A 609 -40.87 44.03 29.87
CA CYS A 609 -40.64 45.46 29.68
C CYS A 609 -41.52 46.31 30.58
N ALA A 610 -42.60 45.76 31.12
CA ALA A 610 -43.40 46.45 32.11
C ALA A 610 -42.96 46.13 33.54
N LEU A 611 -42.00 45.22 33.72
CA LEU A 611 -41.57 44.77 35.04
C LEU A 611 -40.07 44.92 35.20
N LEU A 612 -39.53 46.09 34.86
CA LEU A 612 -38.10 46.32 35.09
C LEU A 612 -37.80 46.44 36.58
N ARG A 613 -38.57 47.28 37.27
CA ARG A 613 -38.20 47.75 38.61
C ARG A 613 -38.26 46.64 39.64
N LEU A 614 -39.32 45.84 39.62
CA LEU A 614 -39.47 44.81 40.65
C LEU A 614 -38.44 43.70 40.47
N LEU A 615 -38.05 43.40 39.23
CA LEU A 615 -36.90 42.52 39.00
C LEU A 615 -35.61 43.11 39.54
N THR A 616 -35.41 44.43 39.38
CA THR A 616 -34.19 45.06 39.92
C THR A 616 -34.13 44.94 41.44
N GLN A 617 -35.20 45.32 42.14
CA GLN A 617 -35.19 45.18 43.59
C GLN A 617 -35.21 43.73 44.06
N CYS A 618 -35.77 42.81 43.27
CA CYS A 618 -35.76 41.40 43.65
C CYS A 618 -34.34 40.84 43.61
N ILE A 619 -33.62 41.09 42.50
CA ILE A 619 -32.25 40.60 42.38
C ILE A 619 -31.34 41.30 43.37
N ARG A 620 -31.53 42.62 43.56
CA ARG A 620 -30.72 43.38 44.49
C ARG A 620 -30.93 42.92 45.94
N GLY A 621 -32.17 42.65 46.32
CA GLY A 621 -32.42 42.16 47.67
C GLY A 621 -31.90 40.75 47.88
N TYR A 622 -32.02 39.89 46.88
CA TYR A 622 -31.62 38.51 47.08
C TYR A 622 -30.11 38.34 47.03
N TRP A 623 -29.39 39.20 46.30
CA TRP A 623 -27.95 38.98 46.18
C TRP A 623 -27.20 39.44 47.42
N GLU A 624 -27.27 40.72 47.78
CA GLU A 624 -26.50 41.17 48.93
C GLU A 624 -27.23 40.94 50.25
N GLN A 625 -27.80 39.76 50.40
CA GLN A 625 -28.08 39.14 51.68
C GLN A 625 -27.65 37.69 51.72
N SER A 626 -27.33 37.08 50.58
CA SER A 626 -26.92 35.69 50.50
C SER A 626 -25.74 35.44 49.57
N HIS A 627 -25.34 36.41 48.73
CA HIS A 627 -24.33 36.25 47.69
C HIS A 627 -24.68 35.13 46.71
N ARG A 628 -25.96 35.01 46.39
CA ARG A 628 -26.47 33.98 45.49
C ARG A 628 -27.20 34.68 44.35
N VAL A 629 -26.90 34.29 43.12
CA VAL A 629 -27.61 34.84 41.97
C VAL A 629 -28.94 34.11 41.83
N ALA A 630 -29.96 34.81 41.32
CA ALA A 630 -31.30 34.28 41.20
C ALA A 630 -31.76 34.34 39.75
N PHE A 631 -32.96 33.81 39.52
CA PHE A 631 -33.65 33.82 38.23
C PHE A 631 -32.87 33.10 37.15
N VAL A 632 -32.09 32.09 37.51
CA VAL A 632 -31.19 31.43 36.59
C VAL A 632 -31.71 30.08 36.12
N ASN A 633 -33.03 29.86 36.17
CA ASN A 633 -33.57 28.58 35.74
C ASN A 633 -33.71 28.53 34.22
N ASN A 634 -34.53 29.41 33.66
CA ASN A 634 -34.85 29.29 32.24
C ASN A 634 -33.98 30.21 31.38
N PHE A 635 -33.91 29.87 30.09
CA PHE A 635 -33.09 30.62 29.15
C PHE A 635 -33.71 31.96 28.82
N HIS A 636 -35.03 32.03 28.71
CA HIS A 636 -35.63 33.22 28.12
C HIS A 636 -35.97 34.28 29.15
N MET A 637 -35.08 34.58 30.10
CA MET A 637 -35.12 35.91 30.71
C MET A 637 -33.75 36.49 31.03
N LEU A 638 -32.69 35.69 31.18
CA LEU A 638 -31.38 36.28 31.45
C LEU A 638 -30.78 36.90 30.20
N MET A 639 -31.14 36.37 29.02
CA MET A 639 -30.80 37.06 27.78
C MET A 639 -31.51 38.41 27.70
N TYR A 640 -32.76 38.46 28.20
CA TYR A 640 -33.47 39.73 28.30
C TYR A 640 -32.78 40.65 29.30
N ILE A 641 -32.25 40.07 30.37
CA ILE A 641 -31.50 40.84 31.36
C ILE A 641 -30.25 41.44 30.72
N THR A 642 -29.54 40.66 29.91
CA THR A 642 -28.33 41.17 29.27
C THR A 642 -28.67 42.23 28.22
N THR A 643 -29.78 42.06 27.49
CA THR A 643 -30.12 43.04 26.47
C THR A 643 -30.69 44.31 27.07
N TYR A 644 -31.50 44.19 28.13
CA TYR A 644 -32.20 45.34 28.69
C TYR A 644 -31.51 45.88 29.94
N LEU A 645 -31.31 45.03 30.95
CA LEU A 645 -30.74 45.46 32.22
C LEU A 645 -29.22 45.32 32.22
N GLY A 646 -28.60 45.88 31.19
CA GLY A 646 -27.17 45.78 31.03
C GLY A 646 -26.47 47.13 31.13
N ASN A 647 -27.23 48.17 31.47
CA ASN A 647 -26.66 49.50 31.53
C ASN A 647 -25.83 49.72 32.79
N GLY A 648 -25.93 48.84 33.77
CA GLY A 648 -25.18 49.00 35.00
C GLY A 648 -26.08 49.33 36.18
N GLU A 649 -27.37 49.09 36.01
CA GLU A 649 -28.33 49.33 37.08
C GLU A 649 -28.13 48.33 38.21
N LEU A 650 -27.81 47.08 37.86
CA LEU A 650 -27.50 46.05 38.84
C LEU A 650 -26.10 46.27 39.39
N PRO A 651 -25.75 45.58 40.49
CA PRO A 651 -24.34 45.51 40.87
C PRO A 651 -23.50 44.87 39.78
N GLU A 652 -22.27 45.39 39.64
CA GLU A 652 -21.39 45.05 38.53
C GLU A 652 -20.99 43.59 38.52
N VAL A 653 -20.89 42.97 39.69
CA VAL A 653 -20.53 41.55 39.76
C VAL A 653 -21.63 40.69 39.14
N CYS A 654 -22.90 41.05 39.35
CA CYS A 654 -23.99 40.21 38.87
C CYS A 654 -24.12 40.28 37.35
N ILE A 655 -24.01 41.49 36.78
CA ILE A 655 -24.02 41.61 35.33
C ILE A 655 -22.75 41.01 34.73
N ASN A 656 -21.67 40.95 35.50
CA ASN A 656 -20.51 40.18 35.04
C ASN A 656 -20.80 38.68 35.01
N ILE A 657 -21.58 38.17 35.98
CA ILE A 657 -21.97 36.76 35.95
C ILE A 657 -22.80 36.47 34.71
N TYR A 658 -23.77 37.36 34.43
CA TYR A 658 -24.59 37.14 33.24
C TYR A 658 -23.78 37.32 31.96
N ARG A 659 -22.82 38.24 31.98
CA ARG A 659 -21.98 38.50 30.80
C ARG A 659 -21.11 37.31 30.47
N ASP A 660 -20.41 36.75 31.46
CA ASP A 660 -19.57 35.61 31.10
C ASP A 660 -20.35 34.31 31.00
N LEU A 661 -21.58 34.25 31.52
CA LEU A 661 -22.46 33.14 31.18
C LEU A 661 -22.82 33.16 29.69
N LEU A 662 -23.20 34.34 29.19
CA LEU A 662 -23.49 34.48 27.76
C LEU A 662 -22.23 34.28 26.94
N GLN A 663 -21.07 34.67 27.47
CA GLN A 663 -19.81 34.46 26.78
C GLN A 663 -19.47 32.98 26.68
N HIS A 664 -19.75 32.21 27.75
CA HIS A 664 -19.57 30.77 27.69
C HIS A 664 -20.51 30.14 26.69
N VAL A 665 -21.75 30.62 26.63
CA VAL A 665 -22.73 30.10 25.67
C VAL A 665 -22.28 30.36 24.24
N ARG A 666 -21.81 31.58 23.97
CA ARG A 666 -21.31 31.89 22.62
C ARG A 666 -20.00 31.17 22.33
N ALA A 667 -19.21 30.87 23.37
CA ALA A 667 -18.02 30.05 23.19
C ALA A 667 -18.41 28.63 22.80
N LEU A 668 -19.50 28.11 23.37
CA LEU A 668 -20.02 26.81 22.97
C LEU A 668 -20.44 26.83 21.51
N ARG A 669 -21.08 27.93 21.10
CA ARG A 669 -21.50 28.08 19.71
C ARG A 669 -20.28 28.12 18.80
N GLN A 670 -19.22 28.80 19.24
CA GLN A 670 -18.00 28.90 18.45
C GLN A 670 -17.30 27.54 18.32
N THR A 671 -17.29 26.76 19.41
CA THR A 671 -16.72 25.42 19.36
C THR A 671 -17.49 24.53 18.40
N ILE A 672 -18.81 24.66 18.39
CA ILE A 672 -19.57 23.75 17.54
C ILE A 672 -19.51 24.23 16.10
N THR A 673 -19.16 25.51 15.88
CA THR A 673 -18.81 25.94 14.53
C THR A 673 -17.46 25.38 14.10
N ASP A 674 -16.51 25.30 15.04
CA ASP A 674 -15.11 25.13 14.66
C ASP A 674 -14.87 23.75 14.04
N PHE A 675 -15.49 22.72 14.60
CA PHE A 675 -15.20 21.35 14.22
C PHE A 675 -16.08 20.81 13.11
N THR A 676 -16.81 21.68 12.42
CA THR A 676 -17.46 21.29 11.17
C THR A 676 -16.72 21.92 10.00
N ILE A 677 -17.03 21.45 8.80
CA ILE A 677 -16.56 22.06 7.57
C ILE A 677 -17.77 22.54 6.78
N GLN A 678 -17.74 23.80 6.36
CA GLN A 678 -18.86 24.47 5.75
C GLN A 678 -18.76 24.41 4.23
N GLY A 679 -19.91 24.24 3.58
CA GLY A 679 -19.95 24.30 2.13
C GLY A 679 -20.72 23.17 1.48
N GLU A 680 -21.40 22.35 2.27
CA GLU A 680 -22.16 21.22 1.74
C GLU A 680 -23.56 21.23 2.32
N GLY A 681 -24.53 20.93 1.47
CA GLY A 681 -25.91 20.84 1.91
C GLY A 681 -26.66 19.76 1.15
N HIS A 682 -27.35 18.90 1.87
CA HIS A 682 -28.07 17.79 1.25
C HIS A 682 -29.53 17.85 1.65
N ASN A 683 -30.40 17.88 0.63
CA ASN A 683 -31.86 17.94 0.78
C ASN A 683 -32.31 19.13 1.59
N GLY A 684 -31.65 20.28 1.40
CA GLY A 684 -32.00 21.47 2.13
C GLY A 684 -31.56 21.50 3.58
N GLU A 685 -30.59 20.68 3.97
CA GLU A 685 -30.09 20.65 5.33
C GLU A 685 -28.73 21.32 5.39
N THR A 686 -28.57 22.26 6.32
CA THR A 686 -27.29 22.91 6.51
C THR A 686 -26.28 21.93 7.09
N SER A 687 -24.99 22.22 6.84
CA SER A 687 -23.91 21.36 7.32
C SER A 687 -23.86 21.30 8.84
N GLU A 688 -24.12 22.43 9.49
CA GLU A 688 -24.18 22.47 10.95
C GLU A 688 -25.29 21.58 11.48
N ALA A 689 -26.46 21.61 10.83
CA ALA A 689 -27.58 20.81 11.32
C ALA A 689 -27.36 19.32 11.10
N LEU A 690 -26.79 18.93 9.97
CA LEU A 690 -26.58 17.51 9.71
C LEU A 690 -25.31 16.97 10.35
N ASN A 691 -24.43 17.84 10.82
CA ASN A 691 -23.27 17.36 11.56
C ASN A 691 -23.58 17.09 13.02
N ASN A 692 -24.46 17.89 13.62
CA ASN A 692 -24.54 17.97 15.06
C ASN A 692 -25.98 18.14 15.51
N ILE A 693 -26.21 17.82 16.78
CA ILE A 693 -27.55 17.62 17.32
C ILE A 693 -28.16 18.90 17.84
N LEU A 694 -27.36 19.70 18.57
CA LEU A 694 -27.83 20.97 19.10
C LEU A 694 -28.17 21.96 17.99
N THR A 695 -27.49 21.88 16.85
CA THR A 695 -27.82 22.73 15.72
C THR A 695 -29.08 22.29 15.00
N ASP A 696 -29.49 21.02 15.13
CA ASP A 696 -30.65 20.52 14.41
C ASP A 696 -31.93 21.10 14.99
N ASP A 697 -32.78 21.63 14.11
CA ASP A 697 -34.03 22.21 14.53
C ASP A 697 -35.12 21.17 14.77
N THR A 698 -34.89 19.92 14.38
CA THR A 698 -35.90 18.89 14.56
C THR A 698 -36.09 18.55 16.04
N PHE A 699 -34.99 18.35 16.75
CA PHE A 699 -35.05 18.05 18.17
C PHE A 699 -35.14 19.36 18.95
N ILE A 700 -36.01 19.36 19.97
CA ILE A 700 -36.52 20.58 20.57
C ILE A 700 -36.10 20.63 22.04
N ALA A 701 -35.73 21.82 22.51
CA ALA A 701 -35.50 22.07 23.92
C ALA A 701 -36.77 21.78 24.72
N PRO A 702 -36.65 21.24 25.94
CA PRO A 702 -37.84 20.69 26.61
C PRO A 702 -38.81 21.72 27.15
N ILE A 703 -38.35 22.83 27.72
CA ILE A 703 -39.25 23.90 28.14
C ILE A 703 -39.39 24.87 26.98
N LEU A 704 -40.63 25.08 26.55
CA LEU A 704 -40.91 25.89 25.36
C LEU A 704 -41.84 27.03 25.75
N TRP A 705 -41.45 28.26 25.41
CA TRP A 705 -42.24 29.43 25.76
C TRP A 705 -43.01 30.03 24.59
N ASP A 706 -42.38 30.17 23.44
CA ASP A 706 -43.04 30.66 22.24
C ASP A 706 -43.00 29.58 21.18
N CYS A 707 -43.92 29.65 20.22
CA CYS A 707 -44.06 28.59 19.23
C CYS A 707 -43.05 28.70 18.08
N ASP A 708 -42.02 29.55 18.22
CA ASP A 708 -41.04 29.77 17.17
C ASP A 708 -40.23 28.53 16.86
N ALA A 709 -39.84 27.77 17.89
CA ALA A 709 -39.02 26.58 17.68
C ALA A 709 -39.78 25.52 16.89
N LEU A 710 -41.08 25.39 17.14
CA LEU A 710 -41.92 24.50 16.35
C LEU A 710 -42.02 24.96 14.90
N ILE A 711 -42.09 26.27 14.67
CA ILE A 711 -42.13 26.81 13.31
C ILE A 711 -40.85 26.47 12.56
N TYR A 712 -39.71 26.71 13.20
CA TYR A 712 -38.43 26.38 12.58
C TYR A 712 -38.26 24.88 12.41
N ARG A 713 -38.84 24.09 13.31
CA ARG A 713 -38.77 22.64 13.19
C ARG A 713 -39.55 22.14 11.98
N ASP A 714 -40.81 22.56 11.84
CA ASP A 714 -41.60 21.99 10.76
C ASP A 714 -41.42 22.72 9.43
N GLU A 715 -40.66 23.82 9.39
CA GLU A 715 -40.16 24.27 8.10
C GLU A 715 -38.78 23.71 7.80
N ALA A 716 -38.06 23.25 8.83
CA ALA A 716 -36.66 22.88 8.65
C ALA A 716 -36.51 21.56 7.89
N ALA A 717 -37.32 20.55 8.24
CA ALA A 717 -37.04 19.21 7.74
C ALA A 717 -37.52 19.04 6.30
N ARG A 718 -38.84 19.07 6.09
CA ARG A 718 -39.55 19.09 4.80
C ARG A 718 -39.37 17.80 3.99
N ASP A 719 -38.53 16.89 4.45
CA ASP A 719 -38.25 15.59 3.85
C ASP A 719 -38.43 14.47 4.86
N ARG A 720 -38.12 14.72 6.13
CA ARG A 720 -38.51 13.81 7.19
C ARG A 720 -40.03 13.85 7.32
N LEU A 721 -40.60 12.78 7.88
CA LEU A 721 -42.03 12.77 8.11
C LEU A 721 -42.32 13.29 9.51
N PRO A 722 -42.88 14.48 9.66
CA PRO A 722 -43.12 15.03 10.99
C PRO A 722 -44.49 14.68 11.54
N ALA A 723 -44.51 14.26 12.79
CA ALA A 723 -45.77 13.97 13.47
C ALA A 723 -45.77 14.68 14.80
N ILE A 724 -46.84 15.44 15.05
CA ILE A 724 -46.99 16.20 16.27
C ILE A 724 -48.26 15.72 16.98
N ARG A 725 -48.17 15.56 18.29
CA ARG A 725 -49.31 15.21 19.13
C ARG A 725 -49.37 16.20 20.28
N VAL A 726 -50.40 17.05 20.28
CA VAL A 726 -50.60 18.03 21.34
C VAL A 726 -51.89 17.66 22.04
N SER A 727 -51.75 16.82 23.09
CA SER A 727 -52.83 16.41 24.00
C SER A 727 -54.02 15.82 23.23
N GLY A 728 -53.77 14.68 22.61
CA GLY A 728 -54.80 14.07 21.79
C GLY A 728 -54.53 14.18 20.30
N ARG A 729 -55.24 15.08 19.63
CA ARG A 729 -55.22 15.16 18.18
C ARG A 729 -53.87 15.71 17.69
N ASN A 730 -53.70 15.69 16.37
CA ASN A 730 -52.48 16.14 15.73
C ASN A 730 -52.64 17.58 15.26
N GLY A 731 -51.55 18.33 15.27
CA GLY A 731 -51.57 19.70 14.81
C GLY A 731 -51.68 20.69 15.96
N TYR A 732 -51.17 21.89 15.75
CA TYR A 732 -51.16 22.95 16.74
C TYR A 732 -52.06 24.08 16.29
N GLN A 733 -52.39 24.97 17.24
CA GLN A 733 -53.22 26.13 16.95
C GLN A 733 -52.49 27.44 17.17
N ALA A 734 -51.87 27.61 18.36
CA ALA A 734 -51.06 28.78 18.74
C ALA A 734 -51.86 30.07 18.64
N LEU A 735 -52.92 30.15 19.43
CA LEU A 735 -53.82 31.30 19.43
C LEU A 735 -53.31 32.31 20.45
N HIS A 736 -52.78 33.43 19.97
CA HIS A 736 -52.13 34.40 20.84
C HIS A 736 -53.14 35.44 21.33
N PHE A 737 -52.66 36.30 22.23
CA PHE A 737 -53.40 37.40 22.85
C PHE A 737 -54.66 36.90 23.56
N VAL A 738 -54.41 36.10 24.60
CA VAL A 738 -55.48 35.60 25.45
C VAL A 738 -55.73 36.58 26.59
N ASP A 739 -57.00 36.78 26.92
CA ASP A 739 -57.43 37.91 27.75
C ASP A 739 -58.29 37.46 28.93
N MET A 740 -58.91 38.43 29.59
CA MET A 740 -59.77 38.17 30.74
C MET A 740 -61.02 37.38 30.36
N ALA A 741 -61.65 37.74 29.25
CA ALA A 741 -62.93 37.14 28.90
C ALA A 741 -62.77 35.70 28.45
N GLY A 742 -61.64 35.38 27.83
CA GLY A 742 -61.43 34.03 27.34
C GLY A 742 -60.22 33.36 27.96
N HIS A 743 -60.04 33.51 29.28
CA HIS A 743 -58.88 32.88 29.93
C HIS A 743 -58.99 31.36 29.90
N ASN A 744 -60.14 30.82 30.32
CA ASN A 744 -60.56 29.44 30.08
C ASN A 744 -59.56 28.42 30.63
N PHE A 745 -59.48 28.39 31.97
CA PHE A 745 -58.51 27.55 32.66
C PHE A 745 -58.69 26.07 32.35
N GLN A 746 -59.93 25.60 32.20
CA GLN A 746 -60.19 24.21 31.87
C GLN A 746 -60.44 24.04 30.37
N ARG A 747 -59.46 24.46 29.58
CA ARG A 747 -59.51 24.27 28.13
C ARG A 747 -58.74 23.01 27.76
N ARG A 748 -59.35 22.20 26.90
CA ARG A 748 -58.86 20.84 26.66
C ARG A 748 -58.35 20.57 25.26
N ASP A 749 -58.41 21.53 24.34
CA ASP A 749 -57.93 21.26 22.99
C ASP A 749 -56.46 21.63 22.88
N ASN A 750 -55.95 21.68 21.65
CA ASN A 750 -54.52 21.87 21.39
C ASN A 750 -54.16 23.33 21.14
N VAL A 751 -54.88 24.25 21.77
CA VAL A 751 -54.64 25.67 21.55
C VAL A 751 -53.44 26.10 22.38
N LEU A 752 -52.46 26.71 21.74
CA LEU A 752 -51.30 27.27 22.41
C LEU A 752 -51.40 28.79 22.46
N ILE A 753 -50.54 29.39 23.28
CA ILE A 753 -50.48 30.84 23.44
C ILE A 753 -49.12 31.29 22.92
N HIS A 754 -49.10 31.91 21.73
CA HIS A 754 -47.85 32.32 21.12
C HIS A 754 -47.25 33.53 21.83
N GLY A 755 -48.07 34.41 22.36
CA GLY A 755 -47.61 35.60 23.02
C GLY A 755 -47.80 36.84 22.17
N ARG A 756 -47.46 37.98 22.76
CA ARG A 756 -47.65 39.27 22.12
C ARG A 756 -46.33 39.81 21.59
N PRO A 757 -46.17 39.99 20.28
CA PRO A 757 -44.96 40.66 19.78
C PRO A 757 -44.93 42.12 20.18
N VAL A 758 -43.71 42.65 20.30
CA VAL A 758 -43.53 44.01 20.80
C VAL A 758 -43.78 45.01 19.68
N ARG A 759 -42.95 44.95 18.64
CA ARG A 759 -43.04 45.91 17.54
C ARG A 759 -43.87 45.32 16.41
N GLY A 760 -45.16 45.21 16.68
CA GLY A 760 -46.08 44.67 15.69
C GLY A 760 -47.50 44.75 16.20
N ASP A 761 -48.43 44.27 15.38
CA ASP A 761 -49.85 44.25 15.71
C ASP A 761 -50.30 42.81 15.92
N THR A 762 -51.11 42.61 16.96
CA THR A 762 -51.56 41.27 17.30
C THR A 762 -52.61 40.78 16.31
N GLY A 763 -53.75 41.47 16.26
CA GLY A 763 -54.82 41.11 15.35
C GLY A 763 -55.48 39.79 15.68
N GLN A 764 -56.24 39.30 14.72
CA GLN A 764 -56.84 37.98 14.81
C GLN A 764 -56.50 37.09 13.62
N ALA A 765 -56.51 37.63 12.41
CA ALA A 765 -56.14 36.87 11.23
C ALA A 765 -54.67 37.00 10.89
N ILE A 766 -53.90 37.72 11.70
CA ILE A 766 -52.46 37.88 11.46
C ILE A 766 -51.76 36.57 11.76
N PRO A 767 -50.97 36.03 10.83
CA PRO A 767 -50.32 34.73 11.06
C PRO A 767 -49.21 34.82 12.10
N ILE A 768 -48.84 33.65 12.62
CA ILE A 768 -47.87 33.55 13.69
C ILE A 768 -46.48 33.80 13.13
N THR A 769 -45.77 34.77 13.73
CA THR A 769 -44.45 35.18 13.31
C THR A 769 -43.39 34.75 14.33
N PRO A 770 -42.15 34.55 13.90
CA PRO A 770 -41.06 34.29 14.84
C PRO A 770 -40.82 35.48 15.77
N HIS A 771 -40.93 35.22 17.08
CA HIS A 771 -40.54 36.24 18.05
C HIS A 771 -39.03 36.43 18.07
N HIS A 772 -38.27 35.34 17.99
CA HIS A 772 -36.82 35.39 18.06
C HIS A 772 -36.22 34.90 16.75
N ASP A 773 -34.91 34.75 16.76
CA ASP A 773 -34.16 34.37 15.58
C ASP A 773 -33.93 32.86 15.59
N ARG A 774 -33.42 32.33 14.47
CA ARG A 774 -33.13 30.91 14.35
C ARG A 774 -32.02 30.47 15.29
N GLU A 775 -31.00 31.30 15.47
CA GLU A 775 -29.92 30.99 16.40
C GLU A 775 -30.33 31.06 17.86
N TRP A 776 -31.42 31.78 18.16
CA TRP A 776 -31.91 31.88 19.53
C TRP A 776 -32.38 30.53 20.07
N GLY A 777 -33.06 29.75 19.24
CA GLY A 777 -33.48 28.42 19.66
C GLY A 777 -32.32 27.48 19.89
N ILE A 778 -31.28 27.62 19.08
CA ILE A 778 -30.08 26.81 19.28
C ILE A 778 -29.37 27.20 20.56
N LEU A 779 -29.35 28.50 20.88
CA LEU A 779 -28.75 28.92 22.15
C LEU A 779 -29.56 28.43 23.34
N SER A 780 -30.89 28.42 23.19
CA SER A 780 -31.75 27.84 24.24
C SER A 780 -31.46 26.37 24.43
N LYS A 781 -31.28 25.64 23.32
CA LYS A 781 -31.00 24.21 23.38
C LYS A 781 -29.66 23.94 24.07
N ILE A 782 -28.63 24.73 23.72
CA ILE A 782 -27.33 24.46 24.32
C ILE A 782 -27.31 24.89 25.78
N TYR A 783 -28.10 25.90 26.14
CA TYR A 783 -28.23 26.28 27.54
C TYR A 783 -28.85 25.13 28.33
N TYR A 784 -30.05 24.71 27.91
CA TYR A 784 -30.80 23.64 28.57
C TYR A 784 -30.10 22.29 28.53
N TYR A 785 -29.19 22.06 27.60
CA TYR A 785 -28.57 20.74 27.50
C TYR A 785 -27.08 20.72 27.79
N ILE A 786 -26.48 21.85 28.14
CA ILE A 786 -25.12 21.79 28.68
C ILE A 786 -25.04 22.47 30.04
N VAL A 787 -25.43 23.74 30.13
CA VAL A 787 -25.01 24.44 31.34
C VAL A 787 -25.95 24.10 32.51
N ILE A 788 -27.18 23.72 32.21
CA ILE A 788 -28.10 23.26 33.24
C ILE A 788 -27.77 21.83 33.70
N PRO A 789 -27.54 20.83 32.82
CA PRO A 789 -27.18 19.50 33.37
C PRO A 789 -25.82 19.45 34.04
N ALA A 790 -24.81 20.12 33.50
CA ALA A 790 -23.46 20.02 34.05
C ALA A 790 -23.34 20.71 35.39
N PHE A 791 -24.29 21.58 35.72
CA PHE A 791 -24.31 22.22 37.03
C PHE A 791 -25.36 21.66 37.97
N SER A 792 -26.42 21.03 37.44
CA SER A 792 -27.49 20.56 38.30
C SER A 792 -27.09 19.31 39.06
N ARG A 793 -26.14 18.54 38.51
CA ARG A 793 -25.72 17.23 39.05
C ARG A 793 -26.90 16.27 39.19
N GLY A 794 -27.78 16.27 38.19
CA GLY A 794 -28.90 15.36 38.18
C GLY A 794 -29.97 15.64 39.21
N SER A 795 -30.05 16.88 39.70
CA SER A 795 -31.05 17.24 40.70
C SER A 795 -32.26 17.95 40.11
N CYS A 796 -32.11 18.62 38.97
CA CYS A 796 -33.21 19.34 38.38
C CYS A 796 -34.16 18.38 37.66
N CYS A 797 -35.40 18.82 37.50
CA CYS A 797 -36.43 17.95 36.95
C CYS A 797 -37.54 18.83 36.37
N THR A 798 -38.21 18.32 35.33
CA THR A 798 -39.21 19.08 34.60
C THR A 798 -40.60 18.88 35.18
N MET A 799 -41.32 19.98 35.38
CA MET A 799 -42.61 19.96 36.07
C MET A 799 -43.59 20.92 35.42
N GLY A 800 -44.88 20.69 35.70
CA GLY A 800 -45.95 21.55 35.25
C GLY A 800 -46.54 22.32 36.41
N VAL A 801 -47.35 23.32 36.07
CA VAL A 801 -47.89 24.26 37.05
C VAL A 801 -49.39 24.40 36.83
N ARG A 802 -50.12 24.67 37.93
CA ARG A 802 -51.53 25.03 37.85
C ARG A 802 -51.62 26.56 37.92
N TYR A 803 -52.00 27.18 36.81
CA TYR A 803 -52.20 28.62 36.79
C TYR A 803 -53.48 29.03 37.51
N ASP A 804 -54.50 28.16 37.51
CA ASP A 804 -55.79 28.47 38.11
C ASP A 804 -55.74 28.49 39.63
N ARG A 805 -54.65 28.03 40.24
CA ARG A 805 -54.46 28.18 41.68
C ARG A 805 -53.66 29.43 42.03
N LEU A 806 -52.58 29.69 41.30
CA LEU A 806 -51.73 30.84 41.60
C LEU A 806 -52.37 32.16 41.21
N TYR A 807 -53.10 32.18 40.10
CA TYR A 807 -53.63 33.43 39.58
C TYR A 807 -54.70 34.09 40.45
N PRO A 808 -55.65 33.39 41.09
CA PRO A 808 -56.46 34.06 42.12
C PRO A 808 -55.65 34.58 43.29
N ALA A 809 -54.58 33.89 43.68
CA ALA A 809 -53.74 34.37 44.76
C ALA A 809 -52.79 35.47 44.32
N LEU A 810 -52.69 35.72 43.02
CA LEU A 810 -51.70 36.68 42.53
C LEU A 810 -52.10 38.12 42.82
N GLN A 811 -53.39 38.44 42.69
CA GLN A 811 -53.84 39.81 42.74
C GLN A 811 -53.90 40.39 44.14
N ALA A 812 -53.52 39.63 45.16
CA ALA A 812 -53.60 40.09 46.55
C ALA A 812 -52.49 41.10 46.82
N VAL A 813 -52.72 42.34 46.39
CA VAL A 813 -51.78 43.44 46.61
C VAL A 813 -52.32 44.32 47.73
N ILE A 814 -51.44 44.66 48.67
CA ILE A 814 -51.84 45.36 49.89
C ILE A 814 -51.14 46.73 49.86
N VAL A 815 -51.01 47.29 48.66
CA VAL A 815 -50.45 48.64 48.54
C VAL A 815 -51.38 49.64 49.20
N PRO A 816 -50.87 50.59 49.99
CA PRO A 816 -51.77 51.53 50.66
C PRO A 816 -52.07 52.77 49.82
N GLU A 817 -52.91 53.64 50.36
CA GLU A 817 -53.29 54.89 49.70
C GLU A 817 -52.32 55.96 50.19
N ILE A 818 -51.25 56.16 49.44
CA ILE A 818 -50.26 57.20 49.77
C ILE A 818 -50.87 58.57 49.49
N PRO A 819 -50.68 59.56 50.37
CA PRO A 819 -51.16 60.91 50.07
C PRO A 819 -50.39 61.52 48.91
N ALA A 820 -51.06 62.43 48.21
CA ALA A 820 -50.44 63.11 47.07
C ALA A 820 -49.38 64.09 47.53
N ASP A 821 -48.40 64.34 46.65
CA ASP A 821 -47.21 65.16 46.91
C ASP A 821 -46.45 64.68 48.14
N GLU A 822 -46.31 63.36 48.28
CA GLU A 822 -45.61 62.75 49.39
C GLU A 822 -44.61 61.73 48.86
N GLU A 823 -43.55 61.52 49.64
CA GLU A 823 -42.50 60.58 49.25
C GLU A 823 -42.99 59.14 49.36
N ALA A 824 -42.55 58.31 48.42
CA ALA A 824 -42.92 56.90 48.44
C ALA A 824 -42.12 56.18 49.53
N PRO A 825 -42.76 55.39 50.38
CA PRO A 825 -42.03 54.70 51.46
C PRO A 825 -41.14 53.60 50.91
N THR A 826 -39.89 53.58 51.36
CA THR A 826 -38.89 52.63 50.92
C THR A 826 -38.46 51.67 52.01
N THR A 827 -38.09 52.19 53.18
CA THR A 827 -37.70 51.33 54.28
C THR A 827 -38.93 50.60 54.84
N PRO A 828 -38.79 49.36 55.29
CA PRO A 828 -39.95 48.62 55.78
C PRO A 828 -40.25 48.86 57.25
N GLU A 829 -39.70 49.94 57.82
CA GLU A 829 -39.93 50.25 59.23
C GLU A 829 -41.17 51.13 59.44
N ASP A 830 -41.56 51.95 58.43
CA ASP A 830 -42.74 52.79 58.63
C ASP A 830 -44.01 52.01 58.29
N PRO A 831 -45.13 52.32 58.96
CA PRO A 831 -46.40 51.66 58.61
C PRO A 831 -46.94 52.02 57.23
N ARG A 832 -46.45 53.10 56.61
CA ARG A 832 -46.84 53.42 55.25
C ARG A 832 -46.24 52.46 54.23
N HIS A 833 -45.20 51.71 54.62
CA HIS A 833 -44.65 50.70 53.73
C HIS A 833 -45.63 49.54 53.58
N PRO A 834 -45.82 49.03 52.35
CA PRO A 834 -46.76 47.91 52.15
C PRO A 834 -46.31 46.61 52.79
N LEU A 835 -45.03 46.45 53.07
CA LEU A 835 -44.52 45.27 53.74
C LEU A 835 -44.42 45.44 55.25
N HIS A 836 -44.94 46.55 55.78
CA HIS A 836 -44.98 46.70 57.23
C HIS A 836 -46.02 45.75 57.83
N ALA A 837 -45.79 45.41 59.10
CA ALA A 837 -46.59 44.38 59.77
C ALA A 837 -48.03 44.80 59.96
N HIS A 838 -48.29 46.11 60.03
CA HIS A 838 -49.67 46.58 60.05
C HIS A 838 -50.35 46.36 58.72
N GLN A 839 -49.57 46.30 57.63
CA GLN A 839 -50.09 46.07 56.29
C GLN A 839 -49.83 44.65 55.79
N LEU A 840 -49.43 43.74 56.68
CA LEU A 840 -49.23 42.33 56.34
C LEU A 840 -50.46 41.56 56.80
N VAL A 841 -51.33 41.20 55.84
CA VAL A 841 -52.47 40.35 56.11
C VAL A 841 -52.08 38.93 55.75
N PRO A 842 -52.53 37.92 56.48
CA PRO A 842 -52.32 36.53 56.05
C PRO A 842 -53.06 36.23 54.76
N ASN A 843 -52.52 35.23 54.04
CA ASN A 843 -53.03 34.76 52.75
C ASN A 843 -53.06 35.90 51.72
N SER A 844 -51.87 36.40 51.42
CA SER A 844 -51.69 37.46 50.42
C SER A 844 -50.27 37.37 49.88
N LEU A 845 -49.94 38.27 48.96
CA LEU A 845 -48.61 38.27 48.37
C LEU A 845 -47.56 38.84 49.31
N ASN A 846 -47.97 39.75 50.20
CA ASN A 846 -47.02 40.44 51.05
C ASN A 846 -46.42 39.53 52.12
N VAL A 847 -47.22 38.62 52.67
CA VAL A 847 -46.66 37.66 53.62
C VAL A 847 -45.72 36.69 52.91
N TYR A 848 -45.96 36.40 51.63
CA TYR A 848 -45.04 35.57 50.87
C TYR A 848 -43.72 36.29 50.63
N PHE A 849 -43.78 37.60 50.37
CA PHE A 849 -42.56 38.38 50.25
C PHE A 849 -41.82 38.50 51.58
N HIS A 850 -42.55 38.58 52.70
CA HIS A 850 -41.91 38.56 54.00
C HIS A 850 -41.28 37.21 54.32
N ASN A 851 -41.88 36.12 53.83
CA ASN A 851 -41.20 34.82 53.89
C ASN A 851 -39.96 34.80 53.03
N ALA A 852 -40.02 35.44 51.86
CA ALA A 852 -38.82 35.63 51.04
C ALA A 852 -37.89 36.70 51.60
N HIS A 853 -38.39 37.52 52.55
CA HIS A 853 -37.63 38.60 53.20
C HIS A 853 -37.10 39.61 52.19
N LEU A 854 -37.91 39.92 51.19
CA LEU A 854 -37.59 40.99 50.26
C LEU A 854 -38.23 42.29 50.71
N THR A 855 -37.68 43.40 50.21
CA THR A 855 -38.25 44.72 50.41
C THR A 855 -38.54 45.34 49.04
N VAL A 856 -39.81 45.67 48.81
CA VAL A 856 -40.24 46.23 47.52
C VAL A 856 -40.92 47.56 47.79
N ASP A 857 -41.34 48.20 46.69
CA ASP A 857 -42.04 49.48 46.74
C ASP A 857 -43.46 49.32 46.22
N GLY A 858 -44.25 50.39 46.39
CA GLY A 858 -45.65 50.33 46.03
C GLY A 858 -45.89 50.26 44.53
N ASP A 859 -45.09 50.98 43.75
CA ASP A 859 -45.26 50.95 42.30
C ASP A 859 -44.89 49.60 41.73
N ALA A 860 -43.91 48.92 42.33
CA ALA A 860 -43.57 47.56 41.91
C ALA A 860 -44.73 46.61 42.14
N LEU A 861 -45.49 46.82 43.21
CA LEU A 861 -46.69 46.03 43.43
C LEU A 861 -47.82 46.44 42.49
N LEU A 862 -47.87 47.71 42.12
CA LEU A 862 -48.93 48.19 41.23
C LEU A 862 -48.71 47.81 39.77
N THR A 863 -47.47 47.49 39.38
CA THR A 863 -47.24 47.00 38.02
C THR A 863 -47.78 45.59 37.79
N LEU A 864 -48.22 44.89 38.84
CA LEU A 864 -48.91 43.61 38.68
C LEU A 864 -50.21 43.77 37.90
N GLN A 865 -50.81 44.96 37.93
CA GLN A 865 -52.08 45.17 37.24
C GLN A 865 -51.90 45.16 35.73
N GLU A 866 -50.86 45.80 35.21
CA GLU A 866 -50.61 45.68 33.78
C GLU A 866 -49.75 44.47 33.44
N LEU A 867 -49.23 43.76 34.44
CA LEU A 867 -48.81 42.39 34.19
C LEU A 867 -50.00 41.49 33.88
N MET A 868 -51.13 41.75 34.55
CA MET A 868 -52.31 40.89 34.47
C MET A 868 -52.93 40.88 33.08
N GLY A 869 -52.67 41.90 32.26
CA GLY A 869 -53.32 42.00 30.95
C GLY A 869 -52.92 40.90 29.98
N ASP A 870 -51.68 40.43 30.07
CA ASP A 870 -51.25 39.27 29.31
C ASP A 870 -51.31 38.05 30.21
N MET A 871 -51.63 36.91 29.61
CA MET A 871 -52.09 35.74 30.36
C MET A 871 -51.34 34.49 29.93
N ALA A 872 -51.11 33.60 30.88
CA ALA A 872 -50.58 32.26 30.62
C ALA A 872 -51.66 31.25 30.99
N GLU A 873 -52.09 30.46 30.02
CA GLU A 873 -53.31 29.68 30.22
C GLU A 873 -53.03 28.41 31.02
N ARG A 874 -52.28 27.49 30.43
CA ARG A 874 -51.97 26.22 31.08
C ARG A 874 -50.78 25.58 30.37
N THR A 875 -49.99 24.85 31.13
CA THR A 875 -48.89 24.08 30.56
C THR A 875 -49.44 22.86 29.84
N THR A 876 -48.71 22.40 28.83
CA THR A 876 -49.18 21.26 28.07
C THR A 876 -47.99 20.47 27.55
N ALA A 877 -48.27 19.23 27.13
CA ALA A 877 -47.26 18.29 26.69
C ALA A 877 -47.40 18.03 25.20
N ILE A 878 -46.28 18.07 24.49
CA ILE A 878 -46.27 17.92 23.03
C ILE A 878 -45.26 16.83 22.68
N LEU A 879 -45.70 15.83 21.93
CA LEU A 879 -44.81 14.79 21.45
C LEU A 879 -44.52 15.03 19.97
N VAL A 880 -43.25 15.08 19.62
CA VAL A 880 -42.82 15.25 18.23
C VAL A 880 -42.01 14.04 17.81
N SER A 881 -42.35 13.49 16.66
CA SER A 881 -41.62 12.37 16.11
C SER A 881 -41.26 12.68 14.67
N SER A 882 -40.13 12.15 14.24
CA SER A 882 -39.62 12.45 12.91
C SER A 882 -38.84 11.28 12.37
N ALA A 883 -38.61 11.32 11.06
CA ALA A 883 -37.69 10.41 10.41
C ALA A 883 -36.26 10.73 10.83
N PRO A 884 -35.33 9.80 10.66
CA PRO A 884 -33.92 10.14 10.85
C PRO A 884 -33.41 11.09 9.79
N ASP A 885 -32.19 11.57 10.00
CA ASP A 885 -31.56 12.48 9.06
C ASP A 885 -31.26 11.78 7.74
N ALA A 886 -31.21 12.58 6.68
CA ALA A 886 -30.97 12.07 5.33
C ALA A 886 -29.57 11.49 5.17
N GLY A 887 -28.63 11.81 6.06
CA GLY A 887 -27.35 11.14 6.06
C GLY A 887 -27.43 9.68 6.43
N ALA A 888 -28.49 9.27 7.13
CA ALA A 888 -28.68 7.86 7.43
C ALA A 888 -30.08 7.38 7.06
N ALA A 889 -30.86 8.16 6.32
CA ALA A 889 -32.22 7.77 5.97
C ALA A 889 -32.16 6.80 4.80
N THR A 890 -32.34 5.52 5.11
CA THR A 890 -32.28 4.46 4.11
C THR A 890 -33.58 3.64 4.18
N ALA A 891 -33.58 2.50 3.49
CA ALA A 891 -34.78 1.69 3.33
C ALA A 891 -35.29 1.12 4.65
N THR A 892 -34.41 0.88 5.61
CA THR A 892 -34.82 0.37 6.91
C THR A 892 -35.13 1.46 7.92
N THR A 893 -34.98 2.72 7.54
CA THR A 893 -35.01 3.78 8.53
C THR A 893 -36.19 4.73 8.39
N ARG A 894 -36.89 4.71 7.26
CA ARG A 894 -38.03 5.61 7.09
C ARG A 894 -39.16 5.24 8.04
N ASN A 895 -39.39 3.94 8.25
CA ASN A 895 -40.33 3.51 9.29
C ASN A 895 -39.71 3.60 10.67
N MET A 896 -38.38 3.60 10.75
CA MET A 896 -37.64 3.55 12.01
C MET A 896 -37.42 4.98 12.50
N ARG A 897 -38.41 5.49 13.22
CA ARG A 897 -38.46 6.92 13.52
C ARG A 897 -37.79 7.22 14.86
N ILE A 898 -37.81 8.50 15.23
CA ILE A 898 -37.32 8.98 16.51
C ILE A 898 -38.42 9.80 17.16
N TYR A 899 -38.56 9.66 18.48
CA TYR A 899 -39.68 10.19 19.24
C TYR A 899 -39.13 10.99 20.41
N ASP A 900 -39.59 12.24 20.56
CA ASP A 900 -39.14 13.10 21.64
C ASP A 900 -40.31 13.91 22.17
N GLY A 901 -40.10 14.50 23.34
CA GLY A 901 -41.15 15.25 24.00
C GLY A 901 -40.76 16.66 24.39
N ALA A 902 -41.77 17.51 24.62
CA ALA A 902 -41.55 18.89 25.01
C ALA A 902 -42.70 19.34 25.88
N LEU A 903 -42.44 20.36 26.70
CA LEU A 903 -43.40 20.83 27.70
C LEU A 903 -43.58 22.33 27.52
N TYR A 904 -44.71 22.73 26.95
CA TYR A 904 -45.02 24.13 26.76
C TYR A 904 -45.51 24.74 28.06
N HIS A 905 -44.92 25.91 28.40
CA HIS A 905 -45.20 26.67 29.62
C HIS A 905 -44.96 25.85 30.89
N GLY A 906 -44.01 24.92 30.83
CA GLY A 906 -43.59 24.19 32.01
C GLY A 906 -42.46 24.90 32.74
N LEU A 907 -42.07 24.32 33.87
CA LEU A 907 -41.04 24.95 34.68
C LEU A 907 -40.24 23.87 35.42
N ILE A 908 -38.97 24.17 35.64
CA ILE A 908 -38.08 23.36 36.46
C ILE A 908 -37.79 24.14 37.73
N MET A 909 -38.13 23.60 38.90
CA MET A 909 -37.63 24.22 40.11
C MET A 909 -36.38 23.46 40.53
N MET A 910 -35.43 24.19 41.09
CA MET A 910 -34.02 23.80 41.16
C MET A 910 -33.77 22.53 41.95
N ALA A 911 -33.91 22.60 43.27
CA ALA A 911 -33.65 21.49 44.16
C ALA A 911 -34.84 21.32 45.10
N TYR A 912 -35.32 20.09 45.22
CA TYR A 912 -36.55 19.82 45.94
C TYR A 912 -36.37 20.01 47.44
N GLN A 913 -37.33 20.68 48.05
CA GLN A 913 -37.42 20.83 49.50
C GLN A 913 -38.71 20.19 49.96
N ALA A 914 -38.61 19.30 50.94
CA ALA A 914 -39.76 18.59 51.45
C ALA A 914 -40.26 19.13 52.79
N TYR A 915 -39.49 19.98 53.46
CA TYR A 915 -39.75 20.31 54.85
C TYR A 915 -40.20 21.75 55.05
N ASP A 916 -40.73 22.38 54.01
CA ASP A 916 -41.32 23.71 54.11
C ASP A 916 -42.83 23.55 54.11
N GLU A 917 -43.48 23.98 55.19
CA GLU A 917 -44.92 23.85 55.34
C GLU A 917 -45.62 25.21 55.39
N THR A 918 -44.86 26.30 55.23
CA THR A 918 -45.48 27.61 55.00
C THR A 918 -46.25 27.62 53.69
N ILE A 919 -45.78 26.86 52.72
CA ILE A 919 -46.54 26.53 51.51
C ILE A 919 -46.66 25.01 51.46
N ALA A 920 -47.89 24.53 51.31
CA ALA A 920 -48.13 23.09 51.39
C ALA A 920 -47.63 22.39 50.13
N THR A 921 -47.40 21.09 50.27
CA THR A 921 -46.91 20.26 49.17
C THR A 921 -48.04 19.96 48.21
N GLY A 922 -47.77 20.10 46.90
CA GLY A 922 -48.79 19.88 45.91
C GLY A 922 -49.70 21.06 45.69
N THR A 923 -49.22 22.27 45.93
CA THR A 923 -50.01 23.48 45.76
C THR A 923 -49.79 24.17 44.42
N PHE A 924 -48.62 24.05 43.83
CA PHE A 924 -48.42 24.76 42.57
C PHE A 924 -47.84 23.92 41.46
N PHE A 925 -46.90 23.02 41.76
CA PHE A 925 -46.13 22.33 40.72
C PHE A 925 -46.31 20.83 40.86
N TYR A 926 -46.59 20.17 39.74
CA TYR A 926 -46.79 18.74 39.69
C TYR A 926 -45.75 18.07 38.79
N PRO A 927 -45.26 16.89 39.17
CA PRO A 927 -44.14 16.28 38.45
C PRO A 927 -44.49 15.69 37.10
N VAL A 928 -43.92 16.25 36.03
CA VAL A 928 -43.98 15.63 34.72
C VAL A 928 -42.56 15.46 34.14
N PRO A 929 -41.80 14.49 34.64
CA PRO A 929 -40.42 14.33 34.16
C PRO A 929 -40.39 13.56 32.85
N VAL A 930 -40.00 14.25 31.78
CA VAL A 930 -39.63 13.60 30.52
C VAL A 930 -38.22 14.04 30.14
N ASN A 931 -37.23 13.32 30.67
CA ASN A 931 -35.82 13.30 30.33
C ASN A 931 -35.17 12.19 31.13
N PRO A 932 -34.32 11.36 30.52
CA PRO A 932 -33.39 10.58 31.35
C PRO A 932 -32.42 11.46 32.11
N LEU A 933 -32.08 12.62 31.55
CA LEU A 933 -31.21 13.57 32.20
C LEU A 933 -31.85 14.17 33.45
N PHE A 934 -33.12 14.56 33.36
CA PHE A 934 -33.79 15.25 34.45
C PHE A 934 -34.60 14.32 35.34
N ALA A 935 -34.14 13.09 35.54
CA ALA A 935 -34.79 12.18 36.47
C ALA A 935 -34.69 12.71 37.89
N CYS A 936 -35.82 12.71 38.59
CA CYS A 936 -35.94 13.36 39.89
C CYS A 936 -36.56 12.40 40.90
N PRO A 937 -35.75 11.49 41.45
CA PRO A 937 -36.29 10.52 42.43
C PRO A 937 -36.73 11.17 43.73
N GLU A 938 -36.21 12.35 44.06
CA GLU A 938 -36.59 13.04 45.28
C GLU A 938 -37.72 14.03 45.08
N HIS A 939 -37.90 14.57 43.87
CA HIS A 939 -38.96 15.53 43.62
C HIS A 939 -40.33 14.88 43.54
N LEU A 940 -40.41 13.55 43.46
CA LEU A 940 -41.65 12.84 43.26
C LEU A 940 -42.59 12.89 44.46
N ALA A 941 -42.12 13.38 45.61
CA ALA A 941 -43.02 13.68 46.72
C ALA A 941 -43.91 14.89 46.45
N SER A 942 -43.65 15.64 45.37
CA SER A 942 -44.52 16.74 44.99
C SER A 942 -45.91 16.28 44.59
N LEU A 943 -46.06 15.04 44.12
CA LEU A 943 -47.35 14.52 43.70
C LEU A 943 -48.14 14.01 44.90
N ARG A 944 -49.43 14.32 44.91
CA ARG A 944 -50.32 13.77 45.91
C ARG A 944 -50.59 12.29 45.63
N GLY A 945 -51.04 11.58 46.66
CA GLY A 945 -51.22 10.15 46.56
C GLY A 945 -49.92 9.39 46.42
N MET A 946 -48.89 9.80 47.15
CA MET A 946 -47.55 9.26 47.02
C MET A 946 -47.32 8.21 48.11
N THR A 947 -46.92 7.01 47.68
CA THR A 947 -46.71 5.88 48.56
C THR A 947 -45.21 5.63 48.74
N ASN A 948 -44.89 4.53 49.42
CA ASN A 948 -43.50 4.09 49.52
C ASN A 948 -43.07 3.25 48.33
N ALA A 949 -44.02 2.61 47.65
CA ALA A 949 -43.68 1.75 46.51
C ALA A 949 -43.10 2.57 45.35
N ARG A 950 -43.68 3.75 45.09
CA ARG A 950 -43.14 4.63 44.06
C ARG A 950 -41.74 5.11 44.41
N ARG A 951 -41.48 5.32 45.70
CA ARG A 951 -40.16 5.80 46.12
C ARG A 951 -39.12 4.71 46.00
N VAL A 952 -39.44 3.48 46.42
CA VAL A 952 -38.47 2.39 46.35
C VAL A 952 -38.30 1.88 44.92
N LEU A 953 -39.25 2.16 44.03
CA LEU A 953 -39.04 1.82 42.64
C LEU A 953 -38.39 2.95 41.86
N ALA A 954 -38.50 4.18 42.37
CA ALA A 954 -38.05 5.37 41.66
C ALA A 954 -36.54 5.59 41.75
N LYS A 955 -35.87 5.05 42.77
CA LYS A 955 -34.44 5.26 42.89
C LYS A 955 -33.67 4.49 41.82
N MET A 956 -34.16 3.32 41.44
CA MET A 956 -33.45 2.45 40.51
C MET A 956 -33.78 2.75 39.05
N VAL A 957 -35.02 3.13 38.75
CA VAL A 957 -35.48 3.32 37.38
C VAL A 957 -36.08 4.72 37.27
N PRO A 958 -35.69 5.53 36.30
CA PRO A 958 -36.30 6.85 36.13
C PRO A 958 -37.72 6.71 35.62
N PRO A 959 -38.69 7.34 36.28
CA PRO A 959 -40.08 7.29 35.81
C PRO A 959 -40.33 8.27 34.67
N ILE A 960 -40.46 7.75 33.46
CA ILE A 960 -40.80 8.53 32.28
C ILE A 960 -42.14 8.03 31.78
N PRO A 961 -43.13 8.89 31.59
CA PRO A 961 -44.42 8.45 31.06
C PRO A 961 -44.30 8.02 29.61
N PRO A 962 -45.07 7.01 29.20
CA PRO A 962 -45.02 6.57 27.80
C PRO A 962 -45.68 7.54 26.84
N PHE A 963 -46.54 8.44 27.31
CA PHE A 963 -47.17 9.37 26.40
C PHE A 963 -46.27 10.55 26.04
N LEU A 964 -45.04 10.57 26.55
CA LEU A 964 -44.07 11.61 26.20
C LEU A 964 -42.77 11.04 25.64
N GLY A 965 -42.73 9.75 25.31
CA GLY A 965 -41.56 9.16 24.69
C GLY A 965 -40.88 8.10 25.54
N ALA A 966 -40.50 7.00 24.91
CA ALA A 966 -39.76 5.95 25.59
C ALA A 966 -38.27 6.26 25.60
N ASN A 967 -37.55 5.58 26.49
CA ASN A 967 -36.11 5.81 26.62
C ASN A 967 -35.36 5.30 25.40
N HIS A 968 -35.77 4.16 24.86
CA HIS A 968 -35.09 3.59 23.70
C HIS A 968 -35.35 4.41 22.44
N HIS A 969 -36.56 4.92 22.26
CA HIS A 969 -36.93 5.61 21.03
C HIS A 969 -36.72 7.11 21.12
N ALA A 970 -35.80 7.56 21.96
CA ALA A 970 -35.49 8.97 22.12
C ALA A 970 -34.00 9.22 21.88
N THR A 971 -33.65 10.50 21.80
CA THR A 971 -32.26 10.88 21.58
C THR A 971 -31.45 10.84 22.87
N ILE A 972 -31.84 11.67 23.84
CA ILE A 972 -31.17 11.71 25.13
C ILE A 972 -31.48 10.40 25.87
N ARG A 973 -30.44 9.67 26.24
CA ARG A 973 -30.61 8.37 26.85
C ARG A 973 -30.09 8.36 28.28
N GLN A 974 -30.23 7.22 28.93
CA GLN A 974 -29.73 6.97 30.28
C GLN A 974 -28.20 7.05 30.44
N PRO A 975 -27.34 6.51 29.54
CA PRO A 975 -25.90 6.60 29.80
C PRO A 975 -25.32 8.01 29.85
N VAL A 976 -25.85 8.96 29.09
CA VAL A 976 -25.31 10.32 29.19
C VAL A 976 -25.76 10.97 30.50
N ALA A 977 -26.92 10.56 31.02
CA ALA A 977 -27.30 10.97 32.36
C ALA A 977 -26.36 10.37 33.40
N TYR A 978 -25.94 9.13 33.19
CA TYR A 978 -24.96 8.51 34.07
C TYR A 978 -23.62 9.25 34.01
N HIS A 979 -23.25 9.69 32.80
CA HIS A 979 -22.07 10.52 32.61
C HIS A 979 -22.15 11.82 33.40
N VAL A 980 -23.27 12.54 33.29
CA VAL A 980 -23.34 13.84 33.93
C VAL A 980 -23.53 13.69 35.44
N THR A 981 -24.02 12.55 35.90
CA THR A 981 -24.20 12.33 37.32
C THR A 981 -23.05 11.61 37.99
N HIS A 982 -22.08 11.08 37.22
CA HIS A 982 -21.00 10.32 37.83
C HIS A 982 -19.61 10.83 37.44
N SER A 983 -19.51 11.98 36.78
CA SER A 983 -18.22 12.57 36.44
C SER A 983 -17.91 13.67 37.45
N LYS A 984 -17.07 13.36 38.43
CA LYS A 984 -16.61 14.36 39.39
C LYS A 984 -15.12 14.57 39.13
N SER A 985 -14.82 15.39 38.13
CA SER A 985 -13.44 15.81 37.87
C SER A 985 -13.29 17.32 37.90
N ASP A 986 -14.05 18.03 37.08
CA ASP A 986 -14.02 19.48 36.91
C ASP A 986 -15.18 19.83 35.99
N PHE A 987 -15.71 21.04 36.16
CA PHE A 987 -16.99 21.36 35.56
C PHE A 987 -16.88 22.02 34.19
N ASN A 988 -15.79 22.73 33.91
CA ASN A 988 -15.57 23.24 32.55
C ASN A 988 -15.33 22.09 31.59
N THR A 989 -14.45 21.15 31.96
CA THR A 989 -14.26 19.97 31.14
C THR A 989 -15.48 19.06 31.16
N LEU A 990 -16.35 19.18 32.17
CA LEU A 990 -17.63 18.48 32.11
C LEU A 990 -18.50 19.02 30.99
N THR A 991 -18.53 20.34 30.82
CA THR A 991 -19.26 20.95 29.71
C THR A 991 -18.67 20.55 28.37
N TYR A 992 -17.34 20.55 28.28
CA TYR A 992 -16.70 20.19 27.03
C TYR A 992 -16.89 18.70 26.71
N SER A 993 -16.86 17.85 27.72
CA SER A 993 -17.13 16.43 27.50
C SER A 993 -18.58 16.20 27.12
N LEU A 994 -19.49 17.01 27.67
CA LEU A 994 -20.90 16.84 27.35
C LEU A 994 -21.21 17.28 25.94
N LEU A 995 -20.56 18.36 25.47
CA LEU A 995 -20.73 18.73 24.06
C LEU A 995 -20.04 17.71 23.16
N GLY A 996 -18.97 17.08 23.64
CA GLY A 996 -18.40 15.95 22.93
C GLY A 996 -19.36 14.77 22.88
N GLY A 997 -20.26 14.68 23.86
CA GLY A 997 -21.38 13.75 23.73
C GLY A 997 -22.32 14.15 22.60
N TYR A 998 -22.53 15.45 22.42
CA TYR A 998 -23.47 15.93 21.41
C TYR A 998 -22.80 15.91 20.05
N PHE A 999 -22.72 14.71 19.47
CA PHE A 999 -22.21 14.50 18.13
C PHE A 999 -23.02 13.38 17.48
N LYS A 1000 -23.51 13.64 16.28
CA LYS A 1000 -24.17 12.58 15.52
C LYS A 1000 -23.18 11.50 15.11
N PHE A 1001 -23.70 10.29 14.94
CA PHE A 1001 -22.92 9.12 14.59
C PHE A 1001 -23.11 8.78 13.11
N THR A 1002 -24.04 9.47 12.44
CA THR A 1002 -24.34 9.26 11.02
C THR A 1002 -23.11 9.56 10.17
N PRO A 1003 -22.86 8.77 9.12
CA PRO A 1003 -21.52 8.76 8.48
C PRO A 1003 -21.11 10.08 7.85
N ILE A 1004 -22.05 10.94 7.49
CA ILE A 1004 -21.69 12.25 6.97
C ILE A 1004 -21.11 13.12 8.07
N SER A 1005 -21.74 13.09 9.25
CA SER A 1005 -21.22 13.80 10.42
C SER A 1005 -19.89 13.21 10.86
N LEU A 1006 -19.77 11.88 10.82
CA LEU A 1006 -18.52 11.22 11.14
C LEU A 1006 -17.43 11.62 10.17
N THR A 1007 -17.77 11.78 8.90
CA THR A 1007 -16.84 12.25 7.89
C THR A 1007 -16.36 13.66 8.20
N HIS A 1008 -17.29 14.54 8.60
CA HIS A 1008 -16.92 15.91 9.00
C HIS A 1008 -15.96 15.90 10.19
N GLN A 1009 -16.28 15.12 11.22
CA GLN A 1009 -15.48 15.16 12.45
C GLN A 1009 -14.13 14.45 12.30
N LEU A 1010 -14.01 13.46 11.41
CA LEU A 1010 -12.67 12.95 11.18
C LEU A 1010 -11.88 13.77 10.17
N ARG A 1011 -12.54 14.43 9.21
CA ARG A 1011 -11.78 15.33 8.34
C ARG A 1011 -11.33 16.56 9.11
N THR A 1012 -12.10 16.95 10.13
CA THR A 1012 -11.63 17.98 11.05
C THR A 1012 -10.53 17.45 11.95
N GLY A 1013 -10.75 16.29 12.57
CA GLY A 1013 -9.78 15.73 13.48
C GLY A 1013 -10.35 15.37 14.83
N PHE A 1014 -11.65 15.60 15.01
CA PHE A 1014 -12.32 15.20 16.24
C PHE A 1014 -12.38 13.68 16.39
N HIS A 1015 -12.10 13.23 17.61
CA HIS A 1015 -12.01 11.81 17.91
C HIS A 1015 -13.37 11.30 18.37
N PRO A 1016 -13.99 10.38 17.67
CA PRO A 1016 -15.25 9.80 18.13
C PRO A 1016 -15.00 8.70 19.16
N GLY A 1017 -16.08 8.21 19.74
CA GLY A 1017 -16.00 7.16 20.74
C GLY A 1017 -15.94 5.76 20.15
N ILE A 1018 -14.98 5.53 19.25
CA ILE A 1018 -14.82 4.23 18.62
C ILE A 1018 -13.34 4.09 18.25
N ALA A 1019 -12.79 2.89 18.48
CA ALA A 1019 -11.41 2.63 18.12
C ALA A 1019 -11.40 1.56 17.04
N PHE A 1020 -10.23 1.35 16.43
CA PHE A 1020 -10.12 0.48 15.28
C PHE A 1020 -9.03 -0.56 15.51
N THR A 1021 -9.15 -1.67 14.81
CA THR A 1021 -8.11 -2.67 14.68
C THR A 1021 -7.80 -2.85 13.20
N VAL A 1022 -6.53 -2.75 12.85
CA VAL A 1022 -6.09 -2.86 11.47
C VAL A 1022 -5.32 -4.16 11.30
N VAL A 1023 -5.62 -4.86 10.23
CA VAL A 1023 -4.95 -6.09 9.86
C VAL A 1023 -4.36 -5.92 8.47
N ARG A 1024 -3.19 -6.52 8.25
CA ARG A 1024 -2.49 -6.36 6.99
C ARG A 1024 -1.81 -7.67 6.62
N GLN A 1025 -1.97 -8.07 5.37
CA GLN A 1025 -1.41 -9.31 4.85
C GLN A 1025 -0.12 -9.01 4.10
N ASP A 1026 0.97 -9.64 4.50
CA ASP A 1026 2.25 -9.36 3.88
C ASP A 1026 2.94 -10.65 3.46
N ARG A 1027 3.56 -10.59 2.28
CA ARG A 1027 4.27 -11.72 1.70
C ARG A 1027 5.78 -11.52 1.85
N PHE A 1028 6.48 -12.62 2.11
CA PHE A 1028 7.92 -12.56 2.34
C PHE A 1028 8.60 -13.65 1.53
N ALA A 1029 9.67 -13.29 0.83
CA ALA A 1029 10.40 -14.24 0.02
C ALA A 1029 11.36 -15.05 0.88
N THR A 1030 11.25 -16.37 0.83
CA THR A 1030 11.98 -17.24 1.73
C THR A 1030 12.73 -18.33 0.99
N GLU A 1031 13.59 -19.01 1.74
CA GLU A 1031 14.29 -20.20 1.30
C GLU A 1031 14.19 -21.24 2.40
N GLN A 1032 14.07 -22.50 2.01
CA GLN A 1032 13.76 -23.59 2.92
C GLN A 1032 14.93 -24.59 2.99
N LEU A 1033 14.68 -25.70 3.66
CA LEU A 1033 15.71 -26.70 3.92
C LEU A 1033 15.02 -28.05 4.07
N LEU A 1034 15.67 -29.12 3.59
CA LEU A 1034 15.03 -30.43 3.53
C LEU A 1034 16.03 -31.53 3.88
N TYR A 1035 15.49 -32.62 4.43
CA TYR A 1035 16.22 -33.84 4.73
C TYR A 1035 15.45 -35.02 4.15
N ALA A 1036 16.15 -35.92 3.45
CA ALA A 1036 15.50 -36.93 2.62
C ALA A 1036 15.78 -38.37 3.08
N GLU A 1037 16.32 -38.56 4.28
CA GLU A 1037 16.45 -39.85 4.97
C GLU A 1037 17.30 -40.82 4.12
N ARG A 1038 16.95 -42.12 4.16
CA ARG A 1038 17.56 -43.12 3.31
C ARG A 1038 16.59 -43.83 2.37
N ALA A 1039 15.37 -44.13 2.81
CA ALA A 1039 14.39 -44.81 1.97
C ALA A 1039 13.06 -44.10 2.17
N SER A 1040 12.68 -43.27 1.22
CA SER A 1040 11.46 -42.48 1.32
C SER A 1040 10.54 -42.59 0.14
N GLU A 1041 10.92 -43.29 -0.92
CA GLU A 1041 10.10 -43.38 -2.11
C GLU A 1041 10.22 -44.78 -2.71
N SER A 1042 9.39 -45.04 -3.72
CA SER A 1042 9.53 -46.18 -4.61
C SER A 1042 9.16 -45.59 -5.96
N TYR A 1043 10.17 -45.33 -6.78
CA TYR A 1043 10.03 -44.44 -7.92
C TYR A 1043 10.01 -45.18 -9.24
N PHE A 1044 8.82 -45.27 -9.83
CA PHE A 1044 8.56 -46.02 -11.05
C PHE A 1044 9.09 -45.27 -12.26
N VAL A 1045 10.06 -45.88 -12.92
CA VAL A 1045 10.60 -45.38 -14.19
C VAL A 1045 9.86 -46.07 -15.32
N GLY A 1046 9.63 -45.35 -16.41
CA GLY A 1046 8.93 -45.89 -17.56
C GLY A 1046 9.79 -45.94 -18.80
N GLN A 1047 9.12 -46.15 -19.93
CA GLN A 1047 9.76 -46.27 -21.23
C GLN A 1047 9.58 -44.99 -22.02
N ILE A 1048 10.64 -44.62 -22.75
CA ILE A 1048 10.52 -43.52 -23.70
C ILE A 1048 9.62 -43.96 -24.85
N GLN A 1049 8.75 -43.06 -25.28
CA GLN A 1049 7.90 -43.35 -26.43
C GLN A 1049 7.72 -42.06 -27.23
N VAL A 1050 7.42 -42.25 -28.51
CA VAL A 1050 7.34 -41.14 -29.45
C VAL A 1050 5.88 -40.94 -29.83
N HIS A 1051 5.54 -39.70 -30.21
CA HIS A 1051 4.30 -39.42 -30.90
C HIS A 1051 4.57 -38.37 -31.95
N HIS A 1052 4.21 -38.67 -33.20
CA HIS A 1052 4.57 -37.84 -34.33
C HIS A 1052 3.40 -36.91 -34.64
N HIS A 1053 3.64 -35.61 -34.55
CA HIS A 1053 2.60 -34.61 -34.69
C HIS A 1053 3.01 -33.62 -35.77
N ASP A 1054 2.03 -33.10 -36.50
CA ASP A 1054 2.33 -32.10 -37.52
C ASP A 1054 2.51 -30.72 -36.87
N ALA A 1055 3.58 -30.04 -37.28
CA ALA A 1055 3.93 -28.74 -36.73
C ALA A 1055 3.66 -27.64 -37.75
N ILE A 1056 3.78 -26.40 -37.29
CA ILE A 1056 3.52 -25.24 -38.16
C ILE A 1056 4.64 -25.08 -39.19
N GLY A 1057 5.88 -25.36 -38.83
CA GLY A 1057 6.98 -25.20 -39.76
C GLY A 1057 7.58 -26.53 -40.18
N GLY A 1058 7.50 -27.53 -39.31
CA GLY A 1058 8.07 -28.83 -39.57
C GLY A 1058 7.26 -29.97 -38.99
N VAL A 1059 7.93 -30.84 -38.24
CA VAL A 1059 7.28 -31.93 -37.51
C VAL A 1059 7.65 -31.84 -36.05
N ASN A 1060 6.68 -32.14 -35.19
CA ASN A 1060 6.88 -32.25 -33.75
C ASN A 1060 7.06 -33.72 -33.41
N PHE A 1061 8.16 -34.03 -32.74
CA PHE A 1061 8.36 -35.35 -32.16
C PHE A 1061 8.10 -35.18 -30.67
N THR A 1062 6.88 -35.46 -30.24
CA THR A 1062 6.55 -35.30 -28.83
C THR A 1062 7.06 -36.56 -28.13
N LEU A 1063 8.10 -36.39 -27.32
CA LEU A 1063 8.63 -37.49 -26.55
C LEU A 1063 7.93 -37.56 -25.21
N THR A 1064 7.58 -38.77 -24.79
CA THR A 1064 6.80 -38.94 -23.58
C THR A 1064 7.32 -40.15 -22.80
N GLN A 1065 7.46 -39.98 -21.48
CA GLN A 1065 7.86 -41.05 -20.59
C GLN A 1065 7.07 -40.96 -19.28
N PRO A 1066 6.40 -42.03 -18.87
CA PRO A 1066 5.63 -41.98 -17.63
C PRO A 1066 6.45 -42.39 -16.42
N ARG A 1067 6.32 -41.60 -15.35
CA ARG A 1067 7.02 -41.85 -14.10
C ARG A 1067 6.02 -41.77 -12.97
N ALA A 1068 6.08 -42.74 -12.05
CA ALA A 1068 5.18 -42.73 -10.89
C ALA A 1068 6.00 -42.80 -9.62
N HIS A 1069 5.31 -42.72 -8.48
CA HIS A 1069 6.00 -42.88 -7.21
C HIS A 1069 5.01 -43.33 -6.15
N VAL A 1070 5.47 -44.19 -5.25
CA VAL A 1070 4.76 -44.52 -4.01
C VAL A 1070 5.73 -44.35 -2.85
N ASP A 1071 5.45 -43.39 -1.98
CA ASP A 1071 6.23 -43.24 -0.76
C ASP A 1071 5.98 -44.40 0.19
N LEU A 1072 7.05 -45.04 0.66
CA LEU A 1072 6.92 -46.20 1.54
C LEU A 1072 7.02 -45.77 3.01
N GLY A 1073 6.22 -44.75 3.34
CA GLY A 1073 6.41 -44.11 4.63
C GLY A 1073 5.75 -44.87 5.76
N VAL A 1074 6.56 -45.65 6.48
CA VAL A 1074 6.09 -46.29 7.70
C VAL A 1074 5.95 -45.26 8.81
N GLY A 1075 6.71 -44.18 8.73
CA GLY A 1075 6.56 -43.05 9.62
C GLY A 1075 6.53 -41.76 8.84
N TYR A 1076 7.44 -40.85 9.16
CA TYR A 1076 7.54 -39.56 8.48
C TYR A 1076 8.89 -39.50 7.79
N THR A 1077 8.90 -39.84 6.49
CA THR A 1077 10.13 -39.98 5.73
C THR A 1077 10.49 -38.70 4.98
N ALA A 1078 10.13 -37.54 5.53
CA ALA A 1078 10.50 -36.24 4.99
C ALA A 1078 10.31 -35.19 6.07
N VAL A 1079 11.04 -34.08 5.93
CA VAL A 1079 10.92 -32.95 6.85
C VAL A 1079 11.40 -31.69 6.13
N CYS A 1080 10.65 -30.61 6.28
CA CYS A 1080 11.03 -29.31 5.74
C CYS A 1080 11.13 -28.31 6.89
N ALA A 1081 11.69 -27.14 6.56
CA ALA A 1081 11.90 -26.10 7.56
C ALA A 1081 12.07 -24.79 6.84
N THR A 1082 11.42 -23.74 7.35
CA THR A 1082 11.73 -22.40 6.89
C THR A 1082 13.14 -22.04 7.35
N ALA A 1083 13.99 -21.70 6.40
CA ALA A 1083 15.41 -21.57 6.70
C ALA A 1083 15.87 -20.11 6.71
N ALA A 1084 15.70 -19.38 5.61
CA ALA A 1084 16.34 -18.09 5.48
C ALA A 1084 15.48 -17.12 4.68
N LEU A 1085 15.90 -15.86 4.71
CA LEU A 1085 15.11 -14.73 4.24
C LEU A 1085 15.95 -13.90 3.27
N ARG A 1086 15.51 -13.82 2.03
CA ARG A 1086 16.07 -12.86 1.10
C ARG A 1086 15.23 -11.57 1.19
N CYS A 1087 15.41 -10.64 0.24
CA CYS A 1087 14.67 -9.39 0.29
C CYS A 1087 13.18 -9.65 0.09
N PRO A 1088 12.32 -9.17 1.00
CA PRO A 1088 10.90 -9.50 0.93
C PRO A 1088 10.23 -8.83 -0.26
N LEU A 1089 9.14 -9.44 -0.72
CA LEU A 1089 8.58 -9.06 -2.01
C LEU A 1089 7.62 -7.89 -1.88
N THR A 1090 6.74 -7.90 -0.89
CA THR A 1090 5.71 -6.89 -0.76
C THR A 1090 6.23 -5.68 0.01
N ASP A 1091 5.41 -4.63 0.04
CA ASP A 1091 5.72 -3.44 0.79
C ASP A 1091 5.16 -3.53 2.21
N MET A 1092 5.61 -2.63 3.05
CA MET A 1092 4.92 -2.36 4.31
C MET A 1092 3.96 -1.18 4.14
N GLY A 1093 3.10 -1.28 3.14
CA GLY A 1093 2.37 -0.14 2.63
C GLY A 1093 1.27 0.35 3.54
N ASN A 1094 0.68 1.49 3.14
CA ASN A 1094 -0.46 2.09 3.84
C ASN A 1094 -1.51 2.41 2.80
N THR A 1095 -2.28 1.40 2.42
CA THR A 1095 -3.37 1.54 1.45
C THR A 1095 -4.62 0.95 2.08
N ALA A 1096 -5.57 1.82 2.39
CA ALA A 1096 -6.75 1.42 3.15
C ALA A 1096 -7.70 0.59 2.30
N GLN A 1097 -8.36 -0.37 2.94
CA GLN A 1097 -9.38 -1.19 2.30
C GLN A 1097 -10.62 -0.33 2.09
N ASN A 1098 -10.84 0.10 0.85
CA ASN A 1098 -11.99 0.94 0.55
C ASN A 1098 -13.16 0.05 0.16
N LEU A 1099 -14.32 0.30 0.76
CA LEU A 1099 -15.49 -0.55 0.56
C LEU A 1099 -16.38 -0.10 -0.59
N PHE A 1100 -15.99 0.93 -1.32
CA PHE A 1100 -16.78 1.32 -2.48
C PHE A 1100 -16.50 0.45 -3.69
N PHE A 1101 -15.52 -0.46 -3.60
CA PHE A 1101 -15.37 -1.52 -4.58
C PHE A 1101 -16.37 -2.64 -4.39
N SER A 1102 -17.11 -2.64 -3.29
CA SER A 1102 -18.17 -3.61 -3.03
C SER A 1102 -19.53 -3.00 -3.35
N ARG A 1103 -20.40 -3.80 -3.96
CA ARG A 1103 -21.73 -3.33 -4.32
C ARG A 1103 -22.71 -4.49 -4.19
N GLY A 1104 -23.95 -4.18 -3.81
CA GLY A 1104 -24.95 -5.21 -3.57
C GLY A 1104 -25.84 -4.94 -2.38
N GLY A 1105 -25.35 -4.17 -1.41
CA GLY A 1105 -26.12 -3.87 -0.22
C GLY A 1105 -27.16 -2.80 -0.47
N VAL A 1106 -27.86 -2.45 0.60
CA VAL A 1106 -28.86 -1.38 0.50
C VAL A 1106 -28.15 -0.04 0.31
N PRO A 1107 -28.59 0.80 -0.60
CA PRO A 1107 -27.94 2.09 -0.80
C PRO A 1107 -28.55 3.17 0.08
N MET A 1108 -27.98 4.38 -0.03
CA MET A 1108 -28.60 5.54 0.58
C MET A 1108 -29.79 5.96 -0.28
N LEU A 1109 -30.80 6.56 0.36
CA LEU A 1109 -32.01 6.95 -0.35
C LEU A 1109 -31.74 8.08 -1.34
N HIS A 1110 -30.92 9.05 -0.96
CA HIS A 1110 -30.61 10.19 -1.81
C HIS A 1110 -29.27 9.94 -2.49
N ASP A 1111 -29.26 10.02 -3.82
CA ASP A 1111 -28.08 9.62 -4.58
C ASP A 1111 -26.95 10.63 -4.44
N ASN A 1112 -27.28 11.90 -4.15
CA ASN A 1112 -26.24 12.91 -3.99
C ASN A 1112 -25.42 12.64 -2.74
N VAL A 1113 -26.02 12.01 -1.73
CA VAL A 1113 -25.30 11.64 -0.53
C VAL A 1113 -24.22 10.60 -0.85
N THR A 1114 -24.59 9.59 -1.64
CA THR A 1114 -23.62 8.56 -2.02
C THR A 1114 -22.57 9.13 -2.96
N GLU A 1115 -22.96 10.06 -3.82
CA GLU A 1115 -22.00 10.73 -4.70
C GLU A 1115 -21.00 11.54 -3.88
N SER A 1116 -21.47 12.25 -2.86
CA SER A 1116 -20.60 13.01 -1.97
C SER A 1116 -19.68 12.10 -1.19
N LEU A 1117 -20.19 10.94 -0.74
CA LEU A 1117 -19.35 9.96 -0.05
C LEU A 1117 -18.23 9.45 -0.95
N ARG A 1118 -18.56 9.15 -2.21
CA ARG A 1118 -17.54 8.67 -3.14
C ARG A 1118 -16.49 9.72 -3.43
N ARG A 1119 -16.92 10.98 -3.63
CA ARG A 1119 -15.94 12.04 -3.90
C ARG A 1119 -15.10 12.36 -2.67
N ILE A 1120 -15.67 12.22 -1.47
CA ILE A 1120 -14.89 12.49 -0.28
C ILE A 1120 -13.85 11.40 -0.06
N THR A 1121 -14.27 10.13 -0.18
CA THR A 1121 -13.31 9.05 0.02
C THR A 1121 -12.34 8.92 -1.15
N ALA A 1122 -12.63 9.57 -2.29
CA ALA A 1122 -11.64 9.65 -3.36
C ALA A 1122 -10.43 10.44 -2.92
N SER A 1123 -10.63 11.53 -2.19
CA SER A 1123 -9.53 12.27 -1.63
C SER A 1123 -8.92 11.52 -0.44
N GLY A 1124 -7.62 11.71 -0.26
CA GLY A 1124 -6.93 11.07 0.84
C GLY A 1124 -6.67 9.59 0.66
N GLY A 1125 -6.67 9.09 -0.57
CA GLY A 1125 -6.38 7.69 -0.80
C GLY A 1125 -5.49 7.47 -2.00
N ARG A 1126 -4.49 6.61 -1.86
CA ARG A 1126 -3.58 6.33 -2.97
C ARG A 1126 -4.24 5.49 -4.06
N LEU A 1127 -5.25 4.69 -3.73
CA LEU A 1127 -6.09 4.06 -4.74
C LEU A 1127 -7.55 4.26 -4.36
N ASN A 1128 -8.38 4.42 -5.39
CA ASN A 1128 -9.78 4.75 -5.23
C ASN A 1128 -10.51 4.29 -6.48
N PRO A 1129 -11.84 4.14 -6.41
CA PRO A 1129 -12.62 3.99 -7.65
C PRO A 1129 -12.50 5.23 -8.52
N THR A 1130 -12.49 5.00 -9.83
CA THR A 1130 -12.33 6.08 -10.80
C THR A 1130 -13.55 6.99 -10.82
N GLU A 1131 -13.32 8.25 -11.22
CA GLU A 1131 -14.35 9.28 -11.02
C GLU A 1131 -15.55 9.16 -11.97
N PRO A 1132 -15.40 8.96 -13.29
CA PRO A 1132 -16.59 8.60 -14.08
C PRO A 1132 -17.16 7.23 -13.73
N LEU A 1133 -16.35 6.39 -13.10
CA LEU A 1133 -16.63 5.02 -12.66
C LEU A 1133 -17.01 4.13 -13.85
N PRO A 1134 -16.05 3.74 -14.72
CA PRO A 1134 -16.34 2.64 -15.66
C PRO A 1134 -16.64 1.33 -14.95
N ILE A 1135 -17.49 0.52 -15.58
CA ILE A 1135 -18.23 -0.55 -14.95
C ILE A 1135 -17.93 -1.77 -15.86
N PHE A 1136 -18.65 -2.88 -15.72
CA PHE A 1136 -18.37 -4.20 -16.31
C PHE A 1136 -17.03 -4.73 -15.80
N GLY A 1137 -17.01 -4.99 -14.50
CA GLY A 1137 -15.85 -5.56 -13.86
C GLY A 1137 -15.99 -5.43 -12.36
N GLY A 1138 -14.86 -5.51 -11.68
CA GLY A 1138 -14.88 -5.29 -10.25
C GLY A 1138 -14.73 -3.85 -9.84
N LEU A 1139 -14.93 -2.91 -10.78
CA LEU A 1139 -14.57 -1.49 -10.61
C LEU A 1139 -13.08 -1.37 -10.28
N ARG A 1140 -12.30 -1.71 -11.29
CA ARG A 1140 -10.85 -1.72 -11.16
C ARG A 1140 -10.33 -0.31 -10.88
N PRO A 1141 -9.45 -0.14 -9.90
CA PRO A 1141 -8.91 1.20 -9.63
C PRO A 1141 -7.98 1.66 -10.72
N ALA A 1142 -7.72 2.97 -10.73
CA ALA A 1142 -6.90 3.56 -11.77
C ALA A 1142 -5.45 3.17 -11.59
N THR A 1143 -4.83 2.67 -12.67
CA THR A 1143 -3.41 2.39 -12.64
C THR A 1143 -2.61 3.69 -12.67
N SER A 1144 -1.37 3.60 -12.22
CA SER A 1144 -0.55 4.80 -12.07
C SER A 1144 0.80 4.66 -12.77
N ALA A 1145 1.73 5.54 -12.44
CA ALA A 1145 3.07 5.52 -13.01
C ALA A 1145 3.91 4.42 -12.36
N GLY A 1146 5.23 4.50 -12.54
CA GLY A 1146 6.18 3.50 -12.10
C GLY A 1146 6.12 3.12 -10.63
N ILE A 1147 6.31 1.83 -10.36
CA ILE A 1147 6.15 1.29 -9.02
C ILE A 1147 7.29 1.76 -8.14
N ALA A 1148 6.96 2.19 -6.92
CA ALA A 1148 7.97 2.80 -6.05
C ALA A 1148 8.94 1.77 -5.50
N ARG A 1149 8.45 0.85 -4.67
CA ARG A 1149 9.38 -0.07 -4.00
C ARG A 1149 8.85 -1.50 -3.92
N GLY A 1150 7.88 -1.85 -4.75
CA GLY A 1150 7.29 -3.18 -4.73
C GLY A 1150 5.77 -3.10 -4.69
N GLN A 1151 5.16 -4.27 -4.55
CA GLN A 1151 3.70 -4.35 -4.54
C GLN A 1151 3.16 -3.73 -3.27
N ALA A 1152 2.22 -2.80 -3.42
CA ALA A 1152 1.64 -2.11 -2.28
C ALA A 1152 0.80 -3.05 -1.44
N SER A 1153 0.82 -2.82 -0.14
CA SER A 1153 0.14 -3.69 0.82
C SER A 1153 -1.18 -3.07 1.26
N VAL A 1154 -2.22 -3.89 1.28
CA VAL A 1154 -3.54 -3.44 1.70
C VAL A 1154 -3.67 -3.62 3.20
N CYS A 1155 -4.66 -2.94 3.78
CA CYS A 1155 -4.91 -3.05 5.20
C CYS A 1155 -6.40 -2.86 5.45
N GLU A 1156 -6.99 -3.79 6.21
CA GLU A 1156 -8.41 -3.79 6.51
C GLU A 1156 -8.66 -3.32 7.94
N PHE A 1157 -9.87 -2.78 8.14
CA PHE A 1157 -10.24 -2.09 9.37
C PHE A 1157 -11.43 -2.78 10.01
N VAL A 1158 -11.42 -2.88 11.34
CA VAL A 1158 -12.55 -3.39 12.11
C VAL A 1158 -12.79 -2.44 13.29
N ALA A 1159 -14.02 -1.94 13.41
CA ALA A 1159 -14.37 -1.10 14.55
C ALA A 1159 -14.49 -1.94 15.82
N MET A 1160 -14.16 -1.32 16.95
CA MET A 1160 -14.03 -2.02 18.22
C MET A 1160 -14.02 -1.00 19.35
N PRO A 1161 -14.51 -1.36 20.53
CA PRO A 1161 -14.66 -0.37 21.61
C PRO A 1161 -13.33 0.15 22.13
N VAL A 1162 -13.35 1.41 22.59
CA VAL A 1162 -12.13 2.08 23.02
C VAL A 1162 -11.62 1.52 24.33
N SER A 1163 -12.50 1.00 25.19
CA SER A 1163 -12.09 0.47 26.48
C SER A 1163 -11.66 -0.98 26.27
N THR A 1164 -10.37 -1.15 26.02
CA THR A 1164 -9.82 -2.44 25.64
C THR A 1164 -8.50 -2.66 26.36
N ASP A 1165 -8.33 -3.86 26.91
CA ASP A 1165 -7.03 -4.27 27.43
C ASP A 1165 -6.03 -4.33 26.28
N LEU A 1166 -5.07 -3.41 26.29
CA LEU A 1166 -4.07 -3.34 25.23
C LEU A 1166 -3.13 -4.54 25.26
N GLN A 1167 -2.99 -5.18 26.42
CA GLN A 1167 -2.08 -6.30 26.59
C GLN A 1167 -2.45 -7.48 25.70
N TYR A 1168 -3.75 -7.62 25.39
CA TYR A 1168 -4.19 -8.64 24.44
C TYR A 1168 -3.52 -8.46 23.08
N PHE A 1169 -3.32 -7.22 22.65
CA PHE A 1169 -2.58 -6.99 21.42
C PHE A 1169 -1.08 -7.16 21.58
N ARG A 1170 -0.56 -7.13 22.81
CA ARG A 1170 0.88 -7.19 23.05
C ARG A 1170 1.49 -8.55 22.73
N THR A 1171 0.68 -9.57 22.53
CA THR A 1171 1.17 -10.89 22.15
C THR A 1171 0.45 -11.33 20.88
N ALA A 1172 0.65 -12.59 20.50
CA ALA A 1172 -0.08 -13.19 19.40
C ALA A 1172 -1.55 -13.24 19.76
N CYS A 1173 -2.40 -12.68 18.89
CA CYS A 1173 -3.81 -12.55 19.19
C CYS A 1173 -4.64 -12.65 17.92
N ASN A 1174 -5.93 -12.39 18.07
CA ASN A 1174 -6.91 -12.55 17.01
C ASN A 1174 -7.75 -11.29 16.89
N PRO A 1175 -7.97 -10.80 15.66
CA PRO A 1175 -8.80 -9.59 15.48
C PRO A 1175 -10.26 -9.80 15.85
N ARG A 1176 -10.79 -11.02 15.69
CA ARG A 1176 -12.17 -11.27 16.09
C ARG A 1176 -12.33 -11.25 17.60
N GLY A 1177 -11.25 -11.45 18.35
CA GLY A 1177 -11.29 -11.43 19.79
C GLY A 1177 -11.62 -12.75 20.43
N ARG A 1178 -11.92 -13.78 19.64
CA ARG A 1178 -12.22 -15.09 20.18
C ARG A 1178 -11.65 -16.12 19.21
N ALA A 1179 -10.89 -17.07 19.74
CA ALA A 1179 -10.24 -18.06 18.89
C ALA A 1179 -11.25 -19.02 18.28
N SER A 1180 -10.86 -19.64 17.17
CA SER A 1180 -11.76 -20.49 16.41
C SER A 1180 -10.93 -21.54 15.67
N GLY A 1181 -11.60 -22.56 15.16
CA GLY A 1181 -10.95 -23.51 14.28
C GLY A 1181 -11.15 -24.95 14.72
N MET A 1182 -10.77 -25.86 13.81
CA MET A 1182 -10.84 -27.30 14.05
C MET A 1182 -9.90 -27.74 15.16
N LEU A 1183 -8.85 -26.97 15.43
CA LEU A 1183 -7.82 -27.32 16.40
C LEU A 1183 -8.35 -27.40 17.83
N TYR A 1184 -9.50 -26.80 18.12
CA TYR A 1184 -10.15 -26.95 19.43
C TYR A 1184 -11.36 -27.86 19.27
N MET A 1185 -11.17 -29.15 19.55
CA MET A 1185 -12.27 -30.09 19.62
C MET A 1185 -11.81 -31.30 20.43
N GLY A 1186 -12.63 -32.35 20.41
CA GLY A 1186 -12.30 -33.58 21.10
C GLY A 1186 -13.50 -34.20 21.77
N ASP A 1187 -14.60 -33.46 21.80
CA ASP A 1187 -15.83 -33.90 22.43
C ASP A 1187 -16.85 -34.47 21.45
N ARG A 1188 -17.08 -33.82 20.32
CA ARG A 1188 -18.02 -34.29 19.31
C ARG A 1188 -17.64 -33.65 17.99
N ASP A 1189 -18.53 -33.76 17.00
CA ASP A 1189 -18.32 -33.15 15.70
C ASP A 1189 -19.09 -31.86 15.51
N ALA A 1190 -20.22 -31.69 16.19
CA ALA A 1190 -21.01 -30.46 16.12
C ALA A 1190 -20.57 -29.45 17.17
N ASP A 1191 -19.28 -29.11 17.13
CA ASP A 1191 -18.68 -28.23 18.12
C ASP A 1191 -17.97 -27.03 17.49
N ILE A 1192 -17.78 -27.04 16.17
CA ILE A 1192 -17.00 -25.98 15.51
C ILE A 1192 -17.75 -24.66 15.55
N GLU A 1193 -19.06 -24.70 15.35
CA GLU A 1193 -19.85 -23.47 15.38
C GLU A 1193 -20.04 -22.94 16.80
N ALA A 1194 -19.97 -23.81 17.81
CA ALA A 1194 -20.25 -23.39 19.17
C ALA A 1194 -19.09 -22.62 19.79
N ILE A 1195 -17.85 -22.96 19.41
CA ILE A 1195 -16.69 -22.33 20.03
C ILE A 1195 -16.47 -20.89 19.60
N MET A 1196 -17.18 -20.44 18.58
CA MET A 1196 -16.85 -19.19 17.92
C MET A 1196 -18.03 -18.28 17.62
N PHE A 1197 -19.27 -18.73 17.82
CA PHE A 1197 -20.49 -17.93 17.83
C PHE A 1197 -21.25 -17.96 19.13
N ASP A 1198 -21.31 -19.09 19.83
CA ASP A 1198 -22.10 -19.18 21.06
C ASP A 1198 -21.40 -18.38 22.16
N HIS A 1199 -22.05 -17.32 22.61
CA HIS A 1199 -21.48 -16.41 23.58
C HIS A 1199 -22.02 -16.62 24.99
N THR A 1200 -22.71 -17.73 25.23
CA THR A 1200 -23.16 -18.03 26.59
C THR A 1200 -22.03 -18.53 27.48
N GLN A 1201 -20.94 -19.00 26.89
CA GLN A 1201 -19.78 -19.46 27.63
C GLN A 1201 -18.59 -18.54 27.34
N SER A 1202 -17.50 -18.78 28.05
CA SER A 1202 -16.34 -17.92 27.93
C SER A 1202 -15.45 -18.35 26.76
N ASP A 1203 -14.46 -17.52 26.46
CA ASP A 1203 -13.49 -17.85 25.43
C ASP A 1203 -12.58 -18.95 25.92
N VAL A 1204 -12.17 -19.83 25.00
CA VAL A 1204 -11.23 -20.88 25.36
C VAL A 1204 -9.82 -20.33 25.53
N ALA A 1205 -9.50 -19.23 24.84
CA ALA A 1205 -8.15 -18.69 24.94
C ALA A 1205 -7.98 -17.83 26.18
N TYR A 1206 -8.72 -16.73 26.27
CA TYR A 1206 -8.70 -15.89 27.45
C TYR A 1206 -9.85 -16.33 28.33
N THR A 1207 -9.52 -17.04 29.40
CA THR A 1207 -10.51 -17.84 30.13
C THR A 1207 -11.15 -17.06 31.27
N ASP A 1208 -11.60 -15.85 31.00
CA ASP A 1208 -12.42 -15.11 31.94
C ASP A 1208 -13.56 -14.34 31.28
N ARG A 1209 -13.73 -14.46 29.97
CA ARG A 1209 -14.70 -13.65 29.26
C ARG A 1209 -15.13 -14.39 28.00
N ALA A 1210 -16.28 -13.99 27.47
CA ALA A 1210 -16.76 -14.58 26.22
C ALA A 1210 -15.94 -14.09 25.04
N THR A 1211 -15.94 -12.79 24.79
CA THR A 1211 -15.13 -12.20 23.74
C THR A 1211 -14.77 -10.77 24.15
N LEU A 1212 -13.57 -10.34 23.78
CA LEU A 1212 -13.12 -8.98 24.06
C LEU A 1212 -13.97 -7.95 23.33
N ASN A 1213 -14.29 -8.20 22.07
CA ASN A 1213 -15.19 -7.23 21.48
C ASN A 1213 -16.56 -7.84 21.25
N PRO A 1214 -17.62 -7.07 21.43
CA PRO A 1214 -18.97 -7.56 21.11
C PRO A 1214 -19.50 -7.15 19.74
N TRP A 1215 -18.67 -6.51 18.92
CA TRP A 1215 -19.15 -5.94 17.67
C TRP A 1215 -18.66 -6.68 16.43
N ALA A 1216 -17.83 -7.71 16.59
CA ALA A 1216 -17.32 -8.40 15.42
C ALA A 1216 -17.20 -9.91 15.64
N SER A 1217 -17.91 -10.45 16.63
CA SER A 1217 -17.76 -11.86 16.96
C SER A 1217 -19.07 -12.64 17.07
N GLN A 1218 -20.21 -11.98 17.09
CA GLN A 1218 -21.47 -12.69 17.19
C GLN A 1218 -21.86 -13.31 15.86
N LYS A 1219 -23.00 -13.97 15.86
CA LYS A 1219 -23.53 -14.58 14.64
C LYS A 1219 -23.88 -13.53 13.59
N HIS A 1220 -24.23 -12.31 14.03
CA HIS A 1220 -24.73 -11.32 13.08
C HIS A 1220 -24.20 -9.93 13.38
N SER A 1221 -22.97 -9.84 13.86
CA SER A 1221 -22.34 -8.57 14.21
C SER A 1221 -21.91 -7.82 12.96
N TYR A 1222 -21.49 -6.57 13.17
CA TYR A 1222 -21.12 -5.72 12.03
C TYR A 1222 -19.82 -6.25 11.42
N GLY A 1223 -18.93 -6.78 12.25
CA GLY A 1223 -17.78 -7.48 11.74
C GLY A 1223 -18.16 -8.73 10.95
N ASP A 1224 -19.18 -9.45 11.42
CA ASP A 1224 -19.66 -10.60 10.68
C ASP A 1224 -20.45 -10.19 9.45
N ARG A 1225 -21.10 -9.03 9.49
CA ARG A 1225 -21.71 -8.50 8.28
C ARG A 1225 -20.66 -7.98 7.31
N LEU A 1226 -19.46 -7.71 7.81
CA LEU A 1226 -18.46 -6.94 7.08
C LEU A 1226 -17.39 -7.82 6.45
N TYR A 1227 -17.10 -8.98 7.04
CA TYR A 1227 -16.01 -9.78 6.52
C TYR A 1227 -16.32 -11.27 6.45
N ASN A 1228 -17.58 -11.67 6.40
CA ASN A 1228 -17.91 -13.07 6.22
C ASN A 1228 -17.94 -13.39 4.73
N GLY A 1229 -17.16 -14.39 4.33
CA GLY A 1229 -17.14 -14.79 2.93
C GLY A 1229 -18.40 -15.48 2.46
N THR A 1230 -19.15 -16.10 3.38
CA THR A 1230 -20.39 -16.75 2.99
C THR A 1230 -21.49 -15.73 2.68
N TYR A 1231 -21.31 -14.48 3.09
CA TYR A 1231 -22.31 -13.46 2.81
C TYR A 1231 -22.16 -12.89 1.41
N ASN A 1232 -21.00 -13.08 0.78
CA ASN A 1232 -20.68 -12.61 -0.58
C ASN A 1232 -20.83 -11.09 -0.71
N LEU A 1233 -20.62 -10.36 0.39
CA LEU A 1233 -20.69 -8.91 0.31
C LEU A 1233 -19.45 -8.34 -0.36
N THR A 1234 -18.33 -9.04 -0.25
CA THR A 1234 -17.10 -8.65 -0.92
C THR A 1234 -16.83 -9.52 -2.14
N GLY A 1235 -17.88 -10.16 -2.68
CA GLY A 1235 -17.71 -10.94 -3.90
C GLY A 1235 -17.41 -10.08 -5.11
N ALA A 1236 -18.03 -8.90 -5.18
CA ALA A 1236 -17.77 -7.99 -6.29
C ALA A 1236 -16.49 -7.19 -6.11
N SER A 1237 -15.95 -7.12 -4.90
CA SER A 1237 -14.73 -6.37 -4.66
C SER A 1237 -13.54 -7.13 -5.21
N PRO A 1238 -12.66 -6.49 -5.99
CA PRO A 1238 -11.50 -7.19 -6.54
C PRO A 1238 -10.28 -7.16 -5.65
N ILE A 1239 -10.20 -6.25 -4.71
CA ILE A 1239 -9.03 -6.09 -3.86
C ILE A 1239 -9.12 -7.10 -2.71
N TYR A 1240 -7.96 -7.64 -2.34
CA TYR A 1240 -7.92 -8.66 -1.31
C TYR A 1240 -8.17 -8.07 0.07
N SER A 1241 -8.88 -8.82 0.90
CA SER A 1241 -9.08 -8.47 2.29
C SER A 1241 -8.24 -9.39 3.15
N PRO A 1242 -7.32 -8.85 3.97
CA PRO A 1242 -6.48 -9.70 4.81
C PRO A 1242 -7.25 -10.50 5.85
N CYS A 1243 -8.35 -9.97 6.38
CA CYS A 1243 -9.15 -10.68 7.37
C CYS A 1243 -10.25 -11.53 6.75
N PHE A 1244 -10.14 -11.84 5.45
CA PHE A 1244 -11.09 -12.73 4.80
C PHE A 1244 -11.03 -14.13 5.38
N LYS A 1245 -9.83 -14.64 5.61
CA LYS A 1245 -9.68 -16.00 6.08
C LYS A 1245 -9.93 -16.16 7.58
N PHE A 1246 -10.08 -15.05 8.31
CA PHE A 1246 -10.23 -15.12 9.75
C PHE A 1246 -11.69 -15.08 10.21
N PHE A 1247 -12.63 -14.98 9.29
CA PHE A 1247 -14.04 -14.88 9.67
C PHE A 1247 -14.92 -15.97 9.07
N THR A 1248 -14.43 -16.73 8.09
CA THR A 1248 -15.21 -17.81 7.52
C THR A 1248 -14.91 -19.09 8.28
N PRO A 1249 -15.90 -19.76 8.86
CA PRO A 1249 -15.66 -21.07 9.48
C PRO A 1249 -15.36 -22.10 8.41
N ALA A 1250 -14.16 -22.66 8.45
CA ALA A 1250 -13.74 -23.62 7.45
C ALA A 1250 -14.49 -24.94 7.60
N GLU A 1251 -14.66 -25.63 6.47
CA GLU A 1251 -15.33 -26.92 6.46
C GLU A 1251 -14.30 -28.04 6.53
N VAL A 1252 -14.45 -28.90 7.52
CA VAL A 1252 -13.48 -29.95 7.80
C VAL A 1252 -14.21 -31.26 8.08
N ASN A 1253 -13.69 -32.34 7.52
CA ASN A 1253 -14.18 -33.67 7.83
C ASN A 1253 -13.67 -34.15 9.19
N THR A 1254 -14.40 -35.10 9.78
CA THR A 1254 -14.08 -35.61 11.10
C THR A 1254 -13.67 -37.08 11.08
N ASN A 1255 -13.15 -37.55 9.94
CA ASN A 1255 -12.79 -38.96 9.82
C ASN A 1255 -11.53 -39.29 10.62
N CYS A 1256 -10.50 -38.46 10.50
CA CYS A 1256 -9.21 -38.73 11.12
C CYS A 1256 -9.18 -38.11 12.51
N ASN A 1257 -7.99 -38.04 13.11
CA ASN A 1257 -7.84 -37.33 14.38
C ASN A 1257 -7.51 -35.86 14.14
N THR A 1258 -7.24 -35.15 15.24
CA THR A 1258 -6.91 -33.73 15.14
C THR A 1258 -5.51 -33.52 14.56
N LEU A 1259 -4.54 -34.29 15.04
CA LEU A 1259 -3.13 -33.98 14.79
C LEU A 1259 -2.75 -34.22 13.33
N ASP A 1260 -3.22 -35.31 12.73
CA ASP A 1260 -2.83 -35.62 11.36
C ASP A 1260 -3.50 -34.68 10.39
N ARG A 1261 -4.75 -34.31 10.65
CA ARG A 1261 -5.44 -33.36 9.78
C ARG A 1261 -4.82 -31.97 9.87
N LEU A 1262 -4.45 -31.53 11.08
CA LEU A 1262 -3.78 -30.23 11.18
C LEU A 1262 -2.38 -30.28 10.58
N LEU A 1263 -1.73 -31.44 10.60
CA LEU A 1263 -0.41 -31.55 10.02
C LEU A 1263 -0.49 -31.54 8.50
N MET A 1264 -1.51 -32.19 7.93
CA MET A 1264 -1.75 -32.09 6.50
C MET A 1264 -2.12 -30.67 6.09
N GLU A 1265 -2.90 -29.97 6.91
CA GLU A 1265 -3.21 -28.57 6.62
C GLU A 1265 -2.01 -27.67 6.79
N ALA A 1266 -1.00 -28.09 7.55
CA ALA A 1266 0.17 -27.26 7.82
C ALA A 1266 1.14 -27.19 6.65
N LYS A 1267 0.86 -27.89 5.55
CA LYS A 1267 1.76 -27.92 4.41
C LYS A 1267 1.64 -26.62 3.62
N ALA A 1268 2.40 -26.53 2.52
CA ALA A 1268 2.28 -25.38 1.63
C ALA A 1268 0.98 -25.49 0.85
N VAL A 1269 0.21 -24.40 0.86
CA VAL A 1269 -1.11 -24.40 0.24
C VAL A 1269 -1.00 -23.61 -1.06
N ALA A 1270 -1.95 -23.79 -1.97
CA ALA A 1270 -2.01 -22.95 -3.15
C ALA A 1270 -2.29 -21.49 -2.76
N SER A 1271 -2.04 -20.59 -3.70
CA SER A 1271 -2.13 -19.16 -3.45
C SER A 1271 -3.55 -18.73 -3.17
N GLN A 1272 -3.69 -17.57 -2.54
CA GLN A 1272 -5.00 -17.01 -2.26
C GLN A 1272 -5.02 -15.50 -2.39
N SER A 1273 -4.04 -14.91 -3.05
CA SER A 1273 -4.03 -13.48 -3.35
C SER A 1273 -3.35 -13.29 -4.69
N SER A 1274 -2.99 -12.04 -5.00
CA SER A 1274 -2.30 -11.72 -6.25
C SER A 1274 -0.86 -11.35 -5.98
N THR A 1275 0.00 -11.63 -6.96
CA THR A 1275 1.43 -11.40 -6.86
C THR A 1275 1.93 -10.35 -7.83
N ASP A 1276 1.63 -10.49 -9.12
CA ASP A 1276 2.22 -9.63 -10.13
C ASP A 1276 1.59 -8.23 -10.21
N THR A 1277 0.43 -8.03 -9.60
CA THR A 1277 -0.24 -6.73 -9.69
C THR A 1277 0.39 -5.74 -8.74
N GLU A 1278 -0.08 -4.50 -8.83
CA GLU A 1278 0.41 -3.43 -7.97
C GLU A 1278 -0.43 -3.21 -6.72
N TYR A 1279 -1.59 -3.86 -6.61
CA TYR A 1279 -2.46 -3.50 -5.50
C TYR A 1279 -3.18 -4.68 -4.85
N GLN A 1280 -2.62 -5.90 -4.94
CA GLN A 1280 -3.04 -7.06 -4.16
C GLN A 1280 -4.51 -7.44 -4.38
N PHE A 1281 -4.79 -7.88 -5.60
CA PHE A 1281 -6.15 -8.23 -5.98
C PHE A 1281 -6.52 -9.62 -5.45
N LYS A 1282 -7.64 -10.15 -5.94
CA LYS A 1282 -8.02 -11.53 -5.72
C LYS A 1282 -7.04 -12.49 -6.37
N ARG A 1283 -7.18 -13.77 -6.04
CA ARG A 1283 -6.47 -14.82 -6.75
C ARG A 1283 -6.94 -14.87 -8.19
N PRO A 1284 -6.05 -14.77 -9.17
CA PRO A 1284 -6.45 -14.97 -10.56
C PRO A 1284 -6.69 -16.44 -10.83
N PRO A 1285 -7.88 -16.80 -11.32
CA PRO A 1285 -8.14 -18.20 -11.67
C PRO A 1285 -7.28 -18.64 -12.84
N GLY A 1286 -6.89 -19.92 -12.81
CA GLY A 1286 -5.97 -20.45 -13.79
C GLY A 1286 -4.50 -20.19 -13.47
N SER A 1287 -4.21 -19.50 -12.37
CA SER A 1287 -2.85 -19.23 -11.95
C SER A 1287 -2.54 -20.03 -10.69
N THR A 1288 -1.42 -20.74 -10.71
CA THR A 1288 -1.01 -21.54 -9.56
C THR A 1288 0.40 -21.16 -9.13
N GLU A 1289 0.57 -20.98 -7.82
CA GLU A 1289 1.88 -20.83 -7.20
C GLU A 1289 1.76 -21.33 -5.77
N MET A 1290 2.84 -21.91 -5.28
CA MET A 1290 2.81 -22.65 -4.03
C MET A 1290 3.53 -21.85 -2.94
N THR A 1291 2.78 -21.45 -1.92
CA THR A 1291 3.32 -20.75 -0.76
C THR A 1291 3.00 -21.52 0.52
N GLN A 1292 3.98 -21.60 1.41
CA GLN A 1292 3.74 -22.13 2.74
C GLN A 1292 3.08 -21.03 3.58
N ASP A 1293 2.00 -21.39 4.28
CA ASP A 1293 1.16 -20.41 4.97
C ASP A 1293 1.07 -20.76 6.45
N PRO A 1294 2.01 -20.32 7.27
CA PRO A 1294 1.81 -20.40 8.73
C PRO A 1294 0.76 -19.40 9.19
N CYS A 1295 0.27 -19.64 10.41
CA CYS A 1295 -0.68 -18.82 11.17
C CYS A 1295 -1.94 -18.46 10.38
N GLY A 1296 -2.30 -19.25 9.38
CA GLY A 1296 -3.55 -19.07 8.68
C GLY A 1296 -4.55 -20.08 9.21
N LEU A 1297 -4.03 -21.25 9.57
CA LEU A 1297 -4.81 -22.26 10.26
C LEU A 1297 -4.75 -22.11 11.77
N PHE A 1298 -3.72 -21.44 12.28
CA PHE A 1298 -3.73 -21.02 13.68
C PHE A 1298 -4.77 -19.95 13.95
N GLN A 1299 -5.23 -19.24 12.92
CA GLN A 1299 -6.15 -18.10 13.02
C GLN A 1299 -5.59 -17.07 13.99
N GLU A 1300 -4.29 -16.80 13.87
CA GLU A 1300 -3.58 -16.03 14.86
C GLU A 1300 -2.71 -15.01 14.14
N ALA A 1301 -2.55 -13.84 14.76
CA ALA A 1301 -1.82 -12.74 14.14
C ALA A 1301 -0.71 -12.27 15.05
N TYR A 1302 0.29 -11.61 14.45
CA TYR A 1302 1.51 -11.21 15.16
C TYR A 1302 1.67 -9.69 15.14
N PRO A 1303 2.13 -9.10 16.23
CA PRO A 1303 2.38 -7.67 16.25
C PRO A 1303 3.82 -7.33 15.94
N PRO A 1304 4.06 -6.31 15.12
CA PRO A 1304 5.41 -5.78 14.95
C PRO A 1304 5.66 -4.57 15.85
N LEU A 1305 6.91 -4.11 15.83
CA LEU A 1305 7.32 -2.97 16.66
C LEU A 1305 6.68 -1.70 16.13
N CYS A 1306 5.67 -1.19 16.85
CA CYS A 1306 4.94 -0.01 16.40
C CYS A 1306 4.67 0.90 17.58
N SER A 1307 4.25 2.13 17.27
CA SER A 1307 4.00 3.10 18.33
C SER A 1307 2.87 4.05 17.96
N SER A 1308 2.30 4.66 18.98
CA SER A 1308 1.28 5.68 18.84
C SER A 1308 1.86 7.09 18.90
N ASP A 1309 3.19 7.21 18.97
CA ASP A 1309 3.83 8.52 18.98
C ASP A 1309 5.24 8.40 18.42
N ALA A 1310 5.62 9.37 17.60
CA ALA A 1310 6.91 9.32 16.93
C ALA A 1310 8.06 9.69 17.86
N ALA A 1311 7.82 10.59 18.82
CA ALA A 1311 8.91 11.06 19.68
C ALA A 1311 9.34 9.99 20.67
N MET A 1312 8.40 9.24 21.23
CA MET A 1312 8.71 8.23 22.23
C MET A 1312 9.13 6.91 21.61
N LEU A 1313 9.08 6.78 20.28
CA LEU A 1313 9.47 5.53 19.66
C LEU A 1313 10.99 5.36 19.69
N ARG A 1314 11.73 6.44 19.48
CA ARG A 1314 13.18 6.44 19.52
C ARG A 1314 13.73 6.86 20.86
N THR A 1315 15.03 6.63 21.02
CA THR A 1315 15.83 7.12 22.14
C THR A 1315 16.98 7.95 21.59
N ALA A 1316 17.36 8.99 22.34
CA ALA A 1316 18.43 9.90 21.91
C ALA A 1316 19.78 9.32 22.34
N HIS A 1317 20.13 8.20 21.73
CA HIS A 1317 21.40 7.54 22.01
C HIS A 1317 22.14 7.07 20.78
N ALA A 1318 21.55 7.15 19.58
CA ALA A 1318 22.07 6.62 18.32
C ALA A 1318 22.38 5.11 18.45
N GLY A 1319 21.29 4.36 18.65
CA GLY A 1319 21.40 2.95 18.97
C GLY A 1319 20.05 2.24 18.90
N GLU A 1320 19.74 1.45 19.93
CA GLU A 1320 18.49 0.71 19.96
C GLU A 1320 17.28 1.63 20.12
N THR A 1321 16.12 1.08 19.83
CA THR A 1321 14.87 1.85 19.83
C THR A 1321 14.38 2.04 21.27
N GLY A 1322 13.15 2.54 21.39
CA GLY A 1322 12.59 2.79 22.71
C GLY A 1322 12.21 1.52 23.43
N ALA A 1323 12.16 1.63 24.76
CA ALA A 1323 11.79 0.51 25.62
C ALA A 1323 10.69 0.84 26.61
N ASP A 1324 10.29 2.10 26.73
CA ASP A 1324 9.18 2.47 27.58
C ASP A 1324 7.88 1.95 26.98
N GLU A 1325 7.02 1.38 27.81
CA GLU A 1325 5.76 0.86 27.30
C GLU A 1325 4.74 1.97 27.09
N VAL A 1326 4.35 2.65 28.16
CA VAL A 1326 3.45 3.78 28.09
C VAL A 1326 4.09 4.95 28.84
N HIS A 1327 3.99 6.15 28.26
CA HIS A 1327 4.54 7.34 28.91
C HIS A 1327 3.47 8.10 29.69
N LEU A 1328 2.48 8.65 29.02
CA LEU A 1328 1.33 9.21 29.69
C LEU A 1328 0.02 8.58 29.26
N ALA A 1329 -0.26 8.58 27.95
CA ALA A 1329 -1.40 7.87 27.41
C ALA A 1329 -1.08 7.14 26.12
N GLN A 1330 0.04 7.44 25.48
CA GLN A 1330 0.45 6.78 24.25
C GLN A 1330 1.10 5.45 24.60
N TYR A 1331 1.47 4.68 23.59
CA TYR A 1331 1.99 3.35 23.87
C TYR A 1331 3.03 2.93 22.84
N LEU A 1332 3.85 1.97 23.24
CA LEU A 1332 4.88 1.35 22.41
C LEU A 1332 4.77 -0.16 22.53
N ILE A 1333 4.23 -0.80 21.52
CA ILE A 1333 4.14 -2.24 21.49
C ILE A 1333 5.45 -2.81 20.99
N ARG A 1334 5.84 -3.98 21.49
CA ARG A 1334 7.08 -4.61 21.10
C ARG A 1334 6.84 -5.62 19.98
N ASP A 1335 7.91 -6.01 19.32
CA ASP A 1335 7.82 -6.95 18.21
C ASP A 1335 7.71 -8.36 18.75
N ALA A 1336 6.59 -9.01 18.47
CA ALA A 1336 6.42 -10.43 18.77
C ALA A 1336 6.37 -11.28 17.52
N SER A 1337 6.36 -10.68 16.34
CA SER A 1337 6.50 -11.42 15.11
C SER A 1337 7.90 -12.04 15.04
N PRO A 1338 8.08 -13.13 14.28
CA PRO A 1338 9.42 -13.74 14.19
C PRO A 1338 10.45 -12.88 13.46
N LEU A 1339 10.10 -11.71 12.98
CA LEU A 1339 11.06 -10.80 12.33
C LEU A 1339 11.63 -9.81 13.34
N ARG A 1340 12.13 -10.33 14.47
CA ARG A 1340 12.68 -9.44 15.50
C ARG A 1340 14.06 -8.94 15.11
N GLY A 1341 14.91 -9.85 14.63
CA GLY A 1341 16.27 -9.53 14.27
C GLY A 1341 16.49 -9.11 12.83
N CYS A 1342 15.43 -8.94 12.05
CA CYS A 1342 15.52 -8.54 10.66
C CYS A 1342 14.76 -7.22 10.47
N LEU A 1343 14.54 -6.84 9.20
CA LEU A 1343 14.00 -5.57 8.75
C LEU A 1343 14.81 -4.41 9.31
N PRO A 1344 16.01 -4.16 8.76
CA PRO A 1344 16.88 -3.11 9.31
C PRO A 1344 16.28 -1.72 9.16
N LEU A 1345 16.62 -0.85 10.10
CA LEU A 1345 15.99 0.45 10.22
C LEU A 1345 16.69 1.49 9.36
N ILE B 1 1.86 -76.77 14.76
CA ILE B 1 2.57 -76.47 13.52
C ILE B 1 3.92 -77.19 13.52
N PRO B 2 4.16 -78.04 12.52
CA PRO B 2 5.48 -78.71 12.39
C PRO B 2 6.52 -77.80 11.74
N ALA B 3 6.87 -76.74 12.45
CA ALA B 3 7.86 -75.78 11.95
C ALA B 3 9.25 -76.39 12.02
N GLY B 4 9.96 -76.38 10.89
CA GLY B 4 11.27 -76.99 10.85
C GLY B 4 12.33 -76.14 11.53
N ILE B 5 12.59 -74.95 10.97
CA ILE B 5 13.63 -74.07 11.47
C ILE B 5 13.04 -72.68 11.68
N ILE B 6 13.18 -72.16 12.90
CA ILE B 6 12.90 -70.75 13.18
C ILE B 6 14.19 -69.96 13.02
N PRO B 7 14.18 -68.89 12.23
CA PRO B 7 15.39 -68.06 12.10
C PRO B 7 15.71 -67.34 13.40
N THR B 8 17.01 -67.20 13.68
CA THR B 8 17.51 -66.52 14.87
C THR B 8 18.53 -65.47 14.41
N GLY B 9 18.03 -64.30 14.04
CA GLY B 9 18.87 -63.24 13.53
C GLY B 9 18.06 -62.28 12.68
N ASN B 10 18.75 -61.59 11.78
CA ASN B 10 18.11 -60.64 10.88
C ASN B 10 17.40 -61.40 9.77
N VAL B 11 16.13 -61.08 9.54
CA VAL B 11 15.33 -61.72 8.50
C VAL B 11 14.89 -60.66 7.50
N LEU B 12 15.15 -60.90 6.23
CA LEU B 12 14.77 -59.99 5.16
C LEU B 12 13.49 -60.50 4.52
N SER B 13 12.48 -59.63 4.45
CA SER B 13 11.20 -60.02 3.90
C SER B 13 11.24 -60.00 2.37
N THR B 14 10.18 -60.54 1.78
CA THR B 14 10.08 -60.62 0.33
C THR B 14 9.49 -59.33 -0.24
N ILE B 15 9.95 -58.95 -1.43
CA ILE B 15 9.53 -57.74 -2.12
C ILE B 15 9.07 -58.17 -3.51
N GLU B 16 7.75 -58.16 -3.73
CA GLU B 16 7.17 -58.64 -4.98
C GLU B 16 5.92 -57.84 -5.29
N VAL B 17 5.76 -57.43 -6.55
CA VAL B 17 4.57 -56.72 -6.97
C VAL B 17 3.53 -57.73 -7.43
N CYS B 18 2.33 -57.69 -6.85
CA CYS B 18 1.24 -58.56 -7.24
C CYS B 18 0.52 -57.90 -8.40
N ILE B 19 0.73 -58.44 -9.60
CA ILE B 19 0.17 -57.84 -10.81
C ILE B 19 -1.23 -58.40 -11.06
N PHE B 20 -2.19 -57.50 -11.22
CA PHE B 20 -3.57 -57.87 -11.56
C PHE B 20 -3.77 -57.60 -13.04
N PHE B 21 -3.93 -58.67 -13.82
CA PHE B 21 -4.07 -58.57 -15.27
C PHE B 21 -5.50 -58.24 -15.68
N ARG B 22 18.57 -57.52 21.47
CA ARG B 22 18.62 -58.45 22.58
C ARG B 22 18.93 -57.72 23.87
N PHE B 23 18.72 -58.39 25.00
CA PHE B 23 18.81 -57.73 26.30
C PHE B 23 20.25 -57.37 26.66
N LEU B 24 21.22 -58.17 26.24
CA LEU B 24 22.56 -58.06 26.80
C LEU B 24 23.31 -56.83 26.27
N GLU B 25 23.17 -56.54 24.98
CA GLU B 25 23.94 -55.44 24.41
C GLU B 25 23.43 -54.07 24.83
N LEU B 26 22.20 -53.97 25.33
CA LEU B 26 21.74 -52.72 25.90
C LEU B 26 22.45 -52.45 27.21
N GLY B 27 22.58 -51.17 27.55
CA GLY B 27 23.32 -50.75 28.72
C GLY B 27 22.75 -51.24 30.04
N LEU B 28 21.42 -51.27 30.16
CA LEU B 28 20.72 -51.66 31.38
C LEU B 28 21.06 -53.09 31.81
N SER B 29 21.56 -53.92 30.91
CA SER B 29 22.01 -55.26 31.23
C SER B 29 23.15 -55.30 32.24
N VAL B 30 23.93 -54.22 32.37
CA VAL B 30 24.96 -54.27 33.41
C VAL B 30 24.35 -54.05 34.79
N ALA B 31 23.16 -53.45 34.87
CA ALA B 31 22.56 -53.13 36.16
C ALA B 31 22.06 -54.36 36.90
N CYS B 32 21.89 -55.49 36.19
CA CYS B 32 21.37 -56.68 36.82
C CYS B 32 22.28 -57.85 36.50
N ILE B 33 22.07 -58.93 37.20
CA ILE B 33 22.51 -60.25 36.76
C ILE B 33 21.27 -61.05 36.41
N CYS B 34 21.41 -61.92 35.40
CA CYS B 34 20.30 -62.74 34.94
C CYS B 34 20.71 -64.20 34.92
N THR B 35 19.92 -65.04 35.59
CA THR B 35 20.19 -66.47 35.56
C THR B 35 18.88 -67.23 35.39
N LYS B 36 18.98 -68.39 34.74
CA LYS B 36 17.82 -69.18 34.37
C LYS B 36 17.29 -69.96 35.57
N PHE B 37 15.96 -70.08 35.64
CA PHE B 37 15.31 -70.84 36.70
C PHE B 37 13.99 -71.33 36.18
N PRO B 38 13.95 -72.56 35.64
CA PRO B 38 12.75 -73.00 34.89
C PRO B 38 11.54 -73.25 35.77
N GLU B 39 11.73 -73.75 36.98
CA GLU B 39 10.59 -74.08 37.84
C GLU B 39 10.20 -72.92 38.74
N LEU B 40 10.00 -71.75 38.14
CA LEU B 40 9.57 -70.59 38.88
C LEU B 40 8.07 -70.59 39.14
N ALA B 41 7.32 -71.44 38.45
CA ALA B 41 5.88 -71.48 38.68
C ALA B 41 5.53 -72.18 39.99
N TYR B 42 6.43 -73.01 40.52
CA TYR B 42 6.14 -73.81 41.69
C TYR B 42 6.84 -73.31 42.94
N VAL B 43 7.18 -72.02 42.99
CA VAL B 43 7.81 -71.47 44.19
C VAL B 43 6.75 -71.25 45.25
N ARG B 44 7.03 -71.71 46.46
CA ARG B 44 6.14 -71.44 47.60
C ARG B 44 6.46 -70.04 48.14
N ASP B 45 7.66 -69.90 48.71
CA ASP B 45 8.24 -68.63 49.12
C ASP B 45 9.75 -68.71 48.89
N GLY B 46 10.35 -67.58 48.58
CA GLY B 46 11.79 -67.47 48.51
C GLY B 46 12.27 -66.37 49.45
N VAL B 47 13.44 -66.60 50.04
CA VAL B 47 13.98 -65.67 51.03
C VAL B 47 15.45 -65.43 50.72
N ILE B 48 15.97 -64.34 51.28
CA ILE B 48 17.41 -64.10 51.30
C ILE B 48 17.76 -63.40 52.61
N GLN B 49 18.96 -63.66 53.09
CA GLN B 49 19.42 -63.17 54.39
C GLN B 49 20.82 -62.58 54.25
N PHE B 50 21.08 -61.56 55.03
CA PHE B 50 22.35 -60.84 55.02
C PHE B 50 22.93 -60.84 56.42
N GLU B 51 24.23 -61.11 56.52
CA GLU B 51 24.99 -60.92 57.75
C GLU B 51 25.97 -59.78 57.56
N VAL B 52 26.22 -59.03 58.64
CA VAL B 52 27.16 -57.93 58.57
C VAL B 52 27.80 -57.76 59.94
N GLN B 53 29.09 -57.44 59.94
CA GLN B 53 29.89 -57.27 61.16
C GLN B 53 30.58 -55.91 61.06
N GLN B 54 30.11 -54.95 61.84
CA GLN B 54 30.77 -53.65 61.89
C GLN B 54 32.11 -53.79 62.60
N PRO B 55 33.17 -53.15 62.11
CA PRO B 55 34.48 -53.27 62.77
C PRO B 55 34.49 -52.59 64.14
N MET B 56 35.28 -53.17 65.03
CA MET B 56 35.48 -52.64 66.37
C MET B 56 36.58 -51.58 66.37
N ILE B 57 36.44 -50.61 67.26
CA ILE B 57 37.48 -49.61 67.49
C ILE B 57 37.73 -49.55 68.98
N ALA B 58 38.95 -49.86 69.40
CA ALA B 58 39.29 -49.82 70.81
C ALA B 58 39.40 -48.38 71.28
N ARG B 59 38.96 -48.15 72.52
CA ARG B 59 39.09 -46.83 73.13
C ARG B 59 39.38 -47.00 74.61
N ASP B 60 40.20 -46.11 75.14
CA ASP B 60 40.54 -46.08 76.56
C ASP B 60 40.13 -44.72 77.12
N GLY B 61 39.47 -44.74 78.28
CA GLY B 61 39.02 -43.52 78.91
C GLY B 61 37.72 -43.73 79.67
N PRO B 62 36.97 -42.62 79.88
CA PRO B 62 35.69 -42.69 80.60
C PRO B 62 34.50 -43.02 79.70
N HIS B 63 34.58 -44.14 79.01
CA HIS B 63 33.54 -44.58 78.10
C HIS B 63 33.13 -46.01 78.43
N PRO B 64 31.88 -46.37 78.16
CA PRO B 64 31.47 -47.77 78.36
C PRO B 64 32.18 -48.69 77.37
N VAL B 65 32.41 -49.92 77.80
CA VAL B 65 33.15 -50.89 77.02
C VAL B 65 32.25 -51.42 75.92
N ASP B 66 32.73 -51.37 74.68
CA ASP B 66 31.98 -51.82 73.52
C ASP B 66 32.40 -53.22 73.10
N GLN B 67 31.50 -53.89 72.40
CA GLN B 67 31.73 -55.22 71.85
C GLN B 67 31.43 -55.20 70.35
N PRO B 68 32.06 -56.08 69.57
CA PRO B 68 31.67 -56.23 68.17
C PRO B 68 30.26 -56.79 68.06
N VAL B 69 29.57 -56.41 66.99
CA VAL B 69 28.16 -56.72 66.82
C VAL B 69 27.94 -57.43 65.49
N HIS B 70 27.12 -58.47 65.51
CA HIS B 70 26.63 -59.13 64.31
C HIS B 70 25.21 -58.69 64.04
N ASN B 71 24.91 -58.35 62.79
CA ASN B 71 23.58 -57.91 62.43
C ASN B 71 23.08 -58.69 61.23
N TYR B 72 21.77 -58.90 61.21
CA TYR B 72 21.08 -59.77 60.27
C TYR B 72 20.01 -58.98 59.54
N MET B 73 19.73 -59.37 58.30
CA MET B 73 18.69 -58.69 57.53
C MET B 73 17.97 -59.72 56.68
N VAL B 74 16.64 -59.57 56.58
CA VAL B 74 15.77 -60.55 55.94
C VAL B 74 15.01 -59.87 54.81
N LYS B 75 15.08 -60.44 53.59
CA LYS B 75 14.39 -59.91 52.43
C LYS B 75 13.68 -61.03 51.67
N ARG B 76 12.65 -60.63 50.93
CA ARG B 76 11.80 -61.56 50.18
C ARG B 76 12.34 -61.69 48.75
N ILE B 77 11.60 -62.42 47.91
CA ILE B 77 12.06 -62.87 46.61
C ILE B 77 11.33 -62.13 45.49
N HIS B 78 10.66 -61.03 45.84
CA HIS B 78 9.38 -60.55 45.31
C HIS B 78 9.10 -60.87 43.84
N LYS B 79 7.95 -61.50 43.60
CA LYS B 79 7.66 -62.20 42.35
C LYS B 79 6.63 -61.43 41.54
N ARG B 80 6.85 -61.33 40.23
CA ARG B 80 5.96 -60.66 39.31
C ARG B 80 5.79 -61.64 38.14
N SER B 81 4.98 -61.29 37.14
CA SER B 81 4.88 -62.13 35.95
C SER B 81 4.80 -61.25 34.72
N LEU B 82 4.59 -61.87 33.56
CA LEU B 82 4.19 -61.17 32.36
C LEU B 82 3.49 -62.16 31.44
N SER B 83 2.71 -61.63 30.48
CA SER B 83 1.96 -62.48 29.57
C SER B 83 1.64 -61.71 28.30
N ALA B 84 1.95 -62.32 27.17
CA ALA B 84 1.52 -61.86 25.86
C ALA B 84 0.45 -62.81 25.34
N ALA B 85 -0.04 -62.54 24.12
CA ALA B 85 -1.10 -63.33 23.52
C ALA B 85 -0.73 -63.69 22.09
N PHE B 86 -1.54 -64.58 21.48
CA PHE B 86 -1.36 -64.96 20.09
C PHE B 86 -2.69 -65.55 19.61
N ALA B 87 -3.41 -64.79 18.79
CA ALA B 87 -4.73 -65.20 18.30
C ALA B 87 -4.75 -65.16 16.78
N ILE B 88 -5.01 -66.29 16.16
CA ILE B 88 -5.07 -66.43 14.70
C ILE B 88 -6.43 -66.99 14.33
N ALA B 89 -7.02 -66.45 13.26
CA ALA B 89 -8.35 -66.82 12.82
C ALA B 89 -8.40 -68.25 12.30
N SER B 90 -9.62 -68.74 12.07
CA SER B 90 -9.83 -70.16 11.78
C SER B 90 -9.40 -70.55 10.38
N GLU B 91 -9.31 -69.58 9.46
CA GLU B 91 -8.94 -69.90 8.08
C GLU B 91 -7.49 -70.33 7.98
N ALA B 92 -6.58 -69.60 8.64
CA ALA B 92 -5.17 -69.97 8.60
C ALA B 92 -4.91 -71.28 9.34
N LEU B 93 -5.60 -71.51 10.46
CA LEU B 93 -5.43 -72.77 11.18
C LEU B 93 -6.01 -73.94 10.40
N SER B 94 -7.08 -73.72 9.64
CA SER B 94 -7.57 -74.74 8.73
C SER B 94 -6.60 -74.97 7.59
N LEU B 95 -5.89 -73.94 7.17
CA LEU B 95 -4.86 -74.09 6.14
C LEU B 95 -3.69 -74.93 6.64
N LEU B 96 -3.25 -74.68 7.88
CA LEU B 96 -2.11 -75.41 8.43
C LEU B 96 -2.48 -76.77 9.00
N SER B 97 -3.33 -76.82 10.02
CA SER B 97 -3.47 -78.01 10.86
C SER B 97 -4.64 -78.85 10.39
N ASN B 98 -4.41 -79.68 9.38
CA ASN B 98 -5.34 -80.73 9.00
C ASN B 98 -4.56 -81.99 8.62
N THR B 99 -3.41 -82.17 9.26
CA THR B 99 -2.49 -83.30 9.10
C THR B 99 -2.04 -83.44 7.64
N TYR B 100 -1.37 -82.38 7.17
CA TYR B 100 -0.46 -82.41 6.00
C TYR B 100 -1.21 -82.52 4.68
N VAL B 101 -2.55 -82.61 4.76
CA VAL B 101 -3.48 -82.95 3.67
C VAL B 101 -2.93 -84.11 2.85
N ASP B 102 -2.37 -83.84 1.67
CA ASP B 102 -1.59 -84.82 0.90
C ASP B 102 -0.59 -84.05 0.03
N GLY B 103 0.61 -83.85 0.55
CA GLY B 103 1.65 -83.18 -0.20
C GLY B 103 1.78 -81.70 0.13
N THR B 104 3.02 -81.23 0.29
CA THR B 104 3.25 -79.83 0.57
C THR B 104 2.95 -78.95 -0.64
N GLU B 105 3.34 -79.43 -1.83
CA GLU B 105 3.41 -78.56 -3.01
C GLU B 105 2.03 -78.15 -3.53
N ILE B 106 1.01 -78.99 -3.36
CA ILE B 106 -0.31 -78.70 -3.91
C ILE B 106 -0.98 -77.58 -3.10
N ASP B 107 -0.69 -77.50 -1.80
CA ASP B 107 -1.25 -76.43 -0.99
C ASP B 107 -0.21 -75.36 -0.68
N SER B 108 0.97 -75.47 -1.31
CA SER B 108 2.13 -74.64 -0.98
C SER B 108 1.88 -73.15 -1.18
N SER B 109 1.09 -72.81 -2.21
CA SER B 109 0.84 -71.44 -2.65
C SER B 109 0.16 -70.57 -1.59
N LEU B 110 -0.44 -71.19 -0.58
CA LEU B 110 -0.93 -70.46 0.59
C LEU B 110 -0.20 -70.93 1.83
N ARG B 111 0.15 -72.23 1.86
CA ARG B 111 0.67 -72.85 3.07
C ARG B 111 2.06 -72.33 3.42
N ILE B 112 2.94 -72.21 2.43
CA ILE B 112 4.31 -71.76 2.70
C ILE B 112 4.31 -70.31 3.18
N ARG B 113 3.53 -69.46 2.50
CA ARG B 113 3.39 -68.06 2.89
C ARG B 113 2.85 -67.94 4.31
N ALA B 114 1.89 -68.80 4.68
CA ALA B 114 1.41 -68.79 6.05
C ALA B 114 2.48 -69.28 7.03
N ILE B 115 3.38 -70.18 6.59
CA ILE B 115 4.48 -70.63 7.46
C ILE B 115 5.44 -69.48 7.76
N GLN B 116 5.84 -68.72 6.73
CA GLN B 116 6.70 -67.58 7.03
C GLN B 116 5.94 -66.47 7.76
N GLN B 117 4.62 -66.40 7.56
CA GLN B 117 3.78 -65.48 8.32
C GLN B 117 3.83 -65.78 9.81
N MET B 118 3.63 -67.05 10.17
CA MET B 118 3.69 -67.46 11.56
C MET B 118 5.10 -67.35 12.12
N ALA B 119 6.12 -67.60 11.29
CA ALA B 119 7.50 -67.49 11.74
C ALA B 119 7.85 -66.05 12.09
N ARG B 120 7.47 -65.11 11.22
CA ARG B 120 7.70 -63.70 11.51
C ARG B 120 6.85 -63.23 12.68
N ASN B 121 5.64 -63.80 12.84
CA ASN B 121 4.81 -63.51 13.99
C ASN B 121 5.48 -63.90 15.29
N LEU B 122 6.06 -65.11 15.32
CA LEU B 122 6.73 -65.58 16.53
C LEU B 122 8.03 -64.80 16.77
N ARG B 123 8.69 -64.36 15.70
CA ARG B 123 9.86 -63.48 15.84
C ARG B 123 9.48 -62.16 16.51
N THR B 124 8.38 -61.56 16.07
CA THR B 124 7.90 -60.33 16.69
C THR B 124 7.48 -60.56 18.14
N VAL B 125 6.89 -61.73 18.42
CA VAL B 125 6.49 -62.08 19.78
C VAL B 125 7.71 -62.17 20.69
N SER B 126 8.76 -62.83 20.21
CA SER B 126 9.97 -62.99 21.03
C SER B 126 10.69 -61.66 21.23
N ASP B 127 10.71 -60.81 20.19
CA ASP B 127 11.34 -59.50 20.35
C ASP B 127 10.55 -58.61 21.30
N SER B 128 9.23 -58.70 21.27
CA SER B 128 8.40 -57.93 22.20
C SER B 128 8.55 -58.46 23.62
N PHE B 129 8.75 -59.77 23.76
CA PHE B 129 9.10 -60.39 25.03
C PHE B 129 10.38 -59.79 25.62
N GLU B 130 11.44 -59.74 24.80
CA GLU B 130 12.71 -59.17 25.25
C GLU B 130 12.57 -57.70 25.62
N ARG B 131 11.82 -56.97 24.79
CA ARG B 131 11.59 -55.55 25.02
C ARG B 131 10.83 -55.31 26.31
N GLY B 132 9.82 -56.13 26.57
CA GLY B 132 9.06 -56.02 27.81
C GLY B 132 9.86 -56.37 29.04
N THR B 133 10.76 -57.36 28.94
CA THR B 133 11.62 -57.69 30.08
C THR B 133 12.56 -56.54 30.40
N ALA B 134 13.12 -55.92 29.35
CA ALA B 134 13.98 -54.75 29.57
C ALA B 134 13.20 -53.58 30.17
N ASP B 135 11.98 -53.38 29.69
CA ASP B 135 11.10 -52.34 30.25
C ASP B 135 10.77 -52.60 31.71
N GLN B 136 10.55 -53.87 32.06
CA GLN B 136 10.23 -54.22 33.43
C GLN B 136 11.41 -53.99 34.36
N LEU B 137 12.62 -54.31 33.90
CA LEU B 137 13.81 -54.05 34.71
C LEU B 137 14.00 -52.54 34.91
N LEU B 138 13.80 -51.76 33.84
CA LEU B 138 13.88 -50.32 33.96
C LEU B 138 12.83 -49.80 34.95
N GLY B 139 11.63 -50.38 34.90
CA GLY B 139 10.56 -50.05 35.80
C GLY B 139 10.89 -50.29 37.26
N VAL B 140 11.47 -51.45 37.58
CA VAL B 140 11.77 -51.72 38.98
C VAL B 140 12.93 -50.83 39.46
N LEU B 141 13.82 -50.44 38.55
CA LEU B 141 14.79 -49.40 38.91
C LEU B 141 14.11 -48.06 39.21
N LEU B 142 13.06 -47.68 38.46
CA LEU B 142 12.31 -46.47 38.80
C LEU B 142 11.61 -46.60 40.15
N GLU B 143 10.82 -47.64 40.37
CA GLU B 143 10.19 -47.74 41.69
C GLU B 143 11.04 -48.47 42.72
N LYS B 144 12.37 -48.32 42.63
CA LYS B 144 13.16 -48.38 43.85
C LYS B 144 13.82 -47.03 44.17
N ALA B 145 13.97 -46.14 43.19
CA ALA B 145 15.00 -45.13 43.24
C ALA B 145 14.59 -43.95 44.11
N PRO B 146 15.35 -43.61 45.14
CA PRO B 146 15.01 -42.48 46.00
C PRO B 146 15.59 -41.18 45.46
N PRO B 147 15.05 -40.03 45.88
CA PRO B 147 15.61 -38.76 45.43
C PRO B 147 16.99 -38.51 46.02
N LEU B 148 17.92 -38.06 45.16
CA LEU B 148 19.28 -37.81 45.60
C LEU B 148 19.39 -36.51 46.37
N SER B 149 18.56 -35.52 46.05
CA SER B 149 18.54 -34.27 46.80
C SER B 149 18.09 -34.47 48.24
N LEU B 150 17.39 -35.57 48.52
CA LEU B 150 17.07 -35.96 49.88
C LEU B 150 18.22 -36.76 50.50
N LEU B 151 18.75 -37.74 49.77
CA LEU B 151 19.65 -38.71 50.37
C LEU B 151 21.04 -38.12 50.63
N SER B 152 21.56 -37.35 49.68
CA SER B 152 22.94 -36.85 49.79
C SER B 152 23.20 -35.92 50.97
N PRO B 153 22.35 -34.95 51.34
CA PRO B 153 22.59 -34.25 52.61
C PRO B 153 22.44 -35.14 53.83
N ILE B 154 21.59 -36.16 53.77
CA ILE B 154 21.57 -37.14 54.84
C ILE B 154 22.86 -37.97 54.82
N ASN B 155 23.36 -38.26 53.61
CA ASN B 155 24.57 -39.05 53.45
C ASN B 155 25.78 -38.31 54.03
N LYS B 156 25.83 -36.99 53.88
CA LYS B 156 26.95 -36.22 54.42
C LYS B 156 26.71 -35.84 55.89
N PHE B 157 25.61 -35.16 56.17
CA PHE B 157 25.38 -34.51 57.45
C PHE B 157 25.19 -35.49 58.60
N GLN B 158 24.72 -36.70 58.31
CA GLN B 158 24.51 -37.68 59.37
C GLN B 158 25.49 -38.83 59.20
N PRO B 159 26.55 -38.88 60.00
CA PRO B 159 27.51 -39.99 59.86
C PRO B 159 27.17 -41.21 60.71
N GLU B 160 26.37 -41.03 61.77
CA GLU B 160 26.17 -42.10 62.74
C GLU B 160 24.73 -42.35 63.14
N GLY B 161 23.81 -41.39 62.98
CA GLY B 161 22.43 -41.61 63.34
C GLY B 161 22.18 -41.49 64.84
N HIS B 162 20.90 -41.61 65.19
CA HIS B 162 20.40 -41.58 66.58
C HIS B 162 20.79 -40.26 67.26
N LEU B 163 20.24 -39.18 66.73
CA LEU B 163 20.66 -37.83 67.03
C LEU B 163 19.66 -37.12 67.95
N ASN B 164 19.92 -35.84 68.20
CA ASN B 164 19.09 -35.00 69.06
C ASN B 164 18.06 -34.23 68.24
N ARG B 165 17.19 -33.52 68.95
CA ARG B 165 16.10 -32.79 68.31
C ARG B 165 16.59 -31.54 67.59
N VAL B 166 17.54 -30.82 68.19
CA VAL B 166 18.03 -29.59 67.60
C VAL B 166 18.79 -29.88 66.31
N ALA B 167 19.61 -30.95 66.31
CA ALA B 167 20.36 -31.32 65.13
C ALA B 167 19.44 -31.80 64.01
N ARG B 168 18.37 -32.52 64.35
CA ARG B 168 17.47 -32.98 63.30
C ARG B 168 16.61 -31.84 62.78
N ALA B 169 16.29 -30.84 63.61
CA ALA B 169 15.63 -29.65 63.11
C ALA B 169 16.55 -28.86 62.18
N ALA B 170 17.84 -28.80 62.51
CA ALA B 170 18.80 -28.12 61.65
C ALA B 170 18.93 -28.84 60.31
N LEU B 171 18.98 -30.17 60.31
CA LEU B 171 19.06 -30.86 59.04
C LEU B 171 17.74 -30.80 58.29
N LEU B 172 16.61 -30.67 58.99
CA LEU B 172 15.35 -30.45 58.29
C LEU B 172 15.37 -29.11 57.56
N SER B 173 15.92 -28.08 58.20
CA SER B 173 16.12 -26.80 57.52
C SER B 173 17.07 -26.94 56.34
N ASP B 174 18.12 -27.76 56.50
CA ASP B 174 19.09 -27.95 55.43
C ASP B 174 18.46 -28.69 54.24
N LEU B 175 17.63 -29.70 54.51
CA LEU B 175 16.89 -30.39 53.46
C LEU B 175 15.91 -29.46 52.76
N LYS B 176 15.22 -28.59 53.52
CA LYS B 176 14.31 -27.64 52.89
C LYS B 176 15.07 -26.68 51.97
N ARG B 177 16.23 -26.20 52.43
CA ARG B 177 17.06 -25.35 51.59
C ARG B 177 17.57 -26.09 50.36
N ARG B 178 17.89 -27.38 50.51
CA ARG B 178 18.41 -28.15 49.40
C ARG B 178 17.34 -28.41 48.35
N VAL B 179 16.12 -28.72 48.77
CA VAL B 179 15.08 -29.01 47.78
C VAL B 179 14.58 -27.71 47.15
N CYS B 180 14.59 -26.60 47.90
CA CYS B 180 14.25 -25.32 47.29
C CYS B 180 15.36 -24.81 46.38
N ALA B 181 16.59 -25.27 46.59
CA ALA B 181 17.72 -24.77 45.84
C ALA B 181 17.66 -25.19 44.37
N ASP B 182 17.44 -26.48 44.12
CA ASP B 182 17.46 -26.96 42.75
C ASP B 182 16.72 -28.27 42.64
N MET B 183 15.85 -28.38 41.64
CA MET B 183 15.46 -29.67 41.13
C MET B 183 15.46 -29.63 39.60
N PHE B 184 15.39 -28.43 39.03
CA PHE B 184 15.40 -28.33 37.57
C PHE B 184 16.81 -28.06 37.06
N PHE B 185 17.74 -28.90 37.50
CA PHE B 185 19.14 -28.51 37.62
C PHE B 185 19.84 -28.46 36.26
N MET B 186 19.39 -29.26 35.29
CA MET B 186 19.86 -29.12 33.91
C MET B 186 19.58 -27.73 33.35
N THR B 187 18.38 -27.22 33.59
CA THR B 187 17.95 -25.98 32.96
C THR B 187 18.06 -24.77 33.87
N ARG B 188 18.39 -24.96 35.15
CA ARG B 188 18.57 -23.79 36.01
C ARG B 188 19.93 -23.14 35.78
N HIS B 189 21.00 -23.87 36.09
CA HIS B 189 22.34 -23.35 35.92
C HIS B 189 22.99 -23.95 34.67
N ALA B 190 22.39 -23.67 33.52
CA ALA B 190 22.96 -24.09 32.25
C ALA B 190 24.03 -23.14 31.75
N ARG B 191 24.25 -22.02 32.44
CA ARG B 191 25.23 -21.03 31.98
C ARG B 191 26.66 -21.50 32.18
N GLU B 192 26.91 -22.39 33.14
CA GLU B 192 28.26 -22.88 33.36
C GLU B 192 28.20 -24.41 33.45
N PRO B 193 29.23 -25.10 32.94
CA PRO B 193 29.23 -26.57 33.04
C PRO B 193 30.06 -27.15 34.17
N ARG B 194 30.83 -26.33 34.90
CA ARG B 194 31.70 -26.87 35.95
C ARG B 194 30.89 -27.36 37.14
N LEU B 195 29.90 -26.59 37.57
CA LEU B 195 29.06 -27.03 38.68
C LEU B 195 28.15 -28.19 38.26
N ILE B 196 27.84 -28.29 36.96
CA ILE B 196 27.14 -29.46 36.43
C ILE B 196 27.95 -30.71 36.68
N SER B 197 29.23 -30.68 36.31
CA SER B 197 30.08 -31.84 36.49
C SER B 197 30.38 -32.11 37.95
N ALA B 198 30.45 -31.06 38.78
CA ALA B 198 30.65 -31.26 40.21
C ALA B 198 29.44 -31.97 40.83
N TYR B 199 28.23 -31.56 40.43
CA TYR B 199 27.04 -32.22 40.96
C TYR B 199 26.91 -33.64 40.42
N LEU B 200 27.37 -33.88 39.19
CA LEU B 200 27.40 -35.25 38.69
C LEU B 200 28.44 -36.10 39.42
N SER B 201 29.55 -35.49 39.84
CA SER B 201 30.53 -36.20 40.65
C SER B 201 29.94 -36.56 42.01
N ASP B 202 29.19 -35.63 42.62
CA ASP B 202 28.50 -35.95 43.87
C ASP B 202 27.43 -37.01 43.64
N MET B 203 26.80 -36.98 42.46
CA MET B 203 25.77 -37.93 42.09
C MET B 203 26.36 -39.34 42.01
N VAL B 204 27.51 -39.47 41.37
CA VAL B 204 28.10 -40.81 41.20
C VAL B 204 28.75 -41.28 42.50
N SER B 205 29.32 -40.36 43.28
CA SER B 205 29.95 -40.72 44.54
C SER B 205 29.02 -40.51 45.72
N CYS B 206 27.82 -41.07 45.67
CA CYS B 206 26.90 -41.03 46.80
C CYS B 206 26.35 -42.38 47.19
N THR B 207 26.19 -43.31 46.25
CA THR B 207 25.71 -44.64 46.57
C THR B 207 26.88 -45.58 46.85
N GLN B 208 26.61 -46.58 47.65
CA GLN B 208 27.62 -47.57 47.97
C GLN B 208 27.43 -48.80 47.07
N PRO B 209 28.48 -49.58 46.85
CA PRO B 209 28.33 -50.81 46.06
C PRO B 209 27.69 -51.92 46.88
N SER B 210 27.50 -53.05 46.22
CA SER B 210 26.88 -54.24 46.81
C SER B 210 27.91 -55.36 46.86
N VAL B 211 27.44 -56.58 47.14
CA VAL B 211 28.31 -57.73 47.12
C VAL B 211 28.82 -57.96 45.70
N MET B 212 30.08 -58.38 45.60
CA MET B 212 30.83 -58.35 44.35
C MET B 212 30.96 -59.72 43.72
N VAL B 213 30.08 -60.66 44.07
CA VAL B 213 30.19 -62.02 43.55
C VAL B 213 29.79 -62.04 42.08
N SER B 214 30.64 -62.63 41.24
CA SER B 214 30.50 -62.65 39.80
C SER B 214 31.51 -63.64 39.24
N ARG B 215 31.43 -63.86 37.93
CA ARG B 215 32.45 -64.59 37.19
C ARG B 215 33.16 -63.68 36.21
N ILE B 216 32.42 -63.03 35.32
CA ILE B 216 32.96 -62.03 34.40
C ILE B 216 31.85 -61.01 34.14
N THR B 217 32.25 -59.76 33.96
CA THR B 217 31.25 -58.71 33.80
C THR B 217 31.51 -57.84 32.57
N HIS B 218 30.76 -56.75 32.46
CA HIS B 218 30.80 -55.89 31.29
C HIS B 218 32.06 -55.02 31.36
N THR B 219 32.95 -55.20 30.39
CA THR B 219 34.22 -54.49 30.35
C THR B 219 34.34 -53.68 29.07
N ASN B 220 35.32 -52.78 29.06
CA ASN B 220 35.57 -51.90 27.93
C ASN B 220 36.49 -52.60 26.92
N THR B 221 37.01 -51.82 25.98
CA THR B 221 37.98 -52.36 25.01
C THR B 221 39.26 -52.78 25.70
N ARG B 222 39.70 -52.02 26.70
CA ARG B 222 40.91 -52.36 27.43
C ARG B 222 40.67 -53.37 28.54
N GLY B 223 39.44 -53.85 28.70
CA GLY B 223 39.14 -54.90 29.64
C GLY B 223 38.87 -54.46 31.06
N ARG B 224 38.94 -53.17 31.33
CA ARG B 224 38.62 -52.67 32.67
C ARG B 224 37.12 -52.76 32.90
N GLN B 225 36.74 -53.31 34.04
CA GLN B 225 35.33 -53.51 34.36
C GLN B 225 34.66 -52.16 34.65
N VAL B 226 33.41 -52.03 34.23
CA VAL B 226 32.66 -50.79 34.41
C VAL B 226 32.03 -50.80 35.80
N ASP B 227 31.50 -49.66 36.22
CA ASP B 227 31.03 -49.50 37.58
C ASP B 227 29.55 -49.17 37.70
N GLY B 228 28.93 -48.59 36.68
CA GLY B 228 27.53 -48.22 36.83
C GLY B 228 26.93 -47.82 35.49
N VAL B 229 25.63 -47.59 35.53
CA VAL B 229 24.85 -47.19 34.36
C VAL B 229 24.01 -45.99 34.74
N LEU B 230 23.92 -45.03 33.83
CA LEU B 230 23.18 -43.79 34.03
C LEU B 230 22.16 -43.66 32.91
N VAL B 231 20.88 -43.65 33.27
CA VAL B 231 19.82 -43.71 32.28
C VAL B 231 19.07 -42.38 32.27
N THR B 232 18.77 -41.90 31.06
CA THR B 232 18.14 -40.60 30.86
C THR B 232 17.43 -40.60 29.51
N THR B 233 17.01 -39.41 29.07
CA THR B 233 16.47 -39.24 27.74
C THR B 233 17.59 -38.90 26.75
N ALA B 234 17.29 -39.07 25.47
CA ALA B 234 18.29 -38.87 24.43
C ALA B 234 18.68 -37.41 24.28
N THR B 235 17.72 -36.50 24.49
CA THR B 235 17.98 -35.07 24.36
C THR B 235 19.02 -34.61 25.37
N LEU B 236 18.80 -34.94 26.64
CA LEU B 236 19.77 -34.59 27.66
C LEU B 236 21.04 -35.42 27.52
N LYS B 237 20.95 -36.60 26.92
CA LYS B 237 22.14 -37.40 26.62
C LYS B 237 23.10 -36.63 25.72
N ARG B 238 22.60 -36.13 24.57
CA ARG B 238 23.50 -35.38 23.71
C ARG B 238 23.84 -34.03 24.32
N GLN B 239 22.92 -33.47 25.12
CA GLN B 239 23.13 -32.17 25.76
C GLN B 239 24.30 -32.22 26.73
N LEU B 240 24.44 -33.31 27.48
CA LEU B 240 25.55 -33.38 28.40
C LEU B 240 26.74 -34.18 27.87
N LEU B 241 26.64 -34.78 26.68
CA LEU B 241 27.87 -35.32 26.12
C LEU B 241 28.53 -34.38 25.11
N GLN B 242 27.86 -33.29 24.71
CA GLN B 242 28.44 -32.47 23.65
C GLN B 242 29.65 -31.68 24.13
N GLY B 243 29.61 -31.17 25.36
CA GLY B 243 30.75 -30.41 25.86
C GLY B 243 31.00 -30.54 27.35
N ILE B 244 30.16 -31.31 28.04
CA ILE B 244 30.19 -31.29 29.50
C ILE B 244 31.10 -32.38 30.05
N LEU B 245 31.08 -33.56 29.44
CA LEU B 245 31.86 -34.69 29.90
C LEU B 245 32.67 -35.26 28.74
N GLN B 246 33.73 -35.96 29.08
CA GLN B 246 34.57 -36.61 28.08
C GLN B 246 34.11 -38.03 27.87
N ILE B 247 34.37 -38.55 26.67
CA ILE B 247 33.93 -39.87 26.27
C ILE B 247 35.10 -40.84 26.44
N ASP B 248 34.87 -41.94 27.15
CA ASP B 248 35.93 -42.90 27.39
C ASP B 248 36.10 -43.86 26.22
N ASP B 249 35.03 -44.58 25.88
CA ASP B 249 35.11 -45.56 24.80
C ASP B 249 33.73 -45.69 24.15
N THR B 250 33.71 -46.36 23.00
CA THR B 250 32.49 -46.58 22.23
C THR B 250 32.10 -48.04 22.17
N ALA B 251 33.05 -48.96 22.08
CA ALA B 251 32.76 -50.38 22.08
C ALA B 251 33.07 -50.97 23.44
N ALA B 252 32.37 -52.04 23.78
CA ALA B 252 32.55 -52.66 25.09
C ALA B 252 32.34 -54.16 24.98
N ASP B 253 32.97 -54.90 25.89
CA ASP B 253 32.86 -56.35 25.94
C ASP B 253 31.78 -56.72 26.94
N VAL B 254 30.80 -57.49 26.47
CA VAL B 254 29.65 -57.89 27.27
C VAL B 254 29.53 -59.40 27.20
N PRO B 255 29.28 -60.09 28.32
CA PRO B 255 29.02 -61.54 28.26
C PRO B 255 27.75 -61.85 27.50
N VAL B 256 27.75 -63.01 26.83
CA VAL B 256 26.69 -63.38 25.90
C VAL B 256 25.76 -64.42 26.47
N THR B 257 25.98 -64.89 27.69
CA THR B 257 25.15 -65.93 28.28
C THR B 257 24.51 -65.43 29.56
N TYR B 258 23.36 -66.02 29.89
CA TYR B 258 22.74 -65.76 31.18
C TYR B 258 23.50 -66.44 32.31
N GLY B 259 23.58 -67.76 32.26
CA GLY B 259 24.07 -68.53 33.37
C GLY B 259 22.99 -69.45 33.88
N GLU B 260 23.18 -70.75 33.70
CA GLU B 260 22.13 -71.72 34.00
C GLU B 260 22.28 -72.25 35.42
N MET B 261 21.17 -72.30 36.14
CA MET B 261 21.12 -73.04 37.39
C MET B 261 19.76 -73.71 37.49
N VAL B 262 19.77 -74.98 37.89
CA VAL B 262 18.55 -75.77 38.00
C VAL B 262 18.56 -76.51 39.32
N LEU B 263 17.41 -77.08 39.66
CA LEU B 263 17.25 -77.90 40.84
C LEU B 263 17.08 -79.36 40.42
N GLN B 264 17.87 -80.23 41.03
CA GLN B 264 17.85 -81.64 40.68
C GLN B 264 18.32 -82.45 41.88
N GLY B 265 17.90 -83.72 41.92
CA GLY B 265 18.39 -84.67 42.89
C GLY B 265 18.01 -84.38 44.33
N THR B 266 19.00 -84.06 45.15
CA THR B 266 18.84 -83.87 46.58
C THR B 266 17.94 -82.69 46.90
N ASN B 267 18.25 -81.53 46.34
CA ASN B 267 17.43 -80.34 46.55
C ASN B 267 16.04 -80.50 45.95
N LEU B 268 15.95 -81.24 44.85
CA LEU B 268 14.67 -81.53 44.19
C LEU B 268 13.75 -82.33 45.11
N VAL B 269 14.26 -83.44 45.64
CA VAL B 269 13.43 -84.27 46.51
C VAL B 269 13.21 -83.57 47.86
N THR B 270 14.13 -82.67 48.23
CA THR B 270 13.96 -81.85 49.42
C THR B 270 12.77 -80.92 49.26
N ALA B 271 12.67 -80.29 48.09
CA ALA B 271 11.53 -79.44 47.78
C ALA B 271 10.24 -80.25 47.69
N LEU B 272 10.32 -81.44 47.11
CA LEU B 272 9.16 -82.31 46.98
C LEU B 272 8.62 -82.79 48.31
N VAL B 273 9.50 -83.13 49.25
CA VAL B 273 9.05 -83.74 50.50
C VAL B 273 8.93 -82.68 51.59
N MET B 274 10.05 -82.05 51.95
CA MET B 274 10.06 -81.11 53.05
C MET B 274 9.36 -79.80 52.71
N GLY B 275 9.15 -79.52 51.43
CA GLY B 275 8.42 -78.34 51.03
C GLY B 275 9.26 -77.13 50.77
N LYS B 276 10.51 -77.10 51.21
CA LYS B 276 11.38 -75.95 51.00
C LYS B 276 12.71 -76.41 50.41
N ALA B 277 13.32 -75.52 49.64
CA ALA B 277 14.65 -75.76 49.08
C ALA B 277 15.29 -74.42 48.77
N VAL B 278 16.61 -74.36 48.90
CA VAL B 278 17.35 -73.14 48.62
C VAL B 278 18.40 -73.42 47.55
N ARG B 279 19.17 -72.39 47.19
CA ARG B 279 20.14 -72.46 46.11
C ARG B 279 21.30 -73.41 46.43
N ASN B 280 32.31 -63.77 25.30
CA ASN B 280 31.88 -62.37 25.33
C ASN B 280 31.83 -61.82 23.91
N ALA B 281 31.30 -60.61 23.77
CA ALA B 281 31.20 -59.99 22.44
C ALA B 281 31.40 -58.48 22.56
N ARG B 282 31.87 -57.89 21.47
CA ARG B 282 32.11 -56.46 21.41
C ARG B 282 30.90 -55.76 20.81
N VAL B 283 30.31 -54.84 21.55
CA VAL B 283 29.05 -54.20 21.18
C VAL B 283 29.24 -52.68 21.27
N PRO B 284 28.57 -51.89 20.42
CA PRO B 284 28.74 -50.43 20.47
C PRO B 284 27.83 -49.80 21.50
N ALA B 285 28.42 -49.26 22.57
CA ALA B 285 27.72 -48.52 23.59
C ALA B 285 28.72 -47.62 24.28
N ASP B 286 28.48 -46.31 24.23
CA ASP B 286 29.47 -45.33 24.65
C ASP B 286 29.73 -45.33 26.15
N LEU B 287 30.96 -44.96 26.51
CA LEU B 287 31.44 -44.97 27.89
C LEU B 287 31.75 -43.54 28.31
N VAL B 288 31.32 -43.15 29.51
CA VAL B 288 31.69 -41.86 30.06
C VAL B 288 32.26 -42.05 31.46
N ILE B 289 33.46 -41.52 31.67
CA ILE B 289 34.09 -41.54 32.98
C ILE B 289 33.79 -40.23 33.69
N VAL B 290 33.18 -40.34 34.87
CA VAL B 290 32.85 -39.19 35.70
C VAL B 290 33.44 -39.42 37.09
N GLY B 291 34.06 -38.38 37.65
CA GLY B 291 34.74 -38.51 38.92
C GLY B 291 35.94 -39.42 38.78
N ASP B 292 35.80 -40.64 39.29
CA ASP B 292 36.79 -41.69 39.06
C ASP B 292 36.18 -42.99 38.55
N LYS B 293 34.91 -42.98 38.14
CA LYS B 293 34.22 -44.19 37.72
C LYS B 293 33.72 -44.06 36.29
N LEU B 294 33.91 -45.12 35.51
CA LEU B 294 33.37 -45.20 34.17
C LEU B 294 31.97 -45.79 34.22
N VAL B 295 31.08 -45.26 33.38
CA VAL B 295 29.66 -45.57 33.44
C VAL B 295 29.13 -45.71 32.03
N PHE B 296 28.31 -46.73 31.80
CA PHE B 296 27.45 -46.77 30.63
C PHE B 296 26.45 -45.63 30.69
N LEU B 297 26.67 -44.61 29.88
CA LEU B 297 25.72 -43.50 29.76
C LEU B 297 24.80 -43.89 28.60
N GLU B 298 23.70 -44.53 28.93
CA GLU B 298 22.82 -45.13 27.94
C GLU B 298 21.42 -44.60 28.19
N ALA B 299 20.79 -44.09 27.14
CA ALA B 299 19.56 -43.31 27.19
C ALA B 299 18.51 -43.87 26.25
N LEU B 300 18.22 -45.16 26.42
CA LEU B 300 17.43 -45.99 25.49
C LEU B 300 16.07 -45.40 25.11
N GLU B 301 15.97 -44.98 23.84
CA GLU B 301 14.75 -44.42 23.30
C GLU B 301 14.46 -44.82 21.86
N ARG B 302 15.41 -45.39 21.13
CA ARG B 302 15.22 -45.68 19.72
C ARG B 302 15.17 -47.18 19.40
N ARG B 303 16.02 -47.98 20.02
CA ARG B 303 15.87 -49.43 19.95
C ARG B 303 14.60 -49.88 20.66
N VAL B 304 14.26 -49.22 21.77
CA VAL B 304 13.09 -49.49 22.59
C VAL B 304 12.15 -48.30 22.47
N TYR B 305 10.86 -48.53 22.77
CA TYR B 305 9.80 -47.52 22.82
C TYR B 305 9.53 -46.82 21.51
N GLN B 306 10.11 -47.25 20.41
CA GLN B 306 9.93 -46.55 19.15
C GLN B 306 8.71 -47.11 18.45
N ALA B 307 7.74 -46.23 18.18
CA ALA B 307 6.44 -46.56 17.60
C ALA B 307 5.73 -47.64 18.41
N THR B 308 5.62 -47.37 19.71
CA THR B 308 4.89 -48.24 20.61
C THR B 308 3.62 -47.55 21.07
N ARG B 309 2.73 -48.33 21.66
CA ARG B 309 1.47 -47.82 22.19
C ARG B 309 1.49 -47.71 23.71
N VAL B 310 2.65 -47.43 24.29
CA VAL B 310 2.78 -47.31 25.74
C VAL B 310 3.74 -46.18 26.03
N ALA B 311 3.50 -45.48 27.13
CA ALA B 311 4.33 -44.33 27.48
C ALA B 311 5.65 -44.78 28.09
N TYR B 312 6.72 -44.16 27.62
CA TYR B 312 8.00 -44.27 28.29
C TYR B 312 7.91 -43.64 29.68
N PRO B 313 8.46 -44.29 30.71
CA PRO B 313 8.57 -43.63 32.03
C PRO B 313 9.58 -42.49 32.04
N LEU B 314 9.80 -41.93 33.22
CA LEU B 314 10.58 -40.70 33.44
C LEU B 314 9.98 -39.50 32.70
N ILE B 315 8.67 -39.48 32.54
CA ILE B 315 7.97 -38.24 32.21
C ILE B 315 6.94 -38.09 33.33
N GLY B 316 7.36 -38.43 34.54
CA GLY B 316 6.52 -38.19 35.70
C GLY B 316 6.29 -36.71 35.93
N ASN B 317 5.15 -36.39 36.52
CA ASN B 317 4.70 -35.03 36.71
C ASN B 317 4.74 -34.64 38.18
N ILE B 318 4.97 -33.35 38.42
CA ILE B 318 5.22 -32.81 39.76
C ILE B 318 4.16 -31.77 40.07
N ASP B 319 3.60 -31.84 41.27
CA ASP B 319 2.70 -30.81 41.78
C ASP B 319 3.45 -29.82 42.65
N ILE B 320 3.24 -28.54 42.36
CA ILE B 320 3.81 -27.43 43.13
C ILE B 320 2.65 -26.60 43.65
N THR B 321 2.70 -26.27 44.94
CA THR B 321 1.69 -25.44 45.57
C THR B 321 2.15 -24.00 45.58
N PHE B 322 1.28 -23.12 45.10
CA PHE B 322 1.57 -21.70 45.00
C PHE B 322 0.68 -20.91 45.95
N ILE B 323 1.30 -19.91 46.58
CA ILE B 323 0.67 -18.98 47.50
C ILE B 323 0.84 -17.56 46.99
N MET B 324 -0.25 -16.79 46.98
CA MET B 324 -0.12 -15.37 46.63
C MET B 324 -0.93 -14.57 47.63
N PRO B 325 -0.33 -13.59 48.30
CA PRO B 325 -1.11 -12.66 49.11
C PRO B 325 -1.94 -11.75 48.24
N MET B 326 -3.21 -11.58 48.62
CA MET B 326 -4.19 -10.91 47.78
C MET B 326 -4.33 -9.42 48.11
N GLY B 327 -4.75 -9.10 49.33
CA GLY B 327 -5.12 -7.72 49.61
C GLY B 327 -4.51 -7.17 50.88
N VAL B 328 -3.30 -7.62 51.20
CA VAL B 328 -2.63 -7.16 52.41
C VAL B 328 -2.18 -5.71 52.23
N PHE B 329 -2.19 -4.96 53.33
CA PHE B 329 -1.74 -3.58 53.33
C PHE B 329 -0.78 -3.36 54.50
N GLN B 330 0.27 -2.58 54.26
CA GLN B 330 1.26 -2.27 55.28
C GLN B 330 0.63 -1.39 56.35
N ALA B 331 0.44 -1.96 57.55
CA ALA B 331 -0.26 -1.27 58.61
C ALA B 331 0.53 -0.07 59.13
N ASN B 332 1.84 -0.25 59.33
CA ASN B 332 2.67 0.84 59.81
C ASN B 332 2.89 1.92 58.75
N SER B 333 3.19 3.13 59.20
CA SER B 333 3.37 4.25 58.28
C SER B 333 4.73 4.22 57.61
N MET B 334 5.77 3.78 58.33
CA MET B 334 7.13 3.95 57.84
C MET B 334 7.51 2.96 56.73
N ASP B 335 6.70 1.95 56.47
CA ASP B 335 6.94 1.13 55.28
C ASP B 335 6.28 1.70 54.04
N ARG B 336 5.53 2.79 54.15
CA ARG B 336 4.95 3.46 52.99
C ARG B 336 5.88 4.58 52.50
N TYR B 337 7.13 4.21 52.30
CA TYR B 337 8.14 5.10 51.75
C TYR B 337 8.27 4.88 50.25
N THR B 338 9.03 5.75 49.61
CA THR B 338 9.31 5.62 48.19
C THR B 338 10.82 5.66 47.95
N ARG B 339 11.26 4.95 46.91
CA ARG B 339 12.66 5.00 46.53
C ARG B 339 13.00 6.31 45.85
N HIS B 340 12.12 6.81 44.99
CA HIS B 340 12.26 8.11 44.37
C HIS B 340 10.96 8.88 44.56
N ALA B 341 11.09 10.19 44.76
CA ALA B 341 9.95 11.00 45.17
C ALA B 341 8.94 11.15 44.04
N GLY B 342 9.34 11.83 42.96
CA GLY B 342 8.45 11.99 41.82
C GLY B 342 8.63 10.90 40.79
N ASP B 343 8.55 9.64 41.24
CA ASP B 343 8.87 8.53 40.35
C ASP B 343 7.71 8.19 39.42
N PHE B 344 6.60 7.71 40.00
CA PHE B 344 5.42 7.34 39.23
C PHE B 344 4.26 8.22 39.67
N SER B 345 3.78 9.07 38.77
CA SER B 345 2.68 9.97 39.05
C SER B 345 1.64 9.88 37.95
N THR B 346 0.45 10.38 38.24
CA THR B 346 -0.65 10.41 37.30
C THR B 346 -1.05 11.86 37.03
N VAL B 347 -2.14 12.04 36.29
CA VAL B 347 -2.60 13.38 35.97
C VAL B 347 -3.40 13.98 37.11
N SER B 348 -3.87 13.16 38.05
CA SER B 348 -4.68 13.66 39.16
C SER B 348 -3.80 14.35 40.19
N GLU B 349 -4.46 15.11 41.08
CA GLU B 349 -3.75 15.80 42.14
C GLU B 349 -3.25 14.84 43.21
N GLN B 350 -3.96 13.75 43.43
CA GLN B 350 -3.58 12.75 44.42
C GLN B 350 -3.60 11.38 43.75
N ASP B 351 -2.48 10.66 43.87
CA ASP B 351 -2.33 9.41 43.16
C ASP B 351 -3.22 8.31 43.72
N PRO B 352 -3.59 7.32 42.92
CA PRO B 352 -4.23 6.13 43.48
C PRO B 352 -3.23 5.08 43.93
N ARG B 353 -2.16 5.52 44.59
CA ARG B 353 -1.18 4.62 45.19
C ARG B 353 -1.29 4.54 46.69
N GLN B 354 -1.76 5.60 47.34
CA GLN B 354 -2.00 5.61 48.77
C GLN B 354 -3.17 4.71 49.15
N PHE B 355 -4.09 4.46 48.22
CA PHE B 355 -5.20 3.58 48.48
C PHE B 355 -4.73 2.12 48.52
N PRO B 356 -5.39 1.28 49.32
CA PRO B 356 -5.05 -0.15 49.30
C PRO B 356 -5.52 -0.80 48.01
N PRO B 357 -4.70 -1.66 47.43
CA PRO B 357 -5.07 -2.29 46.16
C PRO B 357 -6.13 -3.36 46.35
N GLN B 358 -6.88 -3.61 45.27
CA GLN B 358 -7.99 -4.54 45.28
C GLN B 358 -7.82 -5.65 44.26
N GLY B 359 -6.59 -6.00 43.91
CA GLY B 359 -6.38 -7.06 42.94
C GLY B 359 -4.93 -7.45 42.89
N ILE B 360 -4.67 -8.55 42.17
CA ILE B 360 -3.32 -9.07 42.05
C ILE B 360 -3.05 -9.43 40.59
N PHE B 361 -1.80 -9.18 40.18
CA PHE B 361 -1.21 -9.48 38.88
C PHE B 361 -0.23 -10.64 39.01
N PHE B 362 -0.27 -11.55 38.03
CA PHE B 362 0.80 -12.51 37.79
C PHE B 362 0.65 -13.07 36.38
N TYR B 363 1.61 -13.91 36.01
CA TYR B 363 1.80 -14.36 34.63
C TYR B 363 1.21 -15.74 34.39
N ASN B 364 0.74 -15.96 33.17
CA ASN B 364 0.20 -17.26 32.78
C ASN B 364 1.36 -18.18 32.37
N LYS B 365 1.04 -19.45 32.14
CA LYS B 365 1.97 -20.39 31.52
C LYS B 365 2.47 -19.86 30.18
N ASP B 366 1.58 -19.26 29.40
CA ASP B 366 1.97 -18.59 28.16
C ASP B 366 2.56 -17.21 28.41
N GLY B 367 2.60 -16.75 29.65
CA GLY B 367 3.20 -15.47 29.95
C GLY B 367 2.26 -14.30 29.87
N ILE B 368 1.01 -14.47 30.26
CA ILE B 368 0.02 -13.41 30.19
C ILE B 368 -0.40 -13.06 31.61
N LEU B 369 -0.42 -11.78 31.92
CA LEU B 369 -0.94 -11.33 33.20
C LEU B 369 -2.44 -11.58 33.26
N THR B 370 -2.87 -12.28 34.31
CA THR B 370 -4.29 -12.50 34.56
C THR B 370 -4.68 -11.81 35.87
N GLN B 371 -5.90 -11.28 35.90
CA GLN B 371 -6.32 -10.34 36.91
C GLN B 371 -7.12 -11.06 37.96
N LEU B 372 -6.78 -10.88 39.24
CA LEU B 372 -7.60 -11.45 40.29
C LEU B 372 -8.04 -10.31 41.19
N THR B 373 -9.28 -9.88 41.03
CA THR B 373 -9.93 -8.94 41.92
C THR B 373 -10.74 -9.71 42.96
N LEU B 374 -11.31 -8.98 43.92
CA LEU B 374 -12.05 -9.62 45.00
C LEU B 374 -13.36 -10.25 44.53
N ARG B 375 -13.86 -9.86 43.36
CA ARG B 375 -15.19 -10.27 42.89
C ARG B 375 -15.29 -11.77 42.59
N ASP B 376 -14.18 -12.48 42.53
CA ASP B 376 -14.20 -13.92 42.40
C ASP B 376 -14.45 -14.64 43.72
N ALA B 377 -13.99 -14.05 44.83
CA ALA B 377 -13.84 -14.80 46.07
C ALA B 377 -15.17 -15.06 46.76
N MET B 378 -16.22 -14.34 46.34
CA MET B 378 -17.54 -14.49 46.91
C MET B 378 -18.18 -15.84 46.60
N GLY B 379 -17.62 -16.62 45.67
CA GLY B 379 -18.00 -18.00 45.51
C GLY B 379 -17.56 -18.91 46.64
N THR B 380 -16.71 -18.43 47.53
CA THR B 380 -16.34 -19.15 48.73
C THR B 380 -16.61 -18.36 50.01
N ILE B 381 -16.25 -17.07 50.05
CA ILE B 381 -16.38 -16.35 51.30
C ILE B 381 -17.82 -15.92 51.57
N CYS B 382 -18.63 -15.75 50.54
CA CYS B 382 -20.00 -15.29 50.71
C CYS B 382 -21.02 -16.41 50.64
N HIS B 383 -20.58 -17.66 50.72
CA HIS B 383 -21.49 -18.77 50.88
C HIS B 383 -22.06 -18.77 52.29
N SER B 384 -23.18 -19.49 52.46
CA SER B 384 -23.80 -19.68 53.76
C SER B 384 -22.94 -20.50 54.72
N SER B 385 -21.90 -21.18 54.22
CA SER B 385 -21.03 -22.01 55.04
C SER B 385 -20.20 -21.20 56.03
N LEU B 386 -20.16 -19.88 55.89
CA LEU B 386 -19.61 -19.02 56.94
C LEU B 386 -20.37 -19.15 58.24
N LEU B 387 -21.65 -19.48 58.19
CA LEU B 387 -22.53 -19.43 59.35
C LEU B 387 -22.84 -20.84 59.89
N ASP B 388 -21.86 -21.73 59.87
CA ASP B 388 -22.00 -23.10 60.37
C ASP B 388 -21.24 -23.29 61.68
N VAL B 389 -21.34 -22.33 62.58
CA VAL B 389 -20.45 -22.26 63.74
C VAL B 389 -21.01 -23.01 64.94
N GLU B 390 -22.14 -23.71 64.77
CA GLU B 390 -22.72 -24.43 65.90
C GLU B 390 -21.83 -25.59 66.32
N ALA B 391 -21.08 -26.18 65.38
CA ALA B 391 -20.08 -27.18 65.73
C ALA B 391 -18.97 -26.56 66.56
N THR B 392 -18.56 -25.33 66.21
CA THR B 392 -17.59 -24.62 67.01
C THR B 392 -18.14 -24.27 68.39
N LEU B 393 -19.43 -23.95 68.46
CA LEU B 393 -20.05 -23.60 69.73
C LEU B 393 -20.14 -24.80 70.66
N VAL B 394 -20.48 -25.97 70.09
CA VAL B 394 -20.56 -27.15 70.94
C VAL B 394 -19.17 -27.72 71.18
N ALA B 395 -18.18 -27.31 70.39
CA ALA B 395 -16.82 -27.77 70.66
C ALA B 395 -16.14 -26.93 71.73
N LEU B 396 -16.40 -25.62 71.76
CA LEU B 396 -15.62 -24.74 72.62
C LEU B 396 -16.16 -24.68 74.05
N ARG B 397 -17.35 -25.21 74.31
CA ARG B 397 -17.94 -25.13 75.64
C ARG B 397 -17.56 -26.28 76.55
N GLN B 398 -16.80 -27.25 76.07
CA GLN B 398 -16.51 -28.47 76.82
C GLN B 398 -15.27 -28.37 77.69
N GLN B 399 -14.39 -27.38 77.48
CA GLN B 399 -13.32 -27.17 78.42
C GLN B 399 -13.82 -26.31 79.58
N HIS B 400 -13.03 -26.28 80.65
CA HIS B 400 -13.43 -25.54 81.84
C HIS B 400 -13.34 -24.03 81.61
N LEU B 401 -14.27 -23.30 82.22
CA LEU B 401 -14.31 -21.85 82.13
C LEU B 401 -14.06 -21.26 83.51
N ASP B 402 -13.06 -20.40 83.61
CA ASP B 402 -12.90 -19.60 84.81
C ASP B 402 -13.91 -18.45 84.80
N ARG B 403 -14.26 -18.00 86.00
CA ARG B 403 -15.32 -17.01 86.16
C ARG B 403 -14.83 -15.63 85.70
N GLN B 404 -15.68 -14.96 84.92
CA GLN B 404 -15.36 -13.66 84.34
C GLN B 404 -16.55 -12.72 84.58
N CYS B 405 -16.26 -11.43 84.61
CA CYS B 405 -17.30 -10.43 84.85
C CYS B 405 -18.28 -10.36 83.69
N TYR B 406 -19.49 -9.89 83.99
CA TYR B 406 -20.58 -9.82 83.02
C TYR B 406 -21.01 -8.40 82.73
N PHE B 407 -20.08 -7.44 82.77
CA PHE B 407 -20.45 -6.05 82.55
C PHE B 407 -20.80 -5.78 81.09
N GLY B 408 -19.99 -6.28 80.17
CA GLY B 408 -20.18 -6.03 78.77
C GLY B 408 -20.96 -7.08 78.00
N VAL B 409 -21.47 -8.11 78.68
CA VAL B 409 -22.15 -9.20 78.00
C VAL B 409 -23.59 -9.37 78.46
N TYR B 410 -24.03 -8.71 79.52
CA TYR B 410 -25.34 -8.91 80.10
C TYR B 410 -26.19 -7.67 79.93
N VAL B 411 -27.45 -7.87 79.56
CA VAL B 411 -28.41 -6.79 79.39
C VAL B 411 -29.52 -6.98 80.40
N ALA B 412 -29.82 -5.93 81.16
CA ALA B 412 -30.89 -5.93 82.14
C ALA B 412 -32.15 -5.33 81.53
N GLU B 413 -33.14 -5.07 82.37
CA GLU B 413 -34.42 -4.51 81.95
C GLU B 413 -34.75 -3.29 82.79
N GLY B 414 -35.70 -2.50 82.29
CA GLY B 414 -36.12 -1.30 83.00
C GLY B 414 -36.87 -1.63 84.27
N THR B 415 -36.72 -0.75 85.27
CA THR B 415 -37.23 -1.00 86.61
C THR B 415 -38.35 -0.05 86.99
N GLU B 416 -39.08 0.47 86.00
CA GLU B 416 -40.26 1.34 86.19
C GLU B 416 -39.94 2.56 87.06
N ASP B 417 -38.79 3.17 86.86
CA ASP B 417 -38.38 4.25 87.73
C ASP B 417 -38.16 5.54 86.93
N THR B 418 -37.66 6.55 87.62
CA THR B 418 -37.47 7.88 87.06
C THR B 418 -36.16 8.02 86.31
N LEU B 419 -35.46 6.90 86.06
CA LEU B 419 -34.23 6.74 85.30
C LEU B 419 -33.02 7.34 86.00
N ASP B 420 -33.21 8.07 87.10
CA ASP B 420 -32.14 8.67 87.88
C ASP B 420 -31.70 7.80 89.03
N VAL B 421 -32.66 7.20 89.75
CA VAL B 421 -32.31 6.23 90.78
C VAL B 421 -31.83 4.94 90.15
N GLN B 422 -32.24 4.67 88.89
CA GLN B 422 -31.70 3.54 88.15
C GLN B 422 -30.21 3.71 87.91
N MET B 423 -29.79 4.92 87.57
CA MET B 423 -28.37 5.17 87.35
C MET B 423 -27.58 5.15 88.65
N GLY B 424 -28.20 5.63 89.74
CA GLY B 424 -27.56 5.53 91.05
C GLY B 424 -27.36 4.09 91.48
N ARG B 425 -28.37 3.24 91.24
CA ARG B 425 -28.24 1.81 91.53
C ARG B 425 -27.18 1.17 90.64
N PHE B 426 -27.12 1.56 89.35
CA PHE B 426 -26.13 0.99 88.45
C PHE B 426 -24.72 1.38 88.87
N MET B 427 -24.52 2.62 89.30
CA MET B 427 -23.17 3.03 89.69
C MET B 427 -22.78 2.47 91.05
N GLU B 428 -23.75 2.27 91.94
CA GLU B 428 -23.40 1.67 93.23
C GLU B 428 -23.19 0.17 93.11
N THR B 429 -23.74 -0.46 92.07
CA THR B 429 -23.47 -1.88 91.85
C THR B 429 -22.24 -2.09 90.97
N TRP B 430 -21.94 -1.11 90.12
CA TRP B 430 -20.89 -1.22 89.13
C TRP B 430 -19.49 -0.98 89.71
N ALA B 431 -19.41 -0.39 90.89
CA ALA B 431 -18.12 -0.06 91.50
C ALA B 431 -17.36 -1.29 91.94
N ASP B 432 -18.01 -2.45 92.02
CA ASP B 432 -17.35 -3.66 92.48
C ASP B 432 -17.65 -4.92 91.66
N MET B 433 -18.52 -4.86 90.66
CA MET B 433 -18.93 -6.10 90.00
C MET B 433 -17.93 -6.54 88.92
N MET B 434 -16.88 -5.77 88.67
CA MET B 434 -15.70 -6.29 87.99
C MET B 434 -14.77 -6.84 89.06
N PRO B 435 -14.50 -8.15 89.10
CA PRO B 435 -13.41 -8.65 89.95
C PRO B 435 -12.03 -8.45 89.33
N HIS B 436 -11.97 -8.03 88.06
CA HIS B 436 -10.70 -7.82 87.37
C HIS B 436 -10.92 -6.77 86.30
N HIS B 437 -9.95 -6.63 85.42
CA HIS B 437 -9.98 -5.70 84.30
C HIS B 437 -10.67 -6.36 83.10
N PRO B 438 -11.64 -5.71 82.48
CA PRO B 438 -12.34 -6.32 81.33
C PRO B 438 -11.44 -6.45 80.11
N HIS B 439 -11.65 -7.53 79.37
CA HIS B 439 -10.78 -7.87 78.25
C HIS B 439 -11.29 -7.37 76.91
N TRP B 440 -12.43 -6.71 76.87
CA TRP B 440 -12.97 -6.15 75.64
C TRP B 440 -12.51 -4.73 75.39
N VAL B 441 -11.77 -4.14 76.32
CA VAL B 441 -11.31 -2.76 76.19
C VAL B 441 -9.85 -2.68 75.79
N ASN B 442 -9.08 -3.75 75.97
CA ASN B 442 -7.67 -3.78 75.59
C ASN B 442 -7.56 -3.92 74.08
N GLU B 443 -7.49 -2.78 73.39
CA GLU B 443 -7.08 -2.75 71.99
C GLU B 443 -6.01 -1.70 71.74
N HIS B 444 -5.45 -1.10 72.78
CA HIS B 444 -4.35 -0.16 72.57
C HIS B 444 -3.06 -0.88 72.21
N LEU B 445 -2.97 -2.17 72.47
CA LEU B 445 -1.87 -2.97 71.96
C LEU B 445 -1.95 -3.08 70.44
N THR B 446 -0.79 -3.26 69.80
CA THR B 446 -0.77 -3.42 68.35
C THR B 446 -0.84 -4.91 68.01
N ILE B 447 -0.58 -5.22 66.73
CA ILE B 447 -0.82 -6.55 66.19
C ILE B 447 0.13 -7.59 66.77
N LEU B 448 1.35 -7.17 67.12
CA LEU B 448 2.37 -8.12 67.55
C LEU B 448 2.03 -8.75 68.90
N GLN B 449 1.61 -7.92 69.87
CA GLN B 449 1.25 -8.49 71.17
C GLN B 449 -0.08 -9.21 71.11
N PHE B 450 -0.95 -8.82 70.17
CA PHE B 450 -2.20 -9.54 69.99
C PHE B 450 -1.96 -10.94 69.44
N ILE B 451 -0.99 -11.08 68.54
CA ILE B 451 -0.63 -12.39 68.02
C ILE B 451 0.03 -13.24 69.10
N ALA B 452 0.80 -12.62 69.98
CA ALA B 452 1.61 -13.33 70.96
C ALA B 452 0.72 -14.09 71.95
N PRO B 453 1.14 -15.28 72.41
CA PRO B 453 0.25 -16.12 73.22
C PRO B 453 -0.02 -15.61 74.62
N SER B 454 0.62 -14.51 75.04
CA SER B 454 0.31 -13.93 76.33
C SER B 454 -1.10 -13.35 76.39
N ASN B 455 -1.65 -12.95 75.25
CA ASN B 455 -3.00 -12.40 75.24
C ASN B 455 -4.02 -13.53 75.34
N PRO B 456 -4.90 -13.51 76.35
CA PRO B 456 -5.89 -14.58 76.47
C PRO B 456 -7.05 -14.49 75.50
N ARG B 457 -7.15 -13.43 74.71
CA ARG B 457 -8.28 -13.27 73.81
C ARG B 457 -8.11 -14.02 72.50
N LEU B 458 -7.05 -14.83 72.38
CA LEU B 458 -6.78 -15.51 71.13
C LEU B 458 -7.75 -16.66 70.89
N ARG B 459 -8.04 -17.44 71.93
CA ARG B 459 -8.86 -18.64 71.77
C ARG B 459 -10.35 -18.35 71.75
N PHE B 460 -10.76 -17.08 71.71
CA PHE B 460 -12.15 -16.71 71.53
C PHE B 460 -12.35 -15.88 70.26
N GLU B 461 -11.38 -15.90 69.36
CA GLU B 461 -11.48 -15.20 68.08
C GLU B 461 -11.10 -16.19 66.99
N LEU B 462 -12.11 -16.84 66.41
CA LEU B 462 -11.86 -17.92 65.46
C LEU B 462 -12.59 -17.67 64.15
N ASN B 463 -13.69 -16.92 64.21
CA ASN B 463 -14.46 -16.54 63.05
C ASN B 463 -14.36 -15.04 62.85
N PRO B 464 -14.05 -14.56 61.65
CA PRO B 464 -14.13 -13.12 61.40
C PRO B 464 -15.53 -12.55 61.55
N ALA B 465 -16.55 -13.33 61.21
CA ALA B 465 -17.91 -12.82 61.23
C ALA B 465 -18.48 -12.73 62.63
N PHE B 466 -18.04 -13.59 63.55
CA PHE B 466 -18.68 -13.77 64.84
C PHE B 466 -17.71 -13.49 65.98
N ASP B 467 -18.28 -13.10 67.11
CA ASP B 467 -17.54 -12.84 68.34
C ASP B 467 -17.95 -13.87 69.39
N PHE B 468 -16.95 -14.32 70.15
CA PHE B 468 -17.12 -15.34 71.17
C PHE B 468 -16.64 -14.81 72.51
N PHE B 469 -17.42 -15.05 73.56
CA PHE B 469 -17.23 -14.37 74.83
C PHE B 469 -17.94 -15.15 75.93
N VAL B 470 -17.67 -14.74 77.17
CA VAL B 470 -18.25 -15.41 78.34
C VAL B 470 -19.68 -14.90 78.55
N ALA B 471 -20.48 -15.72 79.22
CA ALA B 471 -21.88 -15.40 79.48
C ALA B 471 -22.35 -16.19 80.69
N PRO B 472 -23.42 -15.77 81.35
CA PRO B 472 -24.07 -16.65 82.32
C PRO B 472 -24.75 -17.82 81.61
N GLY B 473 -24.84 -18.94 82.32
CA GLY B 473 -25.42 -20.15 81.76
C GLY B 473 -26.85 -20.34 82.21
N ASP B 474 -27.68 -20.83 81.26
CA ASP B 474 -29.10 -21.13 81.47
C ASP B 474 -29.88 -19.90 81.94
N VAL B 475 -29.55 -18.74 81.37
CA VAL B 475 -30.16 -17.47 81.75
C VAL B 475 -30.83 -16.87 80.53
N ASP B 476 -32.10 -16.53 80.66
CA ASP B 476 -32.84 -15.85 79.59
C ASP B 476 -32.48 -14.38 79.63
N LEU B 477 -31.72 -13.94 78.65
CA LEU B 477 -31.36 -12.53 78.58
C LEU B 477 -32.36 -11.81 77.69
N PRO B 478 -32.91 -10.66 78.12
CA PRO B 478 -32.61 -9.93 79.36
C PRO B 478 -33.36 -10.45 80.58
N GLY B 479 -32.86 -10.16 81.77
CA GLY B 479 -33.52 -10.56 82.99
C GLY B 479 -33.61 -9.41 83.97
N PRO B 480 -33.53 -9.71 85.27
CA PRO B 480 -33.56 -8.66 86.28
C PRO B 480 -32.25 -7.89 86.32
N GLN B 481 -32.25 -6.81 87.11
CA GLN B 481 -31.03 -6.03 87.31
C GLN B 481 -29.96 -6.84 88.02
N ARG B 482 -30.34 -7.58 89.06
CA ARG B 482 -29.40 -8.44 89.76
C ARG B 482 -29.09 -9.65 88.88
N PRO B 483 -27.83 -9.90 88.56
CA PRO B 483 -27.49 -11.05 87.71
C PRO B 483 -27.62 -12.35 88.48
N PRO B 484 -28.24 -13.36 87.91
CA PRO B 484 -28.31 -14.67 88.58
C PRO B 484 -26.96 -15.37 88.56
N GLU B 485 -26.81 -16.31 89.49
CA GLU B 485 -25.57 -17.04 89.68
C GLU B 485 -25.70 -18.43 89.08
N ALA B 486 -24.78 -18.78 88.19
CA ALA B 486 -24.79 -20.07 87.52
C ALA B 486 -23.39 -20.37 87.01
N MET B 487 -23.23 -21.54 86.39
CA MET B 487 -21.96 -21.89 85.78
C MET B 487 -21.74 -21.06 84.52
N PRO B 488 -20.57 -20.44 84.35
CA PRO B 488 -20.34 -19.63 83.16
C PRO B 488 -20.26 -20.46 81.88
N THR B 489 -20.73 -19.86 80.79
CA THR B 489 -20.76 -20.49 79.48
C THR B 489 -20.22 -19.54 78.42
N VAL B 490 -20.34 -19.92 77.15
CA VAL B 490 -19.84 -19.13 76.04
C VAL B 490 -21.02 -18.73 75.15
N ASN B 491 -21.13 -17.45 74.85
CA ASN B 491 -22.13 -16.94 73.93
C ASN B 491 -21.46 -16.35 72.71
N ALA B 492 -22.09 -16.54 71.56
CA ALA B 492 -21.59 -16.05 70.29
C ALA B 492 -22.57 -15.03 69.71
N THR B 493 -22.01 -13.96 69.14
CA THR B 493 -22.82 -12.94 68.50
C THR B 493 -22.27 -12.66 67.11
N LEU B 494 -23.10 -12.02 66.29
CA LEU B 494 -22.67 -11.57 64.98
C LEU B 494 -21.96 -10.22 65.11
N ARG B 495 -20.83 -10.09 64.43
CA ARG B 495 -20.12 -8.82 64.34
C ARG B 495 -20.62 -8.13 63.09
N ILE B 496 -21.69 -7.36 63.24
CA ILE B 496 -22.31 -6.66 62.11
C ILE B 496 -21.37 -5.58 61.58
N ILE B 497 -20.84 -4.75 62.47
CA ILE B 497 -20.02 -3.62 62.05
C ILE B 497 -18.64 -4.13 61.65
N ASN B 498 -18.28 -3.97 60.37
CA ASN B 498 -16.95 -4.37 59.92
C ASN B 498 -15.88 -3.40 60.38
N GLY B 499 -16.27 -2.22 60.87
CA GLY B 499 -15.35 -1.37 61.56
C GLY B 499 -15.12 -1.73 63.01
N ASN B 500 -15.89 -2.68 63.55
CA ASN B 500 -15.76 -3.12 64.93
C ASN B 500 -14.85 -4.33 65.07
N ILE B 501 -14.23 -4.77 63.98
CA ILE B 501 -13.03 -5.60 64.09
C ILE B 501 -11.98 -4.82 64.87
N PRO B 502 -11.32 -5.41 65.87
CA PRO B 502 -10.55 -4.60 66.83
C PRO B 502 -9.33 -3.94 66.23
N VAL B 503 -8.85 -2.93 66.98
CA VAL B 503 -7.84 -2.02 66.45
C VAL B 503 -6.50 -2.69 66.14
N PRO B 504 -5.93 -3.57 66.98
CA PRO B 504 -4.77 -4.35 66.50
C PRO B 504 -5.11 -5.30 65.37
N LEU B 505 -6.38 -5.66 65.23
CA LEU B 505 -6.73 -6.66 64.25
C LEU B 505 -7.12 -5.97 62.93
N CYS B 506 -7.41 -4.67 63.01
CA CYS B 506 -7.63 -3.81 61.85
C CYS B 506 -7.21 -2.39 62.23
N PRO B 507 -6.05 -1.94 61.76
CA PRO B 507 -5.48 -0.69 62.28
C PRO B 507 -6.12 0.55 61.67
N ILE B 508 -5.72 1.70 62.22
CA ILE B 508 -6.30 2.99 61.87
C ILE B 508 -5.96 3.35 60.42
N SER B 509 -4.71 3.09 60.04
CA SER B 509 -4.16 3.63 58.80
C SER B 509 -4.86 3.05 57.57
N PHE B 510 -5.24 1.77 57.63
CA PHE B 510 -5.99 1.17 56.53
C PHE B 510 -7.36 1.80 56.40
N ARG B 511 -8.02 2.09 57.52
CA ARG B 511 -9.30 2.77 57.48
C ARG B 511 -9.18 4.19 56.95
N ASP B 512 -8.09 4.88 57.29
CA ASP B 512 -7.86 6.22 56.75
C ASP B 512 -7.60 6.18 55.25
N CYS B 513 -6.86 5.17 54.79
CA CYS B 513 -6.60 5.00 53.36
C CYS B 513 -7.88 4.72 52.60
N ARG B 514 -8.72 3.81 53.11
CA ARG B 514 -9.95 3.50 52.40
C ARG B 514 -10.93 4.67 52.47
N GLY B 515 -10.93 5.43 53.58
CA GLY B 515 -11.75 6.62 53.64
C GLY B 515 -11.32 7.70 52.70
N THR B 516 -10.00 7.81 52.47
CA THR B 516 -9.50 8.68 51.43
C THR B 516 -9.96 8.19 50.05
N GLN B 517 -10.05 6.86 49.89
CA GLN B 517 -10.56 6.32 48.63
C GLN B 517 -12.04 6.60 48.44
N LEU B 518 -12.82 6.70 49.51
CA LEU B 518 -14.19 7.22 49.38
C LEU B 518 -14.19 8.67 48.92
N GLY B 519 -13.45 9.54 49.60
CA GLY B 519 -13.47 10.94 49.27
C GLY B 519 -12.50 11.33 48.18
N LEU B 520 -12.60 10.66 47.03
CA LEU B 520 -11.68 10.96 45.94
C LEU B 520 -12.01 12.28 45.27
N GLY B 521 -13.29 12.60 45.12
CA GLY B 521 -13.70 13.83 44.48
C GLY B 521 -14.98 14.40 45.04
N ARG B 522 -15.47 13.82 46.13
CA ARG B 522 -16.76 14.22 46.66
C ARG B 522 -16.63 15.53 47.44
N HIS B 523 -17.76 16.01 47.96
CA HIS B 523 -17.78 17.30 48.63
C HIS B 523 -17.09 17.23 50.00
N THR B 524 -16.40 18.31 50.34
CA THR B 524 -15.77 18.47 51.63
C THR B 524 -16.09 19.86 52.18
N MET B 525 -15.80 20.04 53.47
CA MET B 525 -15.89 21.35 54.09
C MET B 525 -14.87 22.32 53.54
N THR B 526 -15.23 23.60 53.60
CA THR B 526 -14.21 24.63 53.57
C THR B 526 -13.55 24.71 54.95
N PRO B 527 -12.28 25.14 55.02
CA PRO B 527 -11.63 25.28 56.34
C PRO B 527 -12.27 26.32 57.24
N ALA B 528 -13.01 27.28 56.70
CA ALA B 528 -13.71 28.25 57.54
C ALA B 528 -14.78 27.57 58.39
N THR B 529 -15.53 26.65 57.78
CA THR B 529 -16.51 25.86 58.51
C THR B 529 -15.87 25.03 59.60
N ILE B 530 -14.72 24.41 59.28
CA ILE B 530 -13.99 23.61 60.25
C ILE B 530 -13.56 24.44 61.44
N LYS B 531 -12.92 25.59 61.19
CA LYS B 531 -12.38 26.37 62.31
C LYS B 531 -13.50 26.98 63.15
N ALA B 532 -14.61 27.36 62.51
CA ALA B 532 -15.75 27.85 63.27
C ALA B 532 -16.36 26.75 64.14
N VAL B 533 -16.55 25.55 63.57
CA VAL B 533 -17.30 24.56 64.33
C VAL B 533 -16.42 23.93 65.40
N LYS B 534 -15.10 23.82 65.16
CA LYS B 534 -14.15 23.49 66.24
C LYS B 534 -14.11 24.52 67.34
N ASP B 535 -14.15 25.81 67.01
CA ASP B 535 -14.18 26.80 68.07
C ASP B 535 -15.47 26.70 68.87
N THR B 536 -16.54 26.19 68.25
CA THR B 536 -17.73 25.88 69.05
C THR B 536 -17.58 24.60 69.87
N PHE B 537 -16.98 23.54 69.32
CA PHE B 537 -16.89 22.29 70.10
C PHE B 537 -15.91 22.40 71.26
N GLU B 538 -14.90 23.26 71.16
CA GLU B 538 -13.91 23.31 72.23
C GLU B 538 -14.32 24.24 73.35
N ASP B 539 -15.51 24.82 73.29
CA ASP B 539 -15.91 25.84 74.24
C ASP B 539 -16.15 25.25 75.61
N ARG B 540 -15.53 25.86 76.62
CA ARG B 540 -15.80 25.51 78.01
C ARG B 540 -17.00 26.26 78.56
N ALA B 541 -17.38 27.38 77.96
CA ALA B 541 -18.43 28.25 78.46
C ALA B 541 -19.58 28.37 77.47
N TYR B 542 -19.94 27.26 76.84
CA TYR B 542 -21.11 27.24 75.99
C TYR B 542 -22.36 27.37 76.88
N PRO B 543 -23.24 28.33 76.61
CA PRO B 543 -24.37 28.57 77.51
C PRO B 543 -25.39 27.45 77.46
N THR B 544 -25.84 27.03 78.64
CA THR B 544 -26.85 25.99 78.78
C THR B 544 -28.26 26.51 78.56
N ILE B 545 -28.42 27.83 78.37
CA ILE B 545 -29.71 28.38 77.99
C ILE B 545 -30.12 27.84 76.63
N PHE B 546 -29.16 27.71 75.72
CA PHE B 546 -29.43 27.08 74.43
C PHE B 546 -29.84 25.62 74.61
N TYR B 547 -29.23 24.94 75.60
CA TYR B 547 -29.57 23.55 75.85
C TYR B 547 -30.98 23.40 76.41
N MET B 548 -31.40 24.31 77.29
CA MET B 548 -32.76 24.20 77.82
C MET B 548 -33.79 24.64 76.78
N LEU B 549 -33.42 25.56 75.88
CA LEU B 549 -34.29 25.84 74.73
C LEU B 549 -34.42 24.63 73.82
N GLU B 550 -33.31 23.92 73.60
CA GLU B 550 -33.34 22.69 72.81
C GLU B 550 -34.15 21.60 73.51
N ALA B 551 -34.16 21.62 74.84
CA ALA B 551 -35.01 20.69 75.57
C ALA B 551 -36.48 21.02 75.40
N VAL B 552 -36.84 22.29 75.56
CA VAL B 552 -38.26 22.63 75.56
C VAL B 552 -38.84 22.66 74.15
N ILE B 553 -38.00 22.81 73.12
CA ILE B 553 -38.54 22.70 71.77
C ILE B 553 -38.85 21.24 71.44
N HIS B 554 -38.08 20.31 72.02
CA HIS B 554 -38.15 18.86 71.88
C HIS B 554 -38.36 18.36 70.44
N GLY B 555 -37.81 19.07 69.46
CA GLY B 555 -37.92 18.68 68.07
C GLY B 555 -39.31 18.76 67.49
N ASN B 556 -40.04 19.82 67.76
CA ASN B 556 -41.40 19.99 67.23
C ASN B 556 -41.42 21.18 66.28
N GLU B 557 -41.95 20.96 65.07
CA GLU B 557 -42.07 22.04 64.10
C GLU B 557 -43.10 23.06 64.55
N ARG B 558 -44.17 22.61 65.21
CA ARG B 558 -45.16 23.53 65.74
C ARG B 558 -44.59 24.37 66.87
N ASN B 559 -43.56 23.88 67.55
CA ASN B 559 -42.83 24.74 68.48
C ASN B 559 -42.03 25.80 67.73
N PHE B 560 -41.34 25.40 66.66
CA PHE B 560 -40.43 26.31 65.97
C PHE B 560 -41.20 27.40 65.23
N CYS B 561 -42.42 27.11 64.79
CA CYS B 561 -43.22 28.09 64.05
C CYS B 561 -43.67 29.25 64.92
N ALA B 562 -43.59 29.14 66.25
CA ALA B 562 -43.75 30.27 67.14
C ALA B 562 -42.44 30.67 67.82
N LEU B 563 -41.31 30.19 67.31
CA LEU B 563 -40.00 30.41 67.91
C LEU B 563 -39.07 31.06 66.90
N LEU B 564 -39.54 32.11 66.25
CA LEU B 564 -38.76 32.74 65.18
C LEU B 564 -37.80 33.79 65.72
N ARG B 565 -38.35 34.83 66.36
CA ARG B 565 -37.57 36.00 66.73
C ARG B 565 -36.58 35.68 67.85
N LEU B 566 -36.95 34.76 68.73
CA LEU B 566 -36.06 34.31 69.80
C LEU B 566 -34.80 33.68 69.26
N LEU B 567 -34.96 32.72 68.34
CA LEU B 567 -33.82 32.05 67.73
C LEU B 567 -33.00 33.04 66.89
N THR B 568 -33.68 33.95 66.19
CA THR B 568 -32.99 34.96 65.39
C THR B 568 -32.09 35.83 66.26
N GLN B 569 -32.65 36.40 67.33
CA GLN B 569 -31.91 37.30 68.19
C GLN B 569 -30.79 36.58 68.92
N CYS B 570 -31.03 35.37 69.42
CA CYS B 570 -29.98 34.71 70.20
C CYS B 570 -28.84 34.25 69.32
N ILE B 571 -29.14 33.71 68.13
CA ILE B 571 -28.08 33.25 67.25
C ILE B 571 -27.28 34.42 66.70
N ARG B 572 -27.96 35.54 66.37
CA ARG B 572 -27.24 36.73 65.90
C ARG B 572 -26.35 37.31 66.99
N GLY B 573 -26.88 37.41 68.22
CA GLY B 573 -26.08 37.94 69.31
C GLY B 573 -24.94 37.04 69.72
N TYR B 574 -25.10 35.72 69.55
CA TYR B 574 -24.02 34.81 69.85
C TYR B 574 -22.94 34.83 68.78
N TRP B 575 -23.35 34.93 67.51
CA TRP B 575 -22.37 34.91 66.43
C TRP B 575 -21.60 36.22 66.37
N GLU B 576 -22.23 37.33 66.75
CA GLU B 576 -21.46 38.56 66.94
C GLU B 576 -21.11 38.73 68.43
N GLN B 577 -20.60 37.65 69.00
CA GLN B 577 -19.97 37.68 70.31
C GLN B 577 -18.62 37.01 70.31
N SER B 578 -18.46 35.90 69.59
CA SER B 578 -17.20 35.18 69.54
C SER B 578 -16.94 34.53 68.19
N HIS B 579 -17.68 34.94 67.15
CA HIS B 579 -17.68 34.29 65.82
C HIS B 579 -17.97 32.79 65.95
N ARG B 580 -18.94 32.46 66.80
CA ARG B 580 -19.31 31.09 67.09
C ARG B 580 -20.76 30.84 66.73
N VAL B 581 -21.02 29.66 66.21
CA VAL B 581 -22.38 29.24 65.88
C VAL B 581 -22.94 28.48 67.07
N ALA B 582 -24.26 28.52 67.22
CA ALA B 582 -24.95 27.78 68.27
C ALA B 582 -25.84 26.72 67.65
N PHE B 583 -26.43 25.90 68.52
CA PHE B 583 -27.55 25.01 68.21
C PHE B 583 -27.18 23.99 67.14
N VAL B 584 -26.17 23.18 67.45
CA VAL B 584 -25.58 22.28 66.47
C VAL B 584 -25.68 20.81 66.84
N ASN B 585 -26.24 20.49 68.01
CA ASN B 585 -26.24 19.09 68.43
C ASN B 585 -27.50 18.34 67.98
N ASN B 586 -28.66 18.94 68.15
CA ASN B 586 -29.91 18.28 67.82
C ASN B 586 -30.10 18.27 66.32
N PHE B 587 -30.58 17.14 65.79
CA PHE B 587 -30.91 17.07 64.37
C PHE B 587 -32.22 17.81 64.10
N HIS B 588 -33.29 17.44 64.80
CA HIS B 588 -34.64 17.87 64.43
C HIS B 588 -34.94 19.31 64.84
N MET B 589 -34.00 20.22 64.60
CA MET B 589 -34.27 21.65 64.62
C MET B 589 -33.49 22.33 63.49
N LEU B 590 -32.38 21.71 63.08
CA LEU B 590 -31.38 22.45 62.29
C LEU B 590 -31.88 22.70 60.89
N MET B 591 -32.57 21.72 60.30
CA MET B 591 -33.17 21.91 58.99
C MET B 591 -34.24 22.98 59.00
N TYR B 592 -34.90 23.19 60.16
CA TYR B 592 -35.83 24.32 60.29
C TYR B 592 -35.08 25.63 60.10
N ILE B 593 -33.86 25.69 60.63
CA ILE B 593 -33.00 26.85 60.43
C ILE B 593 -32.65 26.99 58.95
N THR B 594 -32.49 25.88 58.25
CA THR B 594 -32.25 26.00 56.82
C THR B 594 -33.55 26.12 56.05
N THR B 595 -34.70 25.95 56.71
CA THR B 595 -35.98 26.09 56.01
C THR B 595 -36.56 27.48 56.22
N TYR B 596 -36.73 27.88 57.48
CA TYR B 596 -37.43 29.11 57.79
C TYR B 596 -36.47 30.26 58.07
N LEU B 597 -35.53 30.07 58.99
CA LEU B 597 -34.60 31.13 59.36
C LEU B 597 -33.31 31.07 58.56
N GLY B 598 -33.43 30.96 57.23
CA GLY B 598 -32.26 30.82 56.40
C GLY B 598 -32.38 31.53 55.07
N ASN B 599 -33.29 32.48 54.98
CA ASN B 599 -33.58 33.16 53.72
C ASN B 599 -32.92 34.53 53.62
N GLY B 600 -32.09 34.90 54.58
CA GLY B 600 -31.40 36.18 54.55
C GLY B 600 -31.53 36.97 55.83
N GLU B 601 -32.23 36.41 56.81
CA GLU B 601 -32.39 37.08 58.10
C GLU B 601 -31.09 37.07 58.89
N LEU B 602 -30.44 35.92 58.94
CA LEU B 602 -29.18 35.77 59.64
C LEU B 602 -28.02 36.22 58.76
N PRO B 603 -26.86 36.51 59.35
CA PRO B 603 -25.66 36.76 58.54
C PRO B 603 -25.27 35.55 57.70
N GLU B 604 -24.71 35.85 56.51
CA GLU B 604 -24.64 34.92 55.39
C GLU B 604 -23.76 33.70 55.69
N VAL B 605 -22.76 33.87 56.55
CA VAL B 605 -21.79 32.81 56.83
C VAL B 605 -22.47 31.65 57.55
N CYS B 606 -23.42 31.95 58.45
CA CYS B 606 -24.10 30.90 59.20
C CYS B 606 -24.97 30.04 58.28
N ILE B 607 -25.68 30.66 57.34
CA ILE B 607 -26.45 29.90 56.35
C ILE B 607 -25.51 29.07 55.50
N ASN B 608 -24.35 29.62 55.15
CA ASN B 608 -23.36 28.86 54.40
C ASN B 608 -22.87 27.63 55.15
N ILE B 609 -22.61 27.78 56.45
CA ILE B 609 -22.14 26.66 57.28
C ILE B 609 -23.20 25.58 57.36
N TYR B 610 -24.44 25.98 57.67
CA TYR B 610 -25.51 25.00 57.87
C TYR B 610 -25.87 24.30 56.57
N ARG B 611 -25.95 25.05 55.47
CA ARG B 611 -26.25 24.44 54.18
C ARG B 611 -25.12 23.54 53.72
N ASP B 612 -23.87 23.93 53.98
CA ASP B 612 -22.74 23.11 53.56
C ASP B 612 -22.69 21.80 54.33
N LEU B 613 -22.98 21.82 55.63
CA LEU B 613 -22.98 20.57 56.39
C LEU B 613 -24.16 19.69 56.03
N LEU B 614 -25.33 20.29 55.76
CA LEU B 614 -26.48 19.50 55.35
C LEU B 614 -26.23 18.84 53.99
N GLN B 615 -25.62 19.58 53.07
CA GLN B 615 -25.27 19.01 51.77
C GLN B 615 -24.19 17.96 51.92
N HIS B 616 -23.31 18.10 52.93
CA HIS B 616 -22.33 17.06 53.20
C HIS B 616 -23.01 15.77 53.64
N VAL B 617 -24.01 15.87 54.52
CA VAL B 617 -24.73 14.68 54.96
C VAL B 617 -25.48 14.04 53.80
N ARG B 618 -26.09 14.86 52.94
CA ARG B 618 -26.76 14.35 51.76
C ARG B 618 -25.78 13.68 50.81
N ALA B 619 -24.59 14.24 50.66
CA ALA B 619 -23.57 13.62 49.83
C ALA B 619 -23.05 12.32 50.43
N LEU B 620 -22.99 12.24 51.76
CA LEU B 620 -22.64 10.97 52.40
C LEU B 620 -23.67 9.90 52.11
N ARG B 621 -24.96 10.27 52.16
CA ARG B 621 -26.01 9.30 51.84
C ARG B 621 -25.97 8.95 50.34
N GLN B 622 -25.54 9.91 49.51
CA GLN B 622 -25.33 9.63 48.09
C GLN B 622 -24.22 8.63 47.87
N THR B 623 -23.12 8.77 48.62
CA THR B 623 -22.01 7.82 48.50
C THR B 623 -22.40 6.44 48.99
N ILE B 624 -23.26 6.38 50.02
CA ILE B 624 -23.82 5.10 50.44
C ILE B 624 -24.67 4.50 49.31
N THR B 625 -25.41 5.36 48.61
CA THR B 625 -26.22 4.89 47.48
C THR B 625 -25.33 4.38 46.34
N ASP B 626 -24.16 4.99 46.16
CA ASP B 626 -23.33 4.71 44.98
C ASP B 626 -22.73 3.30 45.01
N PHE B 627 -22.41 2.79 46.19
CA PHE B 627 -21.72 1.50 46.30
C PHE B 627 -22.66 0.34 46.58
N THR B 628 -23.85 0.35 45.99
CA THR B 628 -24.75 -0.80 46.06
C THR B 628 -25.60 -0.84 44.81
N ILE B 629 -26.25 -1.98 44.60
CA ILE B 629 -27.08 -2.23 43.44
C ILE B 629 -28.53 -2.32 43.91
N GLN B 630 -29.39 -1.47 43.36
CA GLN B 630 -30.77 -1.46 43.79
C GLN B 630 -31.55 -2.59 43.11
N GLY B 631 -32.65 -2.98 43.73
CA GLY B 631 -33.56 -3.95 43.15
C GLY B 631 -33.47 -5.35 43.70
N GLU B 632 -32.40 -5.68 44.41
CA GLU B 632 -32.22 -7.02 44.98
C GLU B 632 -32.78 -6.98 46.40
N GLY B 633 -34.10 -7.10 46.51
CA GLY B 633 -34.79 -7.01 47.79
C GLY B 633 -35.38 -8.35 48.17
N HIS B 634 -35.29 -8.67 49.46
CA HIS B 634 -35.86 -9.89 50.00
C HIS B 634 -36.63 -9.59 51.27
N ASN B 635 -37.80 -10.25 51.40
CA ASN B 635 -38.66 -10.17 52.58
C ASN B 635 -39.13 -8.74 52.85
N GLY B 636 -39.34 -7.98 51.79
CA GLY B 636 -39.77 -6.60 51.90
C GLY B 636 -38.74 -5.65 52.48
N GLU B 637 -37.48 -5.80 52.07
CA GLU B 637 -36.41 -4.89 52.48
C GLU B 637 -35.74 -4.32 51.25
N THR B 638 -35.48 -3.01 51.27
CA THR B 638 -34.81 -2.37 50.14
C THR B 638 -33.34 -2.73 50.11
N SER B 639 -32.76 -2.69 48.90
CA SER B 639 -31.36 -3.05 48.71
C SER B 639 -30.42 -2.09 49.44
N GLU B 640 -30.78 -0.81 49.46
CA GLU B 640 -30.01 0.18 50.20
C GLU B 640 -29.97 -0.16 51.69
N ALA B 641 -31.13 -0.49 52.26
CA ALA B 641 -31.17 -0.99 53.64
C ALA B 641 -30.53 -2.35 53.77
N LEU B 642 -30.50 -3.14 52.69
CA LEU B 642 -29.86 -4.44 52.72
C LEU B 642 -28.35 -4.39 52.58
N ASN B 643 -27.78 -3.21 52.33
CA ASN B 643 -26.33 -3.09 52.37
C ASN B 643 -25.82 -2.34 53.60
N ASN B 644 -26.51 -1.31 54.05
CA ASN B 644 -26.05 -0.48 55.15
C ASN B 644 -27.03 -0.51 56.30
N ILE B 645 -26.48 -0.53 57.52
CA ILE B 645 -27.28 -0.45 58.73
C ILE B 645 -27.86 0.94 58.90
N LEU B 646 -27.06 1.96 58.59
CA LEU B 646 -27.41 3.33 58.93
C LEU B 646 -28.55 3.87 58.09
N THR B 647 -28.85 3.25 56.97
CA THR B 647 -30.07 3.56 56.22
C THR B 647 -31.15 2.51 56.43
N ASP B 648 -30.84 1.42 57.12
CA ASP B 648 -31.87 0.44 57.48
C ASP B 648 -32.75 1.00 58.57
N ASP B 649 -34.06 0.92 58.37
CA ASP B 649 -35.02 1.43 59.34
C ASP B 649 -35.13 0.56 60.59
N THR B 650 -34.51 -0.62 60.59
CA THR B 650 -34.48 -1.44 61.79
C THR B 650 -33.66 -0.78 62.89
N PHE B 651 -32.56 -0.14 62.53
CA PHE B 651 -31.72 0.51 63.53
C PHE B 651 -32.30 1.87 63.92
N ILE B 652 -31.91 2.33 65.10
CA ILE B 652 -32.50 3.53 65.70
C ILE B 652 -31.40 4.50 66.09
N ALA B 653 -31.76 5.77 66.17
CA ALA B 653 -30.86 6.78 66.69
C ALA B 653 -30.80 6.69 68.21
N PRO B 654 -29.67 7.08 68.83
CA PRO B 654 -29.62 7.09 70.29
C PRO B 654 -30.55 8.12 70.93
N ILE B 655 -30.79 9.25 70.29
CA ILE B 655 -31.69 10.27 70.80
C ILE B 655 -32.91 10.30 69.89
N LEU B 656 -34.08 10.12 70.50
CA LEU B 656 -35.34 10.05 69.76
C LEU B 656 -36.24 11.21 70.19
N TRP B 657 -36.72 11.97 69.20
CA TRP B 657 -37.56 13.13 69.47
C TRP B 657 -39.04 12.86 69.23
N ASP B 658 -39.38 12.29 68.08
CA ASP B 658 -40.74 11.90 67.77
C ASP B 658 -40.81 10.38 67.71
N CYS B 659 -42.04 9.86 67.77
CA CYS B 659 -42.24 8.42 67.67
C CYS B 659 -42.14 7.91 66.23
N ASP B 660 -41.86 8.81 65.28
CA ASP B 660 -41.90 8.50 63.86
C ASP B 660 -40.90 7.42 63.48
N ALA B 661 -39.68 7.52 64.00
CA ALA B 661 -38.67 6.50 63.69
C ALA B 661 -39.02 5.16 64.32
N LEU B 662 -39.65 5.17 65.49
CA LEU B 662 -40.13 3.93 66.08
C LEU B 662 -41.23 3.31 65.24
N ILE B 663 -42.13 4.13 64.72
CA ILE B 663 -43.20 3.64 63.84
C ILE B 663 -42.61 3.08 62.56
N TYR B 664 -41.61 3.75 61.98
CA TYR B 664 -40.96 3.22 60.79
C TYR B 664 -40.20 1.94 61.10
N ARG B 665 -39.67 1.80 62.31
CA ARG B 665 -39.05 0.55 62.71
C ARG B 665 -40.08 -0.56 62.84
N ASP B 666 -41.32 -0.20 63.21
CA ASP B 666 -42.37 -1.21 63.38
C ASP B 666 -42.70 -1.91 62.08
N GLU B 667 -42.77 -1.16 60.98
CA GLU B 667 -42.97 -1.76 59.67
C GLU B 667 -41.68 -1.97 58.92
N ALA B 668 -40.53 -1.82 59.59
CA ALA B 668 -39.26 -2.05 58.92
C ALA B 668 -39.05 -3.53 58.62
N ALA B 669 -39.03 -4.36 59.67
CA ALA B 669 -38.65 -5.75 59.49
C ALA B 669 -39.81 -6.59 58.98
N ARG B 670 -40.87 -6.71 59.79
CA ARG B 670 -42.09 -7.50 59.54
C ARG B 670 -41.84 -9.01 59.44
N ASP B 671 -40.60 -9.44 59.55
CA ASP B 671 -40.19 -10.83 59.66
C ASP B 671 -39.22 -11.05 60.82
N ARG B 672 -38.30 -10.12 61.04
CA ARG B 672 -37.47 -10.17 62.24
C ARG B 672 -38.30 -9.78 63.43
N LEU B 673 -38.17 -10.55 64.51
CA LEU B 673 -39.07 -10.43 65.64
C LEU B 673 -38.68 -9.23 66.50
N PRO B 674 -39.55 -8.24 66.67
CA PRO B 674 -39.22 -7.14 67.57
C PRO B 674 -39.75 -7.33 68.98
N ALA B 675 -38.91 -7.06 69.98
CA ALA B 675 -39.34 -7.00 71.36
C ALA B 675 -38.87 -5.68 71.94
N ILE B 676 -39.82 -4.88 72.41
CA ILE B 676 -39.57 -3.50 72.80
C ILE B 676 -39.92 -3.34 74.27
N ARG B 677 -38.98 -2.81 75.04
CA ARG B 677 -39.18 -2.55 76.46
C ARG B 677 -38.97 -1.06 76.71
N VAL B 678 -39.97 -0.40 77.27
CA VAL B 678 -39.89 1.02 77.62
C VAL B 678 -40.16 1.11 79.12
N SER B 679 -39.09 1.04 79.92
CA SER B 679 -39.12 1.21 81.38
C SER B 679 -40.12 0.27 82.04
N GLY B 680 -39.94 -1.02 81.80
CA GLY B 680 -40.85 -1.99 82.37
C GLY B 680 -41.79 -2.66 81.37
N ARG B 681 -43.04 -2.21 81.33
CA ARG B 681 -44.06 -2.82 80.48
C ARG B 681 -43.69 -2.71 79.01
N ASN B 682 -43.86 -3.82 78.30
CA ASN B 682 -43.45 -3.88 76.91
C ASN B 682 -44.45 -3.15 76.02
N GLY B 683 -43.92 -2.44 75.03
CA GLY B 683 -44.76 -1.65 74.14
C GLY B 683 -44.76 -0.19 74.50
N TYR B 684 -45.64 0.55 73.82
CA TYR B 684 -45.73 1.99 73.96
C TYR B 684 -47.18 2.42 73.75
N GLN B 685 -47.53 3.57 74.29
CA GLN B 685 -48.86 4.12 74.10
C GLN B 685 -48.87 5.35 73.20
N ALA B 686 -47.92 6.26 73.40
CA ALA B 686 -47.70 7.45 72.57
C ALA B 686 -48.93 8.36 72.54
N LEU B 687 -49.28 8.89 73.71
CA LEU B 687 -50.35 9.87 73.82
C LEU B 687 -49.72 11.26 73.70
N HIS B 688 -50.02 11.94 72.61
CA HIS B 688 -49.43 13.24 72.31
C HIS B 688 -50.31 14.35 72.90
N PHE B 689 -50.00 15.60 72.51
CA PHE B 689 -50.78 16.79 72.82
C PHE B 689 -50.94 17.00 74.32
N VAL B 690 -49.80 17.21 74.97
CA VAL B 690 -49.77 17.45 76.40
C VAL B 690 -50.18 18.90 76.67
N ASP B 691 -50.67 19.16 77.87
CA ASP B 691 -51.19 20.48 78.24
C ASP B 691 -51.00 20.69 79.74
N MET B 692 -51.71 21.69 80.28
CA MET B 692 -51.65 21.98 81.70
C MET B 692 -52.23 20.85 82.54
N ALA B 693 -53.36 20.27 82.11
CA ALA B 693 -54.08 19.33 82.94
C ALA B 693 -53.37 17.99 83.04
N GLY B 694 -52.73 17.55 81.95
CA GLY B 694 -52.11 16.25 81.94
C GLY B 694 -50.61 16.25 81.73
N HIS B 695 -49.89 17.17 82.39
CA HIS B 695 -48.44 17.22 82.24
C HIS B 695 -47.79 15.95 82.81
N ASN B 696 -48.10 15.63 84.07
CA ASN B 696 -47.78 14.36 84.72
C ASN B 696 -46.28 14.04 84.68
N PHE B 697 -45.53 14.85 85.44
CA PHE B 697 -44.08 14.68 85.52
C PHE B 697 -43.69 13.31 86.05
N GLN B 698 -44.41 12.81 87.04
CA GLN B 698 -44.12 11.50 87.62
C GLN B 698 -44.95 10.39 86.97
N ARG B 699 -44.90 10.31 85.65
CA ARG B 699 -45.68 9.34 84.89
C ARG B 699 -44.89 8.04 84.80
N ARG B 700 -45.33 7.03 85.55
CA ARG B 700 -44.59 5.78 85.63
C ARG B 700 -44.73 4.88 84.41
N ASP B 701 -45.80 5.03 83.62
CA ASP B 701 -46.03 4.10 82.53
C ASP B 701 -45.26 4.51 81.27
N ASN B 702 -45.38 3.70 80.22
CA ASN B 702 -44.60 3.84 78.99
C ASN B 702 -45.34 4.64 77.94
N VAL B 703 -46.13 5.63 78.36
CA VAL B 703 -46.74 6.57 77.44
C VAL B 703 -45.66 7.47 76.84
N LEU B 704 -45.64 7.57 75.52
CA LEU B 704 -44.69 8.43 74.82
C LEU B 704 -45.37 9.73 74.43
N ILE B 705 -44.56 10.69 73.99
CA ILE B 705 -45.04 11.98 73.50
C ILE B 705 -44.64 12.11 72.04
N HIS B 706 -45.61 12.41 71.18
CA HIS B 706 -45.37 12.49 69.75
C HIS B 706 -45.31 13.92 69.23
N GLY B 707 -46.17 14.79 69.73
CA GLY B 707 -46.18 16.19 69.31
C GLY B 707 -47.38 16.51 68.44
N ARG B 708 -47.64 17.81 68.32
CA ARG B 708 -48.77 18.28 67.53
C ARG B 708 -48.33 18.53 66.09
N PRO B 709 -48.96 17.90 65.10
CA PRO B 709 -48.68 18.24 63.71
C PRO B 709 -49.18 19.64 63.38
N VAL B 710 -48.45 20.30 62.48
CA VAL B 710 -48.83 21.65 62.07
C VAL B 710 -50.08 21.63 61.21
N ARG B 711 -50.12 20.76 60.22
CA ARG B 711 -51.28 20.61 59.35
C ARG B 711 -51.96 19.28 59.66
N GLY B 712 -52.88 19.32 60.60
CA GLY B 712 -53.59 18.13 61.01
C GLY B 712 -54.44 18.40 62.23
N ASP B 713 -55.01 17.34 62.78
CA ASP B 713 -55.79 17.43 64.00
C ASP B 713 -55.17 16.54 65.08
N THR B 714 -55.08 17.07 66.29
CA THR B 714 -54.57 16.33 67.44
C THR B 714 -55.47 15.15 67.76
N GLY B 715 -56.69 15.43 68.19
CA GLY B 715 -57.71 14.42 68.42
C GLY B 715 -57.39 13.41 69.51
N GLN B 716 -58.26 12.43 69.65
CA GLN B 716 -57.98 11.28 70.50
C GLN B 716 -58.21 9.96 69.78
N ALA B 717 -59.26 9.87 68.95
CA ALA B 717 -59.53 8.66 68.20
C ALA B 717 -58.65 8.52 66.97
N ILE B 718 -57.99 9.58 66.55
CA ILE B 718 -57.07 9.51 65.41
C ILE B 718 -55.83 8.72 65.82
N PRO B 719 -55.38 7.75 65.02
CA PRO B 719 -54.14 7.05 65.33
C PRO B 719 -52.93 7.96 65.18
N ILE B 720 -51.83 7.54 65.80
CA ILE B 720 -50.60 8.34 65.80
C ILE B 720 -50.01 8.33 64.40
N THR B 721 -49.91 9.49 63.81
CA THR B 721 -49.43 9.68 62.46
C THR B 721 -47.95 10.05 62.46
N PRO B 722 -47.21 9.62 61.44
CA PRO B 722 -45.81 10.03 61.33
C PRO B 722 -45.70 11.51 61.00
N HIS B 723 -44.85 12.21 61.78
CA HIS B 723 -44.64 13.63 61.51
C HIS B 723 -43.79 13.85 60.27
N HIS B 724 -42.85 12.95 60.00
CA HIS B 724 -41.90 13.10 58.91
C HIS B 724 -41.88 11.81 58.09
N ASP B 725 -40.95 11.75 57.15
CA ASP B 725 -40.81 10.60 56.27
C ASP B 725 -39.50 9.86 56.56
N ARG B 726 -39.20 8.85 55.73
CA ARG B 726 -38.11 7.92 56.03
C ARG B 726 -36.75 8.57 55.89
N GLU B 727 -36.59 9.45 54.89
CA GLU B 727 -35.28 10.05 54.66
C GLU B 727 -34.88 11.00 55.77
N TRP B 728 -35.85 11.61 56.47
CA TRP B 728 -35.54 12.38 57.67
C TRP B 728 -34.90 11.49 58.73
N GLY B 729 -35.44 10.29 58.92
CA GLY B 729 -34.86 9.36 59.86
C GLY B 729 -33.48 8.87 59.47
N ILE B 730 -33.27 8.56 58.19
CA ILE B 730 -31.96 8.05 57.80
C ILE B 730 -30.92 9.16 57.84
N LEU B 731 -31.30 10.41 57.54
CA LEU B 731 -30.35 11.50 57.67
C LEU B 731 -30.09 11.85 59.13
N SER B 732 -31.06 11.62 60.01
CA SER B 732 -30.82 11.72 61.44
C SER B 732 -29.78 10.71 61.89
N LYS B 733 -29.90 9.47 61.38
CA LYS B 733 -28.94 8.43 61.75
C LYS B 733 -27.55 8.73 61.22
N ILE B 734 -27.44 9.19 59.97
CA ILE B 734 -26.16 9.57 59.40
C ILE B 734 -25.54 10.73 60.17
N TYR B 735 -26.35 11.74 60.50
CA TYR B 735 -25.89 12.89 61.26
C TYR B 735 -25.34 12.47 62.61
N TYR B 736 -26.15 11.74 63.38
CA TYR B 736 -25.79 11.41 64.75
C TYR B 736 -24.65 10.39 64.83
N TYR B 737 -24.53 9.50 63.85
CA TYR B 737 -23.47 8.51 63.90
C TYR B 737 -22.26 8.86 63.06
N ILE B 738 -22.27 10.00 62.37
CA ILE B 738 -21.08 10.38 61.63
C ILE B 738 -20.49 11.66 62.20
N VAL B 739 -21.27 12.75 62.19
CA VAL B 739 -20.58 14.02 62.31
C VAL B 739 -20.29 14.36 63.77
N ILE B 740 -21.17 14.01 64.71
CA ILE B 740 -20.91 14.25 66.13
C ILE B 740 -19.76 13.39 66.66
N PRO B 741 -19.68 12.06 66.44
CA PRO B 741 -18.50 11.34 66.95
C PRO B 741 -17.19 11.77 66.31
N ALA B 742 -17.21 12.13 65.02
CA ALA B 742 -15.99 12.49 64.32
C ALA B 742 -15.45 13.82 64.80
N PHE B 743 -16.34 14.72 65.21
CA PHE B 743 -15.97 16.10 65.51
C PHE B 743 -15.78 16.32 67.00
N SER B 744 -16.56 15.64 67.85
CA SER B 744 -16.31 15.71 69.28
C SER B 744 -15.13 14.85 69.70
N ARG B 745 -14.76 13.87 68.87
CA ARG B 745 -13.73 12.86 69.15
C ARG B 745 -14.00 12.14 70.46
N GLY B 746 -15.29 11.84 70.70
CA GLY B 746 -15.69 11.09 71.87
C GLY B 746 -15.77 11.89 73.14
N SER B 747 -15.52 13.19 73.09
CA SER B 747 -15.57 14.02 74.28
C SER B 747 -16.99 14.37 74.70
N CYS B 748 -17.96 14.24 73.79
CA CYS B 748 -19.33 14.59 74.09
C CYS B 748 -19.99 13.52 74.97
N CYS B 749 -21.12 13.91 75.56
CA CYS B 749 -21.91 13.02 76.40
C CYS B 749 -23.34 13.50 76.42
N THR B 750 -24.22 12.63 76.89
CA THR B 750 -25.63 12.94 77.03
C THR B 750 -26.06 12.78 78.49
N MET B 751 -27.03 13.61 78.90
CA MET B 751 -27.56 13.56 80.25
C MET B 751 -29.03 13.14 80.20
N GLY B 752 -29.66 13.16 81.37
CA GLY B 752 -31.11 13.19 81.49
C GLY B 752 -31.59 14.59 81.76
N VAL B 753 -32.90 14.72 81.96
CA VAL B 753 -33.54 16.00 82.21
C VAL B 753 -34.45 15.90 83.42
N ARG B 754 -34.57 17.00 84.16
CA ARG B 754 -35.52 17.17 85.25
C ARG B 754 -36.44 18.32 84.87
N TYR B 755 -37.51 17.99 84.14
CA TYR B 755 -38.45 19.02 83.73
C TYR B 755 -39.28 19.54 84.90
N ASP B 756 -39.45 18.73 85.94
CA ASP B 756 -40.16 19.15 87.15
C ASP B 756 -39.43 20.27 87.88
N ARG B 757 -38.12 20.39 87.70
CA ARG B 757 -37.37 21.53 88.21
C ARG B 757 -37.13 22.59 87.14
N LEU B 758 -37.01 22.17 85.88
CA LEU B 758 -36.71 23.10 84.79
C LEU B 758 -37.88 24.03 84.52
N TYR B 759 -39.08 23.47 84.38
CA TYR B 759 -40.24 24.26 84.00
C TYR B 759 -40.66 25.35 85.01
N PRO B 760 -40.65 25.15 86.34
CA PRO B 760 -40.91 26.28 87.24
C PRO B 760 -39.88 27.41 87.12
N ALA B 761 -38.62 27.08 86.84
CA ALA B 761 -37.64 28.14 86.60
C ALA B 761 -37.88 28.83 85.26
N LEU B 762 -38.54 28.16 84.32
CA LEU B 762 -38.79 28.73 83.01
C LEU B 762 -39.90 29.77 83.02
N GLN B 763 -40.81 29.71 83.99
CA GLN B 763 -41.94 30.63 84.04
C GLN B 763 -41.52 32.06 84.40
N ALA B 764 -40.34 32.24 85.00
CA ALA B 764 -39.93 33.53 85.55
C ALA B 764 -39.60 34.51 84.42
N VAL B 765 -40.49 35.48 84.21
CA VAL B 765 -40.26 36.57 83.28
C VAL B 765 -40.50 37.89 84.00
N ILE B 766 -39.55 38.81 83.88
CA ILE B 766 -39.59 40.08 84.63
C ILE B 766 -39.52 41.20 83.60
N VAL B 767 -40.14 41.00 82.45
CA VAL B 767 -40.23 42.08 81.46
C VAL B 767 -41.14 43.18 82.01
N PRO B 768 -40.76 44.45 81.93
CA PRO B 768 -41.70 45.52 82.27
C PRO B 768 -42.75 45.66 81.18
N GLU B 769 -43.92 46.16 81.58
CA GLU B 769 -44.98 46.39 80.61
C GLU B 769 -44.65 47.58 79.72
N ILE B 770 -44.84 47.40 78.42
CA ILE B 770 -44.52 48.45 77.45
C ILE B 770 -45.54 49.57 77.57
N PRO B 771 -45.12 50.84 77.57
CA PRO B 771 -46.10 51.94 77.55
C PRO B 771 -46.90 51.96 76.26
N ALA B 772 -48.12 52.47 76.37
CA ALA B 772 -49.07 52.42 75.26
C ALA B 772 -48.64 53.33 74.11
N ASP B 773 -48.81 52.83 72.88
CA ASP B 773 -48.42 53.51 71.64
C ASP B 773 -46.94 53.89 71.65
N GLU B 774 -46.11 52.99 72.18
CA GLU B 774 -44.68 53.20 72.24
C GLU B 774 -43.97 52.01 71.60
N GLU B 775 -42.78 52.26 71.10
CA GLU B 775 -41.98 51.20 70.49
C GLU B 775 -41.17 50.46 71.55
N ALA B 776 -40.90 49.19 71.30
CA ALA B 776 -40.15 48.37 72.24
C ALA B 776 -38.69 48.83 72.28
N PRO B 777 -38.10 48.94 73.47
CA PRO B 777 -36.68 49.33 73.55
C PRO B 777 -35.76 48.25 73.02
N THR B 778 -34.62 48.69 72.48
CA THR B 778 -33.64 47.80 71.86
C THR B 778 -32.36 47.69 72.66
N THR B 779 -31.75 48.81 73.01
CA THR B 779 -30.47 48.79 73.71
C THR B 779 -30.67 48.35 75.17
N PRO B 780 -29.73 47.60 75.73
CA PRO B 780 -29.91 47.11 77.10
C PRO B 780 -29.49 48.12 78.18
N GLU B 781 -29.31 49.38 77.81
CA GLU B 781 -28.88 50.39 78.77
C GLU B 781 -30.03 51.22 79.33
N ASP B 782 -31.14 51.33 78.62
CA ASP B 782 -32.28 52.06 79.14
C ASP B 782 -32.99 51.22 80.21
N PRO B 783 -33.63 51.87 81.20
CA PRO B 783 -34.38 51.11 82.21
C PRO B 783 -35.58 50.36 81.69
N ARG B 784 -36.09 50.70 80.50
CA ARG B 784 -37.23 50.00 79.93
C ARG B 784 -36.85 48.65 79.32
N HIS B 785 -35.56 48.36 79.19
CA HIS B 785 -35.14 47.09 78.61
C HIS B 785 -35.36 45.95 79.59
N PRO B 786 -35.80 44.78 79.12
CA PRO B 786 -36.00 43.64 80.04
C PRO B 786 -34.74 43.11 80.67
N LEU B 787 -33.58 43.26 80.02
CA LEU B 787 -32.33 42.73 80.52
C LEU B 787 -31.56 43.75 81.36
N HIS B 788 -32.09 44.96 81.50
CA HIS B 788 -31.43 46.02 82.26
C HIS B 788 -31.36 45.68 83.75
N ALA B 789 -30.43 46.34 84.44
CA ALA B 789 -30.10 45.98 85.82
C ALA B 789 -31.24 46.24 86.79
N HIS B 790 -32.15 47.16 86.46
CA HIS B 790 -33.31 47.38 87.32
C HIS B 790 -34.28 46.21 87.25
N GLN B 791 -34.29 45.46 86.16
CA GLN B 791 -35.13 44.29 86.00
C GLN B 791 -34.40 43.00 86.39
N LEU B 792 -33.17 43.11 86.88
CA LEU B 792 -32.36 41.95 87.23
C LEU B 792 -32.63 41.56 88.67
N VAL B 793 -33.13 40.35 88.87
CA VAL B 793 -33.42 39.82 90.20
C VAL B 793 -32.76 38.45 90.34
N PRO B 794 -32.40 38.02 91.54
CA PRO B 794 -31.87 36.67 91.71
C PRO B 794 -32.94 35.61 91.48
N ASN B 795 -32.46 34.42 91.10
CA ASN B 795 -33.29 33.25 90.76
C ASN B 795 -34.27 33.60 89.63
N SER B 796 -33.71 33.92 88.48
CA SER B 796 -34.51 34.46 87.38
C SER B 796 -33.89 34.10 86.04
N LEU B 797 -34.72 34.15 85.01
CA LEU B 797 -34.27 33.84 83.66
C LEU B 797 -33.54 35.03 83.02
N ASN B 798 -33.86 36.25 83.43
CA ASN B 798 -33.20 37.42 82.87
C ASN B 798 -31.74 37.50 83.25
N VAL B 799 -31.41 37.17 84.51
CA VAL B 799 -30.00 37.11 84.88
C VAL B 799 -29.32 35.91 84.24
N TYR B 800 -30.08 34.86 83.92
CA TYR B 800 -29.52 33.72 83.19
C TYR B 800 -29.13 34.12 81.78
N PHE B 801 -29.93 34.97 81.15
CA PHE B 801 -29.56 35.48 79.82
C PHE B 801 -28.43 36.50 79.93
N HIS B 802 -28.44 37.33 80.97
CA HIS B 802 -27.44 38.38 81.11
C HIS B 802 -26.07 37.82 81.41
N ASN B 803 -26.00 36.73 82.19
CA ASN B 803 -24.72 36.08 82.46
C ASN B 803 -24.16 35.42 81.20
N ALA B 804 -25.03 35.06 80.25
CA ALA B 804 -24.61 34.57 78.95
C ALA B 804 -24.42 35.68 77.93
N HIS B 805 -24.79 36.92 78.28
CA HIS B 805 -24.56 38.13 77.48
C HIS B 805 -25.22 38.05 76.11
N LEU B 806 -26.55 37.98 76.11
CA LEU B 806 -27.36 38.01 74.91
C LEU B 806 -28.15 39.32 74.83
N THR B 807 -28.88 39.48 73.72
CA THR B 807 -29.76 40.63 73.50
C THR B 807 -31.11 40.09 73.02
N VAL B 808 -32.11 40.13 73.90
CA VAL B 808 -33.45 39.65 73.59
C VAL B 808 -34.44 40.76 73.88
N ASP B 809 -35.32 41.03 72.91
CA ASP B 809 -36.34 42.06 73.08
C ASP B 809 -37.53 41.52 73.88
N GLY B 810 -38.53 42.38 74.07
CA GLY B 810 -39.65 42.02 74.94
C GLY B 810 -40.65 41.09 74.28
N ASP B 811 -40.86 41.24 72.97
CA ASP B 811 -41.87 40.43 72.28
C ASP B 811 -41.44 38.97 72.20
N ALA B 812 -40.17 38.72 71.87
CA ALA B 812 -39.63 37.38 71.90
C ALA B 812 -39.64 36.81 73.31
N LEU B 813 -39.41 37.66 74.30
CA LEU B 813 -39.43 37.20 75.68
C LEU B 813 -40.85 36.84 76.12
N LEU B 814 -41.86 37.51 75.58
CA LEU B 814 -43.22 37.18 75.98
C LEU B 814 -43.83 36.06 75.14
N THR B 815 -43.19 35.69 74.01
CA THR B 815 -43.72 34.57 73.23
C THR B 815 -43.58 33.21 73.91
N LEU B 816 -42.81 33.11 75.00
CA LEU B 816 -42.76 31.83 75.70
C LEU B 816 -44.06 31.51 76.41
N GLN B 817 -44.92 32.50 76.68
CA GLN B 817 -46.25 32.20 77.18
C GLN B 817 -47.11 31.54 76.10
N GLU B 818 -46.81 31.79 74.83
CA GLU B 818 -47.41 30.99 73.76
C GLU B 818 -46.74 29.63 73.66
N LEU B 819 -45.44 29.57 73.91
CA LEU B 819 -44.72 28.31 73.89
C LEU B 819 -45.06 27.38 75.05
N MET B 820 -45.74 27.89 76.09
CA MET B 820 -46.14 27.06 77.23
C MET B 820 -47.19 26.02 76.90
N GLY B 821 -47.76 26.02 75.69
CA GLY B 821 -48.82 25.06 75.38
C GLY B 821 -48.34 23.61 75.35
N ASP B 822 -47.18 23.36 74.75
CA ASP B 822 -46.67 22.02 74.57
C ASP B 822 -45.38 21.85 75.37
N MET B 823 -45.28 20.75 76.11
CA MET B 823 -44.13 20.45 76.94
C MET B 823 -43.55 19.09 76.54
N ALA B 824 -42.59 18.63 77.32
CA ALA B 824 -42.14 17.25 77.32
C ALA B 824 -42.16 16.77 78.75
N GLU B 825 -42.44 15.48 78.95
CA GLU B 825 -42.68 14.97 80.29
C GLU B 825 -41.37 14.81 81.08
N ARG B 826 -40.45 14.00 80.58
CA ARG B 826 -39.17 13.63 81.16
C ARG B 826 -38.51 12.69 80.16
N THR B 827 -37.20 12.55 80.28
CA THR B 827 -36.50 11.61 79.43
C THR B 827 -36.80 10.17 79.86
N THR B 828 -36.74 9.26 78.90
CA THR B 828 -36.97 7.85 79.20
C THR B 828 -36.07 6.98 78.34
N ALA B 829 -35.96 5.73 78.78
CA ALA B 829 -35.11 4.74 78.15
C ALA B 829 -35.94 3.88 77.22
N ILE B 830 -35.44 3.67 76.01
CA ILE B 830 -36.09 2.84 75.01
C ILE B 830 -35.17 1.66 74.72
N LEU B 831 -35.71 0.44 74.79
CA LEU B 831 -34.93 -0.75 74.49
C LEU B 831 -35.57 -1.45 73.31
N VAL B 832 -34.86 -1.50 72.19
CA VAL B 832 -35.33 -2.19 71.01
C VAL B 832 -34.48 -3.44 70.82
N SER B 833 -35.03 -4.39 70.07
CA SER B 833 -34.37 -5.66 69.85
C SER B 833 -34.77 -6.18 68.49
N SER B 834 -33.88 -6.97 67.88
CA SER B 834 -34.18 -7.48 66.55
C SER B 834 -33.54 -8.84 66.35
N ALA B 835 -34.19 -9.62 65.49
CA ALA B 835 -33.57 -10.79 64.91
C ALA B 835 -32.56 -10.34 63.86
N PRO B 836 -31.59 -11.18 63.49
CA PRO B 836 -30.67 -10.82 62.41
C PRO B 836 -31.39 -10.70 61.07
N ASP B 837 -30.73 -10.01 60.15
CA ASP B 837 -31.33 -9.73 58.86
C ASP B 837 -31.47 -11.00 58.02
N ALA B 838 -32.28 -10.90 56.97
CA ALA B 838 -32.60 -12.05 56.12
C ALA B 838 -31.37 -12.62 55.41
N GLY B 839 -30.31 -11.82 55.26
CA GLY B 839 -29.07 -12.36 54.75
C GLY B 839 -28.36 -13.27 55.74
N ALA B 840 -28.60 -13.08 57.05
CA ALA B 840 -27.87 -13.82 58.07
C ALA B 840 -28.75 -14.50 59.10
N ALA B 841 -30.07 -14.49 58.94
CA ALA B 841 -30.96 -15.12 59.92
C ALA B 841 -31.10 -16.62 59.61
N THR B 842 -30.01 -17.34 59.85
CA THR B 842 -30.02 -18.78 59.68
C THR B 842 -30.48 -19.44 60.98
N ALA B 843 -30.44 -20.78 61.02
CA ALA B 843 -31.06 -21.53 62.11
C ALA B 843 -30.32 -21.31 63.43
N THR B 844 -29.01 -21.25 63.39
CA THR B 844 -28.27 -21.01 64.62
C THR B 844 -28.25 -19.55 65.02
N THR B 845 -28.69 -18.63 64.15
CA THR B 845 -28.73 -17.22 64.47
C THR B 845 -30.09 -16.77 64.96
N ARG B 846 -31.07 -17.67 65.05
CA ARG B 846 -32.41 -17.28 65.49
C ARG B 846 -32.41 -16.84 66.95
N ASN B 847 -31.66 -17.54 67.79
CA ASN B 847 -31.47 -17.06 69.15
C ASN B 847 -30.47 -15.91 69.24
N MET B 848 -29.68 -15.70 68.19
CA MET B 848 -28.65 -14.67 68.18
C MET B 848 -29.28 -13.32 67.83
N ARG B 849 -30.06 -12.80 68.78
CA ARG B 849 -30.69 -11.51 68.62
C ARG B 849 -29.78 -10.42 69.17
N ILE B 850 -29.94 -9.21 68.63
CA ILE B 850 -29.14 -8.07 69.04
C ILE B 850 -30.07 -6.96 69.51
N TYR B 851 -29.66 -6.29 70.59
CA TYR B 851 -30.47 -5.30 71.26
C TYR B 851 -29.84 -3.93 71.08
N ASP B 852 -30.58 -2.89 71.47
CA ASP B 852 -30.08 -1.53 71.42
C ASP B 852 -30.86 -0.70 72.43
N GLY B 853 -30.18 0.28 73.01
CA GLY B 853 -30.78 1.23 73.92
C GLY B 853 -30.70 2.64 73.38
N ALA B 854 -31.72 3.45 73.69
CA ALA B 854 -31.80 4.81 73.16
C ALA B 854 -32.49 5.69 74.18
N LEU B 855 -32.31 7.00 74.00
CA LEU B 855 -32.89 8.01 74.87
C LEU B 855 -34.02 8.72 74.15
N TYR B 856 -35.11 8.99 74.87
CA TYR B 856 -36.17 9.83 74.35
C TYR B 856 -36.07 11.20 75.01
N HIS B 857 -36.15 12.24 74.20
CA HIS B 857 -36.04 13.64 74.63
C HIS B 857 -34.74 13.91 75.37
N GLY B 858 -33.64 13.34 74.86
CA GLY B 858 -32.33 13.54 75.43
C GLY B 858 -31.52 14.58 74.66
N LEU B 859 -30.52 15.12 75.33
CA LEU B 859 -29.70 16.18 74.76
C LEU B 859 -28.23 15.82 74.92
N ILE B 860 -27.40 16.38 74.03
CA ILE B 860 -25.96 16.15 74.06
C ILE B 860 -25.25 17.49 74.18
N MET B 861 -24.40 17.63 75.19
CA MET B 861 -23.45 18.73 75.29
C MET B 861 -22.03 18.22 75.10
N MET B 862 -21.18 19.10 74.60
CA MET B 862 -19.86 18.69 74.17
C MET B 862 -18.92 18.51 75.35
N ALA B 863 -18.75 19.55 76.16
CA ALA B 863 -17.84 19.51 77.29
C ALA B 863 -18.58 19.97 78.54
N TYR B 864 -18.46 19.19 79.61
CA TYR B 864 -19.07 19.54 80.88
C TYR B 864 -18.10 20.40 81.69
N GLN B 865 -18.53 21.60 82.05
CA GLN B 865 -17.73 22.48 82.88
C GLN B 865 -18.06 22.25 84.34
N ALA B 866 -17.03 21.99 85.14
CA ALA B 866 -17.20 21.65 86.55
C ALA B 866 -16.81 22.78 87.49
N TYR B 867 -16.30 23.90 86.97
CA TYR B 867 -15.84 25.00 87.81
C TYR B 867 -16.78 26.19 87.79
N ASP B 868 -18.02 25.99 87.34
CA ASP B 868 -19.04 27.03 87.37
C ASP B 868 -19.80 26.93 88.69
N GLU B 869 -19.63 27.92 89.56
CA GLU B 869 -20.37 27.96 90.81
C GLU B 869 -21.65 28.76 90.72
N THR B 870 -21.90 29.43 89.59
CA THR B 870 -23.17 30.12 89.41
C THR B 870 -24.32 29.15 89.22
N ILE B 871 -24.06 28.02 88.57
CA ILE B 871 -25.05 26.97 88.39
C ILE B 871 -24.55 25.74 89.13
N ALA B 872 -25.42 25.16 89.95
CA ALA B 872 -25.03 24.00 90.75
C ALA B 872 -24.82 22.77 89.87
N THR B 873 -24.01 21.85 90.36
CA THR B 873 -23.69 20.63 89.62
C THR B 873 -24.91 19.72 89.56
N GLY B 874 -25.30 19.35 88.35
CA GLY B 874 -26.51 18.55 88.17
C GLY B 874 -27.77 19.27 88.53
N THR B 875 -27.91 20.54 88.11
CA THR B 875 -29.09 21.31 88.44
C THR B 875 -30.32 20.77 87.71
N PHE B 876 -30.17 20.48 86.42
CA PHE B 876 -31.26 19.93 85.62
C PHE B 876 -30.89 18.64 84.91
N PHE B 877 -29.64 18.20 84.99
CA PHE B 877 -29.13 17.16 84.11
C PHE B 877 -28.35 16.12 84.89
N TYR B 878 -28.59 14.85 84.56
CA TYR B 878 -27.91 13.71 85.16
C TYR B 878 -27.49 12.74 84.07
N PRO B 879 -26.28 12.19 84.16
CA PRO B 879 -25.71 11.47 83.00
C PRO B 879 -26.38 10.13 82.75
N VAL B 880 -26.91 9.97 81.53
CA VAL B 880 -27.43 8.69 81.08
C VAL B 880 -26.92 8.36 79.67
N PRO B 881 -25.65 7.96 79.56
CA PRO B 881 -25.09 7.63 78.24
C PRO B 881 -25.25 6.17 77.85
N VAL B 882 -25.80 5.91 76.66
CA VAL B 882 -25.75 4.60 76.05
C VAL B 882 -25.21 4.73 74.62
N ASN B 883 -23.88 4.67 74.49
CA ASN B 883 -23.10 4.60 73.26
C ASN B 883 -21.66 4.38 73.65
N PRO B 884 -20.93 3.48 72.98
CA PRO B 884 -19.46 3.54 73.05
C PRO B 884 -18.90 4.84 72.53
N LEU B 885 -19.56 5.46 71.55
CA LEU B 885 -19.07 6.71 70.99
C LEU B 885 -19.30 7.88 71.95
N PHE B 886 -20.43 7.87 72.66
CA PHE B 886 -20.77 8.97 73.56
C PHE B 886 -20.36 8.69 75.00
N ALA B 887 -19.31 7.90 75.20
CA ALA B 887 -18.80 7.68 76.55
C ALA B 887 -18.11 8.94 77.05
N CYS B 888 -18.46 9.35 78.25
CA CYS B 888 -17.93 10.60 78.82
C CYS B 888 -17.19 10.32 80.13
N PRO B 889 -15.88 10.47 80.16
CA PRO B 889 -15.16 10.20 81.41
C PRO B 889 -15.24 11.35 82.40
N GLU B 890 -15.43 12.56 81.89
CA GLU B 890 -15.42 13.75 82.73
C GLU B 890 -16.81 14.22 83.12
N HIS B 891 -17.84 13.87 82.36
CA HIS B 891 -19.19 14.34 82.64
C HIS B 891 -19.81 13.66 83.85
N LEU B 892 -19.23 12.55 84.33
CA LEU B 892 -19.78 11.81 85.46
C LEU B 892 -19.59 12.53 86.78
N ALA B 893 -18.85 13.64 86.82
CA ALA B 893 -18.89 14.52 87.98
C ALA B 893 -20.23 15.22 88.11
N SER B 894 -21.03 15.26 87.04
CA SER B 894 -22.39 15.75 87.13
C SER B 894 -23.26 14.86 88.01
N LEU B 895 -22.98 13.56 88.03
CA LEU B 895 -23.73 12.64 88.87
C LEU B 895 -23.39 12.87 90.33
N ARG B 896 -24.40 12.84 91.20
CA ARG B 896 -24.20 13.10 92.61
C ARG B 896 -23.65 11.86 93.30
N GLY B 897 -22.50 12.03 93.96
CA GLY B 897 -21.89 10.93 94.68
C GLY B 897 -20.76 10.25 93.93
N MET B 898 -19.89 11.05 93.32
CA MET B 898 -18.77 10.54 92.54
C MET B 898 -17.54 10.46 93.43
N THR B 899 -16.94 9.28 93.50
CA THR B 899 -15.72 9.07 94.28
C THR B 899 -14.51 8.99 93.36
N ASN B 900 -13.33 8.97 93.99
CA ASN B 900 -12.09 8.85 93.23
C ASN B 900 -11.97 7.47 92.59
N ALA B 901 -12.37 6.43 93.33
CA ALA B 901 -12.37 5.07 92.78
C ALA B 901 -13.36 4.94 91.64
N ARG B 902 -14.54 5.54 91.79
CA ARG B 902 -15.52 5.53 90.71
C ARG B 902 -15.05 6.37 89.53
N ARG B 903 -14.32 7.46 89.79
CA ARG B 903 -13.78 8.27 88.70
C ARG B 903 -12.72 7.51 87.90
N VAL B 904 -11.81 6.80 88.57
CA VAL B 904 -10.80 6.07 87.83
C VAL B 904 -11.40 4.82 87.20
N LEU B 905 -12.49 4.30 87.77
CA LEU B 905 -13.21 3.20 87.12
C LEU B 905 -13.90 3.67 85.85
N ALA B 906 -14.46 4.88 85.87
CA ALA B 906 -15.05 5.45 84.66
C ALA B 906 -14.00 5.79 83.62
N LYS B 907 -12.81 6.18 84.07
CA LYS B 907 -11.71 6.42 83.13
C LYS B 907 -11.27 5.11 82.48
N MET B 908 -11.12 4.05 83.27
CA MET B 908 -10.61 2.78 82.74
C MET B 908 -11.67 2.09 81.90
N VAL B 909 -12.91 2.05 82.38
CA VAL B 909 -13.98 1.27 81.78
C VAL B 909 -15.09 2.24 81.37
N PRO B 910 -15.59 2.19 80.13
CA PRO B 910 -16.73 3.04 79.75
C PRO B 910 -18.01 2.55 80.42
N PRO B 911 -18.69 3.42 81.18
CA PRO B 911 -19.88 2.99 81.91
C PRO B 911 -21.12 3.00 81.04
N ILE B 912 -21.66 1.81 80.79
CA ILE B 912 -22.93 1.63 80.10
C ILE B 912 -23.82 0.79 81.01
N PRO B 913 -25.02 1.24 81.35
CA PRO B 913 -25.90 0.44 82.22
C PRO B 913 -26.42 -0.79 81.51
N PRO B 914 -26.52 -1.92 82.21
CA PRO B 914 -27.09 -3.12 81.59
C PRO B 914 -28.57 -2.98 81.27
N PHE B 915 -29.28 -2.06 81.90
CA PHE B 915 -30.66 -1.79 81.50
C PHE B 915 -30.75 -0.85 80.30
N LEU B 916 -29.66 -0.66 79.57
CA LEU B 916 -29.68 0.03 78.30
C LEU B 916 -28.94 -0.75 77.22
N GLY B 917 -28.49 -1.97 77.50
CA GLY B 917 -27.75 -2.77 76.56
C GLY B 917 -26.31 -2.97 77.00
N ALA B 918 -25.66 -3.94 76.37
CA ALA B 918 -24.28 -4.28 76.68
C ALA B 918 -23.40 -4.05 75.46
N ASN B 919 -22.09 -4.19 75.68
CA ASN B 919 -21.13 -3.97 74.60
C ASN B 919 -21.23 -5.06 73.54
N HIS B 920 -21.25 -6.32 73.98
CA HIS B 920 -21.26 -7.44 73.04
C HIS B 920 -22.64 -7.74 72.48
N HIS B 921 -23.67 -7.06 72.95
CA HIS B 921 -25.03 -7.28 72.46
C HIS B 921 -25.60 -6.03 71.80
N ALA B 922 -24.75 -5.10 71.40
CA ALA B 922 -25.13 -3.94 70.60
C ALA B 922 -24.29 -3.91 69.33
N THR B 923 -24.66 -3.03 68.40
CA THR B 923 -23.90 -2.91 67.17
C THR B 923 -22.64 -2.08 67.34
N ILE B 924 -22.75 -0.94 68.01
CA ILE B 924 -21.59 -0.10 68.25
C ILE B 924 -20.78 -0.73 69.37
N ARG B 925 -19.49 -0.91 69.14
CA ARG B 925 -18.60 -1.48 70.13
C ARG B 925 -17.44 -0.53 70.40
N GLN B 926 -16.54 -0.98 71.27
CA GLN B 926 -15.32 -0.23 71.56
C GLN B 926 -14.38 0.05 70.38
N PRO B 927 -14.15 -0.85 69.40
CA PRO B 927 -13.16 -0.52 68.35
C PRO B 927 -13.44 0.74 67.53
N VAL B 928 -14.69 1.02 67.19
CA VAL B 928 -14.96 2.25 66.43
C VAL B 928 -14.72 3.48 67.31
N ALA B 929 -15.00 3.37 68.61
CA ALA B 929 -14.72 4.45 69.54
C ALA B 929 -13.23 4.68 69.65
N TYR B 930 -12.44 3.61 69.70
CA TYR B 930 -10.99 3.78 69.75
C TYR B 930 -10.46 4.32 68.44
N HIS B 931 -11.08 3.96 67.32
CA HIS B 931 -10.65 4.49 66.03
C HIS B 931 -10.93 5.98 65.94
N VAL B 932 -12.04 6.44 66.52
CA VAL B 932 -12.32 7.86 66.39
C VAL B 932 -11.59 8.67 67.45
N THR B 933 -11.22 8.08 68.60
CA THR B 933 -10.51 8.87 69.59
C THR B 933 -8.99 8.79 69.45
N HIS B 934 -8.47 7.90 68.61
CA HIS B 934 -7.03 7.72 68.47
C HIS B 934 -6.56 7.90 67.03
N SER B 935 -7.22 8.77 66.29
CA SER B 935 -6.83 9.08 64.93
C SER B 935 -6.67 10.59 64.79
N LYS B 936 -5.48 11.02 64.37
CA LYS B 936 -5.23 12.41 64.00
C LYS B 936 -4.61 12.37 62.61
N SER B 937 -5.46 12.24 61.59
CA SER B 937 -5.00 12.22 60.21
C SER B 937 -5.57 13.38 59.40
N ASP B 938 -6.89 13.49 59.31
CA ASP B 938 -7.59 14.52 58.55
C ASP B 938 -9.03 14.45 59.02
N PHE B 939 -9.80 15.50 58.70
CA PHE B 939 -11.10 15.69 59.31
C PHE B 939 -12.23 15.03 58.52
N ASN B 940 -12.44 15.47 57.29
CA ASN B 940 -13.56 14.97 56.51
C ASN B 940 -13.31 13.54 56.06
N THR B 941 -12.05 13.21 55.74
CA THR B 941 -11.73 11.84 55.37
C THR B 941 -11.89 10.88 56.54
N LEU B 942 -11.81 11.38 57.77
CA LEU B 942 -12.15 10.56 58.93
C LEU B 942 -13.63 10.20 58.92
N THR B 943 -14.49 11.16 58.55
CA THR B 943 -15.90 10.88 58.41
C THR B 943 -16.16 9.87 57.30
N TYR B 944 -15.46 10.02 56.17
CA TYR B 944 -15.55 9.02 55.10
C TYR B 944 -15.05 7.66 55.56
N SER B 945 -14.03 7.64 56.43
CA SER B 945 -13.49 6.38 56.93
C SER B 945 -14.47 5.66 57.83
N LEU B 946 -15.11 6.40 58.75
CA LEU B 946 -16.14 5.80 59.57
C LEU B 946 -17.36 5.38 58.75
N LEU B 947 -17.66 6.09 57.67
CA LEU B 947 -18.73 5.62 56.79
C LEU B 947 -18.31 4.34 56.08
N GLY B 948 -17.02 4.21 55.76
CA GLY B 948 -16.51 2.96 55.26
C GLY B 948 -16.58 1.85 56.28
N GLY B 949 -16.43 2.19 57.56
CA GLY B 949 -16.55 1.19 58.59
C GLY B 949 -17.97 0.88 59.02
N TYR B 950 -18.96 1.60 58.48
CA TYR B 950 -20.36 1.34 58.83
C TYR B 950 -21.07 0.56 57.74
N PHE B 951 -20.62 -0.68 57.55
CA PHE B 951 -21.23 -1.59 56.61
C PHE B 951 -21.41 -2.95 57.27
N LYS B 952 -22.52 -3.61 56.99
CA LYS B 952 -22.76 -4.90 57.62
C LYS B 952 -22.06 -6.03 56.88
N PHE B 953 -21.81 -7.11 57.60
CA PHE B 953 -20.90 -8.16 57.19
C PHE B 953 -21.65 -9.41 56.73
N THR B 954 -22.96 -9.31 56.56
CA THR B 954 -23.72 -10.41 55.98
C THR B 954 -23.30 -10.62 54.52
N PRO B 955 -23.28 -11.87 54.05
CA PRO B 955 -22.68 -12.15 52.73
C PRO B 955 -23.33 -11.44 51.56
N ILE B 956 -24.63 -11.14 51.63
CA ILE B 956 -25.25 -10.38 50.56
C ILE B 956 -24.73 -8.94 50.54
N SER B 957 -24.49 -8.36 51.72
CA SER B 957 -23.87 -7.04 51.79
C SER B 957 -22.44 -7.11 51.29
N LEU B 958 -21.73 -8.19 51.62
CA LEU B 958 -20.35 -8.36 51.19
C LEU B 958 -20.24 -8.42 49.69
N THR B 959 -21.14 -9.17 49.04
CA THR B 959 -21.21 -9.17 47.58
C THR B 959 -21.55 -7.80 47.04
N HIS B 960 -22.38 -7.04 47.76
CA HIS B 960 -22.69 -5.68 47.33
C HIS B 960 -21.46 -4.78 47.37
N GLN B 961 -20.60 -4.91 48.39
CA GLN B 961 -19.42 -4.05 48.38
C GLN B 961 -18.39 -4.53 47.37
N LEU B 962 -18.19 -5.84 47.22
CA LEU B 962 -17.12 -6.27 46.33
C LEU B 962 -17.50 -6.09 44.87
N ARG B 963 -18.77 -6.32 44.53
CA ARG B 963 -19.14 -6.25 43.12
C ARG B 963 -19.33 -4.81 42.65
N THR B 964 -19.45 -3.85 43.57
CA THR B 964 -19.35 -2.46 43.16
C THR B 964 -17.92 -1.96 43.17
N GLY B 965 -16.98 -2.77 43.63
CA GLY B 965 -15.58 -2.41 43.63
C GLY B 965 -15.03 -1.91 44.94
N PHE B 966 -15.80 -1.98 46.02
CA PHE B 966 -15.32 -1.54 47.32
C PHE B 966 -14.70 -2.69 48.08
N HIS B 967 -13.65 -2.38 48.84
CA HIS B 967 -12.88 -3.41 49.53
C HIS B 967 -13.29 -3.48 50.99
N PRO B 968 -13.88 -4.58 51.44
CA PRO B 968 -14.14 -4.74 52.87
C PRO B 968 -12.85 -4.96 53.64
N GLY B 969 -12.91 -4.69 54.94
CA GLY B 969 -11.70 -4.65 55.75
C GLY B 969 -11.11 -5.97 56.18
N ILE B 970 -11.01 -6.94 55.26
CA ILE B 970 -10.38 -8.23 55.51
C ILE B 970 -9.45 -8.52 54.35
N ALA B 971 -8.50 -9.43 54.59
CA ALA B 971 -7.49 -9.77 53.61
C ALA B 971 -7.58 -11.25 53.24
N PHE B 972 -7.14 -11.56 52.03
CA PHE B 972 -7.16 -12.92 51.51
C PHE B 972 -5.76 -13.32 51.07
N THR B 973 -5.57 -14.63 50.97
CA THR B 973 -4.50 -15.22 50.18
C THR B 973 -5.10 -16.32 49.31
N VAL B 974 -4.45 -16.58 48.18
CA VAL B 974 -4.89 -17.61 47.27
C VAL B 974 -3.87 -18.75 47.27
N VAL B 975 -4.39 -19.97 47.29
CA VAL B 975 -3.60 -21.19 47.22
C VAL B 975 -3.95 -21.89 45.92
N ARG B 976 -2.97 -22.63 45.39
CA ARG B 976 -3.23 -23.39 44.17
C ARG B 976 -2.26 -24.56 44.10
N GLN B 977 -2.67 -25.60 43.35
CA GLN B 977 -1.81 -26.73 43.01
C GLN B 977 -1.66 -26.77 41.50
N ASP B 978 -0.42 -26.87 41.03
CA ASP B 978 -0.15 -26.90 39.60
C ASP B 978 0.71 -28.12 39.26
N ARG B 979 0.58 -28.60 38.04
CA ARG B 979 1.25 -29.81 37.59
C ARG B 979 2.19 -29.49 36.44
N PHE B 980 3.40 -30.07 36.49
CA PHE B 980 4.42 -29.85 35.48
C PHE B 980 4.99 -31.18 35.03
N ALA B 981 5.20 -31.32 33.72
CA ALA B 981 5.81 -32.52 33.17
C ALA B 981 7.33 -32.43 33.27
N THR B 982 7.94 -33.45 33.88
CA THR B 982 9.37 -33.43 34.21
C THR B 982 10.02 -34.75 33.81
N GLU B 983 11.33 -34.72 33.60
CA GLU B 983 12.12 -35.94 33.48
C GLU B 983 12.98 -36.17 34.72
N GLN B 984 13.34 -37.45 34.88
CA GLN B 984 14.15 -37.94 35.98
C GLN B 984 15.54 -38.30 35.46
N LEU B 985 16.43 -38.58 36.39
CA LEU B 985 17.77 -39.08 36.09
C LEU B 985 18.11 -40.16 37.09
N LEU B 986 18.48 -41.34 36.61
CA LEU B 986 18.65 -42.49 37.48
C LEU B 986 20.02 -43.12 37.29
N TYR B 987 20.68 -43.34 38.43
CA TYR B 987 21.95 -44.05 38.50
C TYR B 987 21.68 -45.43 39.10
N ALA B 988 22.21 -46.47 38.46
CA ALA B 988 22.25 -47.80 39.04
C ALA B 988 23.69 -48.29 39.01
N GLU B 989 24.04 -49.11 40.00
CA GLU B 989 25.36 -49.72 39.97
C GLU B 989 25.23 -51.15 39.43
N ARG B 990 26.39 -51.79 39.23
CA ARG B 990 26.48 -53.06 38.50
C ARG B 990 25.73 -54.20 39.17
N ALA B 991 26.18 -54.63 40.34
CA ALA B 991 25.60 -55.79 41.00
C ALA B 991 24.46 -55.39 41.94
N SER B 992 23.50 -54.63 41.42
CA SER B 992 22.44 -54.10 42.26
C SER B 992 21.23 -55.00 42.33
N GLU B 993 20.86 -55.62 41.22
CA GLU B 993 19.63 -56.38 41.12
C GLU B 993 19.92 -57.80 40.69
N SER B 994 19.16 -58.76 41.21
CA SER B 994 19.18 -60.11 40.70
C SER B 994 17.86 -60.39 40.01
N TYR B 995 17.93 -60.83 38.76
CA TYR B 995 16.77 -61.03 37.90
C TYR B 995 16.64 -62.54 37.66
N PHE B 996 15.55 -63.11 38.17
CA PHE B 996 15.28 -64.53 38.02
C PHE B 996 14.19 -64.70 36.98
N VAL B 997 14.47 -65.47 35.93
CA VAL B 997 13.58 -65.63 34.80
C VAL B 997 12.90 -66.99 34.88
N GLY B 998 11.62 -67.03 34.50
CA GLY B 998 10.85 -68.25 34.53
C GLY B 998 10.88 -68.99 33.21
N GLN B 999 9.93 -69.91 33.06
CA GLN B 999 9.79 -70.70 31.84
C GLN B 999 8.48 -70.36 31.16
N ILE B 1000 8.50 -70.34 29.82
CA ILE B 1000 7.32 -69.93 29.07
C ILE B 1000 6.27 -71.04 29.09
N GLN B 1001 5.01 -70.64 29.27
CA GLN B 1001 3.87 -71.55 29.23
C GLN B 1001 2.79 -70.96 28.34
N VAL B 1002 1.96 -71.82 27.78
CA VAL B 1002 0.92 -71.42 26.84
C VAL B 1002 -0.44 -71.73 27.43
N HIS B 1003 -1.46 -71.05 26.90
CA HIS B 1003 -2.83 -71.27 27.32
C HIS B 1003 -3.76 -70.77 26.22
N HIS B 1004 -4.68 -71.62 25.78
CA HIS B 1004 -5.62 -71.25 24.73
C HIS B 1004 -6.99 -70.96 25.31
N HIS B 1005 -7.57 -69.85 24.86
CA HIS B 1005 -8.95 -69.50 25.19
C HIS B 1005 -9.62 -68.93 23.95
N ASP B 1006 -10.94 -69.12 23.87
CA ASP B 1006 -11.67 -68.78 22.65
C ASP B 1006 -11.85 -67.26 22.52
N ALA B 1007 -12.21 -66.84 21.31
CA ALA B 1007 -12.51 -65.45 21.00
C ALA B 1007 -13.73 -65.43 20.08
N ILE B 1008 -14.00 -64.25 19.49
CA ILE B 1008 -15.12 -64.14 18.56
C ILE B 1008 -14.83 -64.90 17.27
N GLY B 1009 -13.63 -64.71 16.72
CA GLY B 1009 -13.26 -65.35 15.47
C GLY B 1009 -12.74 -66.76 15.62
N GLY B 1010 -11.64 -66.89 16.36
CA GLY B 1010 -11.03 -68.20 16.56
C GLY B 1010 -10.59 -68.44 17.99
N VAL B 1011 -9.34 -68.86 18.17
CA VAL B 1011 -8.78 -69.09 19.49
C VAL B 1011 -7.69 -68.06 19.74
N ASN B 1012 -7.13 -68.09 20.95
CA ASN B 1012 -6.11 -67.15 21.39
C ASN B 1012 -5.15 -67.93 22.28
N PHE B 1013 -3.91 -68.05 21.83
CA PHE B 1013 -2.87 -68.79 22.54
C PHE B 1013 -1.99 -67.80 23.28
N THR B 1014 -2.38 -67.46 24.50
CA THR B 1014 -1.56 -66.58 25.31
C THR B 1014 -0.32 -67.31 25.82
N LEU B 1015 0.75 -66.55 26.04
CA LEU B 1015 2.02 -67.07 26.52
C LEU B 1015 2.42 -66.27 27.76
N THR B 1016 2.50 -66.95 28.89
CA THR B 1016 2.85 -66.32 30.16
C THR B 1016 4.18 -66.86 30.67
N GLN B 1017 4.85 -66.05 31.48
CA GLN B 1017 6.14 -66.42 32.03
C GLN B 1017 6.40 -65.55 33.26
N PRO B 1018 6.83 -66.13 34.37
CA PRO B 1018 7.03 -65.35 35.59
C PRO B 1018 8.40 -64.69 35.65
N ARG B 1019 8.56 -63.84 36.67
CA ARG B 1019 9.74 -63.03 36.84
C ARG B 1019 9.98 -62.81 38.33
N ALA B 1020 11.23 -62.54 38.68
CA ALA B 1020 11.53 -62.17 40.06
C ALA B 1020 12.66 -61.17 40.06
N HIS B 1021 12.50 -60.11 40.84
CA HIS B 1021 13.55 -59.12 41.03
C HIS B 1021 13.89 -59.05 42.51
N VAL B 1022 15.18 -59.15 42.84
CA VAL B 1022 15.59 -59.13 44.22
C VAL B 1022 16.66 -58.05 44.39
N ASP B 1023 16.42 -57.13 45.31
CA ASP B 1023 17.33 -56.03 45.61
C ASP B 1023 18.35 -56.47 46.65
N LEU B 1024 19.51 -56.91 46.18
CA LEU B 1024 20.56 -57.37 47.09
C LEU B 1024 21.53 -56.25 47.47
N GLY B 1025 20.96 -55.11 47.85
CA GLY B 1025 21.75 -54.01 48.37
C GLY B 1025 21.46 -53.78 49.83
N VAL B 1026 22.52 -53.60 50.64
CA VAL B 1026 22.33 -53.43 52.07
C VAL B 1026 21.69 -52.08 52.39
N GLY B 1027 22.08 -51.04 51.66
CA GLY B 1027 21.44 -49.75 51.82
C GLY B 1027 20.71 -49.34 50.55
N TYR B 1028 21.35 -48.48 49.76
CA TYR B 1028 20.77 -48.01 48.51
C TYR B 1028 21.79 -48.12 47.39
N THR B 1029 21.45 -48.88 46.35
CA THR B 1029 22.31 -49.10 45.20
C THR B 1029 21.83 -48.38 43.94
N ALA B 1030 20.63 -47.81 43.97
CA ALA B 1030 20.10 -47.02 42.88
C ALA B 1030 19.62 -45.69 43.42
N VAL B 1031 19.57 -44.68 42.56
CA VAL B 1031 19.17 -43.35 43.01
C VAL B 1031 18.61 -42.59 41.81
N CYS B 1032 17.73 -41.61 42.10
CA CYS B 1032 17.17 -40.75 41.09
C CYS B 1032 17.23 -39.30 41.52
N ALA B 1033 17.12 -38.41 40.54
CA ALA B 1033 17.10 -36.97 40.75
C ALA B 1033 16.55 -36.35 39.48
N THR B 1034 15.51 -35.53 39.60
CA THR B 1034 14.88 -34.95 38.42
C THR B 1034 15.80 -33.96 37.72
N ALA B 1035 15.66 -33.89 36.40
CA ALA B 1035 16.65 -33.22 35.56
C ALA B 1035 16.20 -31.84 35.09
N ALA B 1036 15.13 -31.76 34.31
CA ALA B 1036 14.82 -30.54 33.57
C ALA B 1036 13.31 -30.43 33.39
N LEU B 1037 12.90 -29.39 32.65
CA LEU B 1037 11.51 -28.96 32.57
C LEU B 1037 10.99 -29.04 31.15
N ARG B 1038 9.85 -29.69 30.98
CA ARG B 1038 9.12 -29.77 29.73
C ARG B 1038 8.06 -28.68 29.67
N CYS B 1039 7.10 -28.83 28.78
CA CYS B 1039 5.92 -28.00 28.83
C CYS B 1039 5.14 -28.27 30.12
N PRO B 1040 4.60 -27.25 30.76
CA PRO B 1040 3.74 -27.50 31.91
C PRO B 1040 2.43 -28.16 31.50
N LEU B 1041 1.92 -29.01 32.38
CA LEU B 1041 0.67 -29.69 32.07
C LEU B 1041 -0.53 -28.76 32.25
N THR B 1042 -0.72 -28.25 33.46
CA THR B 1042 -1.74 -27.24 33.65
C THR B 1042 -1.25 -25.88 33.18
N ASP B 1043 -2.18 -24.94 33.12
CA ASP B 1043 -1.81 -23.56 32.87
C ASP B 1043 -1.87 -22.76 34.17
N MET B 1044 -1.17 -21.63 34.17
CA MET B 1044 -1.22 -20.70 35.31
C MET B 1044 -2.43 -19.79 35.21
N GLY B 1045 -3.62 -20.39 35.17
CA GLY B 1045 -4.85 -19.66 35.04
C GLY B 1045 -5.44 -19.22 36.37
N ASN B 1046 -6.75 -19.01 36.36
CA ASN B 1046 -7.46 -18.52 37.53
C ASN B 1046 -8.94 -18.92 37.46
N THR B 1047 -9.29 -19.93 38.24
CA THR B 1047 -10.68 -20.33 38.43
C THR B 1047 -10.92 -20.43 39.94
N ALA B 1048 -11.84 -19.60 40.43
CA ALA B 1048 -12.11 -19.56 41.86
C ALA B 1048 -12.88 -20.80 42.29
N GLN B 1049 -12.72 -21.16 43.57
CA GLN B 1049 -13.39 -22.33 44.10
C GLN B 1049 -14.81 -21.93 44.46
N ASN B 1050 -15.78 -22.77 44.10
CA ASN B 1050 -17.18 -22.56 44.40
C ASN B 1050 -17.65 -23.60 45.41
N LEU B 1051 -18.19 -23.13 46.54
CA LEU B 1051 -18.68 -24.02 47.58
C LEU B 1051 -20.08 -24.55 47.30
N PHE B 1052 -20.70 -24.13 46.20
CA PHE B 1052 -22.06 -24.59 45.90
C PHE B 1052 -22.09 -25.99 45.32
N PHE B 1053 -20.94 -26.62 45.13
CA PHE B 1053 -20.86 -27.99 44.62
C PHE B 1053 -21.03 -29.03 45.71
N SER B 1054 -21.21 -28.63 46.97
CA SER B 1054 -21.38 -29.57 48.06
C SER B 1054 -22.57 -29.17 48.91
N ARG B 1055 -23.25 -30.17 49.45
CA ARG B 1055 -24.37 -29.98 50.36
C ARG B 1055 -24.02 -30.59 51.71
N GLY B 1056 -24.74 -30.16 52.74
CA GLY B 1056 -24.52 -30.70 54.07
C GLY B 1056 -24.53 -29.66 55.17
N GLY B 1057 -24.16 -28.43 54.84
CA GLY B 1057 -24.22 -27.35 55.80
C GLY B 1057 -25.65 -26.92 56.07
N VAL B 1058 -25.81 -26.16 57.13
CA VAL B 1058 -27.16 -25.68 57.47
C VAL B 1058 -27.58 -24.60 56.47
N PRO B 1059 -28.77 -24.69 55.91
CA PRO B 1059 -29.19 -23.74 54.88
C PRO B 1059 -29.71 -22.44 55.49
N MET B 1060 -29.79 -21.43 54.63
CA MET B 1060 -30.51 -20.21 54.94
C MET B 1060 -31.99 -20.53 55.02
N LEU B 1061 -32.69 -19.88 55.96
CA LEU B 1061 -34.13 -20.09 56.08
C LEU B 1061 -34.89 -19.54 54.87
N HIS B 1062 -34.54 -18.34 54.42
CA HIS B 1062 -35.23 -17.70 53.32
C HIS B 1062 -34.55 -18.10 52.02
N ASP B 1063 -35.15 -19.04 51.30
CA ASP B 1063 -34.47 -19.66 50.17
C ASP B 1063 -34.40 -18.75 48.95
N ASN B 1064 -35.18 -17.67 48.93
CA ASN B 1064 -35.03 -16.67 47.88
C ASN B 1064 -33.65 -16.02 47.94
N VAL B 1065 -33.15 -15.77 49.15
CA VAL B 1065 -31.80 -15.28 49.34
C VAL B 1065 -30.78 -16.29 48.82
N THR B 1066 -31.04 -17.57 49.08
CA THR B 1066 -30.13 -18.63 48.65
C THR B 1066 -30.06 -18.71 47.12
N GLU B 1067 -31.22 -18.71 46.45
CA GLU B 1067 -31.22 -18.81 45.00
C GLU B 1067 -30.72 -17.53 44.34
N SER B 1068 -30.94 -16.36 44.98
CA SER B 1068 -30.42 -15.12 44.44
C SER B 1068 -28.90 -15.09 44.52
N LEU B 1069 -28.34 -15.49 45.65
CA LEU B 1069 -26.89 -15.52 45.79
C LEU B 1069 -26.28 -16.61 44.90
N ARG B 1070 -27.02 -17.69 44.66
CA ARG B 1070 -26.54 -18.72 43.76
C ARG B 1070 -26.51 -18.24 42.31
N ARG B 1071 -27.53 -17.51 41.88
CA ARG B 1071 -27.48 -16.91 40.54
C ARG B 1071 -26.45 -15.79 40.45
N ILE B 1072 -26.17 -15.12 41.56
CA ILE B 1072 -25.13 -14.09 41.52
C ILE B 1072 -23.75 -14.72 41.37
N THR B 1073 -23.48 -15.78 42.12
CA THR B 1073 -22.19 -16.45 41.96
C THR B 1073 -22.13 -17.30 40.71
N ALA B 1074 -23.27 -17.54 40.05
CA ALA B 1074 -23.21 -18.04 38.68
C ALA B 1074 -22.55 -17.03 37.76
N SER B 1075 -22.85 -15.75 37.96
CA SER B 1075 -22.15 -14.69 37.26
C SER B 1075 -20.77 -14.48 37.86
N GLY B 1076 -19.87 -13.93 37.05
CA GLY B 1076 -18.54 -13.60 37.50
C GLY B 1076 -17.57 -14.76 37.54
N GLY B 1077 -17.99 -15.96 37.16
CA GLY B 1077 -17.11 -17.11 37.22
C GLY B 1077 -17.55 -18.17 36.23
N ARG B 1078 -16.71 -19.18 36.08
CA ARG B 1078 -16.96 -20.26 35.12
C ARG B 1078 -17.45 -21.53 35.81
N LEU B 1079 -16.73 -21.98 36.83
CA LEU B 1079 -17.09 -23.21 37.55
C LEU B 1079 -18.35 -22.97 38.36
N ASN B 1080 -19.46 -23.54 37.90
CA ASN B 1080 -20.77 -23.28 38.49
C ASN B 1080 -21.66 -24.47 38.23
N PRO B 1081 -22.62 -24.75 39.11
CA PRO B 1081 -23.57 -25.84 38.85
C PRO B 1081 -24.57 -25.43 37.80
N THR B 1082 -25.31 -26.44 37.31
CA THR B 1082 -26.32 -26.21 36.30
C THR B 1082 -27.53 -25.50 36.89
N GLU B 1083 -28.39 -25.00 36.00
CA GLU B 1083 -29.57 -24.24 36.44
C GLU B 1083 -30.60 -25.01 37.27
N PRO B 1084 -31.04 -26.25 36.95
CA PRO B 1084 -32.22 -26.76 37.66
C PRO B 1084 -31.95 -27.27 39.06
N LEU B 1085 -30.68 -27.38 39.49
CA LEU B 1085 -30.22 -27.91 40.77
C LEU B 1085 -30.80 -29.29 41.07
N PRO B 1086 -30.34 -30.34 40.39
CA PRO B 1086 -30.89 -31.67 40.65
C PRO B 1086 -30.45 -32.21 42.00
N ILE B 1087 -31.24 -33.15 42.50
CA ILE B 1087 -30.98 -33.78 43.79
C ILE B 1087 -30.43 -35.18 43.53
N PHE B 1088 -30.01 -35.83 44.63
CA PHE B 1088 -29.33 -37.14 44.67
C PHE B 1088 -28.18 -37.27 43.67
N GLY B 1089 -27.51 -36.15 43.40
CA GLY B 1089 -26.41 -36.14 42.46
C GLY B 1089 -25.26 -35.30 42.98
N GLY B 1090 -24.13 -35.41 42.30
CA GLY B 1090 -22.93 -34.72 42.72
C GLY B 1090 -22.83 -33.27 42.33
N LEU B 1091 -23.84 -32.76 41.59
CA LEU B 1091 -23.87 -31.40 41.04
C LEU B 1091 -22.63 -31.11 40.19
N ARG B 1092 -22.53 -31.86 39.09
CA ARG B 1092 -21.42 -31.71 38.17
C ARG B 1092 -21.46 -30.34 37.51
N PRO B 1093 -20.30 -29.73 37.27
CA PRO B 1093 -20.27 -28.40 36.65
C PRO B 1093 -20.71 -28.46 35.19
N ALA B 1094 -21.12 -27.30 34.69
CA ALA B 1094 -21.56 -27.17 33.30
C ALA B 1094 -20.38 -27.37 32.36
N THR B 1095 -20.36 -28.50 31.69
CA THR B 1095 -19.28 -28.79 30.76
C THR B 1095 -19.35 -27.90 29.54
N SER B 1096 -18.18 -27.66 28.94
CA SER B 1096 -18.04 -26.76 27.80
C SER B 1096 -17.30 -27.48 26.67
N ALA B 1097 -16.89 -26.71 25.67
CA ALA B 1097 -16.15 -27.23 24.54
C ALA B 1097 -14.68 -27.42 24.90
N GLY B 1098 -13.85 -27.67 23.90
CA GLY B 1098 -12.45 -27.96 24.15
C GLY B 1098 -11.67 -26.73 24.56
N ILE B 1099 -11.15 -26.74 25.80
CA ILE B 1099 -10.37 -25.60 26.28
C ILE B 1099 -9.01 -25.57 25.57
N ALA B 1100 -8.47 -24.36 25.42
CA ALA B 1100 -7.40 -24.14 24.46
C ALA B 1100 -6.01 -24.43 25.00
N ARG B 1101 -5.72 -24.12 26.27
CA ARG B 1101 -4.33 -24.09 26.72
C ARG B 1101 -4.08 -24.95 27.96
N GLY B 1102 -4.97 -25.87 28.26
CA GLY B 1102 -4.68 -26.89 29.26
C GLY B 1102 -5.66 -26.87 30.43
N GLN B 1103 -5.19 -27.41 31.55
CA GLN B 1103 -6.02 -27.55 32.74
C GLN B 1103 -6.25 -26.20 33.38
N ALA B 1104 -7.53 -25.83 33.52
CA ALA B 1104 -7.89 -24.63 34.26
C ALA B 1104 -7.55 -24.82 35.73
N SER B 1105 -6.55 -24.08 36.19
CA SER B 1105 -6.04 -24.23 37.55
C SER B 1105 -7.02 -23.63 38.54
N VAL B 1106 -7.37 -24.42 39.55
CA VAL B 1106 -8.31 -23.98 40.58
C VAL B 1106 -7.53 -23.30 41.70
N CYS B 1107 -8.09 -22.21 42.21
CA CYS B 1107 -7.49 -21.47 43.31
C CYS B 1107 -8.49 -21.36 44.45
N GLU B 1108 -7.99 -21.45 45.68
CA GLU B 1108 -8.84 -21.37 46.86
C GLU B 1108 -8.37 -20.22 47.76
N PHE B 1109 -9.29 -19.74 48.59
CA PHE B 1109 -9.11 -18.47 49.29
C PHE B 1109 -9.05 -18.71 50.78
N VAL B 1110 -8.15 -17.98 51.45
CA VAL B 1110 -8.00 -18.01 52.89
C VAL B 1110 -8.13 -16.57 53.37
N ALA B 1111 -8.79 -16.38 54.52
CA ALA B 1111 -8.98 -15.04 55.08
C ALA B 1111 -8.08 -14.81 56.29
N MET B 1112 -7.34 -13.69 56.25
CA MET B 1112 -6.49 -13.23 57.33
C MET B 1112 -6.54 -11.70 57.34
N PRO B 1113 -6.26 -11.06 58.46
CA PRO B 1113 -6.45 -9.60 58.54
C PRO B 1113 -5.46 -8.84 57.67
N VAL B 1114 -5.80 -7.57 57.45
CA VAL B 1114 -5.04 -6.70 56.55
C VAL B 1114 -3.66 -6.39 57.13
N SER B 1115 -3.53 -6.39 58.46
CA SER B 1115 -2.25 -6.13 59.10
C SER B 1115 -1.49 -7.45 59.25
N THR B 1116 -1.08 -7.97 58.10
CA THR B 1116 -0.36 -9.24 58.02
C THR B 1116 1.07 -8.96 57.57
N ASP B 1117 2.03 -9.63 58.21
CA ASP B 1117 3.44 -9.42 57.90
C ASP B 1117 3.73 -9.95 56.50
N LEU B 1118 4.03 -9.03 55.58
CA LEU B 1118 4.30 -9.41 54.21
C LEU B 1118 5.69 -10.02 54.03
N GLN B 1119 6.59 -9.78 54.99
CA GLN B 1119 7.91 -10.42 54.96
C GLN B 1119 7.79 -11.93 55.07
N TYR B 1120 6.76 -12.40 55.78
CA TYR B 1120 6.46 -13.83 55.84
C TYR B 1120 6.15 -14.41 54.47
N PHE B 1121 5.55 -13.61 53.59
CA PHE B 1121 5.31 -14.04 52.21
C PHE B 1121 6.51 -13.84 51.31
N ARG B 1122 7.59 -13.22 51.80
CA ARG B 1122 8.80 -13.05 51.01
C ARG B 1122 9.63 -14.32 50.90
N THR B 1123 9.28 -15.36 51.63
CA THR B 1123 10.01 -16.62 51.61
C THR B 1123 9.00 -17.75 51.53
N ALA B 1124 9.49 -18.98 51.73
CA ALA B 1124 8.62 -20.13 51.87
C ALA B 1124 7.74 -19.95 53.09
N CYS B 1125 6.45 -20.22 52.93
CA CYS B 1125 5.47 -19.90 53.97
C CYS B 1125 4.31 -20.88 53.87
N ASN B 1126 3.63 -21.08 54.99
CA ASN B 1126 2.51 -22.00 55.06
C ASN B 1126 1.22 -21.19 55.06
N PRO B 1127 0.25 -21.54 54.21
CA PRO B 1127 -1.02 -20.78 54.18
C PRO B 1127 -1.85 -20.96 55.43
N ARG B 1128 -1.62 -22.02 56.21
CA ARG B 1128 -2.30 -22.15 57.49
C ARG B 1128 -1.82 -21.12 58.50
N GLY B 1129 -0.67 -20.50 58.26
CA GLY B 1129 -0.17 -19.46 59.13
C GLY B 1129 0.61 -19.95 60.32
N ARG B 1130 0.69 -21.26 60.52
CA ARG B 1130 1.46 -21.85 61.61
C ARG B 1130 2.23 -23.01 61.03
N ALA B 1131 3.47 -23.18 61.47
CA ALA B 1131 4.32 -24.24 60.94
C ALA B 1131 3.75 -25.61 61.29
N SER B 1132 3.19 -26.26 60.28
CA SER B 1132 2.44 -27.49 60.46
C SER B 1132 3.20 -28.65 59.84
N GLY B 1133 2.56 -29.82 59.82
CA GLY B 1133 3.21 -31.03 59.39
C GLY B 1133 3.81 -31.80 60.56
N MET B 1134 4.14 -33.06 60.29
CA MET B 1134 4.60 -33.93 61.36
C MET B 1134 6.01 -33.58 61.81
N LEU B 1135 6.85 -33.09 60.89
CA LEU B 1135 8.16 -32.49 61.18
C LEU B 1135 9.08 -33.46 61.92
N TYR B 1136 9.43 -34.55 61.21
CA TYR B 1136 10.26 -35.66 61.68
C TYR B 1136 9.62 -36.42 62.84
N MET B 1137 10.28 -37.47 63.30
CA MET B 1137 9.74 -38.34 64.34
C MET B 1137 10.25 -37.83 65.70
N GLY B 1138 9.33 -37.42 66.55
CA GLY B 1138 9.66 -37.01 67.91
C GLY B 1138 9.67 -38.19 68.85
N ASP B 1139 9.81 -37.87 70.15
CA ASP B 1139 9.74 -38.90 71.18
C ASP B 1139 8.35 -39.49 71.29
N ARG B 1140 7.31 -38.66 71.20
CA ARG B 1140 5.93 -39.10 71.20
C ARG B 1140 5.20 -38.44 70.03
N ASP B 1141 4.28 -39.19 69.43
CA ASP B 1141 3.58 -38.72 68.23
C ASP B 1141 2.40 -37.82 68.53
N ALA B 1142 2.08 -37.58 69.81
CA ALA B 1142 0.98 -36.72 70.19
C ALA B 1142 1.38 -35.27 70.34
N ASP B 1143 2.62 -34.93 69.99
CA ASP B 1143 3.03 -33.53 70.02
C ASP B 1143 2.56 -32.77 68.79
N ILE B 1144 2.14 -33.48 67.74
CA ILE B 1144 1.93 -32.86 66.44
C ILE B 1144 0.71 -31.92 66.47
N GLU B 1145 -0.39 -32.36 67.07
CA GLU B 1145 -1.50 -31.43 67.28
C GLU B 1145 -1.12 -30.36 68.29
N ALA B 1146 -0.22 -30.70 69.22
CA ALA B 1146 0.32 -29.72 70.15
C ALA B 1146 1.17 -28.67 69.42
N ILE B 1147 1.70 -29.00 68.24
CA ILE B 1147 2.37 -27.96 67.47
C ILE B 1147 1.54 -27.55 66.27
N MET B 1148 0.26 -27.94 66.22
CA MET B 1148 -0.60 -27.54 65.11
C MET B 1148 -1.89 -26.89 65.59
N PHE B 1149 -2.29 -27.15 66.82
CA PHE B 1149 -3.49 -26.50 67.36
C PHE B 1149 -3.22 -25.69 68.62
N ASP B 1150 -2.28 -26.12 69.46
CA ASP B 1150 -2.11 -25.49 70.77
C ASP B 1150 -1.42 -24.14 70.63
N HIS B 1151 -2.14 -23.08 70.96
CA HIS B 1151 -1.63 -21.73 70.84
C HIS B 1151 -1.15 -21.16 72.17
N THR B 1152 -1.06 -21.98 73.21
CA THR B 1152 -0.50 -21.50 74.48
C THR B 1152 1.01 -21.33 74.37
N GLN B 1153 1.69 -22.27 73.73
CA GLN B 1153 3.11 -22.15 73.43
C GLN B 1153 3.30 -21.63 72.00
N SER B 1154 4.49 -21.10 71.75
CA SER B 1154 4.74 -20.47 70.47
C SER B 1154 5.04 -21.50 69.38
N ASP B 1155 5.11 -21.01 68.15
CA ASP B 1155 5.43 -21.84 67.00
C ASP B 1155 6.90 -22.27 67.04
N VAL B 1156 7.17 -23.48 66.52
CA VAL B 1156 8.53 -23.99 66.56
C VAL B 1156 9.42 -23.27 65.54
N ALA B 1157 8.86 -22.88 64.39
CA ALA B 1157 9.66 -22.15 63.41
C ALA B 1157 9.85 -20.70 63.84
N TYR B 1158 8.81 -20.09 64.39
CA TYR B 1158 8.87 -18.71 64.87
C TYR B 1158 8.58 -18.75 66.35
N THR B 1159 9.62 -18.72 67.18
CA THR B 1159 9.45 -18.79 68.63
C THR B 1159 9.31 -17.37 69.21
N ASP B 1160 8.44 -16.61 68.56
CA ASP B 1160 7.97 -15.32 69.04
C ASP B 1160 6.49 -15.13 68.82
N ARG B 1161 5.85 -15.99 68.04
CA ARG B 1161 4.45 -15.86 67.69
C ARG B 1161 3.85 -17.25 67.59
N ALA B 1162 2.56 -17.37 67.93
CA ALA B 1162 1.89 -18.66 67.85
C ALA B 1162 1.58 -19.02 66.41
N THR B 1163 1.06 -18.07 65.65
CA THR B 1163 0.62 -18.30 64.28
C THR B 1163 0.49 -16.95 63.58
N LEU B 1164 0.29 -17.00 62.27
CA LEU B 1164 0.09 -15.76 61.53
C LEU B 1164 -1.30 -15.19 61.76
N ASN B 1165 -2.33 -16.03 61.65
CA ASN B 1165 -3.69 -15.53 61.64
C ASN B 1165 -4.55 -16.25 62.67
N PRO B 1166 -5.51 -15.55 63.26
CA PRO B 1166 -6.44 -16.20 64.19
C PRO B 1166 -7.67 -16.82 63.54
N TRP B 1167 -7.66 -17.06 62.22
CA TRP B 1167 -8.84 -17.56 61.55
C TRP B 1167 -8.62 -18.87 60.82
N ALA B 1168 -7.41 -19.39 60.79
CA ALA B 1168 -7.14 -20.64 60.08
C ALA B 1168 -6.24 -21.59 60.83
N SER B 1169 -5.99 -21.36 62.11
CA SER B 1169 -5.07 -22.22 62.87
C SER B 1169 -5.66 -22.81 64.13
N GLN B 1170 -6.80 -22.33 64.61
CA GLN B 1170 -7.33 -22.77 65.88
C GLN B 1170 -8.12 -24.07 65.73
N LYS B 1171 -8.54 -24.61 66.88
CA LYS B 1171 -9.00 -25.98 66.97
C LYS B 1171 -10.39 -26.16 66.34
N HIS B 1172 -11.19 -25.10 66.26
CA HIS B 1172 -12.36 -25.08 65.40
C HIS B 1172 -12.49 -23.71 64.74
N SER B 1173 -11.40 -23.21 64.18
CA SER B 1173 -11.40 -21.93 63.49
C SER B 1173 -12.21 -22.01 62.20
N TYR B 1174 -12.45 -20.84 61.60
CA TYR B 1174 -13.20 -20.78 60.36
C TYR B 1174 -12.47 -21.46 59.22
N GLY B 1175 -11.13 -21.29 59.17
CA GLY B 1175 -10.34 -22.07 58.24
C GLY B 1175 -10.41 -23.55 58.54
N ASP B 1176 -10.40 -23.91 59.82
CA ASP B 1176 -10.51 -25.31 60.23
C ASP B 1176 -11.86 -25.89 59.82
N ARG B 1177 -12.94 -25.16 60.06
CA ARG B 1177 -14.25 -25.65 59.67
C ARG B 1177 -14.46 -25.57 58.17
N LEU B 1178 -13.63 -24.80 57.46
CA LEU B 1178 -13.82 -24.57 56.05
C LEU B 1178 -13.04 -25.54 55.18
N TYR B 1179 -11.86 -25.98 55.64
CA TYR B 1179 -10.94 -26.71 54.77
C TYR B 1179 -10.51 -28.07 55.28
N ASN B 1180 -10.75 -28.41 56.54
CA ASN B 1180 -10.25 -29.67 57.08
C ASN B 1180 -11.05 -30.85 56.54
N GLY B 1181 -10.34 -31.94 56.26
CA GLY B 1181 -10.97 -33.12 55.71
C GLY B 1181 -11.76 -33.92 56.72
N THR B 1182 -11.48 -33.73 58.02
CA THR B 1182 -12.22 -34.46 59.04
C THR B 1182 -13.64 -33.94 59.22
N TYR B 1183 -13.93 -32.75 58.73
CA TYR B 1183 -15.27 -32.17 58.83
C TYR B 1183 -16.09 -32.35 57.56
N ASN B 1184 -15.50 -32.95 56.51
CA ASN B 1184 -16.09 -33.44 55.26
C ASN B 1184 -17.22 -32.60 54.67
N LEU B 1185 -17.05 -31.27 54.71
CA LEU B 1185 -18.06 -30.37 54.16
C LEU B 1185 -18.13 -30.47 52.65
N THR B 1186 -16.99 -30.70 52.00
CA THR B 1186 -16.94 -30.86 50.55
C THR B 1186 -16.64 -32.30 50.16
N GLY B 1187 -17.06 -33.25 51.00
CA GLY B 1187 -16.86 -34.66 50.68
C GLY B 1187 -17.65 -35.10 49.47
N ALA B 1188 -18.87 -34.58 49.32
CA ALA B 1188 -19.66 -34.87 48.13
C ALA B 1188 -19.28 -34.00 46.95
N SER B 1189 -18.46 -32.97 47.15
CA SER B 1189 -18.10 -32.07 46.07
C SER B 1189 -17.12 -32.76 45.12
N PRO B 1190 -17.32 -32.66 43.81
CA PRO B 1190 -16.41 -33.30 42.86
C PRO B 1190 -15.19 -32.48 42.49
N ILE B 1191 -15.05 -31.28 43.02
CA ILE B 1191 -13.93 -30.41 42.65
C ILE B 1191 -12.80 -30.61 43.67
N TYR B 1192 -11.57 -30.64 43.16
CA TYR B 1192 -10.41 -30.78 44.01
C TYR B 1192 -10.10 -29.47 44.72
N SER B 1193 -9.60 -29.57 45.94
CA SER B 1193 -9.13 -28.42 46.70
C SER B 1193 -7.67 -28.64 47.07
N PRO B 1194 -6.77 -27.71 46.76
CA PRO B 1194 -5.36 -27.90 47.13
C PRO B 1194 -5.10 -27.75 48.61
N CYS B 1195 -5.94 -27.01 49.32
CA CYS B 1195 -5.75 -26.73 50.72
C CYS B 1195 -6.03 -27.93 51.62
N PHE B 1196 -6.77 -28.93 51.11
CA PHE B 1196 -7.18 -30.08 51.92
C PHE B 1196 -5.98 -30.87 52.40
N LYS B 1197 -4.96 -30.99 51.57
CA LYS B 1197 -3.74 -31.69 51.95
C LYS B 1197 -2.78 -30.80 52.75
N PHE B 1198 -3.18 -29.59 53.13
CA PHE B 1198 -2.49 -28.82 54.16
C PHE B 1198 -3.21 -28.74 55.50
N PHE B 1199 -4.44 -29.24 55.61
CA PHE B 1199 -5.20 -29.10 56.84
C PHE B 1199 -5.46 -30.40 57.56
N THR B 1200 -5.55 -31.50 56.85
CA THR B 1200 -5.78 -32.79 57.49
C THR B 1200 -4.47 -33.32 58.07
N PRO B 1201 -4.41 -33.66 59.35
CA PRO B 1201 -3.21 -34.27 59.90
C PRO B 1201 -2.95 -35.65 59.30
N ALA B 1202 -1.67 -35.99 59.19
CA ALA B 1202 -1.27 -37.26 58.62
C ALA B 1202 -1.23 -38.32 59.72
N GLU B 1203 -0.68 -39.49 59.41
CA GLU B 1203 -0.61 -40.60 60.33
C GLU B 1203 0.70 -41.34 60.15
N VAL B 1204 1.08 -42.09 61.18
CA VAL B 1204 2.27 -42.93 61.18
C VAL B 1204 1.90 -44.30 61.72
N ASN B 1205 2.39 -45.35 61.06
CA ASN B 1205 2.13 -46.72 61.51
C ASN B 1205 3.40 -47.42 61.98
N THR B 1206 4.43 -47.50 61.14
CA THR B 1206 5.66 -48.21 61.47
C THR B 1206 6.86 -47.32 61.19
N ASN B 1207 8.07 -47.90 61.25
CA ASN B 1207 9.33 -47.27 60.85
C ASN B 1207 9.60 -46.00 61.67
N CYS B 1208 9.85 -46.22 62.96
CA CYS B 1208 10.16 -45.12 63.87
C CYS B 1208 11.47 -44.42 63.53
N ASN B 1209 12.35 -45.06 62.74
CA ASN B 1209 13.48 -44.35 62.16
C ASN B 1209 12.98 -43.26 61.22
N THR B 1210 13.54 -42.05 61.38
CA THR B 1210 13.05 -40.89 60.63
C THR B 1210 13.51 -40.92 59.18
N LEU B 1211 14.75 -41.34 58.94
CA LEU B 1211 15.42 -41.06 57.68
C LEU B 1211 14.85 -41.88 56.54
N ASP B 1212 14.81 -43.21 56.72
CA ASP B 1212 14.24 -44.05 55.69
C ASP B 1212 12.74 -43.84 55.54
N ARG B 1213 12.06 -43.45 56.63
CA ARG B 1213 10.64 -43.12 56.54
C ARG B 1213 10.41 -41.95 55.61
N LEU B 1214 11.04 -40.81 55.89
CA LEU B 1214 10.96 -39.63 55.03
C LEU B 1214 11.48 -39.90 53.64
N LEU B 1215 12.39 -40.86 53.50
CA LEU B 1215 12.83 -41.29 52.18
C LEU B 1215 11.69 -41.93 51.38
N MET B 1216 10.88 -42.80 52.00
CA MET B 1216 9.86 -43.35 51.11
C MET B 1216 8.55 -42.56 51.15
N GLU B 1217 8.37 -41.54 52.00
CA GLU B 1217 7.39 -40.55 51.55
C GLU B 1217 7.95 -39.57 50.52
N ALA B 1218 9.27 -39.50 50.36
CA ALA B 1218 9.82 -38.72 49.26
C ALA B 1218 9.69 -39.41 47.91
N LYS B 1219 9.39 -40.71 47.92
CA LYS B 1219 9.13 -41.48 46.70
C LYS B 1219 7.82 -41.02 46.07
N ALA B 1220 7.64 -41.32 44.78
CA ALA B 1220 6.48 -40.89 44.01
C ALA B 1220 5.23 -41.58 44.54
N VAL B 1221 4.48 -40.87 45.37
CA VAL B 1221 3.24 -41.38 45.93
C VAL B 1221 2.16 -41.33 44.85
N ALA B 1222 1.05 -42.04 45.10
CA ALA B 1222 -0.10 -41.99 44.21
C ALA B 1222 -0.69 -40.59 44.16
N SER B 1223 -1.44 -40.32 43.09
CA SER B 1223 -1.89 -38.97 42.79
C SER B 1223 -2.96 -38.51 43.78
N GLN B 1224 -3.32 -37.23 43.66
CA GLN B 1224 -4.37 -36.65 44.49
C GLN B 1224 -5.42 -35.91 43.67
N SER B 1225 -5.22 -35.73 42.37
CA SER B 1225 -6.16 -35.05 41.52
C SER B 1225 -6.25 -35.78 40.20
N SER B 1226 -7.31 -35.48 39.45
CA SER B 1226 -7.52 -36.10 38.15
C SER B 1226 -6.72 -35.39 37.06
N THR B 1227 -6.13 -36.18 36.18
CA THR B 1227 -5.38 -35.66 35.06
C THR B 1227 -6.15 -35.72 33.74
N ASP B 1228 -7.36 -36.27 33.76
CA ASP B 1228 -8.08 -36.56 32.53
C ASP B 1228 -9.27 -35.65 32.28
N THR B 1229 -9.86 -35.06 33.31
CA THR B 1229 -10.89 -34.06 33.09
C THR B 1229 -10.23 -32.73 32.78
N GLU B 1230 -11.05 -31.73 32.49
CA GLU B 1230 -10.56 -30.41 32.11
C GLU B 1230 -10.92 -29.33 33.13
N TYR B 1231 -11.44 -29.73 34.30
CA TYR B 1231 -11.65 -28.85 35.44
C TYR B 1231 -10.90 -29.25 36.70
N GLN B 1232 -10.01 -30.24 36.63
CA GLN B 1232 -9.21 -30.73 37.76
C GLN B 1232 -10.11 -31.22 38.91
N PHE B 1233 -10.80 -32.31 38.63
CA PHE B 1233 -11.76 -32.90 39.55
C PHE B 1233 -11.03 -33.59 40.71
N LYS B 1234 -11.80 -34.23 41.58
CA LYS B 1234 -11.23 -35.17 42.53
C LYS B 1234 -10.62 -36.35 41.78
N ARG B 1235 -9.58 -36.92 42.35
CA ARG B 1235 -8.98 -38.11 41.75
C ARG B 1235 -9.93 -39.28 41.90
N PRO B 1236 -10.34 -39.92 40.82
CA PRO B 1236 -11.24 -41.07 40.94
C PRO B 1236 -10.49 -42.27 41.48
N PRO B 1237 -11.19 -43.21 42.11
CA PRO B 1237 -10.54 -44.45 42.53
C PRO B 1237 -10.10 -45.28 41.33
N GLY B 1238 -9.06 -46.09 41.55
CA GLY B 1238 -8.46 -46.84 40.47
C GLY B 1238 -7.43 -46.08 39.66
N SER B 1239 -7.13 -44.84 40.02
CA SER B 1239 -6.16 -44.07 39.29
C SER B 1239 -4.75 -44.50 39.70
N THR B 1240 -3.92 -44.84 38.70
CA THR B 1240 -2.56 -45.32 38.94
C THR B 1240 -1.59 -44.32 38.34
N GLU B 1241 -1.25 -43.28 39.10
CA GLU B 1241 -0.22 -42.33 38.71
C GLU B 1241 0.68 -42.05 39.89
N MET B 1242 1.94 -42.45 39.78
CA MET B 1242 2.93 -42.21 40.81
C MET B 1242 3.51 -40.83 40.58
N THR B 1243 3.13 -39.87 41.44
CA THR B 1243 3.59 -38.49 41.31
C THR B 1243 4.50 -38.15 42.47
N GLN B 1244 5.72 -37.74 42.17
CA GLN B 1244 6.63 -37.27 43.21
C GLN B 1244 6.17 -35.90 43.69
N ASP B 1245 6.17 -35.70 45.00
CA ASP B 1245 5.68 -34.46 45.60
C ASP B 1245 6.74 -33.87 46.53
N PRO B 1246 7.63 -33.03 46.00
CA PRO B 1246 8.39 -32.14 46.88
C PRO B 1246 7.44 -31.19 47.59
N CYS B 1247 7.81 -30.86 48.83
CA CYS B 1247 7.09 -29.98 49.76
C CYS B 1247 5.62 -30.36 49.96
N GLY B 1248 5.26 -31.62 49.71
CA GLY B 1248 3.98 -32.13 50.11
C GLY B 1248 4.13 -32.82 51.45
N LEU B 1249 5.34 -33.27 51.73
CA LEU B 1249 5.69 -33.79 53.05
C LEU B 1249 6.21 -32.71 53.98
N PHE B 1250 6.80 -31.65 53.42
CA PHE B 1250 7.21 -30.51 54.22
C PHE B 1250 6.04 -29.65 54.64
N GLN B 1251 4.88 -29.84 54.01
CA GLN B 1251 3.69 -28.98 54.17
C GLN B 1251 4.05 -27.52 53.89
N GLU B 1252 4.58 -27.28 52.71
CA GLU B 1252 5.21 -26.01 52.40
C GLU B 1252 4.77 -25.56 51.00
N ALA B 1253 4.75 -24.24 50.80
CA ALA B 1253 4.41 -23.65 49.50
C ALA B 1253 5.39 -22.55 49.17
N TYR B 1254 5.53 -22.30 47.88
CA TYR B 1254 6.42 -21.24 47.44
C TYR B 1254 5.62 -20.08 46.84
N PRO B 1255 6.09 -18.85 46.99
CA PRO B 1255 5.44 -17.72 46.32
C PRO B 1255 6.06 -17.48 44.95
N PRO B 1256 5.23 -17.26 43.92
CA PRO B 1256 5.78 -16.99 42.59
C PRO B 1256 6.03 -15.51 42.36
N LEU B 1257 6.47 -15.18 41.15
CA LEU B 1257 6.61 -13.78 40.74
C LEU B 1257 5.22 -13.18 40.61
N CYS B 1258 4.80 -12.41 41.61
CA CYS B 1258 3.52 -11.75 41.58
C CYS B 1258 3.67 -10.32 42.08
N SER B 1259 2.86 -9.43 41.53
CA SER B 1259 2.96 -8.02 41.83
C SER B 1259 1.57 -7.44 42.06
N SER B 1260 1.49 -6.49 42.98
CA SER B 1260 0.21 -5.82 43.22
C SER B 1260 -0.19 -4.93 42.06
N ASP B 1261 0.76 -4.27 41.40
CA ASP B 1261 0.48 -3.48 40.22
C ASP B 1261 1.49 -3.79 39.13
N ALA B 1262 0.99 -3.85 37.89
CA ALA B 1262 1.84 -4.14 36.74
C ALA B 1262 2.71 -2.96 36.33
N ALA B 1263 2.44 -1.77 36.87
CA ALA B 1263 3.25 -0.58 36.55
C ALA B 1263 4.68 -0.74 37.02
N MET B 1264 4.87 -1.35 38.19
CA MET B 1264 6.21 -1.62 38.69
C MET B 1264 6.75 -2.97 38.22
N LEU B 1265 5.92 -3.78 37.53
CA LEU B 1265 6.30 -5.15 37.22
C LEU B 1265 7.41 -5.21 36.18
N ARG B 1266 7.26 -4.48 35.08
CA ARG B 1266 8.23 -4.52 34.01
C ARG B 1266 8.97 -3.19 33.91
N THR B 1267 10.27 -3.28 33.67
CA THR B 1267 11.11 -2.11 33.51
C THR B 1267 11.14 -1.68 32.05
N ALA B 1268 11.59 -0.44 31.83
CA ALA B 1268 11.70 0.13 30.49
C ALA B 1268 13.13 -0.01 29.96
N HIS B 1269 13.53 -1.26 29.74
CA HIS B 1269 14.91 -1.52 29.33
C HIS B 1269 15.04 -2.58 28.23
N ALA B 1270 13.93 -3.05 27.66
CA ALA B 1270 13.90 -4.10 26.63
C ALA B 1270 14.63 -5.36 27.10
N GLY B 1271 14.08 -5.97 28.15
CA GLY B 1271 14.79 -7.02 28.84
C GLY B 1271 14.14 -7.45 30.13
N GLU B 1272 14.91 -7.43 31.21
CA GLU B 1272 14.49 -7.94 32.51
C GLU B 1272 13.34 -7.13 33.08
N THR B 1273 12.64 -7.73 34.03
CA THR B 1273 11.48 -7.11 34.65
C THR B 1273 11.92 -6.30 35.87
N GLY B 1274 10.96 -5.88 36.68
CA GLY B 1274 11.26 -5.05 37.82
C GLY B 1274 11.92 -5.80 38.96
N ALA B 1275 12.63 -5.06 39.79
CA ALA B 1275 13.24 -5.59 41.00
C ALA B 1275 12.78 -4.84 42.25
N ASP B 1276 11.86 -3.89 42.12
CA ASP B 1276 11.39 -3.13 43.26
C ASP B 1276 10.47 -3.99 44.14
N GLU B 1277 10.28 -3.54 45.38
CA GLU B 1277 9.46 -4.25 46.34
C GLU B 1277 8.19 -3.48 46.67
N VAL B 1278 8.32 -2.24 47.12
CA VAL B 1278 7.20 -1.36 47.40
C VAL B 1278 7.47 -0.03 46.72
N HIS B 1279 6.43 0.54 46.10
CA HIS B 1279 6.56 1.90 45.59
C HIS B 1279 5.96 2.92 46.56
N LEU B 1280 4.65 2.85 46.79
CA LEU B 1280 4.02 3.57 47.90
C LEU B 1280 3.26 2.61 48.82
N ALA B 1281 2.33 1.83 48.28
CA ALA B 1281 1.63 0.84 49.06
C ALA B 1281 1.41 -0.47 48.30
N GLN B 1282 1.79 -0.54 47.03
CA GLN B 1282 1.71 -1.78 46.30
C GLN B 1282 2.93 -2.63 46.58
N TYR B 1283 2.82 -3.94 46.36
CA TYR B 1283 3.90 -4.84 46.70
C TYR B 1283 4.21 -5.76 45.54
N LEU B 1284 5.49 -6.11 45.41
CA LEU B 1284 5.98 -6.97 44.35
C LEU B 1284 6.76 -8.10 44.98
N ILE B 1285 6.34 -9.34 44.73
CA ILE B 1285 7.03 -10.50 45.27
C ILE B 1285 7.99 -11.02 44.21
N ARG B 1286 9.28 -10.87 44.47
CA ARG B 1286 10.30 -11.48 43.63
C ARG B 1286 10.21 -13.00 43.74
N ASP B 1287 10.48 -13.67 42.62
CA ASP B 1287 10.21 -15.09 42.50
C ASP B 1287 11.16 -15.94 43.35
N ALA B 1288 10.81 -16.12 44.62
CA ALA B 1288 11.55 -17.00 45.50
C ALA B 1288 11.20 -18.46 45.28
N SER B 1289 10.19 -18.75 44.48
CA SER B 1289 9.90 -20.11 44.07
C SER B 1289 11.04 -20.62 43.19
N PRO B 1290 11.30 -21.93 43.20
CA PRO B 1290 12.41 -22.47 42.40
C PRO B 1290 12.17 -22.43 40.89
N LEU B 1291 11.00 -22.06 40.43
CA LEU B 1291 10.72 -21.92 39.00
C LEU B 1291 11.08 -20.53 38.50
N ARG B 1292 12.32 -20.09 38.76
CA ARG B 1292 12.77 -18.78 38.33
C ARG B 1292 13.78 -18.84 37.18
N GLY B 1293 14.47 -19.95 37.00
CA GLY B 1293 15.39 -20.09 35.89
C GLY B 1293 14.77 -20.52 34.59
N CYS B 1294 13.45 -20.67 34.55
CA CYS B 1294 12.71 -21.02 33.34
C CYS B 1294 11.46 -20.17 33.30
N LEU B 1295 10.52 -20.55 32.42
CA LEU B 1295 9.26 -19.86 32.12
C LEU B 1295 9.51 -18.44 31.65
N PRO B 1296 10.02 -18.25 30.44
CA PRO B 1296 10.38 -16.90 29.98
C PRO B 1296 9.13 -16.04 29.72
N LEU B 1297 9.35 -14.73 29.72
CA LEU B 1297 8.26 -13.78 29.64
C LEU B 1297 8.30 -12.98 28.34
N ALA C 1 -3.50 -31.71 -40.44
CA ALA C 1 -3.32 -32.86 -41.33
C ALA C 1 -3.52 -34.17 -40.57
N MET C 2 -3.26 -34.13 -39.27
CA MET C 2 -3.40 -35.28 -38.40
C MET C 2 -4.47 -35.01 -37.35
N PRO C 3 -5.21 -36.03 -36.91
CA PRO C 3 -6.24 -35.81 -35.89
C PRO C 3 -5.67 -35.54 -34.51
N PHE C 4 -5.43 -34.25 -34.22
CA PHE C 4 -5.04 -33.74 -32.90
C PHE C 4 -5.95 -34.30 -31.80
N GLU C 5 -5.37 -35.08 -30.90
CA GLU C 5 -6.14 -35.88 -29.96
C GLU C 5 -5.79 -35.42 -28.55
N ILE C 6 -6.80 -34.96 -27.81
CA ILE C 6 -6.59 -34.39 -26.48
C ILE C 6 -7.18 -35.36 -25.46
N GLU C 7 -6.29 -36.16 -24.86
CA GLU C 7 -6.70 -37.34 -24.10
C GLU C 7 -6.60 -37.09 -22.59
N VAL C 8 -7.76 -36.76 -21.99
CA VAL C 8 -7.84 -36.57 -20.55
C VAL C 8 -7.97 -37.93 -19.87
N LEU C 9 -7.27 -38.08 -18.73
CA LEU C 9 -6.88 -39.39 -18.22
C LEU C 9 -7.74 -39.86 -17.03
N LEU C 10 -9.03 -39.48 -16.99
CA LEU C 10 -10.03 -39.81 -15.97
C LEU C 10 -9.70 -39.26 -14.58
N PRO C 11 -10.69 -39.19 -13.67
CA PRO C 11 -10.35 -39.13 -12.24
C PRO C 11 -9.64 -40.39 -11.77
N GLY C 12 -9.99 -41.53 -12.34
CA GLY C 12 -9.36 -42.80 -12.01
C GLY C 12 -9.93 -43.52 -10.81
N GLU C 13 -10.07 -42.80 -9.69
CA GLU C 13 -10.63 -43.33 -8.47
C GLU C 13 -12.15 -43.16 -8.39
N LEU C 14 -12.78 -42.74 -9.49
CA LEU C 14 -14.22 -42.58 -9.57
C LEU C 14 -14.93 -43.92 -9.35
N SER C 15 -16.06 -43.86 -8.65
CA SER C 15 -16.82 -45.05 -8.30
C SER C 15 -17.44 -45.69 -9.53
N PRO C 16 -17.75 -47.00 -9.47
CA PRO C 16 -18.35 -47.67 -10.64
C PRO C 16 -19.72 -47.14 -11.04
N ALA C 17 -20.48 -46.54 -10.11
CA ALA C 17 -21.80 -46.02 -10.46
C ALA C 17 -21.69 -44.75 -11.30
N GLU C 18 -20.83 -43.82 -10.89
CA GLU C 18 -20.75 -42.54 -11.59
C GLU C 18 -19.82 -42.59 -12.80
N THR C 19 -19.06 -43.68 -12.98
CA THR C 19 -18.26 -43.78 -14.19
C THR C 19 -19.06 -44.32 -15.37
N SER C 20 -20.25 -44.87 -15.12
CA SER C 20 -21.10 -45.33 -16.21
C SER C 20 -21.86 -44.19 -16.86
N ALA C 21 -22.08 -43.09 -16.12
CA ALA C 21 -22.69 -41.91 -16.71
C ALA C 21 -21.76 -41.25 -17.72
N LEU C 22 -20.44 -41.39 -17.52
CA LEU C 22 -19.49 -40.95 -18.52
C LEU C 22 -19.52 -41.84 -19.76
N GLN C 23 -19.92 -43.10 -19.62
CA GLN C 23 -19.90 -44.04 -20.75
C GLN C 23 -20.98 -43.70 -21.78
N LYS C 24 -22.19 -43.39 -21.31
CA LYS C 24 -23.31 -43.12 -22.20
C LYS C 24 -23.39 -41.67 -22.64
N CYS C 25 -22.44 -40.84 -22.23
CA CYS C 25 -22.43 -39.42 -22.57
C CYS C 25 -21.27 -39.11 -23.51
N GLU C 26 -21.04 -40.00 -24.47
CA GLU C 26 -19.90 -39.94 -25.38
C GLU C 26 -20.33 -39.25 -26.67
N GLY C 27 -19.63 -38.18 -27.02
CA GLY C 27 -19.92 -37.48 -28.26
C GLY C 27 -20.39 -36.05 -28.04
N LYS C 28 -20.69 -35.70 -26.79
CA LYS C 28 -21.18 -34.37 -26.49
C LYS C 28 -20.03 -33.35 -26.51
N ILE C 29 -20.40 -32.09 -26.61
CA ILE C 29 -19.43 -31.01 -26.77
C ILE C 29 -18.81 -30.68 -25.43
N ILE C 30 -17.48 -30.61 -25.40
CA ILE C 30 -16.73 -30.17 -24.23
C ILE C 30 -15.74 -29.09 -24.66
N THR C 31 -15.60 -28.05 -23.84
CA THR C 31 -14.81 -26.88 -24.20
C THR C 31 -13.51 -26.83 -23.40
N PHE C 32 -12.42 -26.54 -24.09
CA PHE C 32 -11.07 -26.53 -23.54
C PHE C 32 -10.53 -25.10 -23.60
N SER C 33 -9.77 -24.71 -22.57
CA SER C 33 -9.29 -23.34 -22.51
C SER C 33 -8.15 -23.10 -23.49
N THR C 34 -7.14 -23.96 -23.49
CA THR C 34 -5.93 -23.74 -24.27
C THR C 34 -5.63 -24.85 -25.26
N LEU C 35 -6.61 -25.73 -25.53
CA LEU C 35 -6.49 -26.90 -26.41
C LEU C 35 -5.36 -27.81 -25.93
N ARG C 36 -4.28 -27.90 -26.73
CA ARG C 36 -3.00 -28.56 -26.40
C ARG C 36 -3.14 -30.08 -26.27
N HIS C 37 -2.00 -30.78 -26.24
CA HIS C 37 -2.02 -32.22 -26.02
C HIS C 37 -2.30 -32.54 -24.55
N ARG C 38 -2.30 -33.84 -24.25
CA ARG C 38 -2.65 -34.48 -22.98
C ARG C 38 -3.81 -33.83 -22.22
N ALA C 39 -3.61 -32.63 -21.67
CA ALA C 39 -4.53 -31.91 -20.78
C ALA C 39 -4.91 -32.73 -19.55
N SER C 40 -5.89 -32.25 -18.79
CA SER C 40 -6.24 -32.88 -17.52
C SER C 40 -7.67 -32.48 -17.16
N LEU C 41 -8.04 -32.73 -15.90
CA LEU C 41 -9.36 -32.38 -15.37
C LEU C 41 -9.36 -30.93 -14.91
N VAL C 42 -10.38 -30.56 -14.13
CA VAL C 42 -10.56 -29.26 -13.48
C VAL C 42 -10.79 -28.14 -14.49
N ASP C 43 -9.82 -27.94 -15.39
CA ASP C 43 -9.98 -26.95 -16.45
C ASP C 43 -11.05 -27.35 -17.47
N ILE C 44 -11.49 -28.60 -17.47
CA ILE C 44 -12.52 -29.05 -18.38
C ILE C 44 -13.91 -29.09 -17.73
N ALA C 45 -13.98 -28.98 -16.40
CA ALA C 45 -15.24 -29.13 -15.70
C ALA C 45 -15.93 -27.77 -15.58
N LEU C 46 -17.02 -27.71 -14.80
CA LEU C 46 -17.72 -26.46 -14.56
C LEU C 46 -16.90 -25.51 -13.69
N SER C 47 -15.98 -26.04 -12.88
CA SER C 47 -15.21 -25.22 -11.96
C SER C 47 -14.28 -24.25 -12.70
N SER C 48 -13.92 -24.57 -13.93
CA SER C 48 -13.12 -23.66 -14.76
C SER C 48 -13.90 -22.42 -15.20
N TYR C 49 -15.23 -22.43 -15.09
CA TYR C 49 -16.03 -21.30 -15.50
C TYR C 49 -16.17 -20.25 -14.42
N TYR C 50 -15.53 -20.43 -13.26
CA TYR C 50 -15.77 -19.58 -12.09
C TYR C 50 -15.15 -18.21 -12.24
N ILE C 51 -15.77 -17.34 -13.03
CA ILE C 51 -15.35 -15.96 -13.20
C ILE C 51 -16.58 -15.08 -13.04
N ASN C 52 -16.54 -14.14 -12.09
CA ASN C 52 -15.48 -13.99 -11.11
C ASN C 52 -15.88 -14.75 -9.86
N GLY C 53 -16.99 -14.32 -9.26
CA GLY C 53 -17.61 -15.01 -8.15
C GLY C 53 -18.89 -15.68 -8.60
N ALA C 54 -19.33 -16.65 -7.77
CA ALA C 54 -20.54 -17.46 -7.89
C ALA C 54 -20.49 -18.39 -9.11
N PRO C 55 -21.34 -19.41 -9.18
CA PRO C 55 -21.55 -20.11 -10.45
C PRO C 55 -22.07 -19.15 -11.51
N PRO C 56 -21.63 -19.29 -12.75
CA PRO C 56 -21.90 -18.24 -13.75
C PRO C 56 -23.35 -18.21 -14.18
N ASP C 57 -23.77 -17.04 -14.62
CA ASP C 57 -25.09 -16.86 -15.23
C ASP C 57 -25.01 -17.31 -16.68
N THR C 58 -26.08 -17.06 -17.44
CA THR C 58 -26.15 -17.59 -18.80
C THR C 58 -25.40 -16.76 -19.82
N LEU C 59 -24.78 -15.65 -19.43
CA LEU C 59 -24.07 -14.81 -20.39
C LEU C 59 -22.70 -15.37 -20.77
N SER C 60 -22.03 -16.08 -19.86
CA SER C 60 -20.67 -16.52 -20.13
C SER C 60 -20.34 -17.72 -19.23
N LEU C 61 -20.37 -18.95 -19.75
CA LEU C 61 -21.11 -19.56 -20.90
C LEU C 61 -21.01 -19.04 -22.35
N LEU C 62 -21.94 -18.17 -22.76
CA LEU C 62 -22.05 -17.79 -24.17
C LEU C 62 -20.82 -17.05 -24.66
N GLU C 63 -20.27 -16.16 -23.83
CA GLU C 63 -18.98 -15.57 -24.17
C GLU C 63 -17.87 -16.61 -24.05
N ALA C 64 -18.01 -17.55 -23.11
CA ALA C 64 -16.97 -18.55 -22.91
C ALA C 64 -16.92 -19.56 -24.04
N TYR C 65 -18.04 -19.81 -24.72
CA TYR C 65 -18.01 -20.65 -25.92
C TYR C 65 -17.20 -19.99 -27.03
N ARG C 66 -17.34 -18.68 -27.18
CA ARG C 66 -16.49 -17.97 -28.13
C ARG C 66 -15.07 -17.79 -27.61
N MET C 67 -14.86 -17.94 -26.31
CA MET C 67 -13.53 -17.83 -25.71
C MET C 67 -12.80 -19.17 -25.72
N ARG C 68 -13.50 -20.27 -25.47
CA ARG C 68 -12.88 -21.58 -25.38
C ARG C 68 -13.13 -22.38 -26.67
N PHE C 69 -12.43 -23.51 -26.76
CA PHE C 69 -12.25 -24.26 -28.00
C PHE C 69 -12.98 -25.59 -27.87
N ALA C 70 -13.85 -25.89 -28.83
CA ALA C 70 -14.75 -27.01 -28.69
C ALA C 70 -14.07 -28.33 -29.07
N ALA C 71 -14.61 -29.42 -28.53
CA ALA C 71 -14.05 -30.75 -28.72
C ALA C 71 -15.15 -31.78 -28.53
N VAL C 72 -14.96 -32.95 -29.13
CA VAL C 72 -15.92 -34.06 -29.06
C VAL C 72 -15.29 -35.21 -28.30
N ILE C 73 -16.05 -35.80 -27.38
CA ILE C 73 -15.64 -37.06 -26.77
C ILE C 73 -15.74 -38.17 -27.80
N THR C 74 -14.61 -38.78 -28.12
CA THR C 74 -14.58 -39.80 -29.17
C THR C 74 -14.48 -41.23 -28.64
N ARG C 75 -14.13 -41.42 -27.38
CA ARG C 75 -13.99 -42.75 -26.82
C ARG C 75 -14.10 -42.70 -25.31
N VAL C 76 -14.86 -43.66 -24.75
CA VAL C 76 -15.04 -43.77 -23.30
C VAL C 76 -14.58 -45.14 -22.79
N ILE C 77 -13.50 -45.65 -23.36
CA ILE C 77 -12.83 -46.83 -22.80
C ILE C 77 -12.35 -46.49 -21.39
N PRO C 78 -12.48 -47.41 -20.40
CA PRO C 78 -11.86 -47.19 -19.09
C PRO C 78 -10.37 -46.89 -19.17
N GLY C 79 -10.02 -45.68 -18.78
CA GLY C 79 -8.70 -45.15 -19.05
C GLY C 79 -8.72 -44.30 -20.31
N LYS C 80 -8.33 -43.02 -20.18
CA LYS C 80 -8.21 -42.00 -21.22
C LYS C 80 -9.55 -41.67 -21.90
N LEU C 81 -9.58 -40.63 -22.74
CA LEU C 81 -10.80 -40.27 -23.46
C LEU C 81 -10.62 -40.07 -24.96
N LEU C 82 -9.40 -40.17 -25.49
CA LEU C 82 -9.05 -39.88 -26.89
C LEU C 82 -9.43 -38.44 -27.24
N ALA C 83 -10.70 -38.21 -27.57
CA ALA C 83 -11.35 -36.88 -27.53
C ALA C 83 -10.70 -35.87 -28.49
N HIS C 84 -10.89 -36.12 -29.77
CA HIS C 84 -10.49 -35.17 -30.82
C HIS C 84 -11.25 -33.85 -30.68
N ALA C 85 -10.59 -32.76 -31.08
CA ALA C 85 -11.14 -31.42 -31.01
C ALA C 85 -12.04 -31.15 -32.23
N ILE C 86 -12.41 -29.88 -32.44
CA ILE C 86 -13.33 -29.53 -33.52
C ILE C 86 -12.72 -28.54 -34.51
N GLY C 87 -12.45 -27.32 -34.06
CA GLY C 87 -12.26 -26.22 -34.99
C GLY C 87 -10.82 -25.93 -35.37
N VAL C 88 -9.94 -26.91 -35.28
CA VAL C 88 -8.52 -26.71 -35.49
C VAL C 88 -7.98 -27.52 -36.66
N GLY C 89 -8.44 -28.77 -36.83
CA GLY C 89 -7.88 -29.63 -37.84
C GLY C 89 -8.91 -30.58 -38.42
N THR C 90 -8.47 -31.33 -39.42
CA THR C 90 -9.36 -32.29 -40.07
C THR C 90 -9.68 -33.44 -39.12
N PRO C 91 -10.95 -33.84 -39.04
CA PRO C 91 -11.34 -34.84 -38.04
C PRO C 91 -11.30 -36.27 -38.58
N THR C 92 -11.59 -37.22 -37.69
CA THR C 92 -11.96 -38.55 -38.13
C THR C 92 -13.32 -38.49 -38.82
N PRO C 93 -13.55 -39.30 -39.85
CA PRO C 93 -14.85 -39.24 -40.55
C PRO C 93 -16.04 -39.67 -39.69
N GLY C 94 -15.89 -40.68 -38.85
CA GLY C 94 -16.98 -41.10 -38.00
C GLY C 94 -16.96 -40.44 -36.64
N LEU C 95 -17.04 -39.11 -36.63
CA LEU C 95 -16.88 -38.36 -35.38
C LEU C 95 -18.11 -38.47 -34.48
N PHE C 96 -19.31 -38.31 -35.06
CA PHE C 96 -20.65 -38.23 -34.48
C PHE C 96 -20.88 -37.33 -33.26
N ILE C 97 -22.11 -36.81 -33.14
CA ILE C 97 -22.53 -35.95 -32.04
C ILE C 97 -23.83 -36.49 -31.46
N GLN C 98 -23.90 -36.55 -30.13
CA GLN C 98 -25.15 -36.90 -29.44
C GLN C 98 -26.02 -35.66 -29.34
N ASN C 99 -27.12 -35.65 -30.08
CA ASN C 99 -28.03 -34.50 -30.04
C ASN C 99 -28.92 -34.56 -28.80
N THR C 100 -29.40 -33.39 -28.41
CA THR C 100 -30.30 -33.29 -27.26
C THR C 100 -31.28 -32.15 -27.49
N SER C 101 -32.59 -32.50 -27.46
CA SER C 101 -33.88 -31.80 -27.63
C SER C 101 -34.39 -31.83 -29.09
N PRO C 102 -33.90 -31.02 -30.05
CA PRO C 102 -34.65 -30.91 -31.31
C PRO C 102 -34.38 -32.10 -32.22
N VAL C 103 -35.04 -32.09 -33.38
CA VAL C 103 -34.86 -33.16 -34.35
C VAL C 103 -33.95 -32.66 -35.48
N ASP C 104 -32.88 -33.40 -35.73
CA ASP C 104 -31.80 -32.97 -36.63
C ASP C 104 -32.03 -33.68 -37.97
N LEU C 105 -32.51 -32.95 -38.98
CA LEU C 105 -33.03 -33.65 -40.15
C LEU C 105 -31.92 -34.11 -41.11
N CYS C 106 -31.30 -33.17 -41.83
CA CYS C 106 -30.27 -33.60 -42.76
C CYS C 106 -28.93 -32.91 -42.62
N ASN C 107 -28.91 -31.59 -42.80
CA ASN C 107 -27.67 -30.93 -43.17
C ASN C 107 -27.55 -29.52 -42.59
N GLY C 108 -28.14 -29.28 -41.44
CA GLY C 108 -28.07 -27.96 -40.82
C GLY C 108 -26.70 -27.69 -40.22
N ASP C 109 -26.63 -26.59 -39.49
CA ASP C 109 -25.40 -26.12 -38.87
C ASP C 109 -25.65 -25.96 -37.38
N TYR C 110 -24.89 -26.69 -36.58
CA TYR C 110 -25.25 -26.99 -35.20
C TYR C 110 -24.31 -26.30 -34.24
N ILE C 111 -24.86 -25.45 -33.38
CA ILE C 111 -24.14 -24.47 -32.59
C ILE C 111 -24.47 -24.72 -31.13
N CYS C 112 -23.47 -24.51 -30.27
CA CYS C 112 -23.59 -24.72 -28.83
C CYS C 112 -24.26 -23.52 -28.16
N LEU C 113 -25.25 -23.79 -27.31
CA LEU C 113 -25.91 -22.78 -26.50
C LEU C 113 -25.90 -23.20 -25.03
N LEU C 114 -26.41 -22.33 -24.17
CA LEU C 114 -26.41 -22.32 -22.71
C LEU C 114 -27.24 -23.47 -22.14
N PRO C 115 -26.79 -23.98 -20.99
CA PRO C 115 -27.54 -25.03 -20.26
C PRO C 115 -28.95 -24.63 -19.83
N PRO C 116 -29.28 -23.30 -19.56
CA PRO C 116 -30.70 -23.00 -19.30
C PRO C 116 -31.65 -23.20 -20.47
N VAL C 117 -31.88 -24.47 -20.83
CA VAL C 117 -32.89 -24.94 -21.76
C VAL C 117 -33.44 -26.10 -20.92
N PHE C 118 -34.32 -26.95 -21.47
CA PHE C 118 -35.00 -28.07 -20.82
C PHE C 118 -34.12 -28.94 -19.92
N GLY C 119 -34.70 -29.44 -18.83
CA GLY C 119 -33.98 -30.31 -17.94
C GLY C 119 -33.72 -31.68 -18.54
N SER C 120 -32.60 -32.30 -18.15
CA SER C 120 -31.68 -31.75 -17.16
C SER C 120 -30.57 -30.94 -17.81
N ALA C 121 -29.74 -30.32 -16.98
CA ALA C 121 -28.54 -29.67 -17.48
C ALA C 121 -27.45 -30.66 -17.84
N ASP C 122 -27.59 -31.92 -17.38
CA ASP C 122 -26.63 -33.00 -17.62
C ASP C 122 -25.23 -32.62 -17.15
N SER C 123 -25.16 -31.96 -15.99
CA SER C 123 -23.88 -31.58 -15.41
C SER C 123 -23.10 -32.78 -14.90
N ILE C 124 -23.81 -33.86 -14.52
CA ILE C 124 -23.27 -35.11 -13.99
C ILE C 124 -22.41 -34.86 -12.77
N ARG C 125 -23.01 -34.94 -11.59
CA ARG C 125 -22.28 -34.70 -10.35
C ARG C 125 -21.35 -35.87 -10.07
N LEU C 126 -20.07 -35.69 -10.32
CA LEU C 126 -19.03 -36.64 -9.91
C LEU C 126 -18.62 -36.25 -8.49
N ASP C 127 -19.22 -36.90 -7.51
CA ASP C 127 -18.90 -36.59 -6.11
C ASP C 127 -17.57 -37.18 -5.69
N SER C 128 -17.07 -38.18 -6.42
CA SER C 128 -15.79 -38.79 -6.07
C SER C 128 -14.63 -37.83 -6.35
N VAL C 129 -14.69 -37.08 -7.44
CA VAL C 129 -13.65 -36.10 -7.74
C VAL C 129 -14.06 -34.68 -7.34
N GLY C 130 -15.36 -34.43 -7.15
CA GLY C 130 -15.82 -33.12 -6.75
C GLY C 130 -16.05 -32.15 -7.88
N LEU C 131 -16.30 -32.65 -9.09
CA LEU C 131 -16.47 -31.81 -10.26
C LEU C 131 -17.69 -32.25 -11.05
N GLU C 132 -18.15 -31.37 -11.93
CA GLU C 132 -19.24 -31.66 -12.85
C GLU C 132 -18.90 -31.07 -14.22
N ILE C 133 -19.27 -31.79 -15.28
CA ILE C 133 -18.90 -31.43 -16.64
C ILE C 133 -20.15 -30.94 -17.39
N VAL C 134 -20.03 -29.78 -18.01
CA VAL C 134 -21.17 -29.10 -18.63
C VAL C 134 -21.11 -29.33 -20.13
N PHE C 135 -22.21 -29.86 -20.67
CA PHE C 135 -22.34 -30.04 -22.11
C PHE C 135 -23.26 -28.96 -22.66
N PRO C 136 -22.77 -28.03 -23.47
CA PRO C 136 -23.66 -27.05 -24.10
C PRO C 136 -24.56 -27.72 -25.12
N LEU C 137 -25.75 -27.16 -25.29
CA LEU C 137 -26.77 -27.79 -26.09
C LEU C 137 -26.53 -27.53 -27.57
N THR C 138 -26.85 -28.52 -28.40
CA THR C 138 -26.66 -28.44 -29.84
C THR C 138 -27.97 -27.99 -30.50
N ILE C 139 -27.91 -26.88 -31.24
CA ILE C 139 -29.11 -26.35 -31.90
C ILE C 139 -28.79 -26.07 -33.36
N PRO C 140 -29.66 -26.45 -34.31
CA PRO C 140 -29.45 -26.07 -35.72
C PRO C 140 -29.78 -24.61 -35.98
N GLN C 141 -29.34 -24.12 -37.14
CA GLN C 141 -29.68 -22.76 -37.54
C GLN C 141 -31.14 -22.69 -37.93
N THR C 142 -31.66 -21.45 -37.97
CA THR C 142 -33.07 -21.06 -38.02
C THR C 142 -33.86 -21.55 -36.82
N LEU C 143 -33.20 -22.08 -35.79
CA LEU C 143 -33.80 -22.38 -34.51
C LEU C 143 -33.28 -21.48 -33.40
N MET C 144 -31.97 -21.26 -33.32
CA MET C 144 -31.55 -20.07 -32.59
C MET C 144 -31.78 -18.86 -33.50
N ARG C 145 -31.69 -17.68 -32.89
CA ARG C 145 -32.42 -16.43 -33.19
C ARG C 145 -33.94 -16.64 -33.28
N GLU C 146 -34.44 -17.74 -32.72
CA GLU C 146 -35.82 -17.90 -32.28
C GLU C 146 -35.94 -18.48 -30.88
N ILE C 147 -35.03 -19.36 -30.47
CA ILE C 147 -35.02 -19.83 -29.09
C ILE C 147 -34.58 -18.71 -28.15
N ILE C 148 -33.55 -17.96 -28.55
CA ILE C 148 -33.17 -16.79 -27.76
C ILE C 148 -34.20 -15.67 -27.91
N ALA C 149 -35.02 -15.71 -28.96
CA ALA C 149 -36.15 -14.80 -29.05
C ALA C 149 -37.22 -15.14 -28.02
N LYS C 150 -37.39 -16.44 -27.73
CA LYS C 150 -38.22 -16.90 -26.61
C LYS C 150 -37.37 -16.97 -25.34
N VAL C 151 -37.89 -17.68 -24.32
CA VAL C 151 -37.26 -17.98 -23.03
C VAL C 151 -37.06 -16.70 -22.24
N VAL C 152 -36.06 -15.91 -22.63
CA VAL C 152 -35.74 -14.68 -21.92
C VAL C 152 -36.84 -13.64 -22.11
N ALA C 153 -37.58 -13.74 -23.22
CA ALA C 153 -38.75 -12.89 -23.42
C ALA C 153 -39.89 -13.21 -22.46
N ARG C 154 -39.93 -14.43 -21.93
CA ARG C 154 -40.85 -14.72 -20.85
C ARG C 154 -40.36 -14.12 -19.53
N ALA C 155 -39.04 -13.93 -19.40
CA ALA C 155 -38.48 -13.41 -18.15
C ALA C 155 -38.69 -11.91 -18.01
N VAL C 156 -38.75 -11.17 -19.13
CA VAL C 156 -38.89 -9.71 -19.04
C VAL C 156 -40.31 -9.33 -18.62
N GLU C 157 -41.29 -10.18 -18.88
CA GLU C 157 -42.62 -10.00 -18.32
C GLU C 157 -42.80 -10.73 -16.99
N ASP C 158 -41.82 -11.52 -16.57
CA ASP C 158 -41.95 -12.24 -15.30
C ASP C 158 -41.76 -11.32 -14.12
N LEU C 159 -40.78 -10.40 -14.17
CA LEU C 159 -40.56 -9.48 -13.08
C LEU C 159 -41.54 -8.32 -13.07
N ASN C 160 -42.30 -8.13 -14.15
CA ASN C 160 -43.43 -7.21 -14.18
C ASN C 160 -44.64 -7.98 -14.70
N PRO C 161 -45.28 -8.79 -13.85
CA PRO C 161 -46.50 -9.48 -14.27
C PRO C 161 -47.72 -8.60 -14.09
N ASP C 162 -48.84 -9.08 -14.62
CA ASP C 162 -50.10 -8.35 -14.52
C ASP C 162 -50.77 -8.62 -13.18
N PRO C 163 -51.32 -13.76 -25.59
CA PRO C 163 -50.24 -14.37 -26.39
C PRO C 163 -49.29 -15.23 -25.55
N ASP C 164 -49.12 -16.48 -25.96
CA ASP C 164 -48.24 -17.41 -25.25
C ASP C 164 -47.13 -17.87 -26.19
N LEU C 165 -45.89 -17.60 -25.80
CA LEU C 165 -44.72 -18.07 -26.55
C LEU C 165 -44.26 -19.43 -26.08
N ASN C 166 -44.94 -20.03 -25.10
CA ASN C 166 -44.56 -21.33 -24.56
C ASN C 166 -44.74 -22.43 -25.62
N VAL C 167 -45.80 -22.35 -26.41
CA VAL C 167 -46.11 -23.39 -27.38
C VAL C 167 -45.20 -23.27 -28.59
N LEU C 168 -44.67 -24.41 -29.03
CA LEU C 168 -43.79 -24.48 -30.18
C LEU C 168 -44.18 -25.67 -31.05
N TYR C 169 -44.05 -25.51 -32.36
CA TYR C 169 -44.31 -26.59 -33.31
C TYR C 169 -43.08 -26.75 -34.20
N TYR C 170 -42.19 -27.65 -33.81
CA TYR C 170 -41.04 -28.05 -34.63
C TYR C 170 -41.22 -29.49 -35.07
N ASN C 171 -41.14 -29.70 -36.39
CA ASN C 171 -41.30 -31.00 -37.07
C ASN C 171 -42.69 -31.54 -36.71
N GLY C 172 -42.84 -32.80 -36.34
CA GLY C 172 -44.15 -33.36 -36.08
C GLY C 172 -44.57 -33.35 -34.62
N ALA C 173 -43.64 -33.04 -33.72
CA ALA C 173 -43.91 -33.10 -32.29
C ALA C 173 -43.98 -31.69 -31.70
N ARG C 174 -45.02 -31.45 -30.91
CA ARG C 174 -45.19 -30.16 -30.24
C ARG C 174 -44.21 -30.06 -29.08
N LEU C 175 -43.50 -28.93 -29.01
CA LEU C 175 -42.48 -28.71 -28.00
C LEU C 175 -42.82 -27.50 -27.15
N SER C 176 -42.81 -27.69 -25.83
CA SER C 176 -43.11 -26.65 -24.87
C SER C 176 -41.83 -25.87 -24.54
N LEU C 177 -41.90 -25.02 -23.50
CA LEU C 177 -40.71 -24.36 -22.97
C LEU C 177 -40.63 -24.53 -21.46
N VAL C 178 -41.79 -24.52 -20.80
CA VAL C 178 -41.84 -24.46 -19.35
C VAL C 178 -41.56 -25.83 -18.76
N ALA C 179 -40.61 -25.89 -17.82
CA ALA C 179 -40.23 -27.13 -17.14
C ALA C 179 -41.06 -27.40 -15.89
N ASP C 180 -42.26 -26.84 -15.80
CA ASP C 180 -43.24 -26.99 -14.70
C ASP C 180 -42.59 -26.50 -13.41
N VAL C 181 -42.91 -27.13 -12.26
CA VAL C 181 -42.40 -27.00 -10.88
C VAL C 181 -42.48 -25.54 -10.43
N GLN C 182 -41.94 -25.21 -9.24
CA GLN C 182 -41.96 -23.86 -8.73
C GLN C 182 -40.79 -23.02 -9.20
N GLN C 183 -39.89 -23.58 -10.01
CA GLN C 183 -38.72 -22.87 -10.52
C GLN C 183 -38.99 -22.16 -11.84
N LEU C 184 -40.26 -21.97 -12.22
CA LEU C 184 -40.56 -21.20 -13.43
C LEU C 184 -40.27 -19.72 -13.21
N ALA C 185 -40.62 -19.19 -12.04
CA ALA C 185 -40.39 -17.78 -11.75
C ALA C 185 -38.95 -17.54 -11.29
N SER C 186 -33.93 -23.52 -11.02
CA SER C 186 -32.99 -23.57 -12.14
C SER C 186 -33.17 -22.38 -13.07
N ASP C 187 -33.73 -21.31 -12.55
CA ASP C 187 -34.03 -20.09 -13.28
C ASP C 187 -33.24 -18.96 -12.60
N ALA C 188 -33.48 -17.72 -13.01
CA ALA C 188 -32.87 -16.45 -12.59
C ALA C 188 -31.43 -16.30 -13.07
N ALA C 189 -30.87 -17.31 -13.74
CA ALA C 189 -29.66 -17.09 -14.51
C ALA C 189 -29.95 -16.31 -15.78
N ILE C 190 -31.11 -16.54 -16.40
CA ILE C 190 -31.50 -15.79 -17.58
C ILE C 190 -31.98 -14.39 -17.24
N ARG C 191 -32.29 -14.14 -15.96
CA ARG C 191 -32.62 -12.79 -15.52
C ARG C 191 -31.44 -11.86 -15.70
N THR C 192 -30.24 -12.35 -15.41
CA THR C 192 -29.00 -11.58 -15.56
C THR C 192 -28.78 -11.18 -17.01
N LEU C 193 -29.11 -12.06 -17.96
CA LEU C 193 -28.98 -11.71 -19.36
C LEU C 193 -30.08 -10.76 -19.81
N VAL C 194 -31.32 -11.01 -19.39
CA VAL C 194 -32.42 -10.23 -19.94
C VAL C 194 -32.44 -8.81 -19.36
N LEU C 195 -31.85 -8.59 -18.18
CA LEU C 195 -31.60 -7.21 -17.78
C LEU C 195 -30.50 -6.59 -18.61
N ASN C 196 -29.54 -7.39 -19.09
CA ASN C 196 -28.52 -6.83 -19.95
C ASN C 196 -29.02 -6.53 -21.36
N LEU C 197 -30.16 -7.11 -21.74
CA LEU C 197 -30.77 -6.77 -23.03
C LEU C 197 -31.79 -5.64 -22.92
N MET C 198 -32.26 -5.31 -21.73
CA MET C 198 -33.17 -4.18 -21.55
C MET C 198 -32.51 -3.27 -20.52
N PHE C 199 -31.91 -2.16 -20.93
CA PHE C 199 -31.71 -1.66 -22.31
C PHE C 199 -30.51 -2.43 -22.95
N SER C 200 -30.08 -2.30 -24.22
CA SER C 200 -30.01 -1.15 -25.17
C SER C 200 -31.28 -0.42 -25.61
N ILE C 201 -32.31 -1.16 -25.97
CA ILE C 201 -33.53 -0.55 -26.52
C ILE C 201 -34.23 0.26 -25.42
N ASN C 202 -34.92 1.33 -25.84
CA ASN C 202 -35.60 2.36 -25.05
C ASN C 202 -34.59 3.31 -24.42
N GLU C 203 -33.94 2.88 -23.34
CA GLU C 203 -33.16 3.81 -22.53
C GLU C 203 -31.89 4.25 -23.24
N GLY C 204 -31.15 3.29 -23.82
CA GLY C 204 -30.01 3.66 -24.64
C GLY C 204 -30.42 4.19 -26.00
N CYS C 205 -31.65 3.89 -26.43
CA CYS C 205 -32.19 4.36 -27.69
C CYS C 205 -33.08 5.58 -27.54
N LEU C 206 -32.86 6.39 -26.51
CA LEU C 206 -33.58 7.66 -26.37
C LEU C 206 -33.14 8.62 -27.46
N LEU C 207 -34.09 9.09 -28.26
CA LEU C 207 -33.76 9.77 -29.52
C LEU C 207 -34.14 11.24 -29.42
N ILE C 208 -33.22 12.05 -28.92
CA ILE C 208 -33.10 13.47 -29.26
C ILE C 208 -31.65 13.75 -29.69
N LEU C 209 -31.38 13.59 -30.99
CA LEU C 209 -30.03 13.50 -31.51
C LEU C 209 -30.14 13.61 -33.03
N ALA C 210 -29.01 13.45 -33.73
CA ALA C 210 -29.02 13.33 -35.18
C ALA C 210 -29.86 12.12 -35.59
N LEU C 211 -30.78 12.32 -36.55
CA LEU C 211 -30.88 13.54 -37.33
C LEU C 211 -32.16 14.35 -37.10
N ILE C 212 -33.14 13.79 -36.41
CA ILE C 212 -34.50 14.31 -36.50
C ILE C 212 -34.70 15.59 -35.69
N PRO C 213 -34.55 15.67 -34.32
CA PRO C 213 -34.79 16.97 -33.68
C PRO C 213 -33.58 17.83 -33.32
N ARG C 214 -32.35 17.30 -33.38
CA ARG C 214 -31.22 18.04 -32.82
C ARG C 214 -30.28 18.60 -33.89
N LEU C 215 -29.76 17.73 -34.74
CA LEU C 215 -28.96 18.19 -35.86
C LEU C 215 -29.93 18.55 -37.01
N LEU C 216 -29.36 19.06 -38.12
CA LEU C 216 -29.94 19.71 -39.31
C LEU C 216 -30.27 21.17 -39.04
N ALA C 217 -30.07 21.66 -37.82
CA ALA C 217 -30.24 23.08 -37.53
C ALA C 217 -28.93 23.85 -37.56
N LEU C 218 -27.82 23.18 -37.86
CA LEU C 218 -26.52 23.83 -37.94
C LEU C 218 -25.61 23.09 -38.92
N GLY C 219 -27.01 18.74 -45.26
CA GLY C 219 -27.02 18.69 -46.72
C GLY C 219 -27.97 17.65 -47.27
N TYR C 220 -27.42 16.69 -48.02
CA TYR C 220 -28.23 15.62 -48.60
C TYR C 220 -28.68 14.60 -47.58
N VAL C 221 -28.04 14.56 -46.41
CA VAL C 221 -28.45 13.66 -45.32
C VAL C 221 -29.84 14.03 -44.82
N ASN C 222 -30.15 15.33 -44.80
CA ASN C 222 -31.49 15.80 -44.43
C ASN C 222 -32.55 15.25 -45.39
N ALA C 223 -32.28 15.33 -46.70
CA ALA C 223 -33.23 14.85 -47.69
C ALA C 223 -33.38 13.33 -47.63
N LEU C 224 -32.28 12.61 -47.44
CA LEU C 224 -32.35 11.16 -47.34
C LEU C 224 -33.12 10.72 -46.09
N LEU C 225 -32.92 11.42 -44.97
CA LEU C 225 -33.64 11.08 -43.75
C LEU C 225 -35.12 11.44 -43.86
N GLN C 226 -35.44 12.54 -44.55
CA GLN C 226 -36.83 12.93 -44.71
C GLN C 226 -37.57 11.97 -45.66
N MET C 227 -36.90 11.52 -46.71
CA MET C 227 -37.56 10.62 -47.67
C MET C 227 -37.65 9.20 -47.12
N GLN C 228 -36.62 8.76 -46.38
CA GLN C 228 -36.57 7.36 -45.96
C GLN C 228 -37.54 7.06 -44.83
N SER C 229 -37.69 7.97 -43.87
CA SER C 229 -38.47 7.68 -42.68
C SER C 229 -39.63 8.65 -42.51
N VAL C 230 -40.40 8.88 -43.58
CA VAL C 230 -41.56 9.74 -43.50
C VAL C 230 -42.63 9.09 -42.65
N THR C 231 -43.08 9.82 -41.61
CA THR C 231 -44.05 9.38 -40.61
C THR C 231 -43.62 8.12 -39.87
N ARG C 232 -42.30 7.86 -39.80
CA ARG C 232 -41.76 6.73 -39.08
C ARG C 232 -40.79 7.17 -37.99
N GLU C 233 -39.82 8.02 -38.33
CA GLU C 233 -38.91 8.55 -37.32
C GLU C 233 -39.60 9.59 -36.45
N ALA C 234 -40.41 10.46 -37.06
CA ALA C 234 -41.10 11.50 -36.30
C ALA C 234 -42.17 10.91 -35.39
N ALA C 235 -42.91 9.90 -35.88
CA ALA C 235 -43.94 9.26 -35.07
C ALA C 235 -43.33 8.50 -33.89
N GLN C 236 -42.22 7.80 -34.13
CA GLN C 236 -41.55 7.08 -33.04
C GLN C 236 -40.87 8.03 -32.07
N LEU C 237 -40.40 9.19 -32.55
CA LEU C 237 -39.82 10.17 -31.64
C LEU C 237 -40.89 10.85 -30.80
N ILE C 238 -42.08 11.06 -31.38
CA ILE C 238 -43.19 11.63 -30.63
C ILE C 238 -43.71 10.63 -29.60
N HIS C 239 -43.80 9.35 -29.99
CA HIS C 239 -44.24 8.32 -29.06
C HIS C 239 -43.25 8.11 -27.92
N PRO C 240 -41.93 8.03 -28.16
CA PRO C 240 -41.00 7.81 -27.04
C PRO C 240 -40.83 9.01 -26.14
N GLU C 241 -41.00 10.23 -26.66
CA GLU C 241 -40.94 11.42 -25.82
C GLU C 241 -42.24 11.64 -25.05
N ALA C 242 -43.33 10.99 -25.47
CA ALA C 242 -44.60 11.17 -24.74
C ALA C 242 -44.57 10.46 -23.40
N PRO C 243 -44.42 9.12 -23.34
CA PRO C 243 -44.39 8.41 -22.05
C PRO C 243 -43.00 8.36 -21.42
N MET C 244 -42.31 9.51 -21.41
CA MET C 244 -40.98 9.67 -20.83
C MET C 244 -40.72 11.17 -20.70
N LEU C 245 -39.48 11.51 -20.36
CA LEU C 245 -39.03 12.89 -20.39
C LEU C 245 -38.18 13.11 -21.65
N MET C 246 -37.60 14.31 -21.77
CA MET C 246 -36.78 14.63 -22.93
C MET C 246 -35.41 13.97 -22.85
N ARG C 247 -26.04 21.13 -24.78
CA ARG C 247 -25.65 19.89 -24.12
C ARG C 247 -25.03 18.87 -25.07
N ARG C 248 -24.22 19.33 -26.04
CA ARG C 248 -23.60 18.39 -26.95
C ARG C 248 -22.47 17.61 -26.28
N LEU C 249 -21.80 18.21 -25.31
CA LEU C 249 -20.74 17.50 -24.58
C LEU C 249 -21.24 16.32 -23.75
N PRO C 250 -22.36 16.36 -23.00
CA PRO C 250 -22.86 15.10 -22.41
C PRO C 250 -23.46 14.12 -23.41
N ILE C 251 -23.77 14.54 -24.63
CA ILE C 251 -24.27 13.57 -25.60
C ILE C 251 -23.15 13.05 -26.50
N TYR C 252 -21.92 13.54 -26.34
CA TYR C 252 -20.84 13.21 -27.27
C TYR C 252 -19.51 12.83 -26.58
N GLU C 253 -19.40 11.89 -25.63
CA GLU C 253 -20.32 11.12 -24.76
C GLU C 253 -21.55 10.42 -25.36
N THR C 254 -22.73 10.44 -24.67
CA THR C 254 -23.64 9.29 -24.61
C THR C 254 -23.90 8.48 -25.88
N ILE C 255 -23.79 9.07 -27.07
CA ILE C 255 -23.79 8.25 -28.27
C ILE C 255 -22.54 7.37 -28.32
N SER C 256 -21.43 7.83 -27.75
CA SER C 256 -20.33 6.94 -27.44
C SER C 256 -20.66 6.19 -26.15
N SER C 257 -20.06 5.00 -26.01
CA SER C 257 -20.39 3.93 -25.05
C SER C 257 -21.76 3.32 -25.31
N TRP C 258 -22.43 3.68 -26.40
CA TRP C 258 -23.64 3.03 -26.87
C TRP C 258 -23.30 2.00 -27.96
N ILE C 259 -22.02 1.78 -28.19
CA ILE C 259 -21.56 1.33 -29.50
C ILE C 259 -20.73 0.04 -29.57
N SER C 260 -20.16 -0.60 -28.52
CA SER C 260 -20.02 -0.48 -27.04
C SER C 260 -21.29 -0.61 -26.22
N THR C 261 -22.42 -0.87 -26.87
CA THR C 261 -23.62 -1.38 -26.23
C THR C 261 -24.42 -2.06 -27.33
N SER C 262 -24.88 -3.29 -27.05
CA SER C 262 -25.38 -4.25 -28.04
C SER C 262 -24.37 -4.55 -29.13
N SER C 263 -23.07 -4.40 -28.84
CA SER C 263 -22.02 -4.73 -29.78
C SER C 263 -21.42 -6.10 -29.47
N ARG C 264 -21.15 -6.37 -28.20
CA ARG C 264 -20.85 -7.75 -27.80
C ARG C 264 -22.11 -8.60 -27.88
N LEU C 265 -23.28 -7.99 -27.69
CA LEU C 265 -24.53 -8.72 -27.82
C LEU C 265 -24.89 -8.97 -29.27
N GLY C 266 -24.28 -8.24 -30.21
CA GLY C 266 -24.40 -8.59 -31.61
C GLY C 266 -23.28 -9.49 -32.08
N ASP C 267 -22.22 -9.61 -31.29
CA ASP C 267 -21.07 -10.44 -31.65
C ASP C 267 -21.12 -11.81 -31.00
N THR C 268 -21.27 -11.85 -29.67
CA THR C 268 -21.32 -13.12 -28.96
C THR C 268 -22.60 -13.89 -29.31
N LEU C 269 -23.72 -13.18 -29.43
CA LEU C 269 -24.95 -13.77 -29.93
C LEU C 269 -24.93 -13.72 -31.45
N GLY C 270 -25.16 -14.86 -32.09
CA GLY C 270 -25.03 -14.95 -33.52
C GLY C 270 -23.66 -15.45 -33.91
N THR C 271 -23.58 -16.71 -34.32
CA THR C 271 -22.32 -17.36 -34.64
C THR C 271 -22.22 -17.63 -36.13
N ARG C 272 -21.02 -17.97 -36.57
CA ARG C 272 -20.80 -18.25 -37.98
C ARG C 272 -21.01 -19.72 -38.33
N ALA C 273 -21.48 -20.51 -37.36
CA ALA C 273 -22.10 -21.84 -37.51
C ALA C 273 -21.10 -22.95 -37.82
N ILE C 274 -21.22 -24.07 -37.09
CA ILE C 274 -20.25 -25.16 -37.12
C ILE C 274 -21.02 -26.46 -37.32
N LEU C 275 -20.34 -27.49 -37.84
CA LEU C 275 -20.81 -28.88 -38.00
C LEU C 275 -21.97 -29.13 -38.97
N ARG C 276 -22.03 -30.37 -39.45
CA ARG C 276 -23.15 -30.95 -40.16
C ARG C 276 -23.26 -32.40 -39.75
N VAL C 277 -24.48 -32.95 -39.74
CA VAL C 277 -24.71 -34.32 -39.31
C VAL C 277 -25.07 -35.22 -40.50
N CYS C 278 -24.51 -34.89 -41.67
CA CYS C 278 -24.74 -35.65 -42.89
C CYS C 278 -24.41 -37.12 -42.71
N VAL C 279 -25.45 -37.96 -42.86
CA VAL C 279 -25.42 -39.35 -42.44
C VAL C 279 -25.47 -40.26 -43.68
N PHE C 280 -24.67 -41.32 -43.64
CA PHE C 280 -24.67 -42.35 -44.66
C PHE C 280 -25.38 -43.57 -44.12
N ASP C 281 -26.43 -44.01 -44.85
CA ASP C 281 -27.32 -45.11 -44.45
C ASP C 281 -27.95 -44.86 -43.08
N GLY C 282 -28.75 -43.80 -43.01
CA GLY C 282 -29.42 -43.43 -41.80
C GLY C 282 -30.93 -43.34 -41.98
N PRO C 283 -31.66 -43.14 -40.87
CA PRO C 283 -33.12 -43.05 -40.96
C PRO C 283 -33.62 -41.71 -41.50
N SER C 284 -32.72 -40.75 -41.73
CA SER C 284 -32.93 -39.38 -42.24
C SER C 284 -33.69 -38.48 -41.27
N THR C 285 -34.05 -38.99 -40.09
CA THR C 285 -34.57 -38.17 -39.00
C THR C 285 -33.91 -38.63 -37.70
N VAL C 286 -33.58 -37.69 -36.83
CA VAL C 286 -32.79 -37.95 -35.63
C VAL C 286 -33.58 -37.45 -34.43
N HIS C 287 -34.06 -38.38 -33.61
CA HIS C 287 -34.63 -38.02 -32.32
C HIS C 287 -33.50 -37.63 -31.37
N PRO C 288 -33.82 -36.88 -30.30
CA PRO C 288 -32.79 -36.56 -29.30
C PRO C 288 -32.22 -37.80 -28.63
N GLY C 289 -30.92 -37.75 -28.35
CA GLY C 289 -30.23 -38.91 -27.81
C GLY C 289 -30.02 -40.04 -28.81
N ASP C 290 -29.59 -39.73 -30.03
CA ASP C 290 -29.36 -40.73 -31.05
C ASP C 290 -27.96 -40.59 -31.64
N ARG C 291 -27.48 -41.69 -32.22
CA ARG C 291 -26.11 -41.80 -32.70
C ARG C 291 -26.07 -41.68 -34.21
N THR C 292 -25.64 -40.51 -34.71
CA THR C 292 -25.50 -40.27 -36.14
C THR C 292 -24.18 -39.57 -36.42
N ALA C 293 -23.45 -40.08 -37.42
CA ALA C 293 -22.13 -39.57 -37.75
C ALA C 293 -22.20 -38.16 -38.35
N VAL C 294 -21.14 -37.40 -38.13
CA VAL C 294 -21.11 -35.98 -38.47
C VAL C 294 -19.91 -35.68 -39.37
N ILE C 295 -19.98 -34.52 -40.02
CA ILE C 295 -18.87 -33.97 -40.79
C ILE C 295 -18.65 -32.54 -40.34
N GLN C 296 -17.42 -32.21 -39.96
CA GLN C 296 -17.08 -30.87 -39.54
C GLN C 296 -17.02 -29.92 -40.73
N VAL C 297 -17.35 -28.66 -40.49
CA VAL C 297 -17.16 -27.61 -41.48
C VAL C 297 -16.41 -26.45 -40.83
N ALA D 1 68.59 24.31 -53.72
CA ALA D 1 68.23 23.28 -52.76
C ALA D 1 69.23 23.22 -51.62
N MET D 2 69.73 24.39 -51.22
CA MET D 2 70.76 24.46 -50.19
C MET D 2 70.37 25.44 -49.09
N PRO D 3 70.78 25.17 -47.85
CA PRO D 3 70.56 26.14 -46.75
C PRO D 3 71.52 27.31 -46.76
N PHE D 4 71.16 28.39 -47.47
CA PHE D 4 72.04 29.54 -47.63
C PHE D 4 72.29 30.23 -46.29
N GLU D 5 73.46 29.98 -45.71
CA GLU D 5 73.81 30.46 -44.38
C GLU D 5 74.81 31.61 -44.51
N ILE D 6 74.51 32.72 -43.82
CA ILE D 6 75.38 33.89 -43.78
C ILE D 6 75.70 34.12 -42.31
N GLU D 7 76.91 33.78 -41.89
CA GLU D 7 77.29 33.80 -40.49
C GLU D 7 78.22 34.98 -40.21
N VAL D 8 77.91 35.74 -39.17
CA VAL D 8 78.84 36.76 -38.70
C VAL D 8 79.61 36.21 -37.51
N LEU D 9 80.90 36.56 -37.44
CA LEU D 9 81.88 35.80 -36.68
C LEU D 9 82.12 36.34 -35.28
N LEU D 10 81.25 37.25 -34.80
CA LEU D 10 81.26 37.93 -33.49
C LEU D 10 82.46 38.85 -33.32
N PRO D 11 82.39 39.82 -32.41
CA PRO D 11 83.61 40.60 -32.09
C PRO D 11 84.72 39.75 -31.49
N GLY D 12 84.37 38.70 -30.74
CA GLY D 12 85.35 37.83 -30.13
C GLY D 12 85.85 38.28 -28.78
N GLU D 13 85.99 39.59 -28.57
CA GLU D 13 86.42 40.14 -27.30
C GLU D 13 85.31 40.95 -26.61
N LEU D 14 84.07 40.51 -26.77
CA LEU D 14 82.95 41.18 -26.15
C LEU D 14 82.80 40.73 -24.69
N SER D 15 82.14 41.57 -23.90
CA SER D 15 82.05 41.36 -22.47
C SER D 15 81.15 40.17 -22.15
N PRO D 16 81.40 39.49 -21.02
CA PRO D 16 80.50 38.38 -20.61
C PRO D 16 79.09 38.83 -20.29
N ALA D 17 78.89 40.08 -19.88
CA ALA D 17 77.53 40.56 -19.64
C ALA D 17 76.79 40.80 -20.95
N GLU D 18 77.45 41.40 -21.94
CA GLU D 18 76.80 41.74 -23.19
C GLU D 18 76.73 40.57 -24.16
N THR D 19 77.49 39.50 -23.94
CA THR D 19 77.28 38.30 -24.73
C THR D 19 76.10 37.49 -24.22
N SER D 20 75.64 37.80 -23.00
CA SER D 20 74.55 37.02 -22.40
C SER D 20 73.21 37.34 -23.05
N ALA D 21 72.94 38.61 -23.31
CA ALA D 21 71.65 39.02 -23.87
C ALA D 21 71.49 38.60 -25.32
N LEU D 22 72.58 38.20 -25.98
CA LEU D 22 72.48 37.73 -27.35
C LEU D 22 71.77 36.38 -27.40
N GLN D 23 71.99 35.52 -26.40
CA GLN D 23 71.27 34.25 -26.37
C GLN D 23 69.81 34.44 -26.00
N LYS D 24 69.48 35.48 -25.23
CA LYS D 24 68.09 35.79 -24.89
C LYS D 24 67.41 36.59 -25.98
N CYS D 25 68.11 36.92 -27.05
CA CYS D 25 67.51 37.59 -28.21
C CYS D 25 67.62 36.71 -29.44
N GLU D 26 67.78 35.41 -29.24
CA GLU D 26 67.96 34.46 -30.34
C GLU D 26 66.63 34.23 -31.03
N GLY D 27 66.64 34.19 -32.35
CA GLY D 27 65.45 33.84 -33.12
C GLY D 27 64.70 35.03 -33.67
N LYS D 28 65.31 36.20 -33.65
CA LYS D 28 64.67 37.42 -34.10
C LYS D 28 65.04 37.71 -35.55
N ILE D 29 64.70 38.91 -35.99
CA ILE D 29 64.82 39.31 -37.40
C ILE D 29 65.97 40.29 -37.54
N ILE D 30 66.88 40.01 -38.47
CA ILE D 30 67.94 40.95 -38.81
C ILE D 30 68.05 41.02 -40.33
N THR D 31 68.34 42.21 -40.85
CA THR D 31 68.31 42.44 -42.28
C THR D 31 69.73 42.65 -42.81
N PHE D 32 70.00 42.08 -43.97
CA PHE D 32 71.28 42.22 -44.66
C PHE D 32 71.06 43.04 -45.92
N SER D 33 71.98 43.97 -46.18
CA SER D 33 71.82 44.87 -47.32
C SER D 33 72.11 44.16 -48.63
N THR D 34 73.32 43.65 -48.80
CA THR D 34 73.76 43.10 -50.08
C THR D 34 73.96 41.59 -50.04
N LEU D 35 73.55 40.94 -48.94
CA LEU D 35 73.68 39.50 -48.71
C LEU D 35 75.16 39.12 -48.77
N ARG D 36 75.58 38.22 -49.67
CA ARG D 36 76.93 37.66 -49.84
C ARG D 36 77.35 36.79 -48.65
N HIS D 37 78.19 35.80 -48.90
CA HIS D 37 78.57 34.86 -47.85
C HIS D 37 79.49 35.53 -46.82
N ARG D 38 79.62 34.86 -45.68
CA ARG D 38 80.35 35.32 -44.50
C ARG D 38 79.85 36.68 -44.02
N ALA D 39 80.54 37.75 -44.45
CA ALA D 39 80.38 39.12 -43.97
C ALA D 39 80.58 39.22 -42.47
N SER D 40 80.12 40.32 -41.86
CA SER D 40 80.51 40.62 -40.49
C SER D 40 79.47 41.54 -39.86
N LEU D 41 79.84 42.18 -38.76
CA LEU D 41 78.98 43.08 -38.01
C LEU D 41 78.95 44.44 -38.71
N VAL D 42 78.45 45.45 -37.99
CA VAL D 42 78.37 46.87 -38.39
C VAL D 42 77.37 47.08 -39.52
N ASP D 43 77.52 46.33 -40.62
CA ASP D 43 76.51 46.33 -41.67
C ASP D 43 75.19 45.72 -41.22
N ILE D 44 75.19 44.97 -40.12
CA ILE D 44 73.96 44.42 -39.56
C ILE D 44 73.31 45.34 -38.53
N ALA D 45 74.03 46.35 -38.04
CA ALA D 45 73.55 47.17 -36.94
C ALA D 45 72.86 48.43 -37.47
N LEU D 46 72.52 49.33 -36.55
CA LEU D 46 71.87 50.59 -36.90
C LEU D 46 72.83 51.54 -37.60
N SER D 47 74.14 51.29 -37.50
CA SER D 47 75.14 52.11 -38.19
C SER D 47 74.98 52.01 -39.71
N SER D 48 74.55 50.85 -40.22
CA SER D 48 74.24 50.71 -41.63
C SER D 48 72.95 51.42 -42.01
N TYR D 49 72.14 51.83 -41.05
CA TYR D 49 70.88 52.50 -41.31
C TYR D 49 71.00 54.01 -41.35
N TYR D 50 72.22 54.55 -41.32
CA TYR D 50 72.44 55.99 -41.36
C TYR D 50 72.14 56.50 -42.76
N ILE D 51 70.90 56.90 -43.01
CA ILE D 51 70.54 57.63 -44.22
C ILE D 51 69.73 58.86 -43.83
N ASN D 52 70.21 60.04 -44.25
CA ASN D 52 71.56 60.22 -44.79
C ASN D 52 72.54 60.53 -43.66
N GLY D 53 72.09 61.38 -42.72
CA GLY D 53 72.79 61.58 -41.48
C GLY D 53 71.82 61.38 -40.32
N ALA D 54 72.39 61.26 -39.12
CA ALA D 54 71.72 61.12 -37.81
C ALA D 54 70.92 59.82 -37.71
N PRO D 55 70.44 59.44 -36.53
CA PRO D 55 69.41 58.39 -36.46
C PRO D 55 68.15 58.82 -37.20
N PRO D 56 67.79 58.10 -38.26
CA PRO D 56 66.72 58.55 -39.16
C PRO D 56 65.33 58.25 -38.61
N ASP D 57 64.33 58.80 -39.31
CA ASP D 57 62.95 58.77 -38.86
C ASP D 57 62.31 57.41 -39.14
N THR D 58 61.03 57.29 -38.79
CA THR D 58 60.33 56.00 -38.81
C THR D 58 59.98 55.53 -40.21
N LEU D 59 60.18 56.36 -41.24
CA LEU D 59 59.92 55.93 -42.60
C LEU D 59 61.07 55.14 -43.20
N SER D 60 62.29 55.35 -42.71
CA SER D 60 63.46 54.65 -43.25
C SER D 60 64.49 54.47 -42.14
N LEU D 61 64.51 53.30 -41.46
CA LEU D 61 63.45 52.30 -41.15
C LEU D 61 62.69 51.52 -42.25
N LEU D 62 61.39 51.79 -42.38
CA LEU D 62 60.47 50.80 -42.95
C LEU D 62 60.66 50.61 -44.44
N GLU D 63 61.03 51.65 -45.18
CA GLU D 63 61.28 51.44 -46.60
C GLU D 63 62.62 50.80 -46.86
N ALA D 64 63.52 50.78 -45.88
CA ALA D 64 64.77 50.04 -46.04
C ALA D 64 64.56 48.55 -45.84
N TYR D 65 63.42 48.16 -45.25
CA TYR D 65 63.12 46.76 -45.05
C TYR D 65 62.87 46.05 -46.38
N ARG D 66 62.29 46.75 -47.36
CA ARG D 66 62.17 46.20 -48.70
C ARG D 66 63.41 46.42 -49.54
N MET D 67 64.33 47.27 -49.08
CA MET D 67 65.64 47.37 -49.68
C MET D 67 66.56 46.23 -49.28
N ARG D 68 66.42 45.73 -48.05
CA ARG D 68 67.29 44.70 -47.53
C ARG D 68 66.54 43.38 -47.46
N PHE D 69 67.24 42.32 -47.08
CA PHE D 69 66.69 40.98 -47.03
C PHE D 69 66.80 40.44 -45.62
N ALA D 70 65.68 39.97 -45.07
CA ALA D 70 65.65 39.60 -43.67
C ALA D 70 66.15 38.17 -43.47
N ALA D 71 66.47 37.86 -42.21
CA ALA D 71 67.03 36.58 -41.84
C ALA D 71 66.76 36.36 -40.35
N VAL D 72 66.73 35.09 -39.96
CA VAL D 72 66.45 34.72 -38.57
C VAL D 72 67.69 34.08 -37.98
N ILE D 73 68.06 34.49 -36.77
CA ILE D 73 69.15 33.84 -36.05
C ILE D 73 68.73 32.43 -35.68
N THR D 74 69.58 31.47 -36.00
CA THR D 74 69.23 30.06 -35.81
C THR D 74 70.00 29.38 -34.69
N ARG D 75 71.31 29.59 -34.60
CA ARG D 75 72.08 29.02 -33.49
C ARG D 75 72.96 30.13 -32.91
N VAL D 76 73.14 30.09 -31.59
CA VAL D 76 73.69 31.22 -30.86
C VAL D 76 74.93 30.75 -30.08
N ILE D 77 75.64 29.78 -30.65
CA ILE D 77 76.89 29.25 -30.11
C ILE D 77 77.93 30.37 -30.06
N PRO D 78 78.74 30.45 -29.00
CA PRO D 78 79.83 31.44 -28.95
C PRO D 78 80.81 31.23 -30.09
N GLY D 79 80.97 32.25 -30.91
CA GLY D 79 81.62 32.09 -32.18
C GLY D 79 80.57 31.75 -33.22
N LYS D 80 80.42 32.61 -34.24
CA LYS D 80 79.47 32.52 -35.34
C LYS D 80 78.00 32.60 -34.91
N LEU D 81 77.13 32.90 -35.87
CA LEU D 81 75.71 33.03 -35.60
C LEU D 81 74.81 32.33 -36.61
N LEU D 82 75.40 31.72 -37.64
CA LEU D 82 74.71 30.90 -38.65
C LEU D 82 73.71 31.73 -39.44
N ALA D 83 72.55 32.03 -38.83
CA ALA D 83 71.60 33.06 -39.26
C ALA D 83 71.08 32.81 -40.68
N HIS D 84 70.25 31.77 -40.79
CA HIS D 84 69.64 31.41 -42.05
C HIS D 84 68.68 32.50 -42.53
N ALA D 85 68.68 32.75 -43.84
CA ALA D 85 67.86 33.76 -44.47
C ALA D 85 66.45 33.22 -44.74
N ILE D 86 65.57 34.07 -45.24
CA ILE D 86 64.18 33.68 -45.43
C ILE D 86 63.69 33.80 -46.87
N GLY D 87 63.96 34.92 -47.54
CA GLY D 87 63.21 35.22 -48.74
C GLY D 87 63.85 34.89 -50.07
N VAL D 88 64.69 33.86 -50.12
CA VAL D 88 65.43 33.51 -51.33
C VAL D 88 65.17 32.07 -51.78
N GLY D 89 65.16 31.12 -50.86
CA GLY D 89 65.13 29.73 -51.26
C GLY D 89 64.59 28.81 -50.20
N THR D 90 64.87 27.51 -50.34
CA THR D 90 64.31 26.53 -49.42
C THR D 90 64.98 26.62 -48.05
N PRO D 91 64.22 26.67 -46.97
CA PRO D 91 64.83 26.72 -45.63
C PRO D 91 64.95 25.36 -44.97
N THR D 92 65.54 25.35 -43.78
CA THR D 92 65.38 24.24 -42.86
C THR D 92 63.96 24.25 -42.31
N PRO D 93 63.48 23.13 -41.78
CA PRO D 93 62.21 23.18 -41.02
C PRO D 93 62.27 24.04 -39.77
N GLY D 94 63.39 24.05 -39.06
CA GLY D 94 63.48 24.67 -37.75
C GLY D 94 63.95 26.12 -37.69
N LEU D 95 63.13 27.07 -38.12
CA LEU D 95 63.51 28.48 -37.94
C LEU D 95 63.05 29.01 -36.58
N PHE D 96 61.80 28.74 -36.23
CA PHE D 96 60.99 29.34 -35.14
C PHE D 96 61.07 30.86 -35.05
N ILE D 97 60.40 31.41 -34.03
CA ILE D 97 60.29 32.86 -33.87
C ILE D 97 59.99 33.17 -32.41
N GLN D 98 60.41 34.34 -31.96
CA GLN D 98 60.00 34.91 -30.69
C GLN D 98 59.27 36.21 -30.97
N ASN D 99 57.98 36.25 -30.65
CA ASN D 99 57.14 37.37 -31.03
C ASN D 99 57.34 38.55 -30.10
N THR D 100 56.83 39.70 -30.52
CA THR D 100 56.97 40.94 -29.75
C THR D 100 55.69 41.75 -29.85
N SER D 101 55.01 41.91 -28.69
CA SER D 101 53.76 42.56 -28.28
C SER D 101 52.54 41.62 -28.32
N PRO D 102 51.89 41.32 -29.46
CA PRO D 102 50.55 40.73 -29.37
C PRO D 102 50.60 39.24 -29.11
N VAL D 103 49.43 38.62 -29.20
CA VAL D 103 49.29 37.17 -29.04
C VAL D 103 48.99 36.56 -30.40
N ASP D 104 49.78 35.57 -30.79
CA ASP D 104 49.72 34.98 -32.13
C ASP D 104 49.01 33.64 -32.03
N LEU D 105 47.95 33.44 -32.80
CA LEU D 105 47.25 32.17 -32.64
C LEU D 105 47.86 31.04 -33.43
N CYS D 106 47.65 31.01 -34.74
CA CYS D 106 48.25 29.97 -35.56
C CYS D 106 48.75 30.49 -36.90
N ASN D 107 48.00 31.41 -37.49
CA ASN D 107 47.93 31.51 -38.95
C ASN D 107 48.36 32.88 -39.44
N GLY D 108 49.32 33.51 -38.76
CA GLY D 108 49.71 34.87 -39.08
C GLY D 108 50.75 34.94 -40.18
N ASP D 109 50.42 35.66 -41.25
CA ASP D 109 51.38 36.05 -42.26
C ASP D 109 51.89 37.42 -41.86
N TYR D 110 53.21 37.57 -41.75
CA TYR D 110 53.80 38.67 -41.00
C TYR D 110 54.43 39.72 -41.90
N ILE D 111 54.51 40.93 -41.35
CA ILE D 111 55.31 42.03 -41.87
C ILE D 111 56.08 42.62 -40.69
N CYS D 112 57.37 42.87 -40.89
CA CYS D 112 58.12 43.62 -39.90
C CYS D 112 57.75 45.10 -39.99
N LEU D 113 57.46 45.69 -38.83
CA LEU D 113 57.07 47.10 -38.78
C LEU D 113 58.06 47.90 -37.95
N LEU D 114 57.72 49.16 -37.73
CA LEU D 114 58.58 50.08 -37.00
C LEU D 114 58.54 49.78 -35.51
N PRO D 115 59.70 49.62 -34.87
CA PRO D 115 59.76 49.39 -33.41
C PRO D 115 59.19 50.53 -32.56
N PRO D 116 59.15 51.84 -33.02
CA PRO D 116 58.39 52.81 -32.22
C PRO D 116 56.91 52.51 -32.09
N VAL D 117 56.53 52.10 -30.88
CA VAL D 117 55.22 51.60 -30.45
C VAL D 117 55.30 51.35 -28.93
N PHE D 118 55.06 50.13 -28.44
CA PHE D 118 55.34 49.78 -27.05
C PHE D 118 56.83 49.90 -26.74
N GLY D 119 57.11 50.16 -25.46
CA GLY D 119 58.47 50.01 -24.97
C GLY D 119 58.80 48.56 -24.66
N SER D 120 60.09 48.23 -24.62
CA SER D 120 61.18 49.19 -24.85
C SER D 120 61.60 49.20 -26.32
N ALA D 121 62.75 49.81 -26.59
CA ALA D 121 63.31 49.84 -27.93
C ALA D 121 63.97 48.53 -28.35
N ASP D 122 64.13 47.58 -27.41
CA ASP D 122 64.67 46.23 -27.59
C ASP D 122 65.97 46.17 -28.39
N SER D 123 66.78 47.21 -28.28
CA SER D 123 67.87 47.45 -29.19
C SER D 123 69.19 46.79 -28.78
N ILE D 124 69.32 46.44 -27.50
CA ILE D 124 70.45 45.70 -26.92
C ILE D 124 71.77 46.43 -27.12
N ARG D 125 72.19 47.19 -26.11
CA ARG D 125 73.43 47.94 -26.19
C ARG D 125 74.64 47.02 -26.07
N LEU D 126 75.61 47.22 -26.96
CA LEU D 126 76.85 46.45 -26.98
C LEU D 126 78.01 47.41 -26.73
N ASP D 127 78.62 47.31 -25.54
CA ASP D 127 79.66 48.27 -25.18
C ASP D 127 80.98 48.00 -25.90
N SER D 128 81.25 46.73 -26.22
CA SER D 128 82.57 46.34 -26.72
C SER D 128 82.80 46.85 -28.14
N VAL D 129 81.73 47.04 -28.91
CA VAL D 129 81.84 47.52 -30.28
C VAL D 129 81.12 48.84 -30.51
N GLY D 130 80.27 49.26 -29.59
CA GLY D 130 79.47 50.46 -29.80
C GLY D 130 78.42 50.31 -30.88
N LEU D 131 77.82 49.12 -30.99
CA LEU D 131 76.85 48.84 -32.02
C LEU D 131 75.45 48.76 -31.41
N GLU D 132 74.44 48.94 -32.26
CA GLU D 132 73.06 48.98 -31.83
C GLU D 132 72.24 48.14 -32.81
N ILE D 133 71.61 47.08 -32.31
CA ILE D 133 70.92 46.11 -33.16
C ILE D 133 69.42 46.28 -32.92
N VAL D 134 68.78 47.11 -33.72
CA VAL D 134 67.34 47.30 -33.61
C VAL D 134 66.63 46.13 -34.25
N PHE D 135 65.75 45.48 -33.50
CA PHE D 135 65.03 44.33 -34.06
C PHE D 135 63.66 44.77 -34.52
N PRO D 136 63.31 44.54 -35.78
CA PRO D 136 61.93 44.80 -36.23
C PRO D 136 60.99 43.75 -35.66
N LEU D 137 59.70 44.07 -35.71
CA LEU D 137 58.70 43.40 -34.89
C LEU D 137 57.93 42.36 -35.67
N THR D 138 56.96 41.76 -34.98
CA THR D 138 56.15 40.66 -35.49
C THR D 138 54.67 41.01 -35.29
N ILE D 139 53.94 41.16 -36.40
CA ILE D 139 52.54 41.57 -36.37
C ILE D 139 51.73 40.61 -37.24
N PRO D 140 50.64 40.04 -36.73
CA PRO D 140 49.88 39.05 -37.50
C PRO D 140 49.16 39.66 -38.70
N GLN D 141 48.62 38.75 -39.51
CA GLN D 141 47.76 39.14 -40.61
C GLN D 141 46.48 39.78 -40.06
N THR D 142 45.97 40.75 -40.82
CA THR D 142 44.73 41.52 -40.57
C THR D 142 44.75 42.39 -39.32
N LEU D 143 45.85 42.37 -38.57
CA LEU D 143 46.13 43.44 -37.63
C LEU D 143 46.91 44.54 -38.30
N MET D 144 47.43 44.26 -39.49
CA MET D 144 48.10 45.21 -40.34
C MET D 144 47.14 46.32 -40.73
N ARG D 145 47.68 47.53 -40.93
CA ARG D 145 46.98 48.75 -41.31
C ARG D 145 45.90 49.23 -40.32
N GLU D 146 45.81 48.65 -39.11
CA GLU D 146 45.19 49.38 -38.02
C GLU D 146 46.19 49.90 -37.01
N ILE D 147 47.24 49.14 -36.68
CA ILE D 147 48.33 49.73 -35.91
C ILE D 147 49.11 50.71 -36.78
N ILE D 148 49.22 50.45 -38.08
CA ILE D 148 49.74 51.45 -39.01
C ILE D 148 48.81 52.65 -39.09
N ALA D 149 47.49 52.41 -39.01
CA ALA D 149 46.53 53.50 -38.94
C ALA D 149 46.67 54.30 -37.66
N LYS D 150 46.88 53.62 -36.54
CA LYS D 150 47.05 54.32 -35.27
C LYS D 150 48.44 54.92 -35.17
N VAL D 151 48.80 55.37 -33.96
CA VAL D 151 50.00 56.14 -33.64
C VAL D 151 49.99 57.45 -34.42
N VAL D 152 50.20 57.37 -35.74
CA VAL D 152 50.22 58.52 -36.64
C VAL D 152 48.90 59.29 -36.62
N ALA D 153 47.78 58.59 -36.40
CA ALA D 153 46.50 59.28 -36.28
C ALA D 153 46.37 59.98 -34.93
N ARG D 154 46.92 59.39 -33.87
CA ARG D 154 47.04 60.09 -32.60
C ARG D 154 48.02 61.26 -32.72
N ALA D 155 49.05 61.09 -33.53
CA ALA D 155 50.07 62.11 -33.73
C ALA D 155 49.55 63.36 -34.42
N VAL D 156 48.49 63.27 -35.23
CA VAL D 156 47.98 64.46 -35.89
C VAL D 156 47.04 65.27 -34.99
N GLU D 157 46.32 64.62 -34.06
CA GLU D 157 45.55 65.41 -33.11
C GLU D 157 46.44 65.89 -31.97
N ASP D 158 47.59 65.24 -31.77
CA ASP D 158 48.60 65.81 -30.88
C ASP D 158 49.33 66.97 -31.54
N LEU D 159 49.49 66.91 -32.87
CA LEU D 159 50.22 67.95 -33.58
C LEU D 159 49.42 69.26 -33.65
N ASN D 160 48.13 69.17 -33.98
CA ASN D 160 47.26 70.34 -34.09
C ASN D 160 46.04 70.06 -33.23
N PRO D 161 46.13 70.29 -31.92
CA PRO D 161 44.99 70.02 -31.05
C PRO D 161 44.07 71.23 -30.93
N ASP D 162 42.99 71.04 -30.18
CA ASP D 162 42.04 72.11 -29.92
C ASP D 162 42.29 72.73 -28.56
N PRO D 163 36.97 59.83 -28.49
CA PRO D 163 37.49 58.79 -29.40
C PRO D 163 38.93 58.41 -29.08
N ASP D 164 39.10 57.36 -28.27
CA ASP D 164 40.42 56.89 -27.87
C ASP D 164 40.88 55.81 -28.84
N LEU D 165 41.82 56.15 -29.72
CA LEU D 165 42.38 55.18 -30.66
C LEU D 165 43.43 54.30 -30.02
N ASN D 166 43.92 54.64 -28.83
CA ASN D 166 45.04 53.93 -28.23
C ASN D 166 44.64 52.58 -27.64
N VAL D 167 43.42 52.48 -27.09
CA VAL D 167 43.02 51.26 -26.40
C VAL D 167 42.72 50.16 -27.41
N LEU D 168 43.10 48.93 -27.05
CA LEU D 168 42.90 47.77 -27.90
C LEU D 168 42.28 46.65 -27.08
N TYR D 169 41.49 45.80 -27.73
CA TYR D 169 40.92 44.62 -27.08
C TYR D 169 41.22 43.42 -27.98
N TYR D 170 42.40 42.83 -27.81
CA TYR D 170 42.89 41.83 -28.75
C TYR D 170 43.03 40.49 -28.05
N ASN D 171 42.48 39.45 -28.68
CA ASN D 171 42.39 38.07 -28.15
C ASN D 171 41.64 38.15 -26.82
N GLY D 172 42.09 37.43 -25.78
CA GLY D 172 41.46 37.54 -24.48
C GLY D 172 41.97 38.67 -23.62
N ALA D 173 42.85 39.51 -24.16
CA ALA D 173 43.51 40.55 -23.38
C ALA D 173 43.10 41.94 -23.82
N ARG D 174 43.27 42.90 -22.91
CA ARG D 174 43.04 44.31 -23.20
C ARG D 174 44.40 44.99 -23.34
N LEU D 175 44.76 45.33 -24.57
CA LEU D 175 46.03 45.96 -24.87
C LEU D 175 45.85 47.48 -24.94
N SER D 176 46.96 48.18 -25.15
CA SER D 176 46.95 49.63 -25.23
C SER D 176 47.81 50.05 -26.40
N LEU D 177 48.08 51.34 -26.47
CA LEU D 177 49.11 51.88 -27.33
C LEU D 177 50.04 52.83 -26.57
N VAL D 178 49.50 53.57 -25.61
CA VAL D 178 50.28 54.56 -24.88
C VAL D 178 51.23 53.86 -23.91
N ALA D 179 52.38 54.49 -23.68
CA ALA D 179 53.36 54.01 -22.72
C ALA D 179 53.55 55.02 -21.59
N ASP D 180 52.58 55.93 -21.43
CA ASP D 180 52.57 57.02 -20.44
C ASP D 180 53.80 57.90 -20.70
N VAL D 181 54.59 58.23 -19.67
CA VAL D 181 55.91 58.89 -19.62
C VAL D 181 55.84 60.28 -20.29
N GLN D 182 56.97 61.00 -20.30
CA GLN D 182 57.01 62.34 -20.88
C GLN D 182 57.11 62.32 -22.41
N GLN D 183 57.40 61.17 -23.01
CA GLN D 183 57.54 61.05 -24.45
C GLN D 183 56.22 60.69 -25.14
N LEU D 184 55.08 60.99 -24.53
CA LEU D 184 53.79 60.67 -25.15
C LEU D 184 53.46 61.65 -26.27
N ALA D 185 53.66 62.94 -26.02
CA ALA D 185 53.27 63.97 -26.98
C ALA D 185 54.36 64.23 -28.00
N SER D 186 61.06 59.11 -27.07
CA SER D 186 60.93 58.15 -28.16
C SER D 186 59.78 58.53 -29.09
N ASP D 187 59.61 59.82 -29.32
CA ASP D 187 58.52 60.35 -30.13
C ASP D 187 59.16 61.37 -31.11
N ALA D 188 58.32 61.99 -31.95
CA ALA D 188 58.60 63.05 -32.93
C ALA D 188 59.42 62.56 -34.13
N ALA D 189 59.82 61.29 -34.17
CA ALA D 189 60.33 60.72 -35.40
C ALA D 189 59.21 60.39 -36.38
N ILE D 190 58.00 60.14 -35.87
CA ILE D 190 56.85 59.83 -36.70
C ILE D 190 56.23 61.06 -37.33
N ARG D 191 56.59 62.25 -36.85
CA ARG D 191 56.02 63.51 -37.33
C ARG D 191 56.27 63.71 -38.82
N THR D 192 57.44 63.31 -39.30
CA THR D 192 57.74 63.38 -40.72
C THR D 192 56.77 62.54 -41.52
N LEU D 193 56.42 61.36 -41.01
CA LEU D 193 55.39 60.53 -41.63
C LEU D 193 54.05 61.25 -41.61
N VAL D 194 53.75 61.96 -40.52
CA VAL D 194 52.58 62.83 -40.47
C VAL D 194 52.66 63.88 -41.57
N LEU D 195 53.85 64.46 -41.75
CA LEU D 195 54.08 65.43 -42.81
C LEU D 195 53.94 64.80 -44.18
N ASN D 196 54.22 63.50 -44.29
CA ASN D 196 54.01 62.83 -45.56
C ASN D 196 52.61 62.25 -45.68
N LEU D 197 51.80 62.27 -44.62
CA LEU D 197 50.47 61.70 -44.76
C LEU D 197 49.52 62.76 -45.36
N MET D 198 49.42 63.91 -44.71
CA MET D 198 48.84 65.10 -45.33
C MET D 198 49.99 66.11 -45.52
N PHE D 199 50.20 66.58 -46.74
CA PHE D 199 49.75 66.05 -48.04
C PHE D 199 50.26 64.62 -48.33
N SER D 200 49.53 63.76 -49.05
CA SER D 200 48.51 64.08 -50.05
C SER D 200 47.05 64.24 -49.61
N ILE D 201 46.79 64.30 -48.30
CA ILE D 201 45.44 64.62 -47.84
C ILE D 201 45.38 66.14 -47.78
N ASN D 202 44.16 66.70 -47.66
CA ASN D 202 43.89 68.13 -47.46
C ASN D 202 44.31 68.94 -48.68
N GLU D 203 45.51 69.51 -48.66
CA GLU D 203 45.99 70.28 -49.79
C GLU D 203 46.30 69.40 -51.01
N GLY D 204 46.53 68.11 -50.80
CA GLY D 204 46.72 67.20 -51.91
C GLY D 204 45.44 66.75 -52.56
N CYS D 205 44.33 66.81 -51.85
CA CYS D 205 43.02 66.51 -52.40
C CYS D 205 42.34 67.74 -52.99
N LEU D 206 43.12 68.78 -53.31
CA LEU D 206 42.59 69.97 -53.98
C LEU D 206 42.14 69.60 -55.37
N LEU D 207 40.84 69.74 -55.62
CA LEU D 207 40.22 69.24 -56.85
C LEU D 207 39.42 70.36 -57.49
N ILE D 208 40.09 71.16 -58.32
CA ILE D 208 39.38 71.96 -59.31
C ILE D 208 39.85 71.53 -60.70
N LEU D 209 39.20 70.50 -61.21
CA LEU D 209 39.65 69.69 -62.34
C LEU D 209 38.51 68.85 -62.88
N ALA D 210 38.84 67.83 -63.66
CA ALA D 210 37.91 66.75 -63.91
C ALA D 210 37.40 66.16 -62.60
N LEU D 211 36.07 66.13 -62.43
CA LEU D 211 35.13 66.47 -63.50
C LEU D 211 34.18 67.60 -63.14
N ILE D 212 34.15 68.01 -61.87
CA ILE D 212 33.05 68.87 -61.42
C ILE D 212 33.21 70.32 -61.89
N PRO D 213 34.26 71.13 -61.48
CA PRO D 213 34.21 72.54 -61.90
C PRO D 213 34.94 72.95 -63.18
N ARG D 214 36.01 72.24 -63.59
CA ARG D 214 36.91 72.76 -64.62
C ARG D 214 36.76 72.01 -65.95
N LEU D 215 36.98 70.71 -65.95
CA LEU D 215 36.74 69.92 -67.14
C LEU D 215 35.24 69.68 -67.28
N LEU D 216 34.83 69.23 -68.48
CA LEU D 216 33.51 69.19 -69.13
C LEU D 216 33.19 70.55 -69.74
N ALA D 217 34.10 71.52 -69.66
CA ALA D 217 33.92 72.82 -70.29
C ALA D 217 34.81 73.01 -71.51
N LEU D 218 35.47 71.95 -71.97
CA LEU D 218 36.35 72.04 -73.13
C LEU D 218 36.30 70.77 -73.97
N GLY D 219 31.57 63.78 -72.28
CA GLY D 219 30.71 62.89 -73.05
C GLY D 219 30.07 61.81 -72.21
N TYR D 220 30.40 60.55 -72.52
CA TYR D 220 29.86 59.43 -71.75
C TYR D 220 30.47 59.37 -70.36
N VAL D 221 31.76 59.71 -70.23
CA VAL D 221 32.40 59.74 -68.92
C VAL D 221 31.81 60.85 -68.06
N ASN D 222 31.34 61.93 -68.69
CA ASN D 222 30.69 63.02 -67.95
C ASN D 222 29.42 62.55 -67.26
N ALA D 223 28.54 61.86 -68.00
CA ALA D 223 27.32 61.32 -67.40
C ALA D 223 27.63 60.17 -66.46
N LEU D 224 28.67 59.39 -66.74
CA LEU D 224 29.06 58.30 -65.85
C LEU D 224 29.53 58.83 -64.50
N LEU D 225 30.32 59.91 -64.49
CA LEU D 225 30.76 60.51 -63.24
C LEU D 225 29.65 61.29 -62.57
N GLN D 226 28.70 61.85 -63.34
CA GLN D 226 27.56 62.53 -62.75
C GLN D 226 26.65 61.53 -62.02
N MET D 227 26.47 60.34 -62.61
CA MET D 227 25.67 59.32 -61.94
C MET D 227 26.44 58.66 -60.80
N GLN D 228 27.76 58.50 -60.96
CA GLN D 228 28.57 57.78 -59.98
C GLN D 228 28.88 58.62 -58.74
N SER D 229 29.01 59.94 -58.89
CA SER D 229 29.40 60.81 -57.79
C SER D 229 28.23 61.66 -57.32
N VAL D 230 27.05 61.06 -57.25
CA VAL D 230 25.87 61.77 -56.74
C VAL D 230 25.93 61.83 -55.23
N THR D 231 25.87 63.05 -54.67
CA THR D 231 25.92 63.36 -53.24
C THR D 231 27.18 62.84 -52.55
N ARG D 232 28.26 62.66 -53.31
CA ARG D 232 29.53 62.20 -52.77
C ARG D 232 30.67 63.15 -53.04
N GLU D 233 30.81 63.62 -54.28
CA GLU D 233 31.95 64.44 -54.68
C GLU D 233 31.60 65.91 -54.87
N ALA D 234 30.41 66.21 -55.40
CA ALA D 234 30.03 67.60 -55.63
C ALA D 234 29.80 68.34 -54.32
N ALA D 235 29.12 67.70 -53.36
CA ALA D 235 28.94 68.30 -52.05
C ALA D 235 30.26 68.39 -51.30
N GLN D 236 31.13 67.40 -51.45
CA GLN D 236 32.44 67.45 -50.83
C GLN D 236 33.32 68.51 -51.46
N LEU D 237 33.14 68.79 -52.76
CA LEU D 237 33.87 69.87 -53.41
C LEU D 237 33.32 71.24 -53.00
N ILE D 238 32.01 71.33 -52.75
CA ILE D 238 31.43 72.57 -52.27
C ILE D 238 31.88 72.86 -50.84
N HIS D 239 31.96 71.82 -50.00
CA HIS D 239 32.44 71.91 -48.63
C HIS D 239 33.91 72.31 -48.59
N PRO D 240 34.75 71.72 -49.46
CA PRO D 240 36.19 72.06 -49.40
C PRO D 240 36.51 73.44 -49.94
N GLU D 241 35.83 73.88 -50.99
CA GLU D 241 36.09 75.20 -51.54
C GLU D 241 35.58 76.30 -50.62
N ALA D 242 34.62 75.99 -49.74
CA ALA D 242 34.15 76.98 -48.79
C ALA D 242 35.19 77.27 -47.72
N PRO D 243 35.68 76.29 -46.95
CA PRO D 243 36.70 76.60 -45.95
C PRO D 243 38.12 76.54 -46.49
N MET D 244 38.33 77.11 -47.68
CA MET D 244 39.62 77.22 -48.35
C MET D 244 39.44 78.23 -49.48
N LEU D 245 40.43 78.32 -50.35
CA LEU D 245 40.39 79.21 -51.50
C LEU D 245 40.11 78.41 -52.77
N MET D 246 39.99 79.12 -53.89
CA MET D 246 39.71 78.50 -55.17
C MET D 246 40.94 77.80 -55.74
N ARG D 247 44.04 77.92 -65.65
CA ARG D 247 45.28 77.69 -64.91
C ARG D 247 45.78 76.27 -65.21
N ARG D 248 45.64 75.87 -66.47
CA ARG D 248 45.96 74.49 -66.87
C ARG D 248 47.45 74.21 -66.89
N LEU D 249 48.28 75.23 -67.18
CA LEU D 249 49.72 75.02 -67.24
C LEU D 249 50.38 74.65 -65.91
N PRO D 250 50.15 75.33 -64.78
CA PRO D 250 50.79 74.85 -63.54
C PRO D 250 50.03 73.75 -62.80
N ILE D 251 49.06 73.09 -63.43
CA ILE D 251 48.42 71.92 -62.85
C ILE D 251 48.64 70.68 -63.71
N TYR D 252 49.34 70.80 -64.83
CA TYR D 252 49.58 69.68 -65.73
C TYR D 252 51.07 69.52 -66.13
N GLU D 253 52.07 69.46 -65.23
CA GLU D 253 52.24 69.63 -63.76
C GLU D 253 51.36 68.84 -62.79
N THR D 254 50.75 69.53 -61.82
CA THR D 254 50.44 68.99 -60.50
C THR D 254 49.24 68.04 -60.48
N ILE D 255 48.84 67.45 -61.59
CA ILE D 255 48.33 66.08 -61.52
C ILE D 255 49.48 65.13 -61.20
N SER D 256 50.62 65.34 -61.87
CA SER D 256 51.84 64.63 -61.52
C SER D 256 52.40 65.16 -60.20
N SER D 257 53.41 64.46 -59.69
CA SER D 257 54.03 64.57 -58.37
C SER D 257 53.05 64.24 -57.25
N TRP D 258 51.86 63.72 -57.56
CA TRP D 258 50.89 63.26 -56.59
C TRP D 258 50.63 61.77 -56.79
N ILE D 259 51.61 61.10 -57.37
CA ILE D 259 51.41 59.83 -58.06
C ILE D 259 52.22 58.67 -57.47
N SER D 260 53.54 58.80 -57.18
CA SER D 260 54.55 59.87 -56.87
C SER D 260 54.24 60.63 -55.58
N THR D 261 53.12 60.28 -54.95
CA THR D 261 52.66 60.62 -53.61
C THR D 261 51.43 59.76 -53.39
N SER D 262 51.28 59.24 -52.16
CA SER D 262 50.21 58.36 -51.68
C SER D 262 50.24 56.96 -52.29
N SER D 263 51.10 56.70 -53.28
CA SER D 263 51.39 55.35 -53.74
C SER D 263 52.83 54.95 -53.54
N ARG D 264 53.76 55.92 -53.50
CA ARG D 264 55.04 55.64 -52.86
C ARG D 264 54.82 55.32 -51.39
N LEU D 265 53.96 56.06 -50.71
CA LEU D 265 53.51 55.65 -49.38
C LEU D 265 52.66 54.40 -49.46
N GLY D 266 51.85 54.28 -50.51
CA GLY D 266 51.08 53.07 -50.72
C GLY D 266 51.95 51.85 -50.96
N ASP D 267 53.11 52.03 -51.59
CA ASP D 267 54.06 50.94 -51.71
C ASP D 267 54.76 50.67 -50.39
N THR D 268 55.14 51.72 -49.66
CA THR D 268 55.90 51.49 -48.42
C THR D 268 55.01 51.00 -47.30
N LEU D 269 53.77 51.46 -47.23
CA LEU D 269 52.88 51.03 -46.14
C LEU D 269 52.22 49.72 -46.53
N GLY D 270 52.80 48.60 -46.10
CA GLY D 270 52.22 47.30 -46.34
C GLY D 270 52.78 46.59 -47.54
N THR D 271 53.39 45.42 -47.33
CA THR D 271 53.87 44.54 -48.38
C THR D 271 52.87 43.41 -48.55
N ARG D 272 53.25 42.41 -49.32
CA ARG D 272 52.43 41.24 -49.55
C ARG D 272 52.65 40.15 -48.50
N ALA D 273 53.22 40.52 -47.34
CA ALA D 273 53.43 39.70 -46.14
C ALA D 273 54.45 38.56 -46.33
N ILE D 274 55.07 38.16 -45.23
CA ILE D 274 56.15 37.18 -45.20
C ILE D 274 55.84 36.21 -44.06
N LEU D 275 56.21 34.93 -44.25
CA LEU D 275 56.42 33.93 -43.20
C LEU D 275 55.10 33.36 -42.67
N ARG D 276 55.12 32.11 -42.22
CA ARG D 276 53.90 31.38 -41.88
C ARG D 276 54.18 30.55 -40.63
N VAL D 277 53.19 30.44 -39.74
CA VAL D 277 53.44 30.03 -38.36
C VAL D 277 52.80 28.66 -38.16
N CYS D 278 52.92 27.80 -39.17
CA CYS D 278 52.53 26.40 -39.05
C CYS D 278 53.21 25.70 -37.88
N VAL D 279 52.43 25.36 -36.86
CA VAL D 279 52.93 24.71 -35.66
C VAL D 279 52.39 23.29 -35.63
N PHE D 280 53.23 22.35 -35.19
CA PHE D 280 52.86 20.95 -35.11
C PHE D 280 52.90 20.52 -33.65
N ASP D 281 51.73 20.07 -33.15
CA ASP D 281 51.55 19.61 -31.76
C ASP D 281 51.94 20.68 -30.75
N GLY D 282 51.62 21.94 -31.06
CA GLY D 282 52.00 23.04 -30.22
C GLY D 282 50.88 23.54 -29.33
N PRO D 283 51.11 24.66 -28.65
CA PRO D 283 50.06 25.22 -27.78
C PRO D 283 48.93 25.89 -28.54
N SER D 284 49.06 26.07 -29.85
CA SER D 284 48.10 26.73 -30.75
C SER D 284 47.85 28.19 -30.41
N THR D 285 48.70 28.80 -29.57
CA THR D 285 48.68 30.22 -29.29
C THR D 285 50.07 30.61 -28.84
N VAL D 286 50.49 31.82 -29.21
CA VAL D 286 51.85 32.28 -28.96
C VAL D 286 51.74 33.53 -28.11
N HIS D 287 52.04 33.41 -26.81
CA HIS D 287 52.18 34.56 -25.95
C HIS D 287 53.47 35.29 -26.31
N PRO D 288 53.55 36.60 -26.04
CA PRO D 288 54.77 37.35 -26.37
C PRO D 288 55.98 36.84 -25.60
N GLY D 289 57.03 36.49 -26.36
CA GLY D 289 58.22 35.91 -25.78
C GLY D 289 58.29 34.40 -25.81
N ASP D 290 57.56 33.75 -26.72
CA ASP D 290 57.53 32.31 -26.81
C ASP D 290 58.13 31.84 -28.12
N ARG D 291 58.64 30.60 -28.12
CA ARG D 291 59.28 30.01 -29.29
C ARG D 291 58.34 28.98 -29.92
N THR D 292 57.86 29.27 -31.14
CA THR D 292 57.09 28.32 -31.92
C THR D 292 57.61 28.29 -33.35
N ALA D 293 57.62 27.09 -33.93
CA ALA D 293 58.21 26.87 -35.24
C ALA D 293 57.39 27.53 -36.35
N VAL D 294 58.09 27.95 -37.40
CA VAL D 294 57.50 28.69 -38.51
C VAL D 294 57.95 28.08 -39.83
N ILE D 295 57.18 28.35 -40.89
CA ILE D 295 57.54 27.97 -42.25
C ILE D 295 57.44 29.19 -43.15
N GLN D 296 57.87 29.02 -44.39
CA GLN D 296 58.04 30.12 -45.33
C GLN D 296 56.86 30.23 -46.28
N VAL D 297 56.37 31.46 -46.45
CA VAL D 297 55.48 31.78 -47.56
C VAL D 297 55.99 33.03 -48.27
N ALA E 1 -8.36 -29.10 -50.89
CA ALA E 1 -7.19 -29.61 -50.17
C ALA E 1 -5.94 -28.85 -50.58
N MET E 2 -6.11 -27.91 -51.51
CA MET E 2 -4.99 -27.21 -52.13
C MET E 2 -5.10 -25.73 -51.82
N PRO E 3 -4.12 -25.11 -51.17
CA PRO E 3 -4.23 -23.66 -50.88
C PRO E 3 -4.20 -22.82 -52.15
N PHE E 4 -4.87 -21.66 -52.09
CA PHE E 4 -4.92 -20.74 -53.21
C PHE E 4 -3.90 -19.64 -52.96
N GLU E 5 -2.70 -19.80 -53.52
CA GLU E 5 -1.59 -18.88 -53.29
C GLU E 5 -1.60 -17.74 -54.29
N ILE E 6 -1.06 -16.60 -53.87
CA ILE E 6 -0.84 -15.43 -54.72
C ILE E 6 0.66 -15.22 -54.81
N GLU E 7 1.17 -15.08 -56.04
CA GLU E 7 2.61 -14.91 -56.29
C GLU E 7 2.81 -13.50 -56.86
N VAL E 8 3.07 -12.55 -55.97
CA VAL E 8 3.38 -11.18 -56.37
C VAL E 8 4.89 -11.07 -56.53
N LEU E 9 5.34 -10.81 -57.75
CA LEU E 9 6.76 -10.76 -58.05
C LEU E 9 7.34 -9.40 -57.67
N LEU E 10 8.53 -9.42 -57.08
CA LEU E 10 9.18 -8.20 -56.63
C LEU E 10 9.96 -7.57 -57.78
N PRO E 11 9.64 -6.34 -58.17
CA PRO E 11 10.44 -5.65 -59.19
C PRO E 11 11.67 -4.98 -58.57
N GLY E 12 12.58 -4.57 -59.45
CA GLY E 12 13.83 -3.99 -59.05
C GLY E 12 15.01 -4.66 -59.74
N GLU E 13 16.19 -4.02 -59.66
CA GLU E 13 16.70 -2.73 -59.06
C GLU E 13 16.22 -2.18 -57.70
N ILE E 14 16.08 -3.08 -56.72
CA ILE E 14 15.62 -2.67 -55.40
C ILE E 14 16.75 -1.98 -54.64
N SER E 15 16.37 -1.09 -53.72
CA SER E 15 17.33 -0.53 -52.79
C SER E 15 17.75 -1.61 -51.80
N PRO E 16 18.99 -1.55 -51.29
CA PRO E 16 19.48 -2.60 -50.37
C PRO E 16 18.70 -2.72 -49.07
N ALA E 17 18.18 -1.62 -48.54
CA ALA E 17 17.43 -1.67 -47.29
C ALA E 17 16.02 -2.24 -47.48
N GLU E 18 15.45 -2.09 -48.69
CA GLU E 18 14.05 -2.44 -48.89
C GLU E 18 13.83 -3.94 -48.85
N THR E 19 14.71 -4.73 -49.48
CA THR E 19 14.56 -6.18 -49.44
C THR E 19 14.81 -6.74 -48.05
N SER E 20 15.73 -6.12 -47.29
CA SER E 20 15.98 -6.55 -45.92
C SER E 20 14.80 -6.24 -45.01
N ALA E 21 14.19 -5.07 -45.16
CA ALA E 21 13.01 -4.74 -44.36
C ALA E 21 11.80 -5.54 -44.81
N LEU E 22 11.76 -5.97 -46.08
CA LEU E 22 10.66 -6.81 -46.54
C LEU E 22 10.78 -8.22 -46.02
N GLN E 23 12.01 -8.77 -45.96
CA GLN E 23 12.18 -10.08 -45.35
C GLN E 23 12.17 -10.01 -43.84
N LYS E 24 12.28 -8.82 -43.26
CA LYS E 24 12.08 -8.66 -41.82
C LYS E 24 10.59 -8.73 -41.47
N CYS E 25 9.74 -8.05 -42.25
CA CYS E 25 8.32 -7.95 -41.96
C CYS E 25 7.59 -9.15 -42.55
N GLU E 26 7.77 -10.30 -41.92
CA GLU E 26 7.06 -11.52 -42.26
C GLU E 26 5.74 -11.58 -41.52
N GLY E 27 4.82 -12.40 -42.04
CA GLY E 27 3.58 -12.71 -41.37
C GLY E 27 2.65 -11.52 -41.14
N LYS E 28 2.41 -10.72 -42.16
CA LYS E 28 1.61 -9.53 -41.98
C LYS E 28 0.58 -9.40 -43.09
N ILE E 29 -0.61 -8.97 -42.70
CA ILE E 29 -1.77 -8.91 -43.58
C ILE E 29 -1.61 -7.75 -44.57
N ILE E 30 -2.11 -7.96 -45.78
CA ILE E 30 -2.14 -6.95 -46.83
C ILE E 30 -3.45 -7.18 -47.57
N THR E 31 -3.89 -6.19 -48.34
CA THR E 31 -5.17 -6.28 -49.02
C THR E 31 -5.00 -6.16 -50.52
N PHE E 32 -5.59 -7.11 -51.24
CA PHE E 32 -5.58 -7.15 -52.69
C PHE E 32 -7.00 -7.34 -53.17
N SER E 33 -7.37 -6.61 -54.22
CA SER E 33 -8.69 -6.77 -54.82
C SER E 33 -8.57 -7.51 -56.14
N THR E 34 -9.62 -8.25 -56.49
CA THR E 34 -9.71 -9.11 -57.67
C THR E 34 -8.54 -10.09 -57.70
N LEU E 35 -8.61 -11.03 -56.75
CA LEU E 35 -7.51 -11.94 -56.44
C LEU E 35 -7.07 -12.74 -57.67
N ARG E 36 -5.77 -12.73 -57.91
CA ARG E 36 -5.23 -13.45 -59.06
C ARG E 36 -4.05 -14.30 -58.61
N HIS E 37 -3.75 -15.31 -59.41
CA HIS E 37 -2.59 -16.14 -59.15
C HIS E 37 -1.28 -15.39 -59.38
N ARG E 38 -1.23 -14.50 -60.37
CA ARG E 38 -0.07 -13.67 -60.68
C ARG E 38 -0.46 -12.20 -60.57
N ALA E 39 0.09 -11.51 -59.57
CA ALA E 39 -0.36 -10.17 -59.21
C ALA E 39 0.84 -9.23 -59.17
N SER E 40 0.52 -7.93 -59.25
CA SER E 40 1.52 -6.88 -59.30
C SER E 40 1.75 -6.27 -57.92
N LEU E 41 2.95 -5.72 -57.74
CA LEU E 41 3.26 -5.00 -56.51
C LEU E 41 2.43 -3.73 -56.39
N VAL E 42 2.20 -3.04 -57.52
CA VAL E 42 1.22 -1.96 -57.52
C VAL E 42 -0.15 -2.56 -57.29
N ASP E 43 -0.93 -1.91 -56.40
CA ASP E 43 -2.08 -2.44 -55.67
C ASP E 43 -1.65 -3.61 -54.77
N ILE E 44 -2.00 -3.50 -53.48
CA ILE E 44 -1.48 -4.04 -52.21
C ILE E 44 -0.62 -2.95 -51.57
N ALA E 45 -0.35 -1.89 -52.31
CA ALA E 45 0.49 -0.81 -51.83
C ALA E 45 -0.36 0.34 -51.30
N LEU E 46 0.31 1.42 -50.93
CA LEU E 46 -0.39 2.67 -50.66
C LEU E 46 -1.01 3.24 -51.93
N SER E 47 -0.49 2.87 -53.09
CA SER E 47 -1.14 3.18 -54.36
C SER E 47 -2.47 2.43 -54.47
N SER E 48 -3.38 3.02 -55.24
CA SER E 48 -4.72 2.53 -55.59
C SER E 48 -5.67 2.44 -54.40
N TYR E 49 -5.27 2.92 -53.22
CA TYR E 49 -6.20 3.00 -52.10
C TYR E 49 -6.94 4.33 -52.03
N TYR E 50 -6.51 5.31 -52.83
CA TYR E 50 -6.93 6.69 -52.66
C TYR E 50 -8.37 6.92 -53.12
N ILE E 51 -8.93 8.03 -52.64
CA ILE E 51 -10.09 8.67 -53.25
C ILE E 51 -9.48 9.54 -54.36
N ASN E 52 -10.30 10.07 -55.27
CA ASN E 52 -9.80 10.82 -56.42
C ASN E 52 -9.00 12.06 -56.02
N GLY E 53 -7.69 12.01 -56.25
CA GLY E 53 -6.78 13.04 -55.82
C GLY E 53 -6.17 12.81 -54.46
N ALA E 54 -7.00 12.91 -53.40
CA ALA E 54 -6.52 12.89 -52.03
C ALA E 54 -6.13 11.49 -51.58
N PRO E 55 -5.09 11.37 -50.77
CA PRO E 55 -4.78 10.09 -50.10
C PRO E 55 -5.85 9.76 -49.07
N PRO E 56 -6.05 8.48 -48.74
CA PRO E 56 -7.14 8.12 -47.82
C PRO E 56 -6.85 8.56 -46.39
N ASP E 57 -7.92 8.98 -45.71
CA ASP E 57 -7.89 9.20 -44.28
C ASP E 57 -8.19 7.88 -43.57
N THR E 58 -8.30 7.93 -42.24
CA THR E 58 -8.68 6.73 -41.51
C THR E 58 -10.13 6.35 -41.79
N LEU E 59 -11.04 7.34 -41.78
CA LEU E 59 -12.47 7.05 -41.99
C LEU E 59 -12.73 6.51 -43.38
N SER E 60 -12.06 7.05 -44.40
CA SER E 60 -12.14 6.48 -45.74
C SER E 60 -11.54 5.08 -45.80
N LEU E 61 -10.46 4.85 -45.07
CA LEU E 61 -9.79 3.56 -45.18
C LEU E 61 -10.58 2.45 -44.48
N LEU E 62 -11.53 2.81 -43.58
CA LEU E 62 -12.49 1.83 -43.09
C LEU E 62 -13.32 1.21 -44.22
N GLU E 63 -13.94 2.02 -45.08
CA GLU E 63 -14.67 1.38 -46.17
C GLU E 63 -13.76 0.92 -47.30
N ALA E 64 -12.51 1.40 -47.35
CA ALA E 64 -11.56 0.80 -48.29
C ALA E 64 -11.21 -0.63 -47.86
N TYR E 65 -11.14 -0.86 -46.55
CA TYR E 65 -10.90 -2.19 -46.00
C TYR E 65 -12.17 -3.02 -45.85
N ARG E 66 -13.34 -2.39 -45.94
CA ARG E 66 -14.59 -3.14 -45.98
C ARG E 66 -14.65 -4.00 -47.24
N MET E 67 -14.26 -3.43 -48.36
CA MET E 67 -14.06 -4.19 -49.58
C MET E 67 -12.66 -4.80 -49.57
N ARG E 68 -12.24 -5.35 -50.72
CA ARG E 68 -10.96 -6.01 -50.96
C ARG E 68 -10.77 -7.28 -50.14
N PHE E 69 -9.72 -8.04 -50.43
CA PHE E 69 -9.52 -9.36 -49.86
C PHE E 69 -8.17 -9.44 -49.17
N ALA E 70 -8.14 -10.11 -48.02
CA ALA E 70 -6.95 -10.13 -47.18
C ALA E 70 -6.04 -11.28 -47.56
N ALA E 71 -4.76 -10.99 -47.77
CA ALA E 71 -3.72 -11.98 -48.05
C ALA E 71 -2.53 -11.69 -47.16
N VAL E 72 -1.89 -12.73 -46.63
CA VAL E 72 -0.77 -12.56 -45.72
C VAL E 72 0.51 -13.04 -46.40
N ILE E 73 1.58 -12.25 -46.24
CA ILE E 73 2.88 -12.62 -46.76
C ILE E 73 3.52 -13.61 -45.80
N THR E 74 3.88 -14.79 -46.31
CA THR E 74 4.41 -15.86 -45.48
C THR E 74 5.90 -16.09 -45.66
N ARG E 75 6.36 -16.29 -46.89
CA ARG E 75 7.77 -16.55 -47.17
C ARG E 75 8.30 -15.53 -48.17
N VAL E 76 9.50 -15.03 -47.93
CA VAL E 76 10.11 -13.97 -48.73
C VAL E 76 11.46 -14.47 -49.24
N ILE E 77 11.65 -14.44 -50.55
CA ILE E 77 12.87 -14.84 -51.25
C ILE E 77 13.32 -13.46 -51.74
N PRO E 78 14.48 -13.24 -52.41
CA PRO E 78 14.70 -11.91 -53.02
C PRO E 78 13.62 -11.41 -53.98
N GLY E 79 13.26 -12.13 -55.03
CA GLY E 79 12.05 -11.67 -55.70
C GLY E 79 10.93 -12.67 -55.91
N LYS E 80 9.95 -12.62 -55.00
CA LYS E 80 8.51 -12.91 -55.08
C LYS E 80 7.96 -12.80 -53.66
N LEU E 81 6.66 -12.94 -53.48
CA LEU E 81 6.11 -13.11 -52.14
C LEU E 81 4.97 -14.12 -52.20
N LEU E 82 4.90 -14.94 -51.16
CA LEU E 82 3.86 -15.97 -51.03
C LEU E 82 2.66 -15.39 -50.29
N ALA E 83 1.47 -15.57 -50.87
CA ALA E 83 0.25 -15.18 -50.18
C ALA E 83 -0.78 -16.29 -50.32
N HIS E 84 -1.86 -16.15 -49.56
CA HIS E 84 -2.98 -17.08 -49.60
C HIS E 84 -4.26 -16.27 -49.74
N ALA E 85 -5.40 -16.93 -49.53
CA ALA E 85 -6.69 -16.35 -49.95
C ALA E 85 -7.09 -15.10 -49.14
N ILE E 86 -6.98 -15.07 -47.80
CA ILE E 86 -6.95 -16.15 -46.79
C ILE E 86 -8.38 -16.42 -46.35
N GLY E 87 -9.21 -15.36 -46.41
CA GLY E 87 -10.59 -15.45 -45.97
C GLY E 87 -11.51 -16.16 -46.94
N VAL E 88 -11.14 -16.21 -48.21
CA VAL E 88 -11.83 -17.07 -49.16
C VAL E 88 -11.53 -18.51 -48.79
N GLY E 89 -12.58 -19.34 -48.75
CA GLY E 89 -12.49 -20.70 -48.24
C GLY E 89 -11.53 -21.61 -48.99
N THR E 90 -10.41 -21.93 -48.33
CA THR E 90 -9.41 -22.86 -48.81
C THR E 90 -8.70 -23.41 -47.58
N PRO E 91 -8.27 -24.67 -47.59
CA PRO E 91 -7.54 -25.20 -46.44
C PRO E 91 -6.04 -24.96 -46.54
N THR E 92 -5.45 -24.32 -45.52
CA THR E 92 -4.01 -24.09 -45.50
C THR E 92 -3.51 -23.93 -44.07
N PRO E 93 -2.41 -24.59 -43.71
CA PRO E 93 -1.75 -24.34 -42.44
C PRO E 93 -0.68 -23.27 -42.58
N GLY E 94 -0.22 -22.72 -41.44
CA GLY E 94 -0.87 -22.79 -40.13
C GLY E 94 -0.87 -21.71 -39.04
N LEU E 95 -0.83 -20.39 -39.30
CA LEU E 95 -0.93 -19.73 -40.59
C LEU E 95 0.20 -18.73 -40.80
N PHE E 96 1.02 -18.58 -39.76
CA PHE E 96 2.22 -17.74 -39.74
C PHE E 96 1.88 -16.27 -40.04
N ILE E 97 1.17 -15.65 -39.08
CA ILE E 97 0.99 -14.21 -39.09
C ILE E 97 1.64 -13.65 -37.83
N GLN E 98 2.08 -12.40 -37.89
CA GLN E 98 2.79 -11.77 -36.80
C GLN E 98 1.98 -10.64 -36.19
N ASN E 99 2.15 -10.44 -34.89
CA ASN E 99 1.45 -9.38 -34.19
C ASN E 99 2.04 -8.02 -34.54
N THR E 100 1.16 -7.04 -34.76
CA THR E 100 1.54 -5.64 -34.87
C THR E 100 0.45 -4.83 -34.18
N SER E 101 0.63 -4.61 -32.88
CA SER E 101 -0.30 -3.93 -32.01
C SER E 101 0.44 -3.62 -30.71
N PRO E 102 0.16 -2.48 -30.06
CA PRO E 102 0.88 -2.14 -28.83
C PRO E 102 0.36 -2.83 -27.58
N VAL E 103 -0.46 -3.86 -27.71
CA VAL E 103 -1.18 -4.43 -26.58
C VAL E 103 -1.08 -5.96 -26.66
N ASP E 104 -1.34 -6.60 -25.52
CA ASP E 104 -1.48 -8.05 -25.47
C ASP E 104 -2.74 -8.49 -26.22
N LEU E 105 -2.62 -9.61 -26.93
CA LEU E 105 -3.71 -10.10 -27.78
C LEU E 105 -4.38 -11.36 -27.26
N CYS E 106 -3.72 -12.11 -26.36
CA CYS E 106 -4.25 -13.30 -25.70
C CYS E 106 -4.61 -14.42 -26.68
N ASN E 107 -5.32 -15.45 -26.20
CA ASN E 107 -5.69 -16.60 -27.00
C ASN E 107 -7.21 -16.66 -27.11
N GLY E 108 -7.69 -17.23 -28.21
CA GLY E 108 -9.10 -17.43 -28.41
C GLY E 108 -9.88 -16.19 -28.79
N ASP E 109 -9.21 -15.05 -28.95
CA ASP E 109 -9.89 -13.81 -29.27
C ASP E 109 -9.85 -13.57 -30.77
N TYR E 110 -10.99 -13.10 -31.31
CA TYR E 110 -11.04 -12.77 -32.73
C TYR E 110 -10.14 -11.59 -33.04
N ILE E 111 -9.44 -11.68 -34.16
CA ILE E 111 -8.53 -10.62 -34.59
C ILE E 111 -9.17 -9.86 -35.75
N CYS E 112 -9.15 -8.55 -35.65
CA CYS E 112 -9.76 -7.64 -36.60
C CYS E 112 -8.67 -6.72 -37.16
N LEU E 113 -9.03 -5.93 -38.16
CA LEU E 113 -8.08 -5.07 -38.86
C LEU E 113 -8.54 -3.62 -38.76
N LEU E 114 -7.60 -2.74 -38.42
CA LEU E 114 -7.88 -1.31 -38.45
C LEU E 114 -6.67 -0.60 -39.04
N PRO E 115 -6.83 0.62 -39.55
CA PRO E 115 -5.66 1.44 -39.92
C PRO E 115 -4.78 1.77 -38.72
N PRO E 116 -3.49 2.02 -38.94
CA PRO E 116 -2.63 2.46 -37.83
C PRO E 116 -3.07 3.81 -37.29
N VAL E 117 -3.65 3.80 -36.10
CA VAL E 117 -4.34 4.96 -35.57
C VAL E 117 -3.64 5.56 -34.34
N PHE E 118 -2.77 4.79 -33.68
CA PHE E 118 -1.98 5.36 -32.60
C PHE E 118 -0.86 6.25 -33.15
N GLY E 119 0.02 5.66 -33.97
CA GLY E 119 1.09 6.40 -34.62
C GLY E 119 1.24 5.97 -36.07
N SER E 120 2.45 5.57 -36.47
CA SER E 120 2.71 5.09 -37.81
C SER E 120 3.53 3.81 -37.75
N ALA E 121 2.94 2.72 -38.24
CA ALA E 121 3.63 1.44 -38.36
C ALA E 121 3.66 1.08 -39.83
N ASP E 122 4.81 1.27 -40.47
CA ASP E 122 4.89 1.17 -41.92
C ASP E 122 6.11 0.35 -42.32
N GLU E 123 6.01 -0.26 -43.50
CA GLU E 123 7.17 -0.75 -44.22
C GLU E 123 8.03 0.44 -44.63
N ILE E 124 9.35 0.22 -44.74
CA ILE E 124 10.25 1.28 -45.19
C ILE E 124 9.92 1.65 -46.64
N ARG E 125 10.23 2.89 -47.00
CA ARG E 125 9.84 3.44 -48.29
C ARG E 125 10.67 2.79 -49.39
N LEU E 126 9.98 2.17 -50.35
CA LEU E 126 10.65 1.58 -51.51
C LEU E 126 11.03 2.72 -52.44
N ASP E 127 12.22 3.29 -52.18
CA ASP E 127 12.70 4.45 -52.92
C ASP E 127 13.13 4.12 -54.34
N SER E 128 13.24 2.83 -54.68
CA SER E 128 13.55 2.45 -56.06
C SER E 128 12.41 2.83 -57.01
N VAL E 129 11.16 2.65 -56.58
CA VAL E 129 10.00 2.99 -57.38
C VAL E 129 9.10 4.01 -56.70
N GLY E 130 9.51 4.57 -55.57
CA GLY E 130 8.69 5.53 -54.85
C GLY E 130 7.42 4.95 -54.25
N LEU E 131 7.52 3.78 -53.62
CA LEU E 131 6.37 3.07 -53.09
C LEU E 131 6.54 2.85 -51.59
N GLU E 132 5.42 2.65 -50.91
CA GLU E 132 5.45 2.30 -49.50
C GLU E 132 4.21 1.46 -49.18
N ILE E 133 4.34 0.65 -48.13
CA ILE E 133 3.29 -0.29 -47.74
C ILE E 133 2.80 0.08 -46.35
N VAL E 134 1.49 0.23 -46.20
CA VAL E 134 0.86 0.48 -44.91
C VAL E 134 0.22 -0.81 -44.45
N PHE E 135 0.71 -1.36 -43.37
CA PHE E 135 0.17 -2.62 -42.87
C PHE E 135 -0.91 -2.35 -41.84
N PRO E 136 -2.05 -3.04 -41.94
CA PRO E 136 -3.15 -2.79 -40.98
C PRO E 136 -2.84 -3.39 -39.63
N LEU E 137 -3.13 -2.62 -38.58
CA LEU E 137 -2.96 -3.15 -37.23
C LEU E 137 -4.03 -4.19 -36.95
N THR E 138 -3.60 -5.32 -36.39
CA THR E 138 -4.53 -6.31 -35.88
C THR E 138 -5.03 -5.87 -34.51
N ILE E 139 -6.21 -6.33 -34.12
CA ILE E 139 -6.83 -5.83 -32.90
C ILE E 139 -7.73 -6.90 -32.30
N PRO E 140 -7.73 -7.10 -30.98
CA PRO E 140 -8.60 -8.10 -30.37
C PRO E 140 -10.07 -7.69 -30.46
N GLN E 141 -10.92 -8.71 -30.48
CA GLN E 141 -12.36 -8.48 -30.38
C GLN E 141 -12.67 -7.96 -28.98
N THR E 142 -13.65 -7.04 -28.91
CA THR E 142 -14.11 -6.23 -27.78
C THR E 142 -13.09 -5.14 -27.41
N LEU E 143 -11.93 -5.14 -28.07
CA LEU E 143 -11.07 -3.97 -28.09
C LEU E 143 -11.22 -3.28 -29.43
N MET E 144 -11.47 -4.06 -30.49
CA MET E 144 -12.24 -3.58 -31.61
C MET E 144 -13.71 -3.50 -31.20
N ARG E 145 -14.49 -2.76 -31.99
CA ARG E 145 -15.89 -2.37 -31.80
C ARG E 145 -16.06 -1.36 -30.66
N GLU E 146 -14.98 -0.97 -29.98
CA GLU E 146 -14.97 0.17 -29.10
C GLU E 146 -13.97 1.24 -29.53
N ILE E 147 -13.11 0.95 -30.51
CA ILE E 147 -12.32 2.00 -31.13
C ILE E 147 -13.09 2.61 -32.30
N ILE E 148 -13.70 1.77 -33.12
CA ILE E 148 -14.61 2.25 -34.16
C ILE E 148 -15.83 2.86 -33.48
N ALA E 149 -16.41 3.88 -34.13
CA ALA E 149 -17.56 4.69 -33.73
C ALA E 149 -17.24 5.63 -32.57
N LYS E 150 -16.02 5.56 -32.02
CA LYS E 150 -15.44 6.77 -31.47
C LYS E 150 -15.19 7.78 -32.58
N VAL E 151 -14.62 7.29 -33.69
CA VAL E 151 -14.36 8.10 -34.86
C VAL E 151 -15.66 8.57 -35.51
N VAL E 152 -16.70 7.74 -35.50
CA VAL E 152 -17.97 8.15 -36.08
C VAL E 152 -18.69 9.12 -35.16
N ALA E 153 -18.54 8.98 -33.84
CA ALA E 153 -19.11 9.96 -32.92
C ALA E 153 -18.43 11.32 -33.06
N ARG E 154 -17.10 11.31 -33.26
CA ARG E 154 -16.41 12.56 -33.54
C ARG E 154 -16.78 13.11 -34.92
N ALA E 155 -17.10 12.23 -35.88
CA ALA E 155 -17.59 12.70 -37.17
C ALA E 155 -19.00 13.26 -37.08
N VAL E 156 -19.79 12.79 -36.11
CA VAL E 156 -21.09 13.41 -35.83
C VAL E 156 -20.92 14.78 -35.20
N GLU E 157 -19.99 14.89 -34.24
CA GLU E 157 -19.84 16.13 -33.48
C GLU E 157 -19.28 17.27 -34.32
N ARG E 158 -18.74 16.99 -35.50
CA ARG E 158 -18.35 18.03 -36.45
C ARG E 158 -19.16 17.91 -37.72
N THR E 159 -19.22 19.03 -38.45
CA THR E 159 -19.93 19.19 -39.73
C THR E 159 -21.41 18.76 -39.68
N ALA E 160 -22.27 19.47 -38.91
CA ALA E 160 -22.16 20.28 -37.65
C ALA E 160 -21.07 21.35 -37.47
N ALA E 161 -21.10 22.40 -38.29
CA ALA E 161 -20.06 23.42 -38.24
C ALA E 161 -20.15 24.21 -36.94
N GLY E 162 -19.01 24.34 -36.26
CA GLY E 162 -18.95 25.03 -34.98
C GLY E 162 -17.94 24.43 -34.02
N ARG E 163 -20.37 26.89 -31.22
CA ARG E 163 -21.29 27.58 -30.31
C ARG E 163 -21.11 27.08 -28.89
N THR E 164 -21.05 25.75 -28.74
CA THR E 164 -20.93 25.08 -27.45
C THR E 164 -19.47 24.97 -27.02
N PRO E 165 -19.22 24.85 -25.72
CA PRO E 165 -17.88 24.45 -25.26
C PRO E 165 -17.54 23.05 -25.76
N GLY E 166 -16.26 22.78 -26.00
CA GLY E 166 -15.12 23.61 -25.61
C GLY E 166 -14.07 23.86 -26.68
N GLU E 167 -12.85 23.39 -26.37
CA GLU E 167 -11.68 23.63 -27.21
C GLU E 167 -11.81 23.11 -28.66
N LEU E 168 -12.15 21.83 -28.91
CA LEU E 168 -12.66 20.71 -28.08
C LEU E 168 -12.14 19.36 -28.59
N PRO E 169 -12.16 18.31 -27.75
CA PRO E 169 -12.26 18.32 -26.26
C PRO E 169 -10.98 18.37 -25.40
N GLY E 170 -9.78 17.80 -25.63
CA GLY E 170 -9.42 16.93 -26.73
C GLY E 170 -8.36 15.88 -26.42
N ALA E 171 -8.39 14.75 -27.13
CA ALA E 171 -9.47 14.42 -28.06
C ALA E 171 -10.23 13.18 -27.63
N ASP E 172 -9.51 12.05 -27.51
CA ASP E 172 -10.10 10.77 -27.14
C ASP E 172 -9.03 9.88 -26.52
N VAL E 173 -9.43 9.15 -25.47
CA VAL E 173 -8.58 8.20 -24.78
C VAL E 173 -9.28 6.84 -24.84
N ILE E 174 -8.51 5.77 -25.09
CA ILE E 174 -9.11 4.45 -25.19
C ILE E 174 -9.61 3.96 -23.82
N CYS E 175 -8.83 4.20 -22.76
CA CYS E 175 -9.12 3.76 -21.38
C CYS E 175 -9.40 2.25 -21.30
N TYR E 176 -8.44 1.45 -21.74
CA TYR E 176 -8.56 0.00 -21.66
C TYR E 176 -7.41 -0.54 -20.81
N ASN E 177 -7.76 -1.32 -19.80
CA ASN E 177 -6.84 -2.14 -18.98
C ASN E 177 -5.79 -1.23 -18.31
N GLY E 178 -4.57 -1.74 -18.15
CA GLY E 178 -3.48 -0.88 -17.75
C GLY E 178 -3.02 0.02 -18.88
N ARG E 179 -2.45 1.17 -18.49
CA ARG E 179 -1.93 2.21 -19.37
C ARG E 179 -2.97 2.81 -20.31
N ARG E 180 -2.55 3.78 -21.12
CA ARG E 180 -3.45 4.46 -22.05
C ARG E 180 -2.83 4.47 -23.44
N TYR E 181 -3.67 4.76 -24.43
CA TYR E 181 -3.23 5.01 -25.80
C TYR E 181 -4.00 6.18 -26.37
N GLU E 182 -3.37 6.89 -27.30
CA GLU E 182 -3.91 8.12 -27.86
C GLU E 182 -4.59 7.84 -29.20
N LEU E 183 -5.85 8.24 -29.30
CA LEU E 183 -6.59 8.07 -30.54
C LEU E 183 -6.36 9.28 -31.45
N GLU E 184 -5.82 9.04 -32.64
CA GLU E 184 -5.47 10.10 -33.57
C GLU E 184 -6.33 9.97 -34.81
N THR E 185 -7.26 10.92 -35.00
CA THR E 185 -8.26 10.84 -36.05
C THR E 185 -8.04 11.94 -37.08
N ASN E 186 -8.16 11.58 -38.35
CA ASN E 186 -8.06 12.53 -39.45
C ASN E 186 -9.29 12.37 -40.33
N LEU E 187 -9.94 13.47 -40.67
CA LEU E 187 -11.19 13.45 -41.42
C LEU E 187 -11.06 14.30 -42.67
N GLN E 188 -11.46 13.73 -43.81
CA GLN E 188 -11.46 14.45 -45.08
C GLN E 188 -12.78 14.21 -45.79
N HIS E 189 -13.10 15.15 -46.70
CA HIS E 189 -14.28 15.16 -47.57
C HIS E 189 -15.60 15.22 -46.81
N ARG E 190 -16.71 15.34 -47.56
CA ARG E 190 -18.03 15.41 -46.97
C ARG E 190 -18.80 14.09 -47.12
N ASP E 191 -18.70 13.44 -48.28
CA ASP E 191 -19.34 12.14 -48.46
C ASP E 191 -18.64 11.05 -47.65
N GLY E 192 -17.38 11.24 -47.29
CA GLY E 192 -16.76 10.39 -46.29
C GLY E 192 -17.37 10.61 -44.91
N SER E 193 -17.63 11.88 -44.56
CA SER E 193 -18.35 12.17 -43.33
C SER E 193 -19.81 11.74 -43.43
N ASP E 194 -20.40 11.88 -44.61
CA ASP E 194 -21.74 11.39 -44.84
C ASP E 194 -21.74 9.87 -44.98
N ALA E 195 -22.96 9.30 -45.02
CA ALA E 195 -23.26 7.87 -45.16
C ALA E 195 -22.80 7.02 -43.98
N ALA E 196 -22.16 7.65 -42.97
CA ALA E 196 -21.94 6.96 -41.71
C ALA E 196 -23.11 7.19 -40.77
N ILE E 197 -23.61 8.43 -40.72
CA ILE E 197 -24.85 8.71 -40.00
C ILE E 197 -26.02 8.03 -40.69
N ARG E 198 -25.96 7.88 -42.01
CA ARG E 198 -27.01 7.18 -42.74
C ARG E 198 -27.00 5.69 -42.40
N THR E 199 -25.82 5.09 -42.27
CA THR E 199 -25.78 3.69 -41.85
C THR E 199 -26.17 3.53 -40.38
N LEU E 200 -25.90 4.55 -39.55
CA LEU E 200 -26.35 4.50 -38.16
C LEU E 200 -27.87 4.57 -38.07
N VAL E 201 -28.49 5.42 -38.89
CA VAL E 201 -29.95 5.47 -38.96
C VAL E 201 -30.50 4.18 -39.59
N LEU E 202 -29.77 3.59 -40.54
CA LEU E 202 -30.17 2.31 -41.14
C LEU E 202 -30.16 1.18 -40.12
N ASN E 203 -29.16 1.14 -39.24
CA ASN E 203 -29.17 0.17 -38.15
C ASN E 203 -30.29 0.48 -37.16
N LEU E 204 -30.67 1.75 -37.03
CA LEU E 204 -31.84 2.13 -36.27
C LEU E 204 -33.08 1.97 -37.15
N MET E 205 -34.26 2.35 -36.62
CA MET E 205 -35.55 2.39 -37.31
C MET E 205 -36.10 1.00 -37.69
N PHE E 206 -35.30 -0.04 -37.50
CA PHE E 206 -35.71 -1.42 -37.61
C PHE E 206 -35.43 -2.20 -36.34
N SER E 207 -34.57 -1.68 -35.47
CA SER E 207 -34.67 -1.97 -34.06
C SER E 207 -35.86 -1.23 -33.46
N ILE E 208 -36.30 -0.16 -34.12
CA ILE E 208 -37.50 0.57 -33.71
C ILE E 208 -38.68 0.09 -34.53
N ASN E 209 -39.69 -0.45 -33.83
CA ASN E 209 -40.91 -1.00 -34.42
C ASN E 209 -42.05 -0.74 -33.45
N GLU E 210 -43.15 -1.49 -33.60
CA GLU E 210 -44.19 -1.52 -32.58
C GLU E 210 -43.70 -2.19 -31.29
N GLY E 211 -42.59 -2.93 -31.37
CA GLY E 211 -41.89 -3.35 -30.16
C GLY E 211 -40.99 -2.27 -29.60
N THR E 212 -41.02 -1.08 -30.22
CA THR E 212 -40.40 0.09 -29.63
C THR E 212 -41.43 1.20 -29.42
N THR E 213 -42.70 0.82 -29.28
CA THR E 213 -43.68 1.58 -28.51
C THR E 213 -44.30 0.72 -27.42
N LEU E 214 -43.95 -0.56 -27.42
CA LEU E 214 -44.22 -1.49 -26.34
C LEU E 214 -42.85 -1.99 -25.88
N ILE E 215 -42.56 -1.73 -24.59
CA ILE E 215 -41.26 -1.60 -23.89
C ILE E 215 -40.86 -0.12 -24.10
N LEU E 216 -41.85 0.68 -24.52
CA LEU E 216 -41.95 2.11 -24.24
C LEU E 216 -43.21 2.36 -23.41
N THR E 217 -43.54 1.33 -22.63
CA THR E 217 -44.69 1.33 -21.74
C THR E 217 -44.37 1.95 -20.40
N LEU E 218 -41.19 2.14 -19.52
CA LEU E 218 -40.80 1.20 -18.47
C LEU E 218 -39.40 1.53 -17.96
N ILE E 219 -39.11 2.82 -17.87
CA ILE E 219 -37.84 3.28 -17.33
C ILE E 219 -37.76 2.99 -15.84
N THR E 220 -38.92 3.01 -15.15
CA THR E 220 -38.94 2.86 -13.69
C THR E 220 -38.52 1.47 -13.22
N ARG E 221 -38.73 0.43 -14.03
CA ARG E 221 -38.28 -0.91 -13.66
C ARG E 221 -36.77 -0.98 -13.54
N LEU E 222 -36.06 -0.49 -14.55
CA LEU E 222 -34.60 -0.40 -14.52
C LEU E 222 -34.09 0.59 -13.48
N LEU E 223 -34.75 1.73 -13.31
CA LEU E 223 -34.30 2.70 -12.30
C LEU E 223 -34.47 2.18 -10.88
N VAL E 224 -35.50 1.36 -10.62
CA VAL E 224 -35.60 0.71 -9.31
C VAL E 224 -34.59 -0.41 -9.17
N GLN E 225 -34.44 -1.25 -10.22
CA GLN E 225 -33.63 -2.46 -10.09
C GLN E 225 -32.13 -2.16 -10.09
N GLY E 226 -31.70 -1.05 -10.71
CA GLY E 226 -30.28 -0.76 -10.77
C GLY E 226 -29.67 -0.41 -9.44
N ALA E 227 -30.39 0.39 -8.62
CA ALA E 227 -29.85 0.81 -7.34
C ALA E 227 -29.79 -0.35 -6.35
N HIS E 228 -30.88 -1.10 -6.22
CA HIS E 228 -30.98 -2.15 -5.20
C HIS E 228 -30.50 -3.50 -5.73
N ASP E 229 -29.32 -3.53 -6.32
CA ASP E 229 -28.70 -4.75 -6.84
C ASP E 229 -27.22 -4.51 -7.04
N GLY E 230 -26.43 -5.57 -6.82
CA GLY E 230 -25.02 -5.52 -7.18
C GLY E 230 -24.80 -5.57 -8.67
N TYR E 231 -25.61 -6.36 -9.38
CA TYR E 231 -25.64 -6.35 -10.83
C TYR E 231 -26.67 -5.31 -11.30
N VAL E 232 -27.18 -5.47 -12.52
CA VAL E 232 -28.04 -4.56 -13.29
C VAL E 232 -27.13 -3.37 -13.64
N ASN E 233 -25.84 -3.67 -13.78
CA ASN E 233 -24.84 -2.63 -14.07
C ASN E 233 -23.56 -3.36 -14.49
N LEU E 234 -23.08 -3.18 -15.73
CA LEU E 234 -23.68 -2.36 -16.78
C LEU E 234 -24.39 -3.25 -17.80
N LEU E 235 -25.30 -2.75 -18.65
CA LEU E 235 -26.17 -1.55 -18.56
C LEU E 235 -25.60 -0.13 -18.37
N ILE E 236 -25.99 0.53 -17.28
CA ILE E 236 -25.74 1.96 -17.10
C ILE E 236 -24.25 2.24 -16.95
N GLN E 237 -23.85 3.45 -17.34
CA GLN E 237 -22.44 3.78 -17.49
C GLN E 237 -22.20 5.18 -16.94
N THR E 238 -21.05 5.75 -17.31
CA THR E 238 -20.65 7.07 -16.82
C THR E 238 -21.59 8.15 -17.33
N ALA E 239 -21.65 8.31 -18.66
CA ALA E 239 -22.59 9.22 -19.30
C ALA E 239 -23.75 8.40 -19.83
N ASN E 240 -24.97 8.80 -19.46
CA ASN E 240 -26.15 7.99 -19.68
C ASN E 240 -27.26 8.81 -20.31
N CYS E 241 -27.89 8.24 -21.34
CA CYS E 241 -29.23 8.65 -21.76
C CYS E 241 -30.30 7.87 -21.00
N VAL E 242 -29.92 7.21 -19.93
CA VAL E 242 -30.84 6.46 -19.07
C VAL E 242 -31.20 7.27 -17.84
N ARG E 243 -30.20 7.88 -17.20
CA ARG E 243 -30.46 8.76 -16.07
C ARG E 243 -31.12 10.06 -16.51
N GLU E 244 -30.78 10.55 -17.69
CA GLU E 244 -31.49 11.66 -18.32
C GLU E 244 -32.55 11.10 -19.26
N THR E 245 -33.78 11.60 -19.09
CA THR E 245 -35.16 11.15 -19.36
C THR E 245 -35.65 10.22 -18.23
N GLY E 246 -34.81 9.82 -17.30
CA GLY E 246 -35.24 9.07 -16.14
C GLY E 246 -35.80 9.91 -15.02
N GLN E 247 -35.77 11.23 -15.17
CA GLN E 247 -36.30 12.14 -14.18
C GLN E 247 -37.06 13.28 -14.85
N PRO E 248 -50.48 3.86 -18.99
CA PRO E 248 -49.75 3.97 -20.26
C PRO E 248 -49.31 2.61 -20.80
N MET E 249 -50.21 1.64 -20.77
CA MET E 249 -49.85 0.29 -21.18
C MET E 249 -49.46 0.10 -22.66
N PRO E 250 -49.92 0.90 -23.67
CA PRO E 250 -51.06 1.81 -23.83
C PRO E 250 -52.14 1.21 -24.72
N ARG E 251 -52.15 -0.12 -24.85
CA ARG E 251 -53.05 -0.88 -25.72
C ARG E 251 -52.91 -0.43 -27.18
N ILE E 252 -51.71 -0.60 -27.72
CA ILE E 252 -51.38 -0.19 -29.08
C ILE E 252 -51.18 -1.39 -30.00
N GLN E 253 -50.96 -2.58 -29.44
CA GLN E 253 -50.87 -3.79 -30.25
C GLN E 253 -52.22 -4.14 -30.85
N ASP E 254 -52.23 -4.40 -32.15
CA ASP E 254 -53.46 -4.58 -32.91
C ASP E 254 -53.70 -6.06 -33.17
N GLY E 255 -54.94 -6.51 -32.94
CA GLY E 255 -55.34 -7.87 -33.21
C GLY E 255 -55.14 -8.85 -32.07
N HIS E 256 -54.33 -8.47 -31.07
CA HIS E 256 -54.05 -9.26 -29.86
C HIS E 256 -53.42 -10.63 -30.17
N ARG E 257 -52.82 -10.78 -31.35
CA ARG E 257 -52.14 -12.02 -31.73
C ARG E 257 -51.08 -11.66 -32.77
N ARG E 258 -49.84 -11.56 -32.32
CA ARG E 258 -48.72 -11.24 -33.22
C ARG E 258 -47.63 -12.31 -33.25
N PHE E 259 -47.09 -12.83 -32.12
CA PHE E 259 -47.23 -12.45 -30.70
C PHE E 259 -46.26 -11.32 -30.36
N PRO E 260 -46.65 -10.44 -29.42
CA PRO E 260 -45.75 -9.35 -29.02
C PRO E 260 -44.52 -9.86 -28.29
N ILE E 261 -43.49 -9.01 -28.30
CA ILE E 261 -42.14 -9.07 -27.70
C ILE E 261 -41.25 -10.06 -28.48
N TYR E 262 -41.87 -11.00 -29.20
CA TYR E 262 -41.11 -11.84 -30.12
C TYR E 262 -40.54 -11.01 -31.27
N GLU E 263 -41.34 -10.06 -31.75
CA GLU E 263 -40.88 -9.18 -32.81
C GLU E 263 -39.86 -8.16 -32.30
N ALA E 264 -39.90 -7.84 -31.00
CA ALA E 264 -38.95 -6.89 -30.44
C ALA E 264 -37.53 -7.44 -30.46
N ILE E 265 -37.37 -8.70 -30.05
CA ILE E 265 -36.08 -9.37 -30.20
C ILE E 265 -36.15 -10.39 -31.34
N SER E 266 -35.82 -9.92 -32.54
CA SER E 266 -35.86 -10.66 -33.80
C SER E 266 -35.30 -9.74 -34.86
N SER E 267 -35.99 -8.61 -35.06
CA SER E 267 -35.47 -7.55 -35.89
C SER E 267 -34.28 -6.85 -35.23
N TRP E 268 -34.16 -6.96 -33.89
CA TRP E 268 -32.95 -6.48 -33.23
C TRP E 268 -31.75 -7.31 -33.67
N ILE E 269 -31.88 -8.64 -33.66
CA ILE E 269 -30.72 -9.46 -33.99
C ILE E 269 -30.66 -9.66 -35.49
N SER E 270 -30.35 -8.57 -36.18
CA SER E 270 -30.02 -8.32 -37.58
C SER E 270 -29.92 -6.81 -37.65
N THR E 271 -29.24 -6.31 -38.69
CA THR E 271 -29.13 -4.87 -38.99
C THR E 271 -28.60 -4.03 -37.83
N SER E 272 -29.44 -3.85 -36.80
CA SER E 272 -28.98 -3.22 -35.56
C SER E 272 -27.89 -4.03 -34.89
N SER E 273 -28.05 -5.35 -34.86
CA SER E 273 -26.94 -6.22 -34.48
C SER E 273 -25.90 -6.24 -35.60
N ARG E 274 -24.72 -6.78 -35.25
CA ARG E 274 -23.45 -6.72 -35.99
C ARG E 274 -23.22 -5.37 -36.69
N LEU E 275 -23.53 -4.28 -35.96
CA LEU E 275 -23.48 -2.94 -36.54
C LEU E 275 -22.05 -2.51 -36.81
N GLY E 276 -21.10 -2.98 -35.98
CA GLY E 276 -19.70 -2.72 -36.26
C GLY E 276 -19.14 -3.53 -37.40
N ASP E 277 -19.78 -4.66 -37.72
CA ASP E 277 -19.41 -5.38 -38.94
C ASP E 277 -19.93 -4.67 -40.18
N THR E 278 -20.97 -3.84 -40.05
CA THR E 278 -21.47 -3.04 -41.15
C THR E 278 -20.67 -1.76 -41.32
N LEU E 279 -20.44 -1.04 -40.22
CA LEU E 279 -19.63 0.17 -40.28
C LEU E 279 -18.14 -0.14 -40.43
N GLY E 280 -17.74 -1.38 -40.19
CA GLY E 280 -16.35 -1.79 -40.36
C GLY E 280 -16.22 -3.14 -41.05
N THR E 281 -15.33 -3.97 -40.55
CA THR E 281 -15.03 -5.25 -41.19
C THR E 281 -15.53 -6.42 -40.35
N ARG E 282 -15.93 -7.50 -41.04
CA ARG E 282 -16.40 -8.69 -40.34
C ARG E 282 -15.26 -9.38 -39.58
N ALA E 283 -14.08 -9.49 -40.21
CA ALA E 283 -12.78 -9.43 -39.54
C ALA E 283 -12.55 -10.56 -38.53
N ILE E 284 -12.35 -11.84 -38.93
CA ILE E 284 -12.16 -12.68 -40.18
C ILE E 284 -11.35 -13.92 -39.75
N LEU E 285 -10.53 -13.79 -38.69
CA LEU E 285 -9.62 -14.84 -38.25
C LEU E 285 -9.64 -14.95 -36.74
N ARG E 286 -9.11 -16.07 -36.23
CA ARG E 286 -9.05 -16.37 -34.80
C ARG E 286 -7.71 -16.97 -34.42
N VAL E 287 -7.19 -16.56 -33.28
CA VAL E 287 -5.88 -16.98 -32.80
C VAL E 287 -6.04 -18.32 -32.07
N CYS E 288 -5.09 -19.23 -32.30
CA CYS E 288 -5.09 -20.57 -31.72
C CYS E 288 -3.71 -21.18 -31.79
N VAL E 289 -3.10 -21.43 -30.64
CA VAL E 289 -1.82 -22.11 -30.58
C VAL E 289 -2.06 -23.52 -30.06
N PHE E 290 -1.43 -24.50 -30.71
CA PHE E 290 -1.54 -25.89 -30.26
C PHE E 290 -0.66 -26.11 -29.04
N ASP E 291 0.65 -25.98 -29.21
CA ASP E 291 1.60 -26.06 -28.11
C ASP E 291 2.50 -24.83 -28.16
N GLY E 292 2.36 -23.96 -27.17
CA GLY E 292 3.13 -22.74 -27.12
C GLY E 292 2.66 -21.80 -26.03
N PRO E 293 3.22 -20.60 -25.99
CA PRO E 293 2.92 -19.69 -24.88
C PRO E 293 1.60 -18.98 -25.09
N SER E 294 0.79 -18.95 -24.04
CA SER E 294 -0.41 -18.14 -24.06
C SER E 294 -0.04 -16.67 -23.94
N THR E 295 -1.00 -15.80 -24.33
CA THR E 295 -0.90 -14.35 -24.47
C THR E 295 0.13 -13.92 -25.53
N VAL E 296 -0.24 -12.94 -26.34
CA VAL E 296 0.55 -12.55 -27.50
C VAL E 296 1.14 -11.17 -27.25
N HIS E 297 2.46 -11.10 -27.19
CA HIS E 297 3.18 -9.85 -27.04
C HIS E 297 3.14 -9.05 -28.34
N PRO E 298 3.42 -7.75 -28.28
CA PRO E 298 3.67 -6.98 -29.52
C PRO E 298 4.82 -7.58 -30.33
N GLY E 299 4.49 -8.07 -31.51
CA GLY E 299 5.48 -8.74 -32.34
C GLY E 299 5.77 -10.16 -31.95
N ASP E 300 4.91 -10.81 -31.17
CA ASP E 300 5.14 -12.19 -30.78
C ASP E 300 4.78 -13.14 -31.91
N ARG E 301 5.26 -14.38 -31.78
CA ARG E 301 5.09 -15.41 -32.80
C ARG E 301 4.19 -16.52 -32.27
N THR E 302 2.98 -16.61 -32.81
CA THR E 302 2.00 -17.62 -32.42
C THR E 302 1.29 -18.16 -33.66
N ALA E 303 0.41 -19.12 -33.46
CA ALA E 303 -0.36 -19.73 -34.54
C ALA E 303 -1.81 -19.25 -34.53
N VAL E 304 -2.43 -19.28 -35.71
CA VAL E 304 -3.75 -18.70 -35.97
C VAL E 304 -4.54 -19.65 -36.89
N ILE E 305 -5.83 -19.84 -36.58
CA ILE E 305 -6.72 -20.68 -37.37
C ILE E 305 -7.75 -19.79 -38.07
N GLN E 306 -8.38 -20.35 -39.11
CA GLN E 306 -9.40 -19.63 -39.88
C GLN E 306 -10.79 -19.87 -39.30
N VAL E 307 -11.55 -18.78 -39.15
CA VAL E 307 -12.95 -18.87 -38.78
C VAL E 307 -13.81 -18.11 -39.79
N ALA F 1 56.49 20.76 -56.81
CA ALA F 1 57.93 20.96 -56.66
C ALA F 1 58.61 20.99 -58.01
N MET F 2 57.85 21.33 -59.05
CA MET F 2 58.37 21.41 -60.40
C MET F 2 57.96 22.74 -61.01
N PRO F 3 58.85 23.43 -61.71
CA PRO F 3 58.46 24.68 -62.37
C PRO F 3 57.51 24.45 -63.52
N PHE F 4 56.70 25.47 -63.81
CA PHE F 4 55.77 25.42 -64.92
C PHE F 4 56.51 25.80 -66.19
N GLU F 5 56.86 24.79 -66.99
CA GLU F 5 57.64 24.98 -68.21
C GLU F 5 56.71 25.01 -69.41
N ILE F 6 56.89 25.99 -70.29
CA ILE F 6 56.04 26.15 -71.46
C ILE F 6 56.77 25.61 -72.68
N GLU F 7 56.12 24.69 -73.38
CA GLU F 7 56.69 24.00 -74.54
C GLU F 7 56.22 24.69 -75.82
N VAL F 8 56.71 25.92 -76.01
CA VAL F 8 56.33 26.70 -77.18
C VAL F 8 57.34 26.51 -78.30
N LEU F 9 56.82 26.26 -79.51
CA LEU F 9 57.59 25.79 -80.65
C LEU F 9 57.93 26.93 -81.59
N LEU F 10 58.82 26.65 -82.54
CA LEU F 10 59.21 27.61 -83.56
C LEU F 10 58.85 27.09 -84.94
N PRO F 11 57.76 27.54 -85.55
CA PRO F 11 57.41 27.09 -86.90
C PRO F 11 58.36 27.60 -87.97
N GLY F 12 58.67 26.71 -88.91
CA GLY F 12 59.63 26.98 -89.96
C GLY F 12 60.68 25.89 -90.03
N GLU F 13 61.66 26.04 -90.94
CA GLU F 13 62.03 27.10 -91.93
C GLU F 13 62.18 28.55 -91.41
N ILE F 14 62.83 28.67 -90.26
CA ILE F 14 63.17 29.98 -89.73
C ILE F 14 64.44 30.44 -90.45
N SER F 15 64.49 31.72 -90.80
CA SER F 15 65.71 32.28 -91.39
C SER F 15 66.85 32.20 -90.36
N PRO F 16 68.07 31.84 -90.80
CA PRO F 16 69.16 31.60 -89.85
C PRO F 16 69.60 32.82 -89.08
N ALA F 17 69.39 34.02 -89.61
CA ALA F 17 69.66 35.22 -88.84
C ALA F 17 68.64 35.38 -87.71
N GLU F 18 67.40 34.94 -87.93
CA GLU F 18 66.36 35.10 -86.92
C GLU F 18 66.62 34.20 -85.72
N THR F 19 67.17 33.00 -85.95
CA THR F 19 67.52 32.12 -84.83
C THR F 19 68.59 32.73 -83.95
N SER F 20 69.64 33.28 -84.56
CA SER F 20 70.71 33.93 -83.81
C SER F 20 70.20 35.17 -83.07
N ALA F 21 69.32 35.92 -83.72
CA ALA F 21 68.76 37.11 -83.10
C ALA F 21 67.82 36.76 -81.94
N LEU F 22 67.13 35.63 -82.03
CA LEU F 22 66.31 35.16 -80.92
C LEU F 22 67.19 34.68 -79.77
N GLN F 23 68.29 34.00 -80.09
CA GLN F 23 69.09 33.46 -78.99
C GLN F 23 70.07 34.46 -78.42
N LYS F 24 70.23 35.66 -78.99
CA LYS F 24 70.88 36.70 -78.20
C LYS F 24 69.87 37.37 -77.29
N CYS F 25 68.58 37.26 -77.61
CA CYS F 25 67.51 37.78 -76.77
C CYS F 25 67.19 36.73 -75.70
N GLU F 26 68.10 36.62 -74.74
CA GLU F 26 68.04 35.59 -73.71
C GLU F 26 67.76 36.26 -72.37
N GLY F 27 66.92 35.60 -71.55
CA GLY F 27 66.56 36.13 -70.25
C GLY F 27 65.71 37.39 -70.32
N LYS F 28 64.84 37.47 -71.31
CA LYS F 28 63.93 38.60 -71.48
C LYS F 28 62.51 38.11 -71.25
N ILE F 29 61.54 39.03 -71.36
CA ILE F 29 60.19 38.80 -70.87
C ILE F 29 59.20 38.86 -72.03
N ILE F 30 58.41 37.80 -72.18
CA ILE F 30 57.26 37.76 -73.06
C ILE F 30 56.03 37.51 -72.19
N THR F 31 54.88 37.43 -72.84
CA THR F 31 53.64 37.13 -72.12
C THR F 31 52.72 36.30 -73.00
N PHE F 32 51.81 35.58 -72.34
CA PHE F 32 50.89 34.67 -72.97
C PHE F 32 49.47 35.07 -72.60
N SER F 33 48.53 34.67 -73.46
CA SER F 33 47.12 34.64 -73.07
C SER F 33 46.74 33.19 -72.87
N THR F 34 46.29 32.85 -71.64
CA THR F 34 45.81 31.52 -71.24
C THR F 34 46.88 30.44 -71.48
N LEU F 35 47.91 30.50 -70.62
CA LEU F 35 49.01 29.53 -70.57
C LEU F 35 48.55 28.09 -70.67
N ARG F 36 49.26 27.34 -71.50
CA ARG F 36 49.15 25.89 -71.62
C ARG F 36 50.51 25.28 -71.33
N HIS F 37 50.59 23.95 -71.43
CA HIS F 37 51.89 23.31 -71.42
C HIS F 37 52.65 23.63 -72.71
N ARG F 38 51.94 23.69 -73.82
CA ARG F 38 52.54 23.95 -75.13
C ARG F 38 51.76 25.05 -75.85
N ALA F 39 52.48 25.88 -76.61
CA ALA F 39 51.87 26.98 -77.33
C ALA F 39 52.60 27.17 -78.66
N SER F 40 52.26 28.24 -79.36
CA SER F 40 52.80 28.52 -80.69
C SER F 40 53.42 29.92 -80.72
N LEU F 41 54.02 30.24 -81.88
CA LEU F 41 54.68 31.52 -82.03
C LEU F 41 53.68 32.67 -82.10
N VAL F 42 52.56 32.47 -82.79
CA VAL F 42 51.50 33.47 -82.78
C VAL F 42 50.88 33.50 -81.39
N ASP F 43 50.64 34.72 -80.87
CA ASP F 43 50.52 35.07 -79.45
C ASP F 43 51.80 34.71 -78.71
N ILE F 44 52.38 35.73 -78.06
CA ILE F 44 53.77 36.03 -77.64
C ILE F 44 54.42 36.83 -78.76
N ALA F 45 53.73 36.95 -79.88
CA ALA F 45 54.15 37.83 -80.95
C ALA F 45 53.48 39.19 -80.79
N LEU F 46 53.69 40.06 -81.78
CA LEU F 46 52.93 41.30 -81.82
C LEU F 46 51.48 41.02 -82.23
N SER F 47 51.22 39.89 -82.87
CA SER F 47 49.85 39.45 -83.11
C SER F 47 49.17 39.11 -81.79
N SER F 48 47.85 39.26 -81.78
CA SER F 48 46.92 39.10 -80.65
C SER F 48 47.12 40.14 -79.55
N TYR F 49 48.07 41.08 -79.73
CA TYR F 49 48.23 42.22 -78.86
C TYR F 49 47.27 43.35 -79.20
N TYR F 50 46.65 43.30 -80.37
CA TYR F 50 46.06 44.47 -80.99
C TYR F 50 44.82 44.96 -80.26
N ILE F 51 44.59 46.27 -80.34
CA ILE F 51 43.27 46.85 -80.17
C ILE F 51 42.55 46.67 -81.50
N ASN F 52 41.25 46.94 -81.52
CA ASN F 52 40.43 46.75 -82.71
C ASN F 52 40.96 47.49 -83.95
N GLY F 53 41.36 46.71 -84.95
CA GLY F 53 41.96 47.24 -86.16
C GLY F 53 43.39 47.70 -85.99
N ALA F 54 43.58 48.79 -85.23
CA ALA F 54 44.86 49.46 -85.16
C ALA F 54 45.85 48.69 -84.30
N PRO F 55 47.14 48.94 -84.47
CA PRO F 55 48.11 48.55 -83.45
C PRO F 55 47.86 49.32 -82.16
N PRO F 56 48.16 48.72 -81.01
CA PRO F 56 47.78 49.35 -79.74
C PRO F 56 48.62 50.58 -79.41
N ASP F 57 48.01 51.51 -78.68
CA ASP F 57 48.72 52.64 -78.11
C ASP F 57 49.41 52.21 -76.82
N THR F 58 50.15 53.15 -76.22
CA THR F 58 50.94 52.81 -75.03
C THR F 58 50.05 52.60 -73.81
N LEU F 59 48.99 53.40 -73.66
CA LEU F 59 48.06 53.20 -72.54
C LEU F 59 47.27 51.91 -72.73
N SER F 60 46.89 51.61 -73.98
CA SER F 60 46.25 50.34 -74.27
C SER F 60 47.22 49.17 -74.10
N LEU F 61 48.53 49.40 -74.21
CA LEU F 61 49.43 48.28 -73.96
C LEU F 61 49.74 48.11 -72.48
N LEU F 62 49.65 49.19 -71.68
CA LEU F 62 49.55 49.01 -70.23
C LEU F 62 48.28 48.25 -69.86
N GLU F 63 47.18 48.52 -70.57
CA GLU F 63 45.94 47.77 -70.40
C GLU F 63 46.12 46.29 -70.75
N ALA F 64 46.83 46.00 -71.84
CA ALA F 64 47.12 44.62 -72.23
C ALA F 64 48.02 43.92 -71.20
N TYR F 65 49.03 44.64 -70.70
CA TYR F 65 49.93 44.07 -69.71
C TYR F 65 49.28 43.93 -68.35
N ARG F 66 48.18 44.65 -68.10
CA ARG F 66 47.37 44.36 -66.92
C ARG F 66 46.71 43.00 -67.03
N MET F 67 46.34 42.59 -68.25
CA MET F 67 45.95 41.22 -68.51
C MET F 67 47.20 40.34 -68.66
N ARG F 68 46.99 39.10 -69.10
CA ARG F 68 48.00 38.16 -69.58
C ARG F 68 48.98 37.68 -68.52
N PHE F 69 49.77 36.65 -68.87
CA PHE F 69 50.62 35.92 -67.93
C PHE F 69 52.07 36.05 -68.39
N ALA F 70 52.94 36.52 -67.49
CA ALA F 70 54.29 36.92 -67.87
C ALA F 70 55.28 35.77 -67.76
N ALA F 71 55.98 35.50 -68.87
CA ALA F 71 56.96 34.43 -68.97
C ALA F 71 58.34 35.02 -69.26
N VAL F 72 59.38 34.30 -68.84
CA VAL F 72 60.77 34.70 -69.06
C VAL F 72 61.48 33.58 -69.80
N ILE F 73 62.17 33.92 -70.89
CA ILE F 73 62.91 32.95 -71.68
C ILE F 73 64.11 32.46 -70.88
N THR F 74 64.28 31.14 -70.81
CA THR F 74 65.34 30.52 -70.02
C THR F 74 66.48 30.01 -70.89
N ARG F 75 66.21 29.16 -71.87
CA ARG F 75 67.25 28.60 -72.71
C ARG F 75 66.72 28.41 -74.12
N VAL F 76 67.63 28.44 -75.09
CA VAL F 76 67.28 28.33 -76.51
C VAL F 76 68.10 27.21 -77.13
N ILE F 77 67.42 26.21 -77.67
CA ILE F 77 68.03 25.21 -78.54
C ILE F 77 67.42 25.49 -79.91
N PRO F 78 68.06 25.13 -81.05
CA PRO F 78 67.86 25.89 -82.31
C PRO F 78 66.42 26.00 -82.82
N GLY F 79 65.61 24.98 -82.71
CA GLY F 79 64.18 25.25 -82.78
C GLY F 79 63.42 24.77 -81.57
N LYS F 80 63.11 25.69 -80.67
CA LYS F 80 62.35 25.56 -79.42
C LYS F 80 62.39 26.93 -78.75
N LEU F 81 61.43 27.21 -77.88
CA LEU F 81 61.57 28.28 -76.92
C LEU F 81 61.18 27.78 -75.54
N LEU F 82 62.05 27.99 -74.55
CA LEU F 82 61.84 27.52 -73.19
C LEU F 82 61.56 28.70 -72.29
N ALA F 83 60.53 28.57 -71.45
CA ALA F 83 60.13 29.65 -70.56
C ALA F 83 59.42 29.10 -69.34
N HIS F 84 59.55 29.81 -68.23
CA HIS F 84 58.83 29.52 -67.00
C HIS F 84 57.59 30.40 -66.95
N ALA F 85 56.84 30.30 -65.83
CA ALA F 85 55.42 30.65 -65.87
C ALA F 85 55.15 32.15 -66.04
N ILE F 86 55.80 33.06 -65.28
CA ILE F 86 56.40 32.97 -63.95
C ILE F 86 55.40 33.58 -62.97
N GLY F 87 54.26 34.02 -63.52
CA GLY F 87 53.31 34.80 -62.73
C GLY F 87 52.66 34.02 -61.61
N VAL F 88 52.20 32.80 -61.90
CA VAL F 88 51.66 31.94 -60.86
C VAL F 88 52.80 31.45 -59.97
N GLY F 89 52.56 31.39 -58.67
CA GLY F 89 53.62 31.10 -57.74
C GLY F 89 54.04 29.64 -57.81
N THR F 90 55.19 29.40 -58.44
CA THR F 90 55.77 28.08 -58.61
C THR F 90 57.22 28.16 -58.16
N PRO F 91 57.69 27.20 -57.38
CA PRO F 91 59.10 27.25 -56.91
C PRO F 91 60.04 26.90 -58.04
N THR F 92 60.95 27.84 -58.34
CA THR F 92 61.86 27.67 -59.47
C THR F 92 63.12 28.51 -59.33
N PRO F 93 64.25 28.01 -59.81
CA PRO F 93 65.47 28.83 -59.83
C PRO F 93 65.80 29.38 -61.22
N GLY F 94 66.57 30.46 -61.33
CA GLY F 94 66.91 31.32 -60.19
C GLY F 94 67.13 32.84 -60.16
N LEU F 95 66.60 33.71 -61.04
CA LEU F 95 65.71 33.41 -62.16
C LEU F 95 66.31 33.96 -63.45
N PHE F 96 67.45 34.63 -63.31
CA PHE F 96 68.39 34.93 -64.40
C PHE F 96 67.80 35.75 -65.54
N ILE F 97 67.47 37.02 -65.29
CA ILE F 97 66.91 37.90 -66.32
C ILE F 97 68.03 38.72 -66.95
N GLN F 98 67.71 39.35 -68.07
CA GLN F 98 68.58 40.30 -68.73
C GLN F 98 68.14 41.73 -68.43
N ASN F 99 69.11 42.64 -68.39
CA ASN F 99 68.80 44.06 -68.18
C ASN F 99 68.43 44.67 -69.53
N THR F 100 67.16 44.99 -69.69
CA THR F 100 66.66 45.70 -70.86
C THR F 100 66.15 47.05 -70.35
N SER F 101 67.06 48.01 -70.25
CA SER F 101 66.77 49.33 -69.73
C SER F 101 67.90 50.26 -70.11
N PRO F 102 67.62 51.56 -70.24
CA PRO F 102 68.70 52.55 -70.28
C PRO F 102 69.13 53.04 -68.90
N VAL F 103 68.53 52.50 -67.84
CA VAL F 103 68.78 52.92 -66.47
C VAL F 103 69.31 51.72 -65.70
N ASP F 104 70.31 51.96 -64.85
CA ASP F 104 70.81 50.92 -63.95
C ASP F 104 69.71 50.48 -62.99
N LEU F 105 69.68 49.17 -62.71
CA LEU F 105 68.62 48.60 -61.89
C LEU F 105 68.93 48.65 -60.40
N CYS F 106 70.16 49.01 -60.03
CA CYS F 106 70.65 49.12 -58.64
C CYS F 106 70.48 47.76 -57.93
N ASN F 107 70.28 47.78 -56.61
CA ASN F 107 70.04 46.57 -55.86
C ASN F 107 68.82 46.74 -54.97
N GLY F 108 68.12 45.63 -54.74
CA GLY F 108 66.96 45.63 -53.89
C GLY F 108 65.75 46.35 -54.44
N ASP F 109 65.67 46.53 -55.76
CA ASP F 109 64.55 47.25 -56.35
C ASP F 109 63.55 46.28 -56.96
N TYR F 110 62.27 46.59 -56.78
CA TYR F 110 61.24 45.93 -57.55
C TYR F 110 61.30 46.42 -58.99
N ILE F 111 61.04 45.51 -59.93
CA ILE F 111 61.13 45.83 -61.35
C ILE F 111 59.77 45.60 -61.97
N CYS F 112 59.23 46.66 -62.58
CA CYS F 112 58.00 46.60 -63.34
C CYS F 112 58.33 46.51 -64.84
N LEU F 113 57.29 46.35 -65.64
CA LEU F 113 57.44 46.25 -67.08
C LEU F 113 56.53 47.26 -67.76
N LEU F 114 56.95 47.72 -68.94
CA LEU F 114 56.20 48.72 -69.68
C LEU F 114 56.59 48.62 -71.15
N PRO F 115 55.79 49.17 -72.05
CA PRO F 115 56.20 49.33 -73.45
C PRO F 115 57.44 50.21 -73.58
N PRO F 116 58.25 49.99 -74.63
CA PRO F 116 59.39 50.88 -74.86
C PRO F 116 58.94 52.28 -75.24
N VAL F 117 59.14 53.23 -74.33
CA VAL F 117 58.67 54.58 -74.50
C VAL F 117 59.82 55.57 -74.72
N PHE F 118 61.03 55.26 -74.24
CA PHE F 118 62.16 56.13 -74.51
C PHE F 118 62.64 56.00 -75.94
N GLY F 119 62.67 54.78 -76.47
CA GLY F 119 63.03 54.54 -77.85
C GLY F 119 62.25 53.40 -78.46
N SER F 120 62.94 52.48 -79.13
CA SER F 120 62.32 51.28 -79.66
C SER F 120 63.16 50.08 -79.25
N ALA F 121 62.51 49.08 -78.68
CA ALA F 121 63.15 47.83 -78.27
C ALA F 121 62.57 46.72 -79.15
N ASP F 122 63.18 46.50 -80.32
CA ASP F 122 62.67 45.55 -81.29
C ASP F 122 63.74 44.54 -81.66
N GLU F 123 63.33 43.28 -81.74
CA GLU F 123 64.16 42.22 -82.28
C GLU F 123 63.96 42.13 -83.79
N ILE F 124 64.48 41.06 -84.40
CA ILE F 124 64.58 40.99 -85.86
C ILE F 124 63.20 40.80 -86.47
N ARG F 125 63.02 41.30 -87.68
CA ARG F 125 61.76 41.11 -88.40
C ARG F 125 61.76 39.72 -88.99
N LEU F 126 60.93 38.83 -88.45
CA LEU F 126 60.86 37.46 -88.94
C LEU F 126 60.13 37.42 -90.27
N ASP F 127 60.86 37.60 -91.36
CA ASP F 127 60.27 37.61 -92.69
C ASP F 127 59.76 36.24 -93.12
N SER F 128 60.26 35.16 -92.52
CA SER F 128 59.84 33.82 -92.90
C SER F 128 58.41 33.54 -92.46
N VAL F 129 57.94 34.21 -91.42
CA VAL F 129 56.56 34.06 -90.97
C VAL F 129 55.79 35.38 -91.01
N GLY F 130 56.47 36.52 -91.06
CA GLY F 130 55.77 37.79 -91.07
C GLY F 130 55.23 38.21 -89.73
N LEU F 131 55.87 37.80 -88.64
CA LEU F 131 55.46 38.19 -87.30
C LEU F 131 56.65 38.80 -86.55
N GLU F 132 56.33 39.61 -85.55
CA GLU F 132 57.34 40.35 -84.80
C GLU F 132 57.11 40.14 -83.31
N ILE F 133 58.20 40.04 -82.55
CA ILE F 133 58.15 39.98 -81.10
C ILE F 133 58.54 41.37 -80.57
N VAL F 134 57.68 41.94 -79.74
CA VAL F 134 57.98 43.18 -79.05
C VAL F 134 58.35 42.83 -77.61
N PHE F 135 59.29 43.57 -77.04
CA PHE F 135 59.83 43.19 -75.74
C PHE F 135 59.70 44.35 -74.78
N PRO F 136 59.01 44.18 -73.64
CA PRO F 136 58.84 45.28 -72.71
C PRO F 136 60.12 45.63 -71.99
N LEU F 137 60.24 46.90 -71.61
CA LEU F 137 61.40 47.38 -70.89
C LEU F 137 61.28 47.07 -69.40
N THR F 138 62.39 46.69 -68.79
CA THR F 138 62.46 46.39 -67.37
C THR F 138 62.79 47.68 -66.63
N ILE F 139 61.94 48.08 -65.69
CA ILE F 139 62.07 49.41 -65.13
C ILE F 139 62.09 49.30 -63.60
N PRO F 140 62.96 50.02 -62.90
CA PRO F 140 62.96 49.94 -61.44
C PRO F 140 61.72 50.60 -60.84
N GLN F 141 61.28 50.05 -59.71
CA GLN F 141 60.30 50.73 -58.88
C GLN F 141 60.96 51.95 -58.26
N THR F 142 60.13 52.97 -57.99
CA THR F 142 60.42 54.36 -57.64
C THR F 142 61.03 55.14 -58.79
N LEU F 143 61.33 54.51 -59.92
CA LEU F 143 61.29 55.22 -61.19
C LEU F 143 59.94 54.95 -61.83
N MET F 144 59.47 53.72 -61.65
CA MET F 144 58.08 53.38 -61.87
C MET F 144 57.23 54.13 -60.85
N ARG F 145 55.98 54.40 -61.25
CA ARG F 145 54.90 55.03 -60.49
C ARG F 145 55.12 56.51 -60.25
N GLU F 146 56.10 57.15 -60.90
CA GLU F 146 55.98 58.58 -61.18
C GLU F 146 56.02 58.88 -62.66
N ILE F 147 56.46 57.93 -63.49
CA ILE F 147 56.34 58.07 -64.94
C ILE F 147 54.87 58.08 -65.36
N ILE F 148 54.02 57.45 -64.54
CA ILE F 148 52.58 57.60 -64.67
C ILE F 148 52.21 59.06 -64.43
N ALA F 149 51.17 59.53 -65.13
CA ALA F 149 50.64 60.90 -65.10
C ALA F 149 51.66 61.94 -65.59
N LYS F 150 52.61 61.52 -66.43
CA LYS F 150 53.04 62.34 -67.54
C LYS F 150 52.50 61.83 -68.85
N VAL F 151 52.00 60.59 -68.86
CA VAL F 151 51.23 60.08 -69.98
C VAL F 151 49.75 59.98 -69.64
N VAL F 152 49.40 60.06 -68.35
CA VAL F 152 48.00 60.01 -67.96
C VAL F 152 47.45 61.41 -67.71
N ALA F 153 48.27 62.32 -67.18
CA ALA F 153 47.88 63.72 -67.15
C ALA F 153 47.82 64.30 -68.57
N ARG F 154 48.69 63.81 -69.44
CA ARG F 154 48.59 64.14 -70.85
C ARG F 154 47.34 63.52 -71.47
N ALA F 155 46.88 62.38 -70.96
CA ALA F 155 45.63 61.80 -71.44
C ALA F 155 44.43 62.60 -70.95
N VAL F 156 44.53 63.17 -69.74
CA VAL F 156 43.46 64.01 -69.22
C VAL F 156 43.40 65.32 -70.00
N GLU F 157 44.56 65.90 -70.31
CA GLU F 157 44.61 67.16 -71.05
C GLU F 157 44.23 67.01 -72.52
N ARG F 158 44.08 65.78 -73.02
CA ARG F 158 43.53 65.53 -74.34
C ARG F 158 42.09 65.05 -74.25
N THR F 159 41.27 65.58 -75.17
CA THR F 159 39.84 65.28 -75.33
C THR F 159 39.01 65.49 -74.05
N ALA F 160 38.86 66.74 -73.55
CA ALA F 160 39.69 67.99 -73.59
C ALA F 160 40.33 68.54 -74.87
N ALA F 161 39.49 68.97 -75.82
CA ALA F 161 39.99 69.46 -77.10
C ALA F 161 40.78 70.75 -76.93
N GLY F 162 42.08 70.67 -77.17
CA GLY F 162 42.96 71.82 -77.02
C GLY F 162 44.40 71.44 -76.74
N ARG F 163 42.98 75.24 -75.82
CA ARG F 163 42.37 76.43 -75.24
C ARG F 163 43.43 77.39 -74.71
N THR F 164 44.45 76.83 -74.05
CA THR F 164 45.47 77.67 -73.47
C THR F 164 46.78 77.56 -74.26
N PRO F 165 47.58 78.63 -74.27
CA PRO F 165 48.93 78.56 -74.82
C PRO F 165 49.80 77.58 -74.02
N GLY F 166 50.83 77.01 -74.67
CA GLY F 166 51.28 77.31 -76.01
C GLY F 166 51.19 76.25 -77.10
N GLU F 167 52.31 75.57 -77.32
CA GLU F 167 52.51 74.77 -78.53
C GLU F 167 51.63 73.51 -78.60
N LEU F 168 51.72 72.55 -77.64
CA LEU F 168 52.25 72.55 -76.28
C LEU F 168 52.65 71.13 -75.85
N PRO F 169 53.58 70.99 -74.89
CA PRO F 169 54.56 72.02 -74.45
C PRO F 169 55.91 72.13 -75.23
N GLY F 170 56.68 71.14 -75.73
CA GLY F 170 56.49 69.71 -75.56
C GLY F 170 57.79 68.91 -75.53
N ALA F 171 57.76 67.69 -75.00
CA ALA F 171 56.56 67.11 -74.39
C ALA F 171 56.73 66.82 -72.89
N ASP F 172 57.68 65.95 -72.55
CA ASP F 172 57.84 65.46 -71.19
C ASP F 172 59.25 64.95 -70.97
N VAL F 173 59.85 65.34 -69.83
CA VAL F 173 61.16 64.85 -69.40
C VAL F 173 61.02 64.34 -67.97
N ILE F 174 61.58 63.17 -67.69
CA ILE F 174 61.37 62.51 -66.40
C ILE F 174 62.33 63.03 -65.33
N CYS F 175 63.58 63.32 -65.69
CA CYS F 175 64.63 63.86 -64.80
C CYS F 175 64.88 62.93 -63.60
N TYR F 176 65.38 61.73 -63.89
CA TYR F 176 65.77 60.77 -62.87
C TYR F 176 67.28 60.62 -62.96
N ASN F 177 67.94 60.67 -61.79
CA ASN F 177 69.36 60.79 -61.41
C ASN F 177 70.07 61.66 -62.46
N GLY F 178 71.27 61.24 -62.87
CA GLY F 178 71.92 61.88 -63.99
C GLY F 178 71.22 61.57 -65.30
N ARG F 179 71.48 62.43 -66.29
CA ARG F 179 70.91 62.41 -67.65
C ARG F 179 69.40 62.63 -67.69
N ARG F 180 68.89 62.95 -68.87
CA ARG F 180 67.47 63.19 -69.08
C ARG F 180 66.96 62.21 -70.12
N TYR F 181 65.80 61.64 -69.87
CA TYR F 181 65.20 60.65 -70.75
C TYR F 181 63.91 61.20 -71.32
N GLU F 182 63.84 61.27 -72.65
CA GLU F 182 62.72 61.88 -73.34
C GLU F 182 61.58 60.88 -73.47
N LEU F 183 60.37 61.34 -73.21
CA LEU F 183 59.19 60.49 -73.28
C LEU F 183 58.52 60.61 -74.63
N GLU F 184 58.33 59.47 -75.30
CA GLU F 184 57.71 59.42 -76.62
C GLU F 184 56.43 58.61 -76.50
N THR F 185 55.32 59.29 -76.21
CA THR F 185 54.04 58.66 -75.99
C THR F 185 53.11 58.90 -77.18
N ASN F 186 52.20 57.94 -77.40
CA ASN F 186 51.21 58.02 -78.46
C ASN F 186 49.88 57.54 -77.94
N LEU F 187 48.82 58.31 -78.20
CA LEU F 187 47.47 57.99 -77.75
C LEU F 187 46.59 57.76 -78.96
N GLN F 188 45.80 56.69 -78.91
CA GLN F 188 44.84 56.37 -79.96
C GLN F 188 43.44 56.28 -79.39
N HIS F 189 42.46 56.62 -80.23
CA HIS F 189 41.03 56.50 -79.97
C HIS F 189 40.54 57.36 -78.82
N ARG F 190 39.24 57.29 -78.53
CA ARG F 190 38.65 57.95 -77.38
C ARG F 190 38.32 57.00 -76.25
N ASP F 191 37.89 55.77 -76.58
CA ASP F 191 37.58 54.78 -75.56
C ASP F 191 38.83 54.32 -74.83
N GLY F 192 39.97 54.29 -75.53
CA GLY F 192 41.23 54.08 -74.85
C GLY F 192 41.59 55.24 -73.94
N SER F 193 41.32 56.46 -74.39
CA SER F 193 41.46 57.63 -73.51
C SER F 193 40.39 57.63 -72.42
N ASP F 194 39.22 57.07 -72.71
CA ASP F 194 38.19 56.90 -71.70
C ASP F 194 38.61 55.83 -70.70
N ALA F 195 37.97 55.90 -69.52
CA ALA F 195 38.07 54.98 -68.39
C ALA F 195 39.42 55.05 -67.66
N ALA F 196 40.38 55.79 -68.19
CA ALA F 196 41.55 56.16 -67.39
C ALA F 196 41.17 57.25 -66.41
N ILE F 197 40.41 58.24 -66.87
CA ILE F 197 39.85 59.27 -66.00
C ILE F 197 38.89 58.64 -64.99
N ARG F 198 38.08 57.68 -65.45
CA ARG F 198 37.14 57.01 -64.57
C ARG F 198 37.85 56.21 -63.49
N THR F 199 38.98 55.58 -63.83
CA THR F 199 39.73 54.86 -62.80
C THR F 199 40.44 55.80 -61.84
N LEU F 200 40.98 56.92 -62.34
CA LEU F 200 41.66 57.82 -61.41
C LEU F 200 40.68 58.62 -60.55
N VAL F 201 39.41 58.69 -60.95
CA VAL F 201 38.40 59.28 -60.08
C VAL F 201 37.72 58.20 -59.20
N LEU F 202 37.75 56.94 -59.63
CA LEU F 202 37.25 55.87 -58.78
C LEU F 202 38.21 55.53 -57.64
N ASN F 203 39.52 55.63 -57.89
CA ASN F 203 40.48 55.55 -56.78
C ASN F 203 40.43 56.81 -55.94
N LEU F 204 40.00 57.92 -56.54
CA LEU F 204 39.59 59.10 -55.80
C LEU F 204 38.21 58.84 -55.19
N MET F 205 37.73 59.80 -54.38
CA MET F 205 36.44 59.86 -53.67
C MET F 205 36.14 58.63 -52.79
N PHE F 206 37.15 57.78 -52.56
CA PHE F 206 37.12 56.77 -51.52
C PHE F 206 38.14 57.05 -50.41
N SER F 207 39.15 57.87 -50.72
CA SER F 207 39.88 58.57 -49.66
C SER F 207 39.14 59.83 -49.24
N ILE F 208 38.38 60.43 -50.16
CA ILE F 208 37.56 61.59 -49.86
C ILE F 208 36.28 61.10 -49.19
N ASN F 209 36.14 61.41 -47.90
CA ASN F 209 35.00 61.02 -47.09
C ASN F 209 34.78 62.16 -46.10
N GLU F 210 34.06 61.87 -45.01
CA GLU F 210 33.96 62.81 -43.90
C GLU F 210 35.32 63.05 -43.27
N GLY F 211 36.21 62.06 -43.33
CA GLY F 211 37.53 62.21 -42.75
C GLY F 211 38.50 63.00 -43.62
N THR F 212 38.12 63.27 -44.87
CA THR F 212 38.86 64.26 -45.65
C THR F 212 38.26 65.65 -45.49
N THR F 213 36.98 65.74 -45.11
CA THR F 213 36.41 66.98 -44.64
C THR F 213 36.75 67.26 -43.18
N LEU F 214 37.36 66.30 -42.49
CA LEU F 214 37.84 66.48 -41.14
C LEU F 214 39.34 66.17 -41.13
N ILE F 215 40.14 67.25 -41.19
CA ILE F 215 41.49 67.53 -41.71
C ILE F 215 41.38 68.09 -43.13
N LEU F 216 40.29 68.82 -43.41
CA LEU F 216 40.47 70.03 -44.20
C LEU F 216 40.58 71.23 -43.27
N THR F 217 40.58 70.99 -41.98
CA THR F 217 40.42 72.00 -40.95
C THR F 217 41.69 72.17 -40.13
N LEU F 218 43.99 71.62 -42.28
CA LEU F 218 45.31 71.88 -41.72
C LEU F 218 46.23 72.56 -42.72
N ILE F 219 45.66 73.41 -43.58
CA ILE F 219 46.49 74.17 -44.51
C ILE F 219 47.30 75.23 -43.78
N THR F 220 46.71 75.89 -42.78
CA THR F 220 47.40 76.93 -42.05
C THR F 220 48.43 76.37 -41.09
N ARG F 221 48.26 75.14 -40.62
CA ARG F 221 49.28 74.50 -39.80
C ARG F 221 50.48 74.09 -40.63
N LEU F 222 50.25 73.48 -41.80
CA LEU F 222 51.34 72.97 -42.63
C LEU F 222 52.05 74.07 -43.41
N LEU F 223 51.39 75.21 -43.66
CA LEU F 223 52.13 76.33 -44.23
C LEU F 223 53.04 76.98 -43.20
N VAL F 224 52.65 76.95 -41.94
CA VAL F 224 53.54 77.41 -40.87
C VAL F 224 54.69 76.42 -40.67
N GLN F 225 54.39 75.11 -40.70
CA GLN F 225 55.39 74.09 -40.46
C GLN F 225 56.45 74.03 -41.57
N GLY F 226 56.07 74.40 -42.79
CA GLY F 226 57.01 74.36 -43.90
C GLY F 226 57.87 75.60 -44.07
N ALA F 227 57.68 76.62 -43.24
CA ALA F 227 58.39 77.88 -43.45
C ALA F 227 59.80 77.84 -42.86
N HIS F 228 59.91 77.80 -41.54
CA HIS F 228 61.20 77.89 -40.86
C HIS F 228 61.72 76.49 -40.52
N ASP F 229 62.06 75.73 -41.54
CA ASP F 229 62.60 74.40 -41.36
C ASP F 229 63.41 73.99 -42.60
N GLY F 230 64.49 73.25 -42.37
CA GLY F 230 65.26 72.70 -43.47
C GLY F 230 64.62 71.47 -44.08
N TYR F 231 63.67 70.87 -43.37
CA TYR F 231 62.86 69.75 -43.87
C TYR F 231 61.70 70.28 -44.71
N VAL F 232 60.69 69.42 -44.93
CA VAL F 232 59.44 69.63 -45.69
C VAL F 232 59.88 69.60 -47.17
N ASN F 233 61.03 68.98 -47.43
CA ASN F 233 61.63 69.02 -48.76
C ASN F 233 62.58 67.84 -48.91
N LEU F 234 62.24 66.85 -49.75
CA LEU F 234 61.00 66.78 -50.51
C LEU F 234 60.35 65.40 -50.33
N LEU F 235 59.02 65.24 -50.24
CA LEU F 235 57.90 66.21 -50.05
C LEU F 235 57.70 67.31 -51.12
N ILE F 236 57.79 68.59 -50.75
CA ILE F 236 57.26 69.64 -51.62
C ILE F 236 58.20 69.91 -52.79
N GLN F 237 57.65 70.51 -53.84
CA GLN F 237 58.38 70.85 -55.05
C GLN F 237 58.13 72.31 -55.40
N THR F 238 58.61 72.72 -56.57
CA THR F 238 58.44 74.09 -57.01
C THR F 238 56.99 74.39 -57.39
N ALA F 239 56.33 73.46 -58.07
CA ALA F 239 54.92 73.58 -58.42
C ALA F 239 54.13 72.63 -57.55
N ASN F 240 53.16 73.17 -56.80
CA ASN F 240 52.48 72.42 -55.76
C ASN F 240 51.00 72.77 -55.73
N CYS F 241 50.20 71.86 -55.19
CA CYS F 241 48.82 72.15 -54.79
C CYS F 241 48.73 72.57 -53.33
N VAL F 242 49.87 72.74 -52.65
CA VAL F 242 49.88 73.08 -51.24
C VAL F 242 49.70 74.58 -51.05
N ARG F 243 50.55 75.38 -51.72
CA ARG F 243 50.46 76.83 -51.61
C ARG F 243 49.21 77.36 -52.29
N GLU F 244 48.82 76.77 -53.41
CA GLU F 244 47.51 77.00 -53.99
C GLU F 244 46.44 76.49 -53.03
N THR F 245 45.35 77.26 -52.93
CA THR F 245 44.14 77.26 -52.10
C THR F 245 44.44 77.50 -50.62
N GLY F 246 45.71 77.62 -50.22
CA GLY F 246 46.05 77.97 -48.86
C GLY F 246 46.27 79.46 -48.71
N GLN F 247 46.37 80.16 -49.84
CA GLN F 247 46.58 81.59 -49.84
C GLN F 247 45.40 82.31 -50.49
N PRO F 248 36.04 76.66 -37.35
CA PRO F 248 35.78 75.68 -38.41
C PRO F 248 36.16 74.26 -38.02
N MET F 249 35.51 73.73 -36.99
CA MET F 249 35.69 72.31 -36.64
C MET F 249 35.24 71.33 -37.72
N PRO F 250 34.04 71.42 -38.36
CA PRO F 250 32.89 72.32 -38.21
C PRO F 250 31.65 71.66 -37.59
N ARG F 251 31.83 70.74 -36.65
CA ARG F 251 30.76 69.99 -35.98
C ARG F 251 29.90 69.24 -37.01
N ILE F 252 30.56 68.28 -37.67
CA ILE F 252 29.93 67.47 -38.69
C ILE F 252 29.96 65.98 -38.35
N GLN F 253 30.75 65.57 -37.36
CA GLN F 253 30.77 64.18 -36.94
C GLN F 253 29.46 63.80 -36.26
N ASP F 254 28.91 62.65 -36.64
CA ASP F 254 27.57 62.24 -36.22
C ASP F 254 27.69 61.12 -35.18
N GLY F 255 27.01 61.31 -34.05
CA GLY F 255 26.99 60.32 -32.99
C GLY F 255 28.14 60.39 -32.01
N HIS F 256 29.11 61.28 -32.25
CA HIS F 256 30.30 61.54 -31.42
C HIS F 256 31.21 60.33 -31.27
N ARG F 257 30.99 59.26 -32.04
CA ARG F 257 31.78 58.05 -31.91
C ARG F 257 31.71 57.29 -33.22
N ARG F 258 32.80 57.31 -33.97
CA ARG F 258 32.94 56.49 -35.18
C ARG F 258 34.07 55.46 -35.12
N PHE F 259 35.32 55.79 -34.75
CA PHE F 259 35.95 57.08 -34.39
C PHE F 259 36.35 57.89 -35.61
N PRO F 260 36.31 59.22 -35.49
CA PRO F 260 36.88 60.07 -36.55
C PRO F 260 38.38 59.86 -36.66
N ILE F 261 38.87 60.01 -37.90
CA ILE F 261 40.24 59.91 -38.44
C ILE F 261 40.67 58.43 -38.53
N TYR F 262 39.97 57.56 -37.79
CA TYR F 262 40.17 56.12 -37.96
C TYR F 262 39.74 55.68 -39.36
N GLU F 263 38.60 56.19 -39.83
CA GLU F 263 38.14 55.84 -41.17
C GLU F 263 38.94 56.55 -42.25
N ALA F 264 39.42 57.76 -41.98
CA ALA F 264 40.20 58.50 -42.96
C ALA F 264 41.55 57.83 -43.19
N ILE F 265 42.27 57.53 -42.13
CA ILE F 265 43.55 56.84 -42.20
C ILE F 265 43.25 55.38 -41.91
N SER F 266 42.92 54.64 -42.97
CA SER F 266 42.64 53.20 -43.04
C SER F 266 42.15 52.95 -44.45
N SER F 267 41.09 53.65 -44.82
CA SER F 267 40.61 53.63 -46.19
C SER F 267 41.61 54.25 -47.14
N TRP F 268 42.44 55.19 -46.65
CA TRP F 268 43.47 55.75 -47.52
C TRP F 268 44.59 54.75 -47.75
N ILE F 269 44.85 53.85 -46.79
CA ILE F 269 45.69 52.71 -47.16
C ILE F 269 44.72 51.64 -47.67
N SER F 270 44.19 51.90 -48.86
CA SER F 270 43.36 51.08 -49.72
C SER F 270 42.98 52.02 -50.86
N THR F 271 42.38 51.43 -51.92
CA THR F 271 41.63 52.14 -52.96
C THR F 271 42.40 53.29 -53.60
N SER F 272 42.50 54.40 -52.87
CA SER F 272 43.43 55.46 -53.24
C SER F 272 44.86 54.95 -53.18
N SER F 273 45.17 54.12 -52.20
CA SER F 273 46.45 53.42 -52.23
C SER F 273 46.42 52.35 -53.32
N ARG F 274 47.61 51.82 -53.59
CA ARG F 274 48.01 51.09 -54.81
C ARG F 274 47.37 51.69 -56.08
N LEU F 275 47.38 53.03 -56.20
CA LEU F 275 46.91 53.65 -57.42
C LEU F 275 47.86 53.36 -58.57
N GLY F 276 49.16 53.20 -58.29
CA GLY F 276 50.10 52.76 -59.30
C GLY F 276 49.94 51.31 -59.68
N ASP F 277 49.31 50.50 -58.82
CA ASP F 277 48.91 49.16 -59.23
C ASP F 277 47.77 49.19 -60.22
N THR F 278 46.80 50.10 -60.00
CA THR F 278 45.66 50.20 -60.90
C THR F 278 46.07 50.82 -62.23
N LEU F 279 46.83 51.91 -62.17
CA LEU F 279 47.25 52.61 -63.39
C LEU F 279 48.38 51.87 -64.10
N GLY F 280 49.28 51.26 -63.34
CA GLY F 280 50.38 50.53 -63.94
C GLY F 280 50.40 49.07 -63.54
N THR F 281 51.58 48.56 -63.18
CA THR F 281 51.76 47.14 -62.89
C THR F 281 52.27 46.91 -61.48
N ARG F 282 51.83 45.81 -60.89
CA ARG F 282 52.40 45.29 -59.65
C ARG F 282 53.62 44.42 -59.93
N ALA F 283 53.73 43.91 -61.15
CA ALA F 283 54.65 42.83 -61.51
C ALA F 283 56.11 43.27 -61.46
N ILE F 284 57.04 42.32 -61.38
CA ILE F 284 56.90 40.97 -60.79
C ILE F 284 58.20 40.69 -60.02
N LEU F 285 59.17 41.58 -60.21
CA LEU F 285 60.55 41.16 -60.37
C LEU F 285 61.45 41.85 -59.34
N ARG F 286 62.51 41.15 -58.91
CA ARG F 286 63.36 41.64 -57.83
C ARG F 286 64.84 41.44 -58.13
N VAL F 287 65.64 42.45 -57.79
CA VAL F 287 67.09 42.34 -57.86
C VAL F 287 67.57 41.54 -56.64
N CYS F 288 68.31 40.46 -56.90
CA CYS F 288 68.95 39.70 -55.83
C CYS F 288 70.17 39.00 -56.41
N VAL F 289 71.34 39.58 -56.20
CA VAL F 289 72.60 38.99 -56.63
C VAL F 289 73.20 38.24 -55.44
N PHE F 290 73.66 37.03 -55.70
CA PHE F 290 74.17 36.17 -54.63
C PHE F 290 75.63 36.50 -54.31
N ASP F 291 76.52 36.33 -55.28
CA ASP F 291 77.93 36.68 -55.13
C ASP F 291 78.37 37.45 -56.36
N GLY F 292 78.48 38.77 -56.23
CA GLY F 292 78.85 39.62 -57.32
C GLY F 292 78.67 41.08 -56.98
N PRO F 293 79.08 41.97 -57.89
CA PRO F 293 78.95 43.41 -57.64
C PRO F 293 77.51 43.88 -57.60
N SER F 294 77.30 44.94 -56.84
CA SER F 294 76.00 45.59 -56.81
C SER F 294 75.80 46.40 -58.09
N THR F 295 74.53 46.77 -58.32
CA THR F 295 73.99 47.56 -59.45
C THR F 295 74.07 46.79 -60.77
N VAL F 296 73.08 46.98 -61.64
CA VAL F 296 72.95 46.20 -62.86
C VAL F 296 73.12 47.11 -64.05
N HIS F 297 74.27 47.00 -64.72
CA HIS F 297 74.50 47.71 -65.95
C HIS F 297 73.56 47.21 -67.05
N PRO F 298 73.20 48.06 -68.01
CA PRO F 298 72.34 47.61 -69.12
C PRO F 298 72.98 46.49 -69.92
N GLY F 299 72.16 45.51 -70.29
CA GLY F 299 72.64 44.35 -71.01
C GLY F 299 73.33 43.31 -70.16
N ASP F 300 73.15 43.34 -68.84
CA ASP F 300 73.76 42.35 -67.96
C ASP F 300 72.76 41.28 -67.57
N ARG F 301 73.28 40.17 -67.05
CA ARG F 301 72.49 39.02 -66.64
C ARG F 301 72.61 38.86 -65.12
N THR F 302 71.51 39.07 -64.41
CA THR F 302 71.50 39.01 -62.95
C THR F 302 70.40 38.10 -62.45
N ALA F 303 70.61 37.56 -61.25
CA ALA F 303 69.69 36.62 -60.63
C ALA F 303 68.52 37.34 -59.96
N VAL F 304 67.42 36.61 -59.81
CA VAL F 304 66.14 37.14 -59.35
C VAL F 304 65.53 36.19 -58.33
N ILE F 305 65.07 36.74 -57.21
CA ILE F 305 64.10 36.06 -56.36
C ILE F 305 62.71 36.50 -56.77
N GLN F 306 61.78 35.55 -56.83
CA GLN F 306 60.43 35.85 -57.31
C GLN F 306 59.66 36.63 -56.26
N VAL F 307 59.22 37.83 -56.62
CA VAL F 307 58.35 38.61 -55.75
C VAL F 307 57.06 38.95 -56.49
N THR G 69 -12.35 -32.12 -52.31
CA THR G 69 -12.18 -32.95 -51.11
C THR G 69 -13.01 -34.25 -50.93
N THR G 70 -14.32 -34.37 -51.24
CA THR G 70 -15.24 -33.36 -51.82
C THR G 70 -16.59 -33.12 -51.02
N GLN G 71 -17.31 -34.11 -50.44
CA GLN G 71 -17.24 -35.55 -50.74
C GLN G 71 -18.54 -36.12 -51.34
N LEU G 72 -19.61 -36.16 -50.55
CA LEU G 72 -20.81 -36.94 -50.86
C LEU G 72 -21.93 -36.59 -49.88
N ILE G 73 -23.15 -36.51 -50.41
CA ILE G 73 -24.38 -36.52 -49.61
C ILE G 73 -25.40 -37.40 -50.33
N GLN G 74 -26.26 -38.06 -49.55
CA GLN G 74 -27.32 -38.91 -50.11
C GLN G 74 -28.58 -38.79 -49.26
N GLN G 75 -29.73 -38.64 -49.92
CA GLN G 75 -31.01 -38.60 -49.22
C GLN G 75 -32.11 -39.20 -50.09
N VAL G 76 -33.26 -39.43 -49.46
CA VAL G 76 -34.43 -40.03 -50.10
C VAL G 76 -35.61 -39.09 -49.90
N SER G 77 -36.34 -38.81 -50.99
CA SER G 77 -37.48 -37.89 -50.96
C SER G 77 -38.58 -38.47 -51.86
N LEU G 78 -39.54 -37.62 -52.21
CA LEU G 78 -40.65 -38.01 -53.08
C LEU G 78 -40.39 -37.50 -54.49
N THR G 79 -41.12 -38.07 -55.45
CA THR G 79 -41.10 -37.60 -56.83
C THR G 79 -42.21 -36.59 -57.12
N ASP G 80 -43.00 -36.22 -56.11
CA ASP G 80 -44.03 -35.20 -56.29
C ASP G 80 -43.39 -33.84 -56.57
N PHE G 81 -42.24 -33.57 -55.94
CA PHE G 81 -41.38 -32.44 -56.28
C PHE G 81 -40.08 -33.00 -56.82
N PHE G 82 -39.92 -32.91 -58.15
CA PHE G 82 -38.72 -33.22 -58.93
C PHE G 82 -38.43 -34.72 -59.01
N ARG G 83 -38.00 -35.17 -60.19
CA ARG G 83 -37.58 -36.53 -60.51
C ARG G 83 -36.26 -36.47 -61.27
N PRO G 84 -35.36 -37.44 -61.02
CA PRO G 84 -33.96 -37.25 -61.43
C PRO G 84 -33.61 -37.70 -62.83
N ASP G 85 -34.48 -38.47 -63.49
CA ASP G 85 -34.05 -39.29 -64.63
C ASP G 85 -33.73 -38.44 -65.86
N ILE G 86 -34.53 -37.41 -66.13
CA ILE G 86 -34.47 -36.76 -67.43
C ILE G 86 -33.54 -35.54 -67.42
N GLU G 87 -33.38 -34.88 -66.26
CA GLU G 87 -32.54 -33.69 -66.20
C GLU G 87 -31.06 -34.05 -66.29
N HIS G 88 -30.23 -33.01 -66.32
CA HIS G 88 -28.79 -33.13 -66.47
C HIS G 88 -28.21 -33.77 -65.21
N ALA G 89 -27.12 -34.55 -65.39
CA ALA G 89 -26.55 -35.36 -64.32
C ALA G 89 -25.99 -34.54 -63.18
N GLY G 90 -25.70 -33.26 -63.42
CA GLY G 90 -25.57 -32.29 -62.37
C GLY G 90 -26.70 -31.28 -62.51
N SER G 91 -27.11 -30.71 -61.38
CA SER G 91 -28.09 -29.64 -61.32
C SER G 91 -28.07 -29.04 -59.92
N THR G 92 -28.34 -27.75 -59.83
CA THR G 92 -28.46 -27.10 -58.53
C THR G 92 -29.75 -27.61 -57.86
N VAL G 93 -29.59 -28.16 -56.66
CA VAL G 93 -30.65 -28.85 -55.94
C VAL G 93 -30.76 -28.24 -54.55
N LEU G 94 -32.00 -27.96 -54.12
CA LEU G 94 -32.29 -27.03 -53.05
C LEU G 94 -33.23 -27.75 -52.09
N ILE G 95 -32.85 -27.85 -50.82
CA ILE G 95 -33.67 -28.57 -49.85
C ILE G 95 -34.73 -27.64 -49.25
N LEU G 96 -35.99 -28.02 -49.40
CA LEU G 96 -37.10 -27.33 -48.75
C LEU G 96 -37.34 -27.97 -47.40
N ARG G 97 -37.20 -27.16 -46.34
CA ARG G 97 -37.45 -27.66 -45.00
C ARG G 97 -38.88 -27.37 -44.59
N HIS G 98 -39.39 -28.19 -43.67
CA HIS G 98 -40.69 -28.13 -43.03
C HIS G 98 -41.88 -28.19 -43.99
N PRO G 99 -42.18 -29.34 -44.59
CA PRO G 99 -43.49 -29.50 -45.23
C PRO G 99 -44.60 -29.75 -44.23
N THR G 100 -44.25 -30.12 -42.99
CA THR G 100 -45.24 -30.33 -41.94
C THR G 100 -45.70 -29.02 -41.31
N ASP G 101 -45.00 -27.92 -41.57
CA ASP G 101 -45.39 -26.63 -41.01
C ASP G 101 -46.55 -26.08 -41.82
N LEU G 102 -47.76 -26.48 -41.43
CA LEU G 102 -48.96 -25.94 -42.06
C LEU G 102 -49.49 -24.80 -41.19
N PRO G 103 -49.05 -23.54 -41.48
CA PRO G 103 -49.26 -22.38 -40.60
C PRO G 103 -49.51 -22.57 -39.09
N HIS G 104 -48.70 -23.40 -38.44
CA HIS G 104 -48.60 -23.34 -36.99
C HIS G 104 -47.49 -22.40 -36.54
N LEU G 105 -46.64 -21.97 -37.47
CA LEU G 105 -45.69 -20.90 -37.22
C LEU G 105 -46.23 -19.54 -37.67
N ALA G 106 -47.19 -19.54 -38.60
CA ALA G 106 -47.81 -18.32 -39.08
C ALA G 106 -48.77 -17.68 -38.07
N ARG G 107 -49.10 -18.40 -36.99
CA ARG G 107 -49.81 -17.79 -35.88
C ARG G 107 -48.93 -16.78 -35.16
N HIS G 108 -47.62 -16.97 -35.18
CA HIS G 108 -46.65 -16.01 -34.69
C HIS G 108 -46.03 -15.23 -35.86
N ARG G 109 -45.42 -14.10 -35.51
CA ARG G 109 -44.70 -13.21 -36.44
C ARG G 109 -45.59 -12.70 -37.58
N ALA G 110 -46.89 -12.56 -37.34
CA ALA G 110 -47.83 -12.12 -38.36
C ALA G 110 -48.50 -10.83 -37.92
N PRO G 111 -48.26 -9.72 -38.63
CA PRO G 111 -49.02 -8.50 -38.33
C PRO G 111 -50.49 -8.67 -38.68
N PRO G 112 -51.38 -7.96 -38.00
CA PRO G 112 -52.81 -8.11 -38.28
C PRO G 112 -53.22 -7.54 -39.62
N GLY G 113 -54.37 -7.99 -40.10
CA GLY G 113 -54.87 -7.61 -41.41
C GLY G 113 -54.61 -8.61 -42.51
N ARG G 114 -53.77 -9.62 -42.26
CA ARG G 114 -53.48 -10.67 -43.22
C ARG G 114 -54.14 -11.96 -42.77
N GLN G 115 -54.81 -12.64 -43.69
CA GLN G 115 -55.48 -13.90 -43.38
C GLN G 115 -54.42 -15.02 -43.28
N THR G 116 -54.21 -15.52 -42.06
CA THR G 116 -53.22 -16.56 -41.84
C THR G 116 -53.68 -17.91 -42.34
N GLU G 117 -54.97 -18.11 -42.53
CA GLU G 117 -55.50 -19.37 -43.04
C GLU G 117 -55.39 -19.49 -44.55
N ARG G 118 -55.02 -18.42 -45.25
CA ARG G 118 -54.81 -18.50 -46.70
C ARG G 118 -53.65 -19.41 -47.03
N LEU G 119 -52.55 -19.30 -46.27
CA LEU G 119 -51.44 -20.22 -46.44
C LEU G 119 -51.79 -21.65 -46.05
N ALA G 120 -52.63 -21.82 -45.03
CA ALA G 120 -53.08 -23.15 -44.64
C ALA G 120 -53.89 -23.80 -45.75
N GLU G 121 -54.80 -23.02 -46.37
CA GLU G 121 -55.55 -23.51 -47.50
C GLU G 121 -54.64 -23.79 -48.70
N ALA G 122 -53.62 -22.97 -48.89
CA ALA G 122 -52.69 -23.16 -50.00
C ALA G 122 -51.88 -24.45 -49.85
N TRP G 123 -51.29 -24.66 -48.66
CA TRP G 123 -50.54 -25.89 -48.44
C TRP G 123 -51.45 -27.12 -48.39
N GLY G 124 -52.71 -26.93 -47.98
CA GLY G 124 -53.69 -27.99 -48.14
C GLY G 124 -53.96 -28.32 -49.59
N GLN G 125 -53.96 -27.30 -50.46
CA GLN G 125 -54.10 -27.54 -51.90
C GLN G 125 -52.88 -28.26 -52.47
N LEU G 126 -51.66 -27.92 -52.02
CA LEU G 126 -50.49 -28.69 -52.43
C LEU G 126 -50.53 -30.13 -51.92
N LEU G 127 -50.98 -30.34 -50.69
CA LEU G 127 -51.03 -31.71 -50.16
C LEU G 127 -52.13 -32.53 -50.83
N GLU G 128 -53.25 -31.90 -51.17
CA GLU G 128 -54.29 -32.57 -51.94
C GLU G 128 -53.81 -32.89 -53.35
N ALA G 129 -53.04 -31.96 -53.94
CA ALA G 129 -52.46 -32.22 -55.25
C ALA G 129 -51.37 -33.29 -55.20
N SER G 130 -50.61 -33.33 -54.11
CA SER G 130 -49.55 -34.31 -53.96
C SER G 130 -49.98 -35.47 -53.09
N GLU G 131 -49.06 -36.86 -47.55
CA GLU G 131 -49.31 -37.68 -46.38
C GLU G 131 -48.01 -38.14 -45.74
N SER G 132 -48.10 -39.18 -44.91
CA SER G 132 -46.92 -39.74 -44.27
C SER G 132 -46.07 -40.50 -45.27
N GLY G 133 -44.75 -40.31 -45.20
CA GLY G 133 -43.83 -40.96 -46.10
C GLY G 133 -42.40 -40.51 -45.94
N CYS G 134 -41.72 -40.21 -47.05
CA CYS G 134 -40.36 -39.72 -46.98
C CYS G 134 -40.31 -38.26 -46.54
N ALA G 135 -41.40 -37.52 -46.73
CA ALA G 135 -41.50 -36.18 -46.14
C ALA G 135 -41.70 -36.30 -44.63
N ARG G 136 -40.93 -35.57 -43.84
CA ARG G 136 -39.97 -34.53 -44.25
C ARG G 136 -38.60 -35.09 -44.73
N ALA G 137 -38.04 -34.54 -45.81
CA ALA G 137 -38.53 -33.32 -46.45
C ALA G 137 -38.55 -33.38 -47.98
N TYR G 138 -39.36 -32.51 -48.57
CA TYR G 138 -39.34 -32.31 -50.01
C TYR G 138 -38.05 -31.64 -50.43
N VAL G 139 -37.53 -32.04 -51.59
CA VAL G 139 -36.36 -31.43 -52.18
C VAL G 139 -36.70 -31.02 -53.61
N THR G 140 -36.23 -29.84 -54.03
CA THR G 140 -36.59 -29.30 -55.34
C THR G 140 -35.33 -28.91 -56.09
N SER G 141 -35.26 -29.29 -57.36
CA SER G 141 -34.24 -28.73 -58.24
C SER G 141 -34.71 -27.38 -58.73
N LEU G 142 -33.76 -26.50 -59.05
CA LEU G 142 -34.11 -25.18 -59.56
C LEU G 142 -34.33 -25.29 -61.07
N SER G 143 -35.41 -25.99 -61.43
CA SER G 143 -35.98 -25.96 -62.77
C SER G 143 -37.49 -25.85 -62.59
N PHE G 144 -37.98 -26.38 -61.48
CA PHE G 144 -39.37 -26.18 -61.09
C PHE G 144 -39.59 -24.76 -60.58
N ILE G 145 -38.68 -24.27 -59.74
CA ILE G 145 -38.83 -22.94 -59.13
C ILE G 145 -38.62 -21.85 -60.18
N ALA G 146 -37.64 -22.04 -61.07
CA ALA G 146 -37.39 -21.07 -62.12
C ALA G 146 -38.55 -21.00 -63.11
N ALA G 147 -39.19 -22.14 -63.38
CA ALA G 147 -40.38 -22.13 -64.23
C ALA G 147 -41.57 -21.50 -63.51
N CYS G 148 -41.67 -21.72 -62.20
CA CYS G 148 -42.81 -21.19 -61.44
C CYS G 148 -42.76 -19.68 -61.31
N ARG G 149 -41.57 -19.09 -61.40
CA ARG G 149 -41.41 -17.65 -61.38
C ARG G 149 -41.16 -17.06 -62.76
N ALA G 150 -41.24 -17.86 -63.82
CA ALA G 150 -40.83 -17.43 -65.15
C ALA G 150 -41.81 -16.46 -65.80
N GLU G 151 -42.99 -16.24 -65.23
CA GLU G 151 -43.95 -15.32 -65.81
C GLU G 151 -43.63 -13.86 -65.52
N GLU G 152 -42.65 -13.59 -64.65
CA GLU G 152 -42.37 -12.21 -64.24
C GLU G 152 -40.89 -11.84 -64.28
N TYR G 153 -40.04 -12.67 -64.89
CA TYR G 153 -38.63 -12.32 -64.98
C TYR G 153 -38.40 -11.27 -66.05
N THR G 154 -37.18 -10.71 -66.05
CA THR G 154 -36.82 -9.67 -67.01
C THR G 154 -36.78 -10.21 -68.43
N ASP G 155 -36.07 -11.33 -68.64
CA ASP G 155 -36.09 -11.98 -69.94
C ASP G 155 -37.37 -12.78 -70.10
N LYS G 156 -37.74 -13.02 -71.35
CA LYS G 156 -38.98 -13.71 -71.68
C LYS G 156 -38.78 -14.97 -72.51
N GLN G 157 -37.85 -14.93 -73.47
CA GLN G 157 -37.64 -16.09 -74.34
C GLN G 157 -37.03 -17.25 -73.57
N ALA G 158 -36.00 -16.99 -72.76
CA ALA G 158 -35.46 -18.04 -71.91
C ALA G 158 -36.38 -18.32 -70.73
N ALA G 159 -37.27 -17.39 -70.39
CA ALA G 159 -38.31 -17.66 -69.41
C ALA G 159 -39.42 -18.51 -69.99
N GLU G 160 -39.76 -18.32 -71.27
CA GLU G 160 -40.71 -19.18 -71.95
C GLU G 160 -40.08 -20.50 -72.39
N ALA G 161 -38.76 -20.62 -72.33
CA ALA G 161 -38.13 -21.93 -72.40
C ALA G 161 -38.59 -22.81 -71.24
N ASN G 162 -38.61 -22.25 -70.04
CA ASN G 162 -39.30 -22.86 -68.92
C ASN G 162 -40.80 -22.73 -69.11
N ARG G 163 -41.55 -23.55 -68.38
CA ARG G 163 -43.01 -23.75 -68.45
C ARG G 163 -43.47 -24.29 -69.81
N THR G 164 -42.56 -24.69 -70.70
CA THR G 164 -42.92 -25.41 -71.91
C THR G 164 -42.25 -26.78 -71.96
N ALA G 165 -40.92 -26.83 -71.87
CA ALA G 165 -40.25 -28.13 -71.79
C ALA G 165 -40.33 -28.70 -70.39
N ILE G 166 -40.49 -27.83 -69.39
CA ILE G 166 -40.69 -28.28 -68.01
C ILE G 166 -42.02 -29.03 -67.89
N VAL G 167 -43.09 -28.43 -68.40
CA VAL G 167 -44.40 -29.03 -68.25
C VAL G 167 -44.57 -30.22 -69.18
N SER G 168 -43.85 -30.25 -70.31
CA SER G 168 -43.89 -31.43 -71.16
C SER G 168 -43.04 -32.56 -70.58
N ALA G 169 -41.98 -32.20 -69.86
CA ALA G 169 -41.13 -33.21 -69.24
C ALA G 169 -41.81 -33.84 -68.03
N TYR G 170 -42.66 -33.07 -67.34
CA TYR G 170 -43.39 -33.61 -66.20
C TYR G 170 -44.49 -34.58 -66.65
N GLY G 171 -45.15 -34.27 -67.76
CA GLY G 171 -46.24 -35.07 -68.26
C GLY G 171 -47.41 -34.20 -68.66
N CYS G 172 -48.45 -34.84 -69.20
CA CYS G 172 -49.67 -34.09 -69.49
C CYS G 172 -50.38 -33.68 -68.20
N SER G 173 -50.41 -34.55 -67.21
CA SER G 173 -51.03 -34.28 -65.93
C SER G 173 -49.98 -34.42 -64.83
N ARG G 174 -49.91 -33.47 -63.92
CA ARG G 174 -50.85 -32.35 -63.85
C ARG G 174 -50.08 -31.04 -63.67
N MET G 175 -50.61 -29.97 -64.26
CA MET G 175 -50.21 -28.60 -64.00
C MET G 175 -51.28 -27.82 -63.25
N GLY G 176 -52.08 -28.50 -62.44
CA GLY G 176 -53.32 -27.95 -61.96
C GLY G 176 -53.27 -26.84 -60.92
N ALA G 177 -52.90 -27.04 -59.64
CA ALA G 177 -52.44 -28.22 -58.85
C ALA G 177 -51.04 -28.76 -59.18
N ARG G 178 -50.24 -28.03 -59.96
CA ARG G 178 -48.79 -28.16 -59.77
C ARG G 178 -48.11 -26.82 -59.49
N LEU G 179 -48.30 -25.86 -60.38
CA LEU G 179 -47.51 -24.64 -60.38
C LEU G 179 -48.30 -23.43 -59.89
N ILE G 180 -49.60 -23.37 -60.18
CA ILE G 180 -50.41 -22.24 -59.73
C ILE G 180 -50.59 -22.27 -58.22
N ARG G 181 -50.81 -23.46 -57.66
CA ARG G 181 -50.94 -23.57 -56.20
C ARG G 181 -49.63 -23.24 -55.50
N PHE G 182 -48.50 -23.67 -56.07
CA PHE G 182 -47.21 -23.35 -55.47
C PHE G 182 -46.85 -21.88 -55.64
N SER G 183 -47.25 -21.27 -56.76
CA SER G 183 -47.05 -19.85 -56.97
C SER G 183 -47.87 -19.01 -55.99
N GLU G 184 -49.14 -19.36 -55.81
CA GLU G 184 -49.95 -18.68 -54.80
C GLU G 184 -49.48 -19.01 -53.39
N CYS G 185 -48.86 -20.18 -53.21
CA CYS G 185 -48.32 -20.57 -51.92
C CYS G 185 -47.13 -19.70 -51.53
N LEU G 186 -46.21 -19.47 -52.46
CA LEU G 186 -45.11 -18.55 -52.18
C LEU G 186 -45.57 -17.09 -52.15
N ARG G 187 -46.63 -16.77 -52.90
CA ARG G 187 -47.25 -15.44 -52.82
C ARG G 187 -47.80 -15.18 -51.43
N ALA G 188 -48.46 -16.18 -50.84
CA ALA G 188 -49.01 -16.03 -49.50
C ALA G 188 -47.97 -16.25 -48.40
N MET G 189 -46.87 -16.95 -48.69
CA MET G 189 -45.65 -16.78 -47.88
C MET G 189 -45.26 -15.32 -47.77
N VAL G 190 -45.23 -14.61 -48.91
CA VAL G 190 -44.82 -13.21 -48.88
C VAL G 190 -45.88 -12.34 -48.20
N GLN G 191 -47.16 -12.63 -48.44
CA GLN G 191 -48.23 -11.80 -47.89
C GLN G 191 -48.37 -11.99 -46.38
N CYS G 192 -48.25 -13.22 -45.89
CA CYS G 192 -48.44 -13.50 -44.47
C CYS G 192 -47.16 -13.34 -43.66
N HIS G 193 -46.11 -12.76 -44.26
CA HIS G 193 -44.82 -12.43 -43.65
C HIS G 193 -44.03 -13.65 -43.16
N VAL G 194 -44.50 -14.86 -43.49
CA VAL G 194 -43.71 -16.08 -43.29
C VAL G 194 -42.99 -16.31 -44.61
N PHE G 195 -41.84 -15.65 -44.76
CA PHE G 195 -41.19 -15.46 -46.05
C PHE G 195 -40.67 -16.77 -46.64
N PRO G 196 -40.44 -16.81 -47.97
CA PRO G 196 -39.83 -18.00 -48.58
C PRO G 196 -38.44 -18.33 -48.04
N HIS G 197 -37.65 -17.35 -47.62
CA HIS G 197 -36.43 -17.72 -46.93
C HIS G 197 -36.78 -18.17 -45.52
N ARG G 198 -35.82 -18.88 -44.90
CA ARG G 198 -35.86 -19.78 -43.76
C ARG G 198 -36.47 -21.12 -44.15
N PHE G 199 -37.00 -21.26 -45.36
CA PHE G 199 -37.21 -22.51 -46.06
C PHE G 199 -36.40 -22.46 -47.34
N ILE G 200 -36.55 -23.53 -48.16
CA ILE G 200 -35.87 -23.78 -49.44
C ILE G 200 -34.37 -23.42 -49.40
N SER G 201 -33.64 -24.04 -48.48
CA SER G 201 -32.21 -23.81 -48.36
C SER G 201 -31.43 -24.76 -49.28
N PHE G 202 -30.13 -24.50 -49.39
CA PHE G 202 -29.29 -25.20 -50.36
C PHE G 202 -29.06 -26.65 -49.96
N PHE G 203 -29.12 -27.54 -50.94
CA PHE G 203 -28.84 -28.96 -50.72
C PHE G 203 -27.56 -29.42 -51.39
N GLY G 204 -27.43 -29.29 -52.71
CA GLY G 204 -26.27 -29.86 -53.36
C GLY G 204 -26.32 -29.76 -54.88
N SER G 205 -25.51 -30.62 -55.52
CA SER G 205 -25.24 -30.53 -56.95
C SER G 205 -25.75 -31.71 -57.78
N LEU G 206 -26.25 -32.77 -57.14
CA LEU G 206 -26.90 -33.96 -57.72
C LEU G 206 -25.91 -34.86 -58.45
N LEU G 207 -26.10 -36.17 -58.30
CA LEU G 207 -25.17 -37.18 -58.77
C LEU G 207 -25.99 -38.31 -59.39
N GLU G 208 -25.38 -39.49 -59.49
CA GLU G 208 -25.83 -40.55 -60.40
C GLU G 208 -27.23 -41.10 -60.10
N TYR G 209 -27.75 -40.92 -58.87
CA TYR G 209 -29.08 -41.32 -58.38
C TYR G 209 -29.46 -42.78 -58.63
N THR G 210 -30.68 -43.17 -58.24
CA THR G 210 -31.18 -44.51 -58.51
C THR G 210 -32.55 -44.52 -59.17
N ILE G 211 -33.42 -43.56 -58.81
CA ILE G 211 -34.87 -43.43 -59.09
C ILE G 211 -35.63 -44.76 -59.13
N GLN G 212 -36.43 -45.01 -58.09
CA GLN G 212 -37.21 -46.24 -57.96
C GLN G 212 -38.68 -45.89 -57.73
N ASP G 213 -39.49 -46.10 -58.76
CA ASP G 213 -40.97 -45.91 -58.77
C ASP G 213 -41.26 -44.44 -58.46
N ASN G 214 -42.22 -44.16 -57.59
CA ASN G 214 -42.54 -42.79 -57.20
C ASN G 214 -41.72 -42.31 -56.00
N LEU G 215 -40.76 -43.10 -55.54
CA LEU G 215 -39.88 -42.70 -54.46
C LEU G 215 -38.54 -42.23 -55.04
N CYS G 216 -38.19 -40.98 -54.76
CA CYS G 216 -36.99 -40.35 -55.31
C CYS G 216 -35.81 -40.62 -54.39
N ASN G 217 -34.64 -40.85 -54.97
CA ASN G 217 -33.41 -41.04 -54.22
C ASN G 217 -32.33 -40.18 -54.86
N ILE G 218 -31.89 -39.15 -54.15
CA ILE G 218 -30.95 -38.17 -54.67
C ILE G 218 -29.59 -38.42 -54.04
N THR G 219 -28.62 -38.76 -54.87
CA THR G 219 -27.20 -38.65 -54.53
C THR G 219 -26.70 -37.32 -55.06
N ALA G 220 -25.84 -36.66 -54.27
CA ALA G 220 -25.44 -35.29 -54.57
C ALA G 220 -24.10 -35.01 -53.91
N VAL G 221 -23.61 -33.80 -54.12
CA VAL G 221 -22.45 -33.28 -53.41
C VAL G 221 -22.72 -31.83 -53.02
N ALA G 222 -22.35 -31.48 -51.78
CA ALA G 222 -22.67 -30.17 -51.24
C ALA G 222 -21.59 -29.13 -51.50
N LYS G 223 -20.33 -29.49 -51.34
CA LYS G 223 -19.24 -28.52 -51.43
C LYS G 223 -18.09 -29.15 -52.20
N GLY G 224 -16.93 -28.51 -52.13
CA GLY G 224 -15.75 -28.97 -52.81
C GLY G 224 -15.75 -28.54 -54.26
N PRO G 225 -14.71 -28.91 -54.99
CA PRO G 225 -14.62 -28.54 -56.40
C PRO G 225 -15.56 -29.36 -57.27
N GLN G 226 -16.15 -28.70 -58.27
CA GLN G 226 -16.82 -29.42 -59.34
C GLN G 226 -15.76 -30.09 -60.21
N GLU G 227 -16.17 -31.17 -60.88
CA GLU G 227 -15.36 -32.12 -61.65
C GLU G 227 -14.41 -32.92 -60.78
N ALA G 228 -14.60 -32.90 -59.46
CA ALA G 228 -13.81 -33.70 -58.54
C ALA G 228 -14.56 -34.92 -58.05
N ALA G 229 -15.73 -35.23 -58.63
CA ALA G 229 -16.52 -36.39 -58.27
C ALA G 229 -16.80 -37.22 -59.52
N ARG G 230 -16.95 -38.52 -59.34
CA ARG G 230 -17.17 -39.43 -60.45
C ARG G 230 -18.62 -39.87 -60.50
N THR G 231 -19.24 -39.75 -61.67
CA THR G 231 -20.66 -40.01 -61.84
C THR G 231 -20.86 -40.94 -63.02
N ASP G 232 -21.40 -42.12 -62.75
CA ASP G 232 -21.67 -43.12 -63.78
C ASP G 232 -23.16 -43.08 -64.14
N LYS G 233 -23.46 -42.80 -65.41
CA LYS G 233 -22.47 -42.49 -66.44
C LYS G 233 -22.80 -41.19 -67.15
N THR G 234 -21.81 -40.31 -67.29
CA THR G 234 -21.99 -39.02 -67.93
C THR G 234 -21.46 -38.98 -69.36
N SER G 235 -21.12 -40.14 -69.94
CA SER G 235 -20.61 -40.33 -71.29
C SER G 235 -19.31 -39.57 -71.54
N THR G 236 -18.55 -39.24 -70.49
CA THR G 236 -17.28 -38.54 -70.60
C THR G 236 -16.27 -39.09 -69.59
N ARG G 237 -16.37 -40.40 -69.31
CA ARG G 237 -15.53 -41.12 -68.33
C ARG G 237 -15.65 -40.52 -66.93
N ARG G 238 -16.83 -40.00 -66.59
CA ARG G 238 -17.26 -39.60 -65.25
C ARG G 238 -16.44 -38.44 -64.66
N VAL G 239 -15.64 -37.74 -65.46
CA VAL G 239 -14.78 -36.72 -64.89
C VAL G 239 -15.44 -35.34 -64.93
N THR G 240 -16.20 -35.02 -65.98
CA THR G 240 -16.78 -33.69 -66.13
C THR G 240 -18.30 -33.75 -66.04
N ALA G 241 -18.86 -32.91 -65.17
CA ALA G 241 -20.31 -32.71 -65.08
C ALA G 241 -20.52 -31.23 -64.79
N ASN G 242 -20.69 -30.44 -65.85
CA ASN G 242 -20.87 -29.00 -65.69
C ASN G 242 -22.22 -28.68 -65.06
N ILE G 243 -22.19 -27.76 -64.10
CA ILE G 243 -23.37 -27.43 -63.31
C ILE G 243 -24.24 -26.48 -64.12
N PRO G 244 -25.53 -26.75 -64.28
CA PRO G 244 -26.45 -25.79 -64.92
C PRO G 244 -27.17 -24.91 -63.92
N ALA G 245 -27.41 -23.65 -64.30
CA ALA G 245 -28.04 -22.68 -63.42
C ALA G 245 -29.35 -22.14 -63.99
N CYS G 246 -29.87 -22.77 -65.05
CA CYS G 246 -31.14 -22.44 -65.70
C CYS G 246 -31.14 -20.98 -66.21
N VAL G 247 -30.27 -20.75 -67.20
CA VAL G 247 -30.26 -19.48 -67.92
C VAL G 247 -31.60 -19.29 -68.64
N PHE G 248 -32.07 -18.04 -68.72
CA PHE G 248 -31.49 -16.86 -68.10
C PHE G 248 -32.50 -16.22 -67.16
N TRP G 249 -33.44 -17.02 -66.67
CA TRP G 249 -34.32 -16.59 -65.59
C TRP G 249 -33.50 -16.32 -64.33
N ASP G 250 -32.53 -17.18 -64.06
CA ASP G 250 -31.49 -16.97 -63.07
C ASP G 250 -30.32 -16.23 -63.76
N VAL G 251 -29.14 -16.28 -63.15
CA VAL G 251 -27.82 -15.84 -63.66
C VAL G 251 -27.87 -14.37 -64.12
N ASP G 252 -28.53 -13.55 -63.32
CA ASP G 252 -28.41 -12.10 -63.46
C ASP G 252 -26.97 -11.69 -63.17
N LYS G 253 -26.43 -10.84 -64.03
CA LYS G 253 -25.01 -10.49 -64.01
C LYS G 253 -24.82 -9.12 -63.37
N ASP G 254 -23.91 -9.04 -62.42
CA ASP G 254 -23.52 -7.78 -61.79
C ASP G 254 -22.01 -7.64 -61.93
N LEU G 255 -21.47 -6.53 -62.50
CA LEU G 255 -21.98 -5.22 -63.03
C LEU G 255 -22.53 -4.28 -61.94
N HIS G 256 -22.09 -3.03 -61.91
CA HIS G 256 -21.28 -2.40 -62.96
C HIS G 256 -19.77 -2.51 -62.76
N LEU G 257 -19.35 -3.18 -61.70
CA LEU G 257 -17.92 -3.34 -61.45
C LEU G 257 -17.39 -4.57 -62.18
N SER G 258 -16.36 -4.36 -62.99
CA SER G 258 -15.77 -5.39 -63.82
C SER G 258 -14.28 -5.08 -63.93
N ALA G 259 -13.43 -6.12 -63.96
CA ALA G 259 -13.75 -7.53 -64.06
C ALA G 259 -12.72 -8.35 -63.29
N ASP G 260 -12.63 -9.64 -63.62
CA ASP G 260 -11.54 -10.56 -63.28
C ASP G 260 -11.62 -10.91 -61.79
N GLY G 261 -10.71 -11.76 -61.31
CA GLY G 261 -10.69 -12.08 -59.89
C GLY G 261 -11.50 -13.31 -59.53
N LEU G 262 -12.02 -13.31 -58.31
CA LEU G 262 -12.72 -14.44 -57.74
C LEU G 262 -14.21 -14.14 -57.68
N LYS G 263 -15.01 -14.98 -58.32
CA LYS G 263 -16.43 -14.69 -58.53
C LYS G 263 -17.25 -15.39 -57.46
N HIS G 264 -17.88 -14.59 -56.59
CA HIS G 264 -18.80 -15.11 -55.60
C HIS G 264 -20.16 -15.33 -56.25
N VAL G 265 -20.76 -16.50 -55.99
CA VAL G 265 -22.07 -16.85 -56.51
C VAL G 265 -23.06 -16.77 -55.37
N PHE G 266 -24.06 -15.90 -55.53
CA PHE G 266 -25.07 -15.56 -54.52
C PHE G 266 -26.41 -16.16 -54.93
N LEU G 267 -27.16 -16.65 -53.94
CA LEU G 267 -28.54 -17.08 -54.14
C LEU G 267 -29.43 -15.99 -53.56
N VAL G 268 -30.03 -15.19 -54.43
CA VAL G 268 -30.66 -13.93 -54.04
C VAL G 268 -32.18 -14.06 -54.18
N PHE G 269 -32.89 -13.71 -53.12
CA PHE G 269 -34.31 -13.36 -53.21
C PHE G 269 -34.41 -11.86 -53.41
N VAL G 270 -35.12 -11.45 -54.47
CA VAL G 270 -35.05 -10.08 -54.94
C VAL G 270 -36.28 -9.25 -54.55
N TYR G 271 -37.43 -9.87 -54.28
CA TYR G 271 -38.61 -9.26 -53.65
C TYR G 271 -39.25 -8.07 -54.35
N THR G 272 -40.25 -7.50 -53.69
CA THR G 272 -40.91 -6.26 -54.06
C THR G 272 -41.47 -5.68 -52.76
N GLN G 273 -41.40 -4.35 -52.63
CA GLN G 273 -41.72 -3.70 -51.35
C GLN G 273 -43.20 -3.82 -51.00
N ARG G 274 -44.08 -3.58 -51.97
CA ARG G 274 -45.50 -3.45 -51.71
C ARG G 274 -46.28 -4.49 -52.51
N ARG G 275 -47.31 -5.05 -51.86
CA ARG G 275 -48.23 -5.97 -52.52
C ARG G 275 -49.18 -5.18 -53.42
N GLN G 276 -49.54 -5.75 -54.59
CA GLN G 276 -49.25 -7.12 -55.03
C GLN G 276 -47.90 -7.12 -55.77
N ARG G 277 -47.45 -8.31 -56.23
CA ARG G 277 -46.19 -8.62 -56.91
C ARG G 277 -45.02 -8.62 -55.92
N GLU G 278 -44.07 -9.56 -56.05
CA GLU G 278 -44.02 -10.50 -57.17
C GLU G 278 -44.53 -11.96 -56.96
N GLY G 279 -44.28 -12.71 -55.88
CA GLY G 279 -43.26 -12.55 -54.86
C GLY G 279 -43.02 -13.94 -54.31
N VAL G 280 -41.78 -14.44 -54.31
CA VAL G 280 -40.57 -13.72 -54.69
C VAL G 280 -39.77 -14.50 -55.75
N ARG G 281 -39.33 -13.82 -56.82
CA ARG G 281 -38.47 -14.47 -57.80
C ARG G 281 -37.08 -14.72 -57.24
N LEU G 282 -36.48 -15.82 -57.68
CA LEU G 282 -35.14 -16.24 -57.25
C LEU G 282 -34.14 -15.96 -58.35
N HIS G 283 -32.97 -15.44 -57.98
CA HIS G 283 -31.87 -15.23 -58.91
C HIS G 283 -30.63 -15.93 -58.39
N LEU G 284 -29.83 -16.48 -59.31
CA LEU G 284 -28.50 -17.01 -58.98
C LEU G 284 -27.47 -16.02 -59.50
N ALA G 285 -27.22 -14.98 -58.73
CA ALA G 285 -26.36 -13.89 -59.18
C ALA G 285 -24.89 -14.26 -58.99
N LEU G 286 -24.03 -13.55 -59.72
CA LEU G 286 -22.59 -13.70 -59.56
C LEU G 286 -21.97 -12.31 -59.54
N SER G 287 -21.05 -12.09 -58.61
CA SER G 287 -20.45 -10.77 -58.45
C SER G 287 -19.08 -10.90 -57.80
N GLN G 288 -18.36 -9.78 -57.76
CA GLN G 288 -17.04 -9.80 -57.14
C GLN G 288 -17.09 -9.56 -55.65
N LEU G 289 -18.14 -8.91 -55.16
CA LEU G 289 -18.14 -8.37 -53.81
C LEU G 289 -18.33 -9.47 -52.76
N ASN G 290 -18.03 -9.10 -51.52
CA ASN G 290 -18.02 -10.03 -50.40
C ASN G 290 -19.44 -10.26 -49.88
N GLU G 291 -19.54 -11.14 -48.87
CA GLU G 291 -20.84 -11.43 -48.27
C GLU G 291 -21.33 -10.26 -47.45
N GLN G 292 -20.46 -9.66 -46.65
CA GLN G 292 -20.77 -8.43 -45.94
C GLN G 292 -20.86 -7.25 -46.90
N CYS G 293 -20.22 -7.35 -48.06
CA CYS G 293 -20.43 -6.40 -49.14
C CYS G 293 -21.66 -6.85 -49.94
N PHE G 294 -21.87 -6.23 -51.11
CA PHE G 294 -22.86 -6.59 -52.14
C PHE G 294 -24.28 -6.25 -51.69
N GLY G 295 -24.47 -5.85 -50.44
CA GLY G 295 -25.77 -5.35 -50.01
C GLY G 295 -26.04 -3.97 -50.56
N ARG G 296 -24.99 -3.14 -50.70
CA ARG G 296 -25.14 -1.87 -51.38
C ARG G 296 -25.25 -2.05 -52.89
N GLY G 297 -24.73 -3.16 -53.42
CA GLY G 297 -24.89 -3.43 -54.85
C GLY G 297 -26.31 -3.82 -55.22
N ILE G 298 -27.09 -4.31 -54.25
CA ILE G 298 -28.48 -4.65 -54.50
C ILE G 298 -29.44 -3.62 -53.89
N GLY G 299 -28.96 -2.76 -53.00
CA GLY G 299 -29.71 -1.54 -52.70
C GLY G 299 -29.72 -0.61 -53.90
N PHE G 300 -28.59 -0.47 -54.57
CA PHE G 300 -28.50 0.10 -55.90
C PHE G 300 -28.94 -0.96 -56.92
N LEU G 301 -29.12 -0.54 -58.17
CA LEU G 301 -29.47 -1.39 -59.32
C LEU G 301 -30.81 -2.11 -59.13
N LEU G 302 -30.88 -3.03 -58.16
CA LEU G 302 -32.13 -3.70 -57.87
C LEU G 302 -33.12 -2.76 -57.19
N GLY G 303 -32.79 -2.31 -55.98
CA GLY G 303 -33.68 -1.43 -55.24
C GLY G 303 -33.65 0.01 -55.66
N ALA G 304 -32.70 0.39 -56.52
CA ALA G 304 -32.64 1.76 -56.99
C ALA G 304 -33.72 2.05 -58.03
N ARG G 305 -34.03 1.07 -58.87
CA ARG G 305 -35.01 1.26 -59.95
C ARG G 305 -36.40 0.76 -59.53
N ILE G 306 -36.94 1.38 -58.49
CA ILE G 306 -38.29 1.07 -58.05
C ILE G 306 -38.93 2.31 -57.42
N CYS G 307 -37.18 -3.41 -46.36
CA CYS G 307 -38.48 -3.36 -47.02
C CYS G 307 -39.54 -4.44 -46.64
N MET G 308 -39.30 -5.76 -46.60
CA MET G 308 -38.02 -6.47 -46.72
C MET G 308 -37.73 -6.76 -48.20
N TYR G 309 -36.45 -6.75 -48.58
CA TYR G 309 -36.16 -6.91 -49.99
C TYR G 309 -35.04 -7.90 -50.30
N ALA G 310 -34.13 -8.22 -49.38
CA ALA G 310 -32.90 -8.91 -49.75
C ALA G 310 -32.68 -10.13 -48.87
N ALA G 311 -32.15 -11.19 -49.49
CA ALA G 311 -31.69 -12.39 -48.78
C ALA G 311 -30.71 -13.10 -49.71
N TYR G 312 -29.43 -13.12 -49.35
CA TYR G 312 -28.39 -13.63 -50.24
C TYR G 312 -27.36 -14.41 -49.45
N THR G 313 -27.14 -15.66 -49.86
CA THR G 313 -26.18 -16.55 -49.22
C THR G 313 -25.02 -16.83 -50.17
N LEU G 314 -23.94 -17.37 -49.60
CA LEU G 314 -22.80 -17.82 -50.40
C LEU G 314 -23.11 -19.23 -50.84
N ILE G 315 -23.67 -19.36 -52.04
CA ILE G 315 -23.79 -20.70 -52.60
C ILE G 315 -22.46 -21.07 -53.27
N GLY G 316 -21.63 -20.10 -53.62
CA GLY G 316 -20.34 -20.48 -54.16
C GLY G 316 -19.37 -19.33 -54.22
N THR G 317 -18.13 -19.67 -54.55
CA THR G 317 -17.08 -18.71 -54.88
C THR G 317 -16.03 -19.46 -55.68
N ILE G 318 -15.76 -18.99 -56.89
CA ILE G 318 -14.91 -19.72 -57.81
C ILE G 318 -13.68 -18.87 -58.18
N PRO G 319 -12.47 -19.41 -58.00
CA PRO G 319 -11.29 -18.83 -58.65
C PRO G 319 -11.08 -19.45 -60.02
N SER G 320 -10.55 -18.68 -60.98
CA SER G 320 -10.33 -17.23 -60.99
C SER G 320 -10.40 -16.84 -62.46
N GLU G 321 -10.63 -15.54 -62.71
CA GLU G 321 -10.33 -14.88 -64.00
C GLU G 321 -11.08 -15.49 -65.20
N SER G 322 -12.40 -15.29 -65.29
CA SER G 322 -13.32 -14.77 -64.28
C SER G 322 -14.57 -15.65 -64.31
N VAL G 323 -14.85 -16.18 -65.51
CA VAL G 323 -15.99 -17.05 -65.79
C VAL G 323 -15.50 -18.21 -66.64
N ARG G 324 -16.44 -19.07 -67.05
CA ARG G 324 -16.07 -20.24 -67.86
C ARG G 324 -16.14 -19.98 -69.38
N TYR G 325 -17.27 -19.50 -69.96
CA TYR G 325 -18.59 -19.12 -69.42
C TYR G 325 -19.73 -20.19 -69.33
N THR G 326 -20.04 -21.03 -70.34
CA THR G 326 -19.39 -21.20 -71.65
C THR G 326 -20.37 -21.28 -72.84
N ARG G 327 -21.67 -21.38 -72.53
CA ARG G 327 -22.81 -21.22 -73.45
C ARG G 327 -22.94 -22.38 -74.45
N ARG G 328 -24.13 -22.62 -75.02
CA ARG G 328 -25.43 -22.08 -74.63
C ARG G 328 -26.54 -23.14 -74.53
N MET G 329 -26.51 -24.10 -75.44
CA MET G 329 -27.68 -24.88 -75.79
C MET G 329 -27.58 -26.28 -75.17
N GLU G 330 -28.67 -26.74 -74.56
CA GLU G 330 -28.69 -28.05 -73.92
C GLU G 330 -30.04 -28.72 -74.16
N ARG G 331 -30.05 -30.04 -73.98
CA ARG G 331 -31.24 -30.86 -74.24
C ARG G 331 -31.63 -31.59 -72.97
N PHE G 332 -32.74 -31.17 -72.36
CA PHE G 332 -33.39 -31.97 -71.33
C PHE G 332 -34.87 -32.20 -71.61
N GLY G 333 -35.54 -31.23 -72.22
CA GLY G 333 -36.95 -31.33 -72.52
C GLY G 333 -37.21 -31.52 -74.00
N GLY G 334 -38.50 -31.60 -74.34
CA GLY G 334 -38.89 -31.69 -75.73
C GLY G 334 -38.81 -30.36 -76.46
N TYR G 335 -38.77 -29.26 -75.72
CA TYR G 335 -38.77 -27.92 -76.29
C TYR G 335 -37.44 -27.23 -76.03
N ASN G 336 -37.26 -26.08 -76.68
CA ASN G 336 -35.97 -25.43 -76.74
C ASN G 336 -35.68 -24.66 -75.46
N VAL G 337 -34.67 -25.10 -74.71
CA VAL G 337 -34.21 -24.45 -73.49
C VAL G 337 -32.71 -24.21 -73.55
N PRO G 338 -32.25 -22.96 -73.50
CA PRO G 338 -30.83 -22.70 -73.32
C PRO G 338 -30.46 -22.60 -71.84
N THR G 339 -29.33 -23.20 -71.48
CA THR G 339 -28.88 -23.21 -70.08
C THR G 339 -27.42 -22.85 -69.98
N ILE G 340 -27.07 -22.17 -68.89
CA ILE G 340 -25.70 -22.02 -68.42
C ILE G 340 -25.62 -22.89 -67.16
N TRP G 341 -24.66 -23.84 -67.05
CA TRP G 341 -23.36 -24.21 -67.70
C TRP G 341 -22.23 -23.23 -67.44
N LEU G 342 -22.08 -22.86 -66.17
CA LEU G 342 -20.80 -22.36 -65.65
C LEU G 342 -19.93 -23.57 -65.33
N GLU G 343 -18.92 -23.83 -66.17
CA GLU G 343 -18.04 -24.97 -65.95
C GLU G 343 -17.10 -24.70 -64.78
N GLY G 344 -16.98 -25.69 -63.89
CA GLY G 344 -16.01 -25.62 -62.81
C GLY G 344 -16.34 -24.60 -61.75
N VAL G 345 -17.32 -24.89 -60.89
CA VAL G 345 -17.73 -23.99 -59.82
C VAL G 345 -17.42 -24.64 -58.48
N VAL G 346 -16.73 -23.90 -57.61
CA VAL G 346 -16.40 -24.37 -56.26
C VAL G 346 -17.44 -23.84 -55.29
N TRP G 347 -18.06 -24.75 -54.53
CA TRP G 347 -19.05 -24.39 -53.52
C TRP G 347 -18.37 -24.15 -52.18
N GLY G 348 -18.70 -23.03 -51.55
CA GLY G 348 -18.27 -22.80 -50.19
C GLY G 348 -19.23 -23.42 -49.19
N GLY G 349 -18.80 -23.40 -47.93
CA GLY G 349 -19.62 -23.87 -46.83
C GLY G 349 -20.58 -22.82 -46.34
N THR G 350 -21.35 -23.22 -45.31
CA THR G 350 -22.29 -22.41 -44.51
C THR G 350 -23.52 -22.01 -45.32
N ASN G 351 -24.69 -22.26 -44.77
CA ASN G 351 -25.95 -22.00 -45.47
C ASN G 351 -26.82 -20.95 -44.77
N THR G 352 -26.19 -19.97 -44.15
CA THR G 352 -26.87 -18.79 -43.65
C THR G 352 -26.74 -17.66 -44.66
N TRP G 353 -27.50 -16.59 -44.44
CA TRP G 353 -27.51 -15.50 -45.40
C TRP G 353 -27.72 -14.17 -44.71
N ASN G 354 -27.26 -13.11 -45.37
CA ASN G 354 -27.54 -11.76 -44.91
C ASN G 354 -29.00 -11.43 -45.19
N GLU G 355 -29.60 -10.71 -44.24
CA GLU G 355 -31.00 -10.29 -44.33
C GLU G 355 -31.02 -8.77 -44.20
N CYS G 356 -30.96 -8.07 -45.33
CA CYS G 356 -30.82 -6.62 -45.34
C CYS G 356 -32.11 -5.94 -44.87
N TYR G 357 -31.94 -4.83 -44.17
CA TYR G 357 -33.03 -3.99 -43.62
C TYR G 357 -33.95 -4.72 -42.65
N ALA H 1 58.07 -9.87 -65.48
CA ALA H 1 58.78 -10.59 -66.53
C ALA H 1 59.29 -9.77 -67.76
N ALA H 2 58.52 -8.90 -68.44
CA ALA H 2 57.10 -8.53 -68.23
C ALA H 2 56.25 -9.01 -69.39
N ALA H 3 55.20 -9.77 -69.07
CA ALA H 3 54.30 -10.30 -70.08
C ALA H 3 53.41 -9.19 -70.64
N ALA H 4 53.26 -9.16 -71.97
CA ALA H 4 53.89 -10.07 -72.93
C ALA H 4 54.46 -9.32 -74.12
N ALA H 5 55.69 -9.68 -74.52
CA ALA H 5 56.41 -9.24 -75.70
C ALA H 5 56.69 -7.75 -75.77
N ALA H 6 56.46 -7.00 -74.68
CA ALA H 6 56.74 -5.57 -74.65
C ALA H 6 57.91 -5.23 -73.73
N ALA H 7 58.62 -6.24 -73.25
CA ALA H 7 59.70 -6.06 -72.29
C ALA H 7 61.01 -6.59 -72.88
N ALA H 8 62.18 -5.95 -72.60
CA ALA H 8 62.52 -4.72 -71.83
C ALA H 8 62.06 -4.59 -70.37
N ALA H 9 62.54 -5.50 -69.52
CA ALA H 9 62.28 -5.46 -68.09
C ALA H 9 63.60 -5.21 -67.35
N ALA H 10 63.65 -4.29 -66.36
CA ALA H 10 62.63 -3.43 -65.69
C ALA H 10 61.38 -4.17 -65.09
N ALA H 11 61.47 -4.97 -64.02
CA ALA H 11 62.53 -5.14 -62.98
C ALA H 11 63.13 -3.84 -62.43
N ALA H 12 62.26 -2.97 -61.91
CA ALA H 12 62.60 -1.57 -61.70
C ALA H 12 62.84 -1.26 -60.22
N ALA H 13 63.35 -0.05 -59.99
CA ALA H 13 63.76 0.51 -58.70
C ALA H 13 64.03 2.00 -58.94
N ALA H 14 65.30 2.34 -59.21
CA ALA H 14 65.64 3.65 -59.79
C ALA H 14 66.91 3.48 -60.63
N ALA H 15 66.79 3.22 -61.97
CA ALA H 15 65.72 2.64 -62.85
C ALA H 15 64.49 3.59 -63.13
N ALA H 16 63.57 3.35 -64.08
CA ALA H 16 63.43 2.21 -65.01
C ALA H 16 64.23 2.29 -66.29
N ALA H 17 64.24 1.16 -67.01
CA ALA H 17 64.80 1.05 -68.35
C ALA H 17 63.95 0.00 -69.07
N ALA H 18 62.91 0.46 -69.77
CA ALA H 18 61.90 -0.44 -70.31
C ALA H 18 61.49 -0.07 -71.74
N ALA H 19 62.40 0.48 -72.53
CA ALA H 19 62.06 0.86 -73.90
C ALA H 19 63.10 0.31 -74.87
N ALA H 20 63.74 -0.80 -74.48
CA ALA H 20 64.71 -1.56 -75.29
C ALA H 20 65.87 -0.64 -75.64
N ALA H 21 66.07 -0.27 -76.90
CA ALA H 21 67.07 0.71 -77.28
C ALA H 21 66.40 2.08 -77.36
N ALA H 22 66.97 3.06 -76.64
CA ALA H 22 66.46 4.43 -76.51
C ALA H 22 65.00 4.43 -76.00
N ALA H 23 64.75 4.02 -74.73
CA ALA H 23 65.51 3.96 -73.44
C ALA H 23 66.21 5.29 -72.99
N ALA H 24 66.12 5.64 -71.70
CA ALA H 24 65.44 4.85 -70.66
C ALA H 24 64.62 5.72 -69.70
N ALA H 25 64.50 7.00 -70.04
CA ALA H 25 63.96 8.05 -69.18
C ALA H 25 64.64 8.08 -67.83
N ALA H 26 63.88 8.39 -66.77
CA ALA H 26 64.44 8.49 -65.43
C ALA H 26 63.32 8.23 -64.43
N ALA H 27 63.56 8.56 -63.16
CA ALA H 27 62.56 8.41 -62.11
C ALA H 27 62.36 9.77 -61.45
N ALA H 28 61.44 9.81 -60.50
CA ALA H 28 61.17 11.03 -59.76
C ALA H 28 62.15 11.28 -58.63
N ALA H 29 62.94 10.26 -58.25
CA ALA H 29 63.92 10.41 -57.18
C ALA H 29 65.15 9.56 -57.44
N ALA H 30 104.28 22.81 -50.56
CA ALA H 30 104.15 23.68 -51.74
C ALA H 30 102.69 23.78 -52.17
N ALA H 31 101.82 23.03 -51.49
CA ALA H 31 100.43 22.97 -51.88
C ALA H 31 99.63 24.13 -51.30
N ALA H 32 99.56 24.21 -49.96
CA ALA H 32 98.70 25.11 -49.18
C ALA H 32 97.22 24.98 -49.53
N ALA H 33 96.86 23.77 -50.00
CA ALA H 33 95.67 23.32 -50.73
C ALA H 33 96.14 22.21 -51.66
N ALA H 34 96.31 20.93 -51.24
CA ALA H 34 95.88 20.12 -50.06
C ALA H 34 94.36 20.00 -49.91
N ALA H 35 93.95 18.84 -49.40
CA ALA H 35 92.56 18.36 -49.41
C ALA H 35 91.98 18.38 -50.82
N ALA H 36 92.80 17.92 -51.78
CA ALA H 36 92.43 17.94 -53.18
C ALA H 36 91.81 16.60 -53.60
N ALA H 37 90.77 16.69 -54.42
CA ALA H 37 90.07 15.50 -54.90
C ALA H 37 89.90 15.56 -56.41
N ILE H 38 78.08 2.48 -40.79
CA ILE H 38 77.93 1.07 -40.48
C ILE H 38 77.83 0.90 -38.96
N VAL H 39 79.01 0.91 -38.32
CA VAL H 39 79.34 0.83 -36.89
C VAL H 39 78.58 -0.33 -36.22
N ILE H 40 78.58 -0.38 -34.89
CA ILE H 40 77.87 -1.41 -34.13
C ILE H 40 77.56 -0.84 -32.74
N ASN H 41 76.54 -1.39 -32.10
CA ASN H 41 76.13 -0.99 -30.77
C ASN H 41 75.67 -2.23 -30.02
N ARG H 42 75.30 -2.03 -28.77
CA ARG H 42 74.82 -3.13 -27.94
C ARG H 42 73.42 -3.57 -28.37
N MET H 43 72.46 -2.66 -28.32
CA MET H 43 71.08 -2.93 -28.71
C MET H 43 70.63 -1.83 -29.66
N ASN H 44 69.38 -1.93 -30.13
CA ASN H 44 68.81 -1.32 -31.34
C ASN H 44 69.46 -1.90 -32.59
N ASN H 45 70.33 -1.10 -33.25
CA ASN H 45 71.12 -1.45 -34.45
C ASN H 45 70.26 -1.62 -35.71
N ILE H 46 70.75 -1.24 -36.89
CA ILE H 46 72.08 -0.69 -37.14
C ILE H 46 72.01 0.73 -37.72
N GLN H 47 73.19 1.31 -37.95
CA GLN H 47 73.34 2.56 -38.67
C GLN H 47 73.70 2.23 -40.12
N ILE H 48 73.00 2.86 -41.06
CA ILE H 48 73.20 2.58 -42.48
C ILE H 48 73.70 3.81 -43.25
N ASN H 49 73.04 4.97 -43.17
CA ASN H 49 73.68 6.14 -43.78
C ASN H 49 73.45 7.45 -43.03
N PRO H 50 72.20 8.01 -42.83
CA PRO H 50 70.80 7.68 -43.22
C PRO H 50 70.50 8.13 -44.66
N THR H 51 69.52 7.71 -45.48
CA THR H 51 68.49 6.64 -45.33
C THR H 51 67.74 6.43 -44.01
N SER H 52 67.64 5.19 -43.56
CA SER H 52 66.65 4.87 -42.54
C SER H 52 67.20 4.95 -41.12
N ILE H 53 68.32 4.28 -40.87
CA ILE H 53 68.80 3.88 -39.54
C ILE H 53 67.68 3.09 -38.88
N GLY H 54 67.55 1.83 -39.24
CA GLY H 54 66.46 1.02 -38.74
C GLY H 54 66.75 0.40 -37.38
N ASN H 55 65.67 0.18 -36.63
CA ASN H 55 65.63 -0.61 -35.41
C ASN H 55 65.39 -2.05 -35.85
N PRO H 56 65.25 -3.03 -34.94
CA PRO H 56 64.70 -4.33 -35.38
C PRO H 56 63.36 -4.23 -36.09
N GLN H 57 62.37 -3.51 -35.53
CA GLN H 57 61.10 -3.29 -36.24
C GLN H 57 60.77 -1.80 -36.26
N THR H 58 61.40 -1.07 -37.21
CA THR H 58 61.00 0.20 -37.82
C THR H 58 62.14 0.58 -38.76
N ILE H 59 61.91 1.60 -39.58
CA ILE H 59 62.97 2.10 -40.45
C ILE H 59 63.25 3.60 -40.28
N ARG H 60 62.20 4.45 -40.34
CA ARG H 60 62.23 5.92 -40.50
C ARG H 60 62.84 6.33 -41.85
N LEU H 61 62.63 7.57 -42.28
CA LEU H 61 63.14 8.08 -43.55
C LEU H 61 63.78 9.43 -43.29
N PRO H 62 64.84 9.81 -44.04
CA PRO H 62 65.59 11.03 -43.65
C PRO H 62 65.06 12.31 -44.26
N LEU H 63 63.83 12.69 -43.87
CA LEU H 63 63.18 13.97 -44.21
C LEU H 63 63.11 14.16 -45.73
N ASN H 64 62.26 13.34 -46.36
CA ASN H 64 62.22 13.19 -47.81
C ASN H 64 61.72 14.49 -48.43
N ASN H 65 62.70 15.33 -48.79
CA ASN H 65 62.57 16.69 -49.35
C ASN H 65 61.92 17.67 -48.38
N PHE H 66 62.12 18.97 -48.61
CA PHE H 66 61.51 20.02 -47.80
C PHE H 66 60.82 21.01 -48.73
N LYS H 67 59.57 20.73 -49.09
CA LYS H 67 58.84 19.52 -48.70
C LYS H 67 58.22 18.87 -49.93
N SER H 68 57.52 17.76 -49.71
CA SER H 68 56.72 17.12 -50.76
C SER H 68 55.31 16.89 -50.23
N THR H 69 54.44 17.91 -50.34
CA THR H 69 54.78 19.27 -50.77
C THR H 69 54.03 20.21 -49.84
N THR H 70 53.10 19.65 -49.08
CA THR H 70 51.92 20.39 -48.66
C THR H 70 52.10 21.33 -47.46
N GLN H 71 52.75 20.97 -46.34
CA GLN H 71 53.13 19.66 -45.83
C GLN H 71 52.00 19.13 -44.93
N LEU H 72 51.57 19.92 -43.94
CA LEU H 72 50.52 19.57 -42.99
C LEU H 72 50.06 20.84 -42.28
N ILE H 73 48.85 20.80 -41.75
CA ILE H 73 48.37 21.80 -40.79
C ILE H 73 47.31 21.13 -39.92
N GLN H 74 47.14 21.60 -38.68
CA GLN H 74 46.19 20.97 -37.76
C GLN H 74 45.74 21.98 -36.72
N GLN H 75 44.63 21.67 -36.04
CA GLN H 75 44.01 22.65 -35.15
C GLN H 75 43.10 21.96 -34.15
N VAL H 76 43.01 22.55 -32.94
CA VAL H 76 42.16 22.09 -31.84
C VAL H 76 40.98 23.03 -31.69
N SER H 77 39.79 22.47 -31.56
CA SER H 77 38.57 23.27 -31.48
C SER H 77 37.49 22.47 -30.76
N LEU H 78 36.28 22.99 -30.81
CA LEU H 78 35.09 22.35 -30.29
C LEU H 78 34.14 22.09 -31.45
N THR H 79 33.02 21.43 -31.15
CA THR H 79 32.04 21.05 -32.16
C THR H 79 30.77 21.87 -32.10
N ASP H 80 30.84 23.12 -31.63
CA ASP H 80 29.67 24.00 -31.69
C ASP H 80 29.31 24.30 -33.14
N PHE H 81 30.32 24.47 -33.99
CA PHE H 81 30.20 24.43 -35.43
C PHE H 81 31.07 23.28 -35.90
N PHE H 82 30.53 22.43 -36.79
CA PHE H 82 31.23 21.45 -37.61
C PHE H 82 31.64 20.24 -36.75
N ARG H 83 31.31 19.05 -37.22
CA ARG H 83 31.88 17.82 -36.69
C ARG H 83 32.36 17.01 -37.89
N PRO H 84 33.51 16.34 -37.77
CA PRO H 84 34.20 15.83 -38.97
C PRO H 84 33.62 14.55 -39.56
N ASP H 85 32.80 13.80 -38.84
CA ASP H 85 32.35 12.51 -39.36
C ASP H 85 31.18 12.62 -40.32
N ILE H 86 30.62 13.83 -40.51
CA ILE H 86 29.43 13.98 -41.33
C ILE H 86 29.78 13.94 -42.81
N GLU H 87 30.79 14.70 -43.20
CA GLU H 87 31.11 14.93 -44.60
C GLU H 87 31.99 13.79 -45.12
N HIS H 88 32.50 13.95 -46.34
CA HIS H 88 33.40 12.98 -46.95
C HIS H 88 34.82 13.24 -46.45
N ALA H 89 35.81 12.65 -47.13
CA ALA H 89 37.21 12.84 -46.74
C ALA H 89 37.66 14.28 -47.01
N GLY H 90 37.33 14.82 -48.17
CA GLY H 90 37.74 16.17 -48.49
C GLY H 90 36.67 17.20 -48.16
N SER H 91 37.12 18.44 -47.99
CA SER H 91 36.26 19.59 -47.73
C SER H 91 37.10 20.86 -47.91
N THR H 92 36.55 21.99 -47.48
CA THR H 92 37.28 23.25 -47.38
C THR H 92 36.97 23.87 -46.02
N VAL H 93 37.97 23.98 -45.16
CA VAL H 93 37.72 24.45 -43.79
C VAL H 93 38.22 25.87 -43.62
N LEU H 94 37.40 26.67 -42.94
CA LEU H 94 37.59 28.10 -42.72
C LEU H 94 37.56 28.37 -41.22
N ILE H 95 38.57 29.11 -40.74
CA ILE H 95 38.72 29.36 -39.31
C ILE H 95 38.03 30.68 -38.95
N LEU H 96 37.19 30.64 -37.92
CA LEU H 96 36.51 31.82 -37.42
C LEU H 96 37.20 32.29 -36.15
N ARG H 97 37.66 33.55 -36.18
CA ARG H 97 38.66 34.08 -35.27
C ARG H 97 38.09 35.22 -34.44
N HIS H 98 38.74 35.48 -33.30
CA HIS H 98 38.50 36.57 -32.36
C HIS H 98 37.08 36.54 -31.78
N PRO H 99 36.78 35.59 -30.89
CA PRO H 99 35.45 35.55 -30.28
C PRO H 99 35.19 36.65 -29.26
N THR H 100 36.20 37.46 -28.93
CA THR H 100 36.05 38.52 -27.94
C THR H 100 35.16 39.65 -28.47
N ASP H 101 35.06 39.79 -29.78
CA ASP H 101 34.43 40.95 -30.42
C ASP H 101 32.91 40.89 -30.22
N LEU H 102 32.49 41.27 -29.02
CA LEU H 102 31.09 41.53 -28.71
C LEU H 102 30.92 43.03 -28.60
N PRO H 103 30.71 43.73 -29.74
CA PRO H 103 30.96 45.17 -29.86
C PRO H 103 32.02 45.82 -28.98
N HIS H 104 33.19 45.20 -28.89
CA HIS H 104 34.36 45.89 -28.36
C HIS H 104 35.22 46.45 -29.48
N LEU H 105 35.26 45.77 -30.62
CA LEU H 105 35.83 46.34 -31.84
C LEU H 105 34.75 46.88 -32.77
N ALA H 106 33.52 46.39 -32.66
CA ALA H 106 32.41 46.94 -33.43
C ALA H 106 31.93 48.28 -32.89
N ARG H 107 32.39 48.67 -31.69
CA ARG H 107 32.18 50.04 -31.24
C ARG H 107 32.94 51.02 -32.13
N HIS H 108 34.13 50.66 -32.58
CA HIS H 108 34.87 51.40 -33.58
C HIS H 108 34.42 50.99 -34.97
N ARG H 109 34.66 51.88 -35.94
CA ARG H 109 34.33 51.73 -37.36
C ARG H 109 32.84 51.47 -37.60
N ALA H 110 31.96 51.96 -36.72
CA ALA H 110 30.53 51.77 -36.87
C ALA H 110 29.89 53.06 -37.37
N PRO H 111 29.24 53.06 -38.53
CA PRO H 111 28.60 54.29 -39.01
C PRO H 111 27.42 54.67 -38.12
N PRO H 112 27.11 55.97 -38.03
CA PRO H 112 25.99 56.39 -37.17
C PRO H 112 24.65 55.91 -37.69
N GLY H 113 23.73 55.67 -36.75
CA GLY H 113 22.44 55.12 -37.05
C GLY H 113 22.36 53.61 -36.99
N ARG H 114 23.50 52.93 -36.94
CA ARG H 114 23.54 51.47 -36.83
C ARG H 114 23.80 51.13 -35.38
N GLN H 115 22.85 50.46 -34.74
CA GLN H 115 23.04 50.03 -33.36
C GLN H 115 23.99 48.83 -33.33
N THR H 116 25.03 48.92 -32.52
CA THR H 116 26.00 47.84 -32.41
C THR H 116 25.53 46.72 -31.49
N GLU H 117 24.69 47.03 -30.49
CA GLU H 117 24.36 46.12 -29.41
C GLU H 117 23.61 44.88 -29.87
N ARG H 118 22.97 44.93 -31.05
CA ARG H 118 22.35 43.72 -31.61
C ARG H 118 23.40 42.65 -31.88
N LEU H 119 24.59 43.03 -32.36
CA LEU H 119 25.71 42.10 -32.42
C LEU H 119 26.07 41.58 -31.04
N ALA H 120 26.05 42.49 -30.04
CA ALA H 120 26.27 42.08 -28.65
C ALA H 120 25.17 41.14 -28.17
N GLU H 121 23.97 41.26 -28.75
CA GLU H 121 22.98 40.21 -28.54
C GLU H 121 23.36 38.96 -29.30
N ALA H 122 23.61 39.11 -30.62
CA ALA H 122 23.61 37.95 -31.52
C ALA H 122 24.80 37.05 -31.26
N TRP H 123 26.02 37.62 -31.25
CA TRP H 123 27.19 36.84 -30.85
C TRP H 123 27.07 36.35 -29.42
N GLY H 124 26.38 37.12 -28.56
CA GLY H 124 26.10 36.66 -27.20
C GLY H 124 25.25 35.40 -27.20
N GLN H 125 24.22 35.36 -28.05
CA GLN H 125 23.42 34.14 -28.11
C GLN H 125 24.05 33.11 -29.04
N LEU H 126 25.23 33.41 -29.59
CA LEU H 126 26.07 32.36 -30.15
C LEU H 126 26.79 31.60 -29.04
N LEU H 127 26.98 32.25 -27.88
CA LEU H 127 27.85 31.65 -26.86
C LEU H 127 27.07 31.09 -25.68
N GLU H 128 26.05 31.80 -25.21
CA GLU H 128 25.27 31.29 -24.09
C GLU H 128 24.40 30.11 -24.50
N ALA H 129 23.75 30.20 -25.66
CA ALA H 129 22.94 29.08 -26.15
C ALA H 129 23.82 27.96 -26.69
N SER H 130 25.01 28.30 -27.17
CA SER H 130 25.94 27.30 -27.70
C SER H 130 27.36 27.55 -27.22
N GLU H 131 31.18 28.44 -22.62
CA GLU H 131 32.35 28.46 -21.74
C GLU H 131 33.64 28.58 -22.53
N SER H 132 34.72 28.95 -21.85
CA SER H 132 36.02 29.05 -22.50
C SER H 132 36.59 27.66 -22.77
N GLY H 133 37.46 27.59 -23.77
CA GLY H 133 38.04 26.32 -24.19
C GLY H 133 39.13 26.49 -25.22
N CYS H 134 39.08 25.67 -26.28
CA CYS H 134 40.05 25.77 -27.36
C CYS H 134 39.85 27.02 -28.20
N ALA H 135 38.69 27.66 -28.12
CA ALA H 135 38.51 28.99 -28.70
C ALA H 135 39.38 29.99 -27.94
N ARG H 136 40.11 30.84 -28.65
CA ARG H 136 40.16 30.96 -30.12
C ARG H 136 41.06 29.90 -30.77
N ALA H 137 40.63 29.32 -31.90
CA ALA H 137 39.50 29.79 -32.70
C ALA H 137 38.59 28.64 -33.20
N TYR H 138 37.39 28.98 -33.64
CA TYR H 138 36.49 27.95 -34.17
C TYR H 138 36.91 27.55 -35.58
N VAL H 139 36.54 26.33 -35.97
CA VAL H 139 36.71 25.90 -37.35
C VAL H 139 35.34 25.50 -37.89
N THR H 140 35.06 25.92 -39.14
CA THR H 140 33.77 25.67 -39.78
C THR H 140 34.02 25.08 -41.17
N SER H 141 33.31 24.01 -41.49
CA SER H 141 33.38 23.42 -42.81
C SER H 141 32.33 24.03 -43.73
N LEU H 142 32.65 24.10 -45.03
CA LEU H 142 31.67 24.54 -46.03
C LEU H 142 30.65 23.45 -46.30
N SER H 143 29.44 23.73 -45.83
CA SER H 143 28.23 22.93 -45.78
C SER H 143 27.36 23.73 -44.83
N PHE H 144 27.95 24.03 -43.66
CA PHE H 144 27.27 24.78 -42.61
C PHE H 144 27.02 26.22 -43.04
N ILE H 145 28.04 26.86 -43.61
CA ILE H 145 27.89 28.24 -44.07
C ILE H 145 26.94 28.30 -45.26
N ALA H 146 27.04 27.32 -46.16
CA ALA H 146 26.14 27.24 -47.29
C ALA H 146 24.72 26.92 -46.84
N ALA H 147 24.57 26.22 -45.71
CA ALA H 147 23.23 26.00 -45.16
C ALA H 147 22.70 27.27 -44.52
N CYS H 148 23.59 28.11 -43.99
CA CYS H 148 23.19 29.38 -43.39
C CYS H 148 22.61 30.33 -44.43
N ARG H 149 23.01 30.19 -45.70
CA ARG H 149 22.52 31.01 -46.80
C ARG H 149 21.89 30.17 -47.90
N ALA H 150 21.29 29.03 -47.53
CA ALA H 150 20.71 28.14 -48.53
C ALA H 150 19.38 28.65 -49.09
N GLU H 151 18.80 29.68 -48.49
CA GLU H 151 17.49 30.17 -48.90
C GLU H 151 17.57 31.25 -49.97
N GLU H 152 18.76 31.55 -50.49
CA GLU H 152 18.98 32.78 -51.24
C GLU H 152 19.74 32.60 -52.54
N TYR H 153 20.17 31.40 -52.86
CA TYR H 153 21.07 31.21 -54.00
C TYR H 153 20.27 31.10 -55.30
N THR H 154 21.00 31.15 -56.42
CA THR H 154 20.37 31.13 -57.73
C THR H 154 19.76 29.78 -58.04
N ASP H 155 20.49 28.70 -57.74
CA ASP H 155 19.94 27.36 -57.87
C ASP H 155 18.89 27.10 -56.80
N LYS H 156 17.95 26.22 -57.13
CA LYS H 156 16.88 25.85 -56.23
C LYS H 156 16.96 24.42 -55.74
N GLN H 157 17.33 23.48 -56.61
CA GLN H 157 17.35 22.08 -56.20
C GLN H 157 18.53 21.82 -55.29
N ALA H 158 19.71 22.34 -55.63
CA ALA H 158 20.89 22.07 -54.83
C ALA H 158 20.97 22.95 -53.59
N ALA H 159 20.32 24.11 -53.62
CA ALA H 159 20.18 24.91 -52.41
C ALA H 159 19.27 24.21 -51.41
N GLU H 160 18.25 23.52 -51.91
CA GLU H 160 17.40 22.69 -51.07
C GLU H 160 18.00 21.32 -50.77
N ALA H 161 19.06 20.92 -51.50
CA ALA H 161 19.82 19.75 -51.11
C ALA H 161 20.51 19.97 -49.78
N ASN H 162 21.09 21.16 -49.61
CA ASN H 162 21.57 21.60 -48.31
C ASN H 162 20.37 22.14 -47.53
N ARG H 163 20.56 22.35 -46.22
CA ARG H 163 19.58 22.81 -45.22
C ARG H 163 18.56 21.71 -44.88
N THR H 164 18.60 20.60 -45.60
CA THR H 164 17.72 19.46 -45.34
C THR H 164 18.48 18.20 -44.96
N ALA H 165 19.53 17.86 -45.70
CA ALA H 165 20.38 16.74 -45.30
C ALA H 165 21.26 17.10 -44.11
N ILE H 166 21.62 18.38 -44.01
CA ILE H 166 22.61 18.78 -43.01
C ILE H 166 22.00 18.81 -41.61
N VAL H 167 20.69 19.00 -41.49
CA VAL H 167 20.04 18.93 -40.19
C VAL H 167 19.70 17.51 -39.80
N SER H 168 19.57 16.60 -40.78
CA SER H 168 19.52 15.18 -40.47
C SER H 168 20.91 14.65 -40.14
N ALA H 169 21.96 15.39 -40.51
CA ALA H 169 23.33 14.99 -40.21
C ALA H 169 23.80 15.49 -38.85
N TYR H 170 23.71 16.80 -38.60
CA TYR H 170 24.14 17.37 -37.33
C TYR H 170 23.22 16.95 -36.19
N GLY H 171 21.94 16.81 -36.47
CA GLY H 171 20.99 16.40 -35.45
C GLY H 171 19.71 17.21 -35.47
N CYS H 172 18.62 16.62 -34.99
CA CYS H 172 17.35 17.33 -34.93
C CYS H 172 17.36 18.41 -33.86
N SER H 173 18.05 18.16 -32.75
CA SER H 173 18.12 19.09 -31.64
C SER H 173 19.51 19.71 -31.55
N ARG H 174 19.57 21.04 -31.58
CA ARG H 174 18.42 21.92 -31.74
C ARG H 174 18.52 22.69 -33.06
N MET H 175 17.42 22.66 -33.83
CA MET H 175 17.42 23.06 -35.23
C MET H 175 17.06 24.52 -35.45
N GLY H 176 16.44 25.17 -34.47
CA GLY H 176 15.48 26.25 -34.66
C GLY H 176 15.63 27.31 -35.74
N ALA H 177 16.63 28.22 -35.74
CA ALA H 177 17.77 28.47 -34.83
C ALA H 177 18.76 27.33 -34.57
N ARG H 178 19.35 26.81 -35.65
CA ARG H 178 20.73 26.34 -35.63
C ARG H 178 21.56 27.03 -36.69
N LEU H 179 20.91 27.68 -37.64
CA LEU H 179 21.55 28.30 -38.78
C LEU H 179 21.07 29.71 -39.03
N ILE H 180 19.92 30.08 -38.47
CA ILE H 180 19.36 31.39 -38.72
C ILE H 180 19.83 32.39 -37.66
N ARG H 181 20.27 31.93 -36.48
CA ARG H 181 20.69 32.92 -35.50
C ARG H 181 22.08 33.41 -35.83
N PHE H 182 22.93 32.54 -36.38
CA PHE H 182 24.21 32.98 -36.91
C PHE H 182 24.01 33.77 -38.19
N SER H 183 22.93 33.49 -38.93
CA SER H 183 22.57 34.31 -40.08
C SER H 183 22.23 35.73 -39.65
N GLU H 184 21.48 35.86 -38.56
CA GLU H 184 21.19 37.18 -38.00
C GLU H 184 22.44 37.84 -37.46
N CYS H 185 23.35 37.05 -36.90
CA CYS H 185 24.62 37.59 -36.41
C CYS H 185 25.47 38.14 -37.53
N LEU H 186 25.58 37.41 -38.64
CA LEU H 186 26.34 37.93 -39.78
C LEU H 186 25.58 39.05 -40.50
N ARG H 187 24.25 39.07 -40.41
CA ARG H 187 23.50 40.20 -40.91
C ARG H 187 23.81 41.46 -40.11
N ALA H 188 23.90 41.32 -38.79
CA ALA H 188 24.25 42.45 -37.94
C ALA H 188 25.73 42.83 -38.11
N MET H 189 26.56 41.87 -38.50
CA MET H 189 27.92 42.19 -38.94
C MET H 189 27.89 43.04 -40.21
N VAL H 190 27.01 42.69 -41.15
CA VAL H 190 26.93 43.40 -42.42
C VAL H 190 26.45 44.82 -42.23
N GLN H 191 25.35 45.00 -41.47
CA GLN H 191 24.73 46.31 -41.34
C GLN H 191 25.56 47.27 -40.50
N CYS H 192 26.34 46.77 -39.55
CA CYS H 192 27.20 47.60 -38.73
C CYS H 192 28.53 47.90 -39.41
N HIS H 193 28.74 47.36 -40.62
CA HIS H 193 29.97 47.53 -41.42
C HIS H 193 31.21 47.00 -40.70
N VAL H 194 31.02 46.00 -39.84
CA VAL H 194 32.11 45.14 -39.37
C VAL H 194 31.95 43.86 -40.18
N PHE H 195 32.63 43.82 -41.33
CA PHE H 195 32.31 42.91 -42.42
C PHE H 195 32.64 41.47 -42.05
N PRO H 196 31.98 40.49 -42.70
CA PRO H 196 32.35 39.08 -42.49
C PRO H 196 33.77 38.76 -42.88
N HIS H 197 34.30 39.39 -43.93
CA HIS H 197 35.72 39.29 -44.20
C HIS H 197 36.50 40.08 -43.15
N ARG H 198 37.77 39.71 -42.98
CA ARG H 198 38.70 39.84 -41.86
C ARG H 198 38.34 38.86 -40.75
N PHE H 199 37.24 38.13 -40.86
CA PHE H 199 36.99 36.86 -40.22
C PHE H 199 36.74 35.83 -41.31
N ILE H 200 36.60 34.57 -40.89
CA ILE H 200 36.38 33.40 -41.75
C ILE H 200 37.58 33.33 -42.71
N SER H 201 38.75 33.01 -42.17
CA SER H 201 39.96 32.88 -42.97
C SER H 201 40.25 31.40 -43.26
N PHE H 202 41.03 31.15 -44.31
CA PHE H 202 41.21 29.79 -44.79
C PHE H 202 42.19 29.04 -43.89
N PHE H 203 41.85 27.78 -43.63
CA PHE H 203 42.70 26.89 -42.88
C PHE H 203 43.26 25.76 -43.73
N GLY H 204 42.41 24.98 -44.39
CA GLY H 204 42.91 23.81 -45.08
C GLY H 204 41.83 23.14 -45.90
N SER H 205 42.18 21.97 -46.42
CA SER H 205 41.24 21.16 -47.19
C SER H 205 40.73 19.95 -46.42
N LEU H 206 41.13 19.80 -45.16
CA LEU H 206 40.61 18.86 -44.16
C LEU H 206 41.02 17.41 -44.41
N LEU H 207 41.46 16.73 -43.35
CA LEU H 207 42.16 15.46 -43.41
C LEU H 207 41.81 14.60 -42.20
N GLU H 208 42.74 13.71 -41.82
CA GLU H 208 42.49 12.49 -41.05
C GLU H 208 41.69 12.72 -39.75
N TYR H 209 42.00 13.80 -39.03
CA TYR H 209 41.37 14.26 -37.77
C TYR H 209 41.39 13.22 -36.65
N THR H 210 40.90 13.60 -35.46
CA THR H 210 40.79 12.67 -34.33
C THR H 210 39.36 12.51 -33.83
N ILE H 211 38.66 13.64 -33.62
CA ILE H 211 37.38 13.81 -32.89
C ILE H 211 37.23 12.92 -31.65
N GLN H 212 37.41 13.53 -30.48
CA GLN H 212 37.26 12.83 -29.21
C GLN H 212 36.41 13.69 -28.28
N ASP H 213 35.26 13.14 -27.89
CA ASP H 213 34.22 13.79 -27.05
C ASP H 213 33.79 15.07 -27.78
N ASN H 214 33.53 16.16 -27.06
CA ASN H 214 33.21 17.42 -27.71
C ASN H 214 34.45 18.15 -28.23
N LEU H 215 35.63 17.72 -27.80
CA LEU H 215 36.87 18.24 -28.35
C LEU H 215 37.04 17.75 -29.78
N CYS H 216 37.70 18.55 -30.61
CA CYS H 216 37.82 18.26 -32.03
C CYS H 216 39.20 18.68 -32.53
N ASN H 217 40.09 17.72 -32.68
CA ASN H 217 41.36 17.89 -33.40
C ASN H 217 41.18 17.50 -34.85
N ILE H 218 41.48 18.42 -35.75
CA ILE H 218 41.44 18.09 -37.16
C ILE H 218 42.80 18.42 -37.79
N THR H 219 43.10 17.68 -38.85
CA THR H 219 44.25 17.92 -39.70
C THR H 219 43.76 18.31 -41.09
N ALA H 220 44.65 18.93 -41.85
CA ALA H 220 44.29 19.50 -43.14
C ALA H 220 45.57 19.70 -43.95
N VAL H 221 45.37 19.91 -45.25
CA VAL H 221 46.46 20.21 -46.17
C VAL H 221 46.80 21.69 -46.06
N ALA H 222 48.08 21.99 -45.81
CA ALA H 222 48.48 23.38 -45.63
C ALA H 222 48.53 24.11 -46.96
N LYS H 223 49.40 23.69 -47.87
CA LYS H 223 49.57 24.37 -49.15
C LYS H 223 49.69 23.30 -50.22
N GLY H 224 50.10 23.70 -51.42
CA GLY H 224 50.49 22.76 -52.44
C GLY H 224 49.34 21.99 -53.06
N PRO H 225 49.62 20.79 -53.57
CA PRO H 225 48.62 20.06 -54.35
C PRO H 225 47.83 19.03 -53.56
N GLN H 226 46.78 18.53 -54.19
CA GLN H 226 46.12 17.29 -53.79
C GLN H 226 46.98 16.11 -54.25
N GLU H 227 46.67 14.91 -53.75
CA GLU H 227 47.32 13.64 -54.10
C GLU H 227 48.78 13.60 -53.63
N ALA H 228 49.16 14.53 -52.74
CA ALA H 228 50.53 14.65 -52.28
C ALA H 228 50.74 14.15 -50.86
N ALA H 229 49.67 13.87 -50.11
CA ALA H 229 49.78 13.47 -48.71
C ALA H 229 48.94 12.22 -48.47
N ARG H 230 49.41 11.41 -47.52
CA ARG H 230 48.68 10.22 -47.11
C ARG H 230 47.75 10.57 -45.95
N THR H 231 46.52 10.08 -46.03
CA THR H 231 45.47 10.46 -45.07
C THR H 231 44.61 9.22 -44.82
N ASP H 232 44.92 8.51 -43.74
CA ASP H 232 44.26 7.25 -43.44
C ASP H 232 42.87 7.50 -42.85
N LYS H 233 41.86 6.77 -43.34
CA LYS H 233 41.98 5.85 -44.47
C LYS H 233 40.83 6.04 -45.43
N THR H 234 41.15 6.43 -46.66
CA THR H 234 40.16 6.62 -47.70
C THR H 234 40.02 5.41 -48.61
N SER H 235 40.72 4.32 -48.29
CA SER H 235 40.66 3.03 -49.00
C SER H 235 41.01 3.16 -50.48
N THR H 236 41.95 4.03 -50.80
CA THR H 236 42.55 4.15 -52.12
C THR H 236 44.05 4.43 -51.98
N ARG H 237 44.71 3.66 -51.10
CA ARG H 237 46.02 3.86 -50.50
C ARG H 237 46.17 5.23 -49.82
N ARG H 238 45.05 5.86 -49.45
CA ARG H 238 44.93 7.01 -48.57
C ARG H 238 45.60 8.27 -49.11
N VAL H 239 45.98 8.30 -50.40
CA VAL H 239 46.73 9.44 -50.90
C VAL H 239 45.86 10.53 -51.48
N THR H 240 44.60 10.22 -51.83
CA THR H 240 43.73 11.17 -52.49
C THR H 240 42.51 11.43 -51.62
N ALA H 241 42.24 12.72 -51.38
CA ALA H 241 40.99 13.17 -50.76
C ALA H 241 40.53 14.40 -51.55
N ASN H 242 39.77 14.15 -52.62
CA ASN H 242 39.32 15.24 -53.47
C ASN H 242 38.16 15.99 -52.80
N ILE H 243 37.98 17.23 -53.20
CA ILE H 243 37.19 18.21 -52.45
C ILE H 243 35.81 18.33 -53.08
N PRO H 244 34.73 18.00 -52.36
CA PRO H 244 33.40 18.45 -52.76
C PRO H 244 33.15 19.87 -52.27
N ALA H 245 32.85 20.78 -53.20
CA ALA H 245 32.80 22.20 -52.93
C ALA H 245 31.39 22.79 -53.07
N CYS H 246 30.36 22.04 -52.65
CA CYS H 246 28.99 22.53 -52.49
C CYS H 246 28.37 23.01 -53.80
N VAL H 247 28.41 22.14 -54.81
CA VAL H 247 27.69 22.39 -56.05
C VAL H 247 26.20 22.20 -55.79
N PHE H 248 25.36 23.01 -56.44
CA PHE H 248 25.75 24.13 -57.30
C PHE H 248 25.48 25.42 -56.56
N TRP H 249 25.45 25.30 -55.22
CA TRP H 249 25.34 26.46 -54.36
C TRP H 249 26.55 27.37 -54.56
N ASP H 250 27.73 26.78 -54.60
CA ASP H 250 28.97 27.44 -54.99
C ASP H 250 29.19 27.20 -56.48
N VAL H 251 30.44 27.32 -56.94
CA VAL H 251 30.96 27.02 -58.28
C VAL H 251 30.20 27.80 -59.36
N ASP H 252 29.97 29.09 -59.07
CA ASP H 252 29.63 30.05 -60.10
C ASP H 252 30.79 30.16 -61.09
N LYS H 253 30.46 30.29 -62.37
CA LYS H 253 31.47 30.25 -63.43
C LYS H 253 31.44 31.51 -64.27
N ASP H 254 32.62 32.00 -64.62
CA ASP H 254 32.81 33.04 -65.61
C ASP H 254 33.59 32.47 -66.81
N LEU H 255 33.15 32.66 -68.07
CA LEU H 255 31.98 33.35 -68.72
C LEU H 255 31.97 34.88 -68.62
N HIS H 256 31.99 35.57 -69.76
CA HIS H 256 31.79 34.98 -71.08
C HIS H 256 33.06 34.54 -71.82
N LEU H 257 34.23 34.90 -71.30
CA LEU H 257 35.46 34.55 -71.98
C LEU H 257 35.80 33.08 -71.74
N SER H 258 36.11 32.38 -72.83
CA SER H 258 36.34 30.95 -72.80
C SER H 258 37.36 30.60 -73.87
N ALA H 259 38.25 29.63 -73.61
CA ALA H 259 38.27 28.75 -72.44
C ALA H 259 39.70 28.39 -72.05
N ASP H 260 39.81 27.33 -71.25
CA ASP H 260 41.05 26.61 -70.95
C ASP H 260 42.06 27.44 -70.17
N GLY H 261 43.29 26.94 -70.09
CA GLY H 261 44.33 27.59 -69.33
C GLY H 261 44.27 27.23 -67.85
N LEU H 262 45.14 27.87 -67.09
CA LEU H 262 45.17 27.72 -65.65
C LEU H 262 43.94 28.39 -65.05
N LYS H 263 43.40 27.78 -64.01
CA LYS H 263 42.19 28.28 -63.37
C LYS H 263 42.54 28.79 -61.97
N HIS H 264 42.23 30.06 -61.74
CA HIS H 264 42.35 30.67 -60.43
C HIS H 264 41.05 30.46 -59.69
N VAL H 265 41.08 29.62 -58.65
CA VAL H 265 39.94 29.47 -57.77
C VAL H 265 39.95 30.65 -56.82
N PHE H 266 38.82 31.35 -56.73
CA PHE H 266 38.64 32.52 -55.89
C PHE H 266 37.47 32.30 -54.95
N LEU H 267 37.48 32.96 -53.81
CA LEU H 267 36.35 32.98 -52.89
C LEU H 267 35.86 34.42 -52.79
N VAL H 268 34.62 34.66 -53.24
CA VAL H 268 34.12 36.01 -53.47
C VAL H 268 32.91 36.25 -52.57
N PHE H 269 32.91 37.38 -51.87
CA PHE H 269 31.73 37.91 -51.22
C PHE H 269 31.04 38.91 -52.15
N VAL H 270 29.73 38.77 -52.33
CA VAL H 270 29.03 39.49 -53.36
C VAL H 270 28.19 40.66 -52.83
N TYR H 271 27.72 40.58 -51.58
CA TYR H 271 26.96 41.62 -50.88
C TYR H 271 25.72 42.09 -51.63
N THR H 272 25.17 43.23 -51.19
CA THR H 272 24.15 43.99 -51.91
C THR H 272 24.32 45.44 -51.48
N GLN H 273 24.02 46.36 -52.39
CA GLN H 273 24.27 47.79 -52.16
C GLN H 273 23.43 48.34 -51.02
N ARG H 274 22.18 47.90 -50.89
CA ARG H 274 21.28 48.42 -49.88
C ARG H 274 20.62 47.28 -49.11
N ARG H 275 20.70 47.37 -47.78
CA ARG H 275 19.94 46.50 -46.89
C ARG H 275 18.46 46.82 -47.03
N GLN H 276 17.59 45.81 -46.92
CA GLN H 276 17.83 44.41 -46.53
C GLN H 276 18.34 43.61 -47.74
N ARG H 277 18.84 42.38 -47.48
CA ARG H 277 19.38 41.37 -48.39
C ARG H 277 20.81 41.76 -48.79
N GLU H 278 21.72 40.79 -48.98
CA GLU H 278 21.45 39.35 -48.90
C GLU H 278 21.58 38.75 -47.47
N GLY H 279 22.68 38.88 -46.69
CA GLY H 279 24.01 39.37 -47.01
C GLY H 279 24.89 38.75 -45.93
N VAL H 280 25.96 38.05 -46.31
CA VAL H 280 26.49 37.99 -47.67
C VAL H 280 26.57 36.56 -48.18
N ARG H 281 26.07 36.30 -49.39
CA ARG H 281 26.33 35.01 -50.03
C ARG H 281 27.78 34.93 -50.52
N LEU H 282 28.38 33.76 -50.37
CA LEU H 282 29.75 33.53 -50.81
C LEU H 282 29.73 32.65 -52.06
N HIS H 283 30.69 32.85 -52.95
CA HIS H 283 30.80 32.05 -54.16
C HIS H 283 32.24 31.59 -54.33
N LEU H 284 32.43 30.29 -54.52
CA LEU H 284 33.74 29.71 -54.73
C LEU H 284 33.89 29.50 -56.24
N ALA H 285 34.43 30.49 -56.93
CA ALA H 285 34.37 30.57 -58.38
C ALA H 285 35.71 30.26 -58.99
N LEU H 286 35.72 29.35 -59.97
CA LEU H 286 36.91 29.14 -60.80
C LEU H 286 36.90 30.16 -61.92
N SER H 287 38.05 30.79 -62.17
CA SER H 287 38.17 31.82 -63.16
C SER H 287 39.53 31.69 -63.83
N GLN H 288 39.91 32.69 -64.61
CA GLN H 288 41.12 32.55 -65.42
C GLN H 288 42.12 33.70 -65.24
N LEU H 289 41.65 34.93 -65.03
CA LEU H 289 42.49 36.10 -65.25
C LEU H 289 43.22 36.45 -63.94
N ASN H 290 43.97 37.56 -63.94
CA ASN H 290 44.92 37.87 -62.89
C ASN H 290 44.24 38.28 -61.59
N GLU H 291 45.03 38.24 -60.51
CA GLU H 291 44.62 38.79 -59.22
C GLU H 291 44.43 40.29 -59.30
N GLN H 292 45.30 40.98 -60.05
CA GLN H 292 45.18 42.43 -60.26
C GLN H 292 43.89 42.76 -61.00
N CYS H 293 43.41 41.85 -61.81
CA CYS H 293 42.15 42.01 -62.53
C CYS H 293 40.99 41.63 -61.62
N PHE H 294 39.81 41.45 -62.22
CA PHE H 294 38.54 41.08 -61.61
C PHE H 294 37.98 42.14 -60.67
N GLY H 295 38.58 43.32 -60.62
CA GLY H 295 37.80 44.49 -60.22
C GLY H 295 36.73 44.79 -61.24
N ARG H 296 37.10 44.79 -62.52
CA ARG H 296 36.14 44.88 -63.61
C ARG H 296 35.46 43.56 -63.91
N GLY H 297 36.05 42.44 -63.47
CA GLY H 297 35.44 41.14 -63.70
C GLY H 297 34.15 40.95 -62.94
N ILE H 298 34.09 41.49 -61.71
CA ILE H 298 32.89 41.43 -60.90
C ILE H 298 32.26 42.80 -60.68
N GLY H 299 32.88 43.87 -61.17
CA GLY H 299 32.18 45.14 -61.22
C GLY H 299 31.02 45.11 -62.19
N PHE H 300 31.20 44.45 -63.33
CA PHE H 300 30.11 44.14 -64.23
C PHE H 300 29.61 42.72 -63.92
N LEU H 301 28.56 42.31 -64.64
CA LEU H 301 27.90 41.01 -64.56
C LEU H 301 27.31 40.79 -63.16
N LEU H 302 28.17 40.63 -62.16
CA LEU H 302 27.69 40.60 -60.77
C LEU H 302 27.10 41.94 -60.37
N GLY H 303 27.80 43.04 -60.68
CA GLY H 303 27.35 44.36 -60.30
C GLY H 303 26.63 45.15 -61.38
N ALA H 304 26.70 44.70 -62.63
CA ALA H 304 25.98 45.40 -63.69
C ALA H 304 24.49 45.08 -63.68
N ARG H 305 24.12 43.87 -63.28
CA ARG H 305 22.72 43.44 -63.29
C ARG H 305 22.09 43.64 -61.91
N ILE H 306 22.08 44.89 -61.46
CA ILE H 306 21.46 45.25 -60.19
C ILE H 306 20.87 46.65 -60.27
N CYS H 307 31.86 50.82 -52.38
CA CYS H 307 30.73 51.01 -51.47
C CYS H 307 30.88 50.63 -49.97
N MET H 308 31.42 49.48 -49.54
CA MET H 308 32.01 48.38 -50.31
C MET H 308 30.96 47.30 -50.57
N TYR H 309 31.12 46.51 -51.63
CA TYR H 309 30.24 45.36 -51.82
C TYR H 309 30.93 44.12 -52.39
N ALA H 310 32.24 44.10 -52.54
CA ALA H 310 32.89 42.95 -53.15
C ALA H 310 34.30 42.78 -52.63
N ALA H 311 34.68 41.53 -52.32
CA ALA H 311 36.05 41.21 -51.94
C ALA H 311 36.31 39.75 -52.32
N TYR H 312 37.44 39.51 -52.99
CA TYR H 312 37.71 38.16 -53.49
C TYR H 312 39.13 37.73 -53.12
N THR H 313 39.23 36.49 -52.64
CA THR H 313 40.47 35.93 -52.11
C THR H 313 41.08 34.98 -53.13
N LEU H 314 42.39 35.11 -53.35
CA LEU H 314 43.09 34.14 -54.18
C LEU H 314 43.31 32.90 -53.34
N ILE H 315 42.56 31.84 -53.63
CA ILE H 315 42.51 30.68 -52.77
C ILE H 315 43.02 29.42 -53.46
N GLY H 316 42.96 29.33 -54.78
CA GLY H 316 43.49 28.18 -55.50
C GLY H 316 44.03 28.58 -56.85
N THR H 317 44.97 27.77 -57.35
CA THR H 317 45.56 27.93 -58.68
C THR H 317 45.80 26.56 -59.27
N ILE H 318 45.30 26.31 -60.48
CA ILE H 318 45.44 24.95 -61.01
C ILE H 318 45.73 24.89 -62.50
N PRO H 319 46.79 24.18 -62.91
CA PRO H 319 46.94 23.74 -64.30
C PRO H 319 46.58 22.26 -64.47
N SER H 320 46.21 21.78 -65.66
CA SER H 320 46.03 22.52 -66.90
C SER H 320 44.95 21.86 -67.75
N GLU H 321 44.23 22.69 -68.51
CA GLU H 321 43.41 22.29 -69.66
C GLU H 321 42.32 21.27 -69.32
N SER H 322 41.28 21.69 -68.59
CA SER H 322 41.11 22.96 -67.90
C SER H 322 40.53 22.65 -66.53
N VAL H 323 39.80 21.54 -66.48
CA VAL H 323 39.00 21.18 -65.33
C VAL H 323 38.66 19.70 -65.49
N ARG H 324 38.29 19.05 -64.38
CA ARG H 324 38.13 17.59 -64.37
C ARG H 324 36.98 17.11 -65.28
N TYR H 325 35.77 17.71 -65.27
CA TYR H 325 35.10 18.64 -64.32
C TYR H 325 34.71 18.13 -62.89
N THR H 326 34.11 16.95 -62.67
CA THR H 326 33.75 15.89 -63.62
C THR H 326 32.33 15.38 -63.44
N ARG H 327 31.67 15.88 -62.39
CA ARG H 327 30.25 15.68 -62.05
C ARG H 327 29.97 14.24 -61.58
N ARG H 328 28.90 14.00 -60.80
CA ARG H 328 28.07 14.99 -60.09
C ARG H 328 27.81 14.53 -58.67
N MET H 329 27.94 13.23 -58.50
CA MET H 329 27.17 12.47 -57.54
C MET H 329 27.85 12.44 -56.17
N GLU H 330 27.07 12.66 -55.12
CA GLU H 330 27.59 12.56 -53.75
C GLU H 330 26.45 12.28 -52.76
N ARG H 331 26.84 11.93 -51.53
CA ARG H 331 25.91 11.72 -50.41
C ARG H 331 26.73 11.77 -49.12
N PHE H 332 26.43 12.73 -48.25
CA PHE H 332 27.10 12.85 -46.95
C PHE H 332 26.15 12.81 -45.76
N GLY H 333 24.97 13.41 -45.88
CA GLY H 333 24.03 13.53 -44.78
C GLY H 333 22.85 12.61 -44.92
N GLY H 334 21.71 13.06 -44.40
CA GLY H 334 20.52 12.23 -44.40
C GLY H 334 19.86 12.13 -45.76
N TYR H 335 20.16 13.07 -46.66
CA TYR H 335 19.50 13.13 -47.95
C TYR H 335 20.56 13.36 -49.04
N ASN H 336 20.27 12.88 -50.24
CA ASN H 336 21.25 12.83 -51.34
C ASN H 336 21.56 14.26 -51.78
N VAL H 337 22.84 14.62 -51.78
CA VAL H 337 23.30 15.94 -52.18
C VAL H 337 24.37 15.79 -53.24
N PRO H 338 24.17 16.30 -54.46
CA PRO H 338 25.22 16.20 -55.49
C PRO H 338 26.14 17.41 -55.46
N THR H 339 27.46 17.17 -55.43
CA THR H 339 28.45 18.23 -55.33
C THR H 339 29.58 18.02 -56.34
N ILE H 340 30.43 19.04 -56.47
CA ILE H 340 31.66 18.97 -57.24
C ILE H 340 32.81 19.16 -56.24
N TRP H 341 33.80 18.24 -56.13
CA TRP H 341 34.47 17.20 -56.99
C TRP H 341 35.26 17.79 -58.15
N LEU H 342 36.14 18.74 -57.82
CA LEU H 342 37.17 19.22 -58.75
C LEU H 342 38.42 18.38 -58.49
N GLU H 343 38.74 17.49 -59.42
CA GLU H 343 39.85 16.56 -59.22
C GLU H 343 41.18 17.26 -59.45
N GLY H 344 42.12 17.06 -58.51
CA GLY H 344 43.47 17.54 -58.71
C GLY H 344 43.60 19.04 -58.65
N VAL H 345 43.51 19.64 -57.47
CA VAL H 345 43.53 21.09 -57.30
C VAL H 345 44.72 21.47 -56.41
N VAL H 346 45.46 22.49 -56.84
CA VAL H 346 46.53 23.10 -56.04
C VAL H 346 46.01 24.42 -55.50
N TRP H 347 46.39 24.77 -54.27
CA TRP H 347 45.93 25.98 -53.62
C TRP H 347 46.97 27.09 -53.69
N GLY H 348 46.52 28.29 -54.06
CA GLY H 348 47.41 29.43 -54.11
C GLY H 348 47.70 30.00 -52.73
N GLY H 349 48.86 30.65 -52.63
CA GLY H 349 49.32 31.13 -51.35
C GLY H 349 48.77 32.49 -50.97
N THR H 350 49.08 32.88 -49.72
CA THR H 350 48.89 34.19 -49.10
C THR H 350 47.41 34.45 -48.80
N ASN H 351 47.12 34.89 -47.58
CA ASN H 351 45.75 34.94 -47.07
C ASN H 351 45.15 36.34 -47.17
N THR H 352 45.68 37.18 -48.05
CA THR H 352 45.11 38.51 -48.28
C THR H 352 44.13 38.44 -49.44
N TRP H 353 43.42 39.55 -49.65
CA TRP H 353 42.44 39.61 -50.73
C TRP H 353 42.25 41.04 -51.19
N ASN H 354 41.68 41.19 -52.38
CA ASN H 354 41.37 42.49 -52.92
C ASN H 354 39.89 42.80 -52.74
N GLU H 355 39.61 44.01 -52.26
CA GLU H 355 38.26 44.51 -52.05
C GLU H 355 37.97 45.54 -53.12
N CYS H 356 36.99 45.25 -53.97
CA CYS H 356 36.65 46.11 -55.09
C CYS H 356 35.95 47.37 -54.59
N TYR H 357 35.99 48.41 -55.44
CA TYR H 357 35.62 49.79 -55.09
C TYR H 357 36.33 50.28 -53.84
#